data_7WHK
#
_entry.id   7WHK
#
_cell.length_a   1.00
_cell.length_b   1.00
_cell.length_c   1.00
_cell.angle_alpha   90.00
_cell.angle_beta   90.00
_cell.angle_gamma   90.00
#
_symmetry.space_group_name_H-M   'P 1'
#
loop_
_entity.id
_entity.type
_entity.pdbx_description
1 polymer 'Spike glycoprotein'
2 polymer Bn03_nano2
3 polymer Bn03_nano1
4 non-polymer 2-acetamido-2-deoxy-beta-D-glucopyranose
#
loop_
_entity_poly.entity_id
_entity_poly.type
_entity_poly.pdbx_seq_one_letter_code
_entity_poly.pdbx_strand_id
1 'polypeptide(L)'
;MFVFLVLLPLVSSQCVNLTTRTQLPPAYTNSFTRGVYYPDKVFRSSVLHSTQDLFLPFFSNVTWFHVISGTNGTKRFDNP
VLPFNDGVYFASIEKSNIIRGWIFGTTLDSKTQSLLIVNNATNVVIKVCEFQFCNDPFLDHKNNKSWMESEFRVYSSANN
CTFEYVSQPFLMDLEGKQGNFKNLREFVFKNIDGYFKIYSKHTPIIVREPEDLPQGFSALEPLVDLPIGINITRFQTLLA
LHRSYLTPGDSSSGWTAGAAAYYVGYLQPRTFLLKYNENGTITDAVDCALDPLSETKCTLKSFTVEKGIYQTSNFRVQPT
ESIVRFPNITNLCPFDEVFNATRFASVYAWNRKRISNCVADYSVLYNLAPFFTFKCYGVSPTKLNDLCFTNVYADSFVIR
GDEVRQIAPGQTGNIADYNYKLPDDFTGCVIAWNSNKLDSKVSGNYNYLYRLFRKSNLKPFERDISTEIYQAGNKPCNGV
AGFNCYFPLRSYSFRPTYGVGHQPYRVVVLSFELLHAPATVCGPKKSTNLVKNKCVNFNFNGLKGTGVLTESNKKFLPFQ
QFGRDIADTTDAVRDPQTLEILDITPCSFGGVSVITPGTNTSNQVAVLYQGVNCTEVPVAIHADQLTPTWRVYSTGSNVF
QTRAGCLIGAEYVNNSYECDIPIGAGICASYQTQTKSHGSASSVASQSIIAYTMSLGAENSVAYSNNSIAIPTNFTISVT
TEILPVSMTKTSVDCTMYICGDSTECSNLLLQYGSFCTQLKRALTGIAVEQDKNTQEVFAQVKQIYKTPPIKYFGGFNFS
QILPDPSKPSKRSPIEDLLFNKVTLADAGFIKQYGDCLGDIAARDLICAQKFKGLTVLPPLLTDEMIAQYTSALLAGTIT
SGWTFGAGPALQIPFPMQMAYRFNGIGVTQNVLYENQKLIANQFNSAIGKIQDSLSSTPSALGKLQDVVNHNAQALNTLV
KQLSSKFGAISSVLNDIFSRLDPPEAEVQIDRLITGRLQSLQTYVTQQLIRAAEIRASANLAATKMSECVLGQSKRVDFC
GKGYHLMSFPQSAPHGVVFLHVTYVPAQEKNFTTAPAICHDGKAHFPREGVFVSNGTHWFVTQRNFYEPQIITTDNTFVS
GNCDVVIGIVNNTVYDPLQPELDSFKEELDKYFKNHTSPDVDLGDISGINASVVNIQKEIDRLNEVAKNLNESLIDLQEL
GKYEQGSGYIPEAPRDGQAYVRKDGEWVFLSTFLSGLEVLFQGPGGWSHPQFEKGGGSGGGSGGSAWSHPQFEKGGSHHH
HHHHH
;
A,B,C
2 'polypeptide(L)'
;EVQLVESGGGLVQPGGSLRLSCAASDFYFDYYEMSWVRQAPGQGLEWVSTISGLGGATYYADSVKGRFTISRDNSKNTLY
LQMNSLRAEDTALYYCATRSPFGDYAFSYWGQGTLVTVSS
;
D,H
3 'polypeptide(L)'
;EVQLVESGGGLVQPGGSLRLSCAASDSSFYDYEMSWVRQVPGKTPEWIGSMYPSGRTYINPSLKSLVTISRDNSENMLYL
QMNSLRAEDTAMYYCVSNWASGSTGDYWGQGTLVTVSSGGGGSGGGGSGGGGSGGGGS
;
E,F,G
#
loop_
_chem_comp.id
_chem_comp.type
_chem_comp.name
_chem_comp.formula
NAG D-saccharide, beta linking 2-acetamido-2-deoxy-beta-D-glucopyranose 'C8 H15 N O6'
#
# COMPACT_ATOMS: atom_id res chain seq x y z
N GLN A 14 -5.52 -41.25 -54.30
CA GLN A 14 -4.47 -41.41 -55.31
C GLN A 14 -3.45 -40.29 -55.20
N CYS A 15 -2.26 -40.51 -55.76
CA CYS A 15 -1.21 -39.51 -55.70
C CYS A 15 -0.65 -39.18 -57.08
N VAL A 16 -1.52 -38.71 -57.98
CA VAL A 16 -1.08 -38.36 -59.32
C VAL A 16 -0.16 -37.15 -59.28
N ASN A 17 1.10 -37.33 -59.68
CA ASN A 17 2.06 -36.24 -59.65
C ASN A 17 1.96 -35.38 -60.89
N LEU A 18 2.48 -34.16 -60.80
CA LEU A 18 2.45 -33.26 -61.95
C LEU A 18 3.73 -32.43 -62.00
N THR A 19 4.48 -32.56 -63.09
CA THR A 19 5.74 -31.83 -63.20
C THR A 19 5.62 -30.69 -64.20
N THR A 20 6.76 -30.16 -64.64
CA THR A 20 6.77 -29.06 -65.62
C THR A 20 5.72 -27.98 -65.34
N ARG A 21 5.74 -27.45 -64.12
CA ARG A 21 4.80 -26.40 -63.77
C ARG A 21 5.52 -25.19 -63.21
N THR A 22 6.05 -24.36 -64.09
CA THR A 22 6.77 -23.16 -63.65
C THR A 22 5.82 -22.17 -63.01
N GLN A 23 6.31 -21.42 -62.03
CA GLN A 23 5.46 -20.47 -61.33
C GLN A 23 5.58 -19.05 -61.86
N LEU A 24 4.47 -18.48 -62.29
CA LEU A 24 4.49 -17.09 -62.76
C LEU A 24 4.46 -16.15 -61.58
N PRO A 25 5.37 -15.17 -61.55
CA PRO A 25 5.42 -14.20 -60.43
C PRO A 25 4.05 -13.63 -60.07
N PRO A 26 3.66 -13.75 -58.79
CA PRO A 26 2.34 -13.27 -58.37
C PRO A 26 2.25 -11.76 -58.18
N ALA A 27 1.06 -11.20 -58.38
CA ALA A 27 0.88 -9.78 -58.18
C ALA A 27 0.60 -9.51 -56.73
N TYR A 28 0.71 -8.25 -56.31
CA TYR A 28 0.47 -7.92 -54.92
C TYR A 28 -0.47 -6.74 -54.81
N THR A 29 -1.76 -7.00 -54.66
CA THR A 29 -2.75 -5.93 -54.52
C THR A 29 -2.83 -5.48 -53.06
N ASN A 30 -3.73 -4.55 -52.75
CA ASN A 30 -3.87 -4.06 -51.38
C ASN A 30 -5.14 -4.51 -50.71
N SER A 31 -5.15 -4.53 -49.39
CA SER A 31 -6.33 -4.95 -48.65
C SER A 31 -7.00 -3.73 -48.06
N PHE A 32 -7.72 -3.01 -48.90
CA PHE A 32 -8.39 -1.82 -48.44
C PHE A 32 -9.43 -2.17 -47.39
N THR A 33 -9.15 -1.89 -46.12
CA THR A 33 -10.10 -2.16 -45.03
C THR A 33 -10.82 -3.50 -45.13
N ARG A 34 -10.06 -4.58 -45.13
CA ARG A 34 -10.65 -5.90 -45.27
C ARG A 34 -10.01 -6.84 -44.29
N GLY A 35 -10.73 -7.90 -43.92
CA GLY A 35 -10.16 -8.89 -43.02
C GLY A 35 -10.43 -8.68 -41.55
N VAL A 36 -11.55 -8.07 -41.22
CA VAL A 36 -11.91 -7.89 -39.82
C VAL A 36 -12.97 -8.88 -39.40
N TYR A 37 -12.66 -9.70 -38.40
CA TYR A 37 -13.61 -10.68 -37.93
C TYR A 37 -14.18 -10.25 -36.60
N TYR A 38 -15.18 -10.97 -36.12
CA TYR A 38 -15.74 -10.69 -34.81
C TYR A 38 -14.78 -11.32 -33.84
N PRO A 39 -14.22 -10.52 -32.93
CA PRO A 39 -13.20 -11.06 -32.02
C PRO A 39 -13.72 -12.18 -31.15
N ASP A 40 -14.78 -11.93 -30.38
CA ASP A 40 -15.35 -12.93 -29.51
C ASP A 40 -16.73 -13.31 -29.97
N LYS A 41 -17.53 -13.87 -29.07
CA LYS A 41 -18.90 -14.23 -29.42
C LYS A 41 -19.87 -13.47 -28.53
N VAL A 42 -19.43 -12.36 -27.96
CA VAL A 42 -20.29 -11.60 -27.08
C VAL A 42 -21.02 -10.54 -27.88
N PHE A 43 -22.34 -10.45 -27.70
CA PHE A 43 -23.10 -9.43 -28.40
C PHE A 43 -22.85 -8.08 -27.80
N ARG A 44 -22.44 -7.13 -28.61
CA ARG A 44 -22.24 -5.79 -28.12
C ARG A 44 -22.93 -4.91 -29.13
N SER A 45 -23.75 -3.98 -28.67
CA SER A 45 -24.49 -3.11 -29.57
C SER A 45 -24.20 -1.66 -29.30
N SER A 46 -24.19 -0.83 -30.33
CA SER A 46 -23.90 0.59 -30.18
C SER A 46 -22.76 0.88 -29.24
N VAL A 47 -21.59 0.32 -29.53
CA VAL A 47 -20.44 0.53 -28.67
C VAL A 47 -19.18 0.53 -29.53
N LEU A 48 -18.09 1.04 -28.98
CA LEU A 48 -16.84 1.05 -29.71
C LEU A 48 -15.80 0.28 -28.92
N HIS A 49 -15.79 -1.03 -29.06
CA HIS A 49 -14.86 -1.86 -28.31
C HIS A 49 -13.46 -1.82 -28.91
N SER A 50 -12.44 -1.93 -28.08
CA SER A 50 -11.08 -1.98 -28.58
C SER A 50 -10.50 -3.34 -28.30
N THR A 51 -9.99 -4.02 -29.31
CA THR A 51 -9.49 -5.36 -29.12
C THR A 51 -8.08 -5.57 -29.63
N GLN A 52 -7.24 -6.24 -28.85
CA GLN A 52 -5.91 -6.56 -29.32
C GLN A 52 -5.87 -8.01 -29.73
N ASP A 53 -6.03 -8.26 -31.02
CA ASP A 53 -6.01 -9.63 -31.51
C ASP A 53 -5.03 -9.80 -32.65
N LEU A 54 -5.47 -10.48 -33.70
CA LEU A 54 -4.61 -10.74 -34.82
C LEU A 54 -5.34 -10.49 -36.10
N PHE A 55 -5.32 -9.25 -36.57
CA PHE A 55 -6.05 -8.90 -37.77
C PHE A 55 -5.07 -8.63 -38.89
N LEU A 56 -5.57 -8.55 -40.12
CA LEU A 56 -4.72 -8.21 -41.23
C LEU A 56 -4.47 -6.74 -41.15
N PRO A 57 -3.20 -6.34 -41.07
CA PRO A 57 -2.89 -4.91 -41.07
C PRO A 57 -3.60 -4.25 -42.24
N PHE A 58 -4.27 -3.13 -41.98
CA PHE A 58 -5.03 -2.48 -43.04
C PHE A 58 -4.12 -1.99 -44.13
N PHE A 59 -4.64 -1.89 -45.33
CA PHE A 59 -3.84 -1.44 -46.47
C PHE A 59 -2.50 -2.14 -46.54
N SER A 60 -2.53 -3.47 -46.60
CA SER A 60 -1.29 -4.24 -46.68
C SER A 60 -1.25 -4.99 -48.00
N ASN A 61 -0.10 -5.52 -48.36
CA ASN A 61 0.04 -6.21 -49.63
C ASN A 61 -0.43 -7.65 -49.58
N VAL A 62 -1.51 -7.96 -50.28
CA VAL A 62 -2.01 -9.32 -50.31
C VAL A 62 -1.52 -9.96 -51.58
N THR A 63 -0.99 -11.18 -51.49
CA THR A 63 -0.47 -11.86 -52.67
C THR A 63 -1.56 -12.42 -53.56
N TRP A 64 -1.74 -11.82 -54.73
CA TRP A 64 -2.74 -12.29 -55.67
C TRP A 64 -2.19 -13.43 -56.50
N PHE A 65 -2.77 -14.62 -56.35
CA PHE A 65 -2.33 -15.75 -57.15
C PHE A 65 -3.45 -16.09 -58.11
N HIS A 66 -3.27 -15.75 -59.38
CA HIS A 66 -4.30 -16.03 -60.37
C HIS A 66 -4.16 -17.44 -60.93
N VAL A 67 -5.24 -18.21 -60.82
CA VAL A 67 -5.23 -19.56 -61.37
C VAL A 67 -6.24 -19.65 -62.50
N ILE A 68 -5.79 -19.38 -63.71
CA ILE A 68 -6.69 -19.45 -64.87
C ILE A 68 -6.61 -20.82 -65.53
N ARG A 76 -3.40 -21.30 -64.81
CA ARG A 76 -2.28 -22.21 -64.69
C ARG A 76 -2.48 -23.14 -63.51
N PHE A 77 -1.39 -23.56 -62.89
CA PHE A 77 -1.50 -24.41 -61.72
C PHE A 77 -0.93 -23.68 -60.53
N ASP A 78 -1.48 -22.50 -60.25
CA ASP A 78 -0.99 -21.68 -59.15
C ASP A 78 -1.42 -22.21 -57.81
N ASN A 79 -0.63 -23.09 -57.22
CA ASN A 79 -0.93 -23.59 -55.89
C ASN A 79 0.34 -23.74 -55.08
N PRO A 80 1.02 -22.63 -54.80
CA PRO A 80 2.27 -22.85 -54.06
C PRO A 80 2.03 -23.15 -52.61
N VAL A 81 2.97 -23.82 -51.97
CA VAL A 81 2.85 -24.08 -50.55
C VAL A 81 3.25 -22.85 -49.76
N LEU A 82 2.27 -21.99 -49.45
CA LEU A 82 2.55 -20.74 -48.75
C LEU A 82 2.72 -20.96 -47.26
N PRO A 83 3.40 -20.02 -46.58
CA PRO A 83 3.52 -20.15 -45.12
C PRO A 83 2.25 -19.86 -44.33
N PHE A 84 2.32 -19.94 -43.01
CA PHE A 84 1.16 -19.69 -42.14
C PHE A 84 1.75 -19.08 -40.91
N ASN A 85 2.37 -17.92 -41.04
CA ASN A 85 3.04 -17.29 -39.91
C ASN A 85 2.26 -17.30 -38.61
N ASP A 86 1.11 -16.65 -38.61
CA ASP A 86 0.29 -16.59 -37.41
C ASP A 86 -1.16 -16.53 -37.80
N GLY A 87 -1.43 -16.52 -39.10
CA GLY A 87 -2.80 -16.51 -39.55
C GLY A 87 -2.85 -16.13 -41.01
N VAL A 88 -3.85 -16.60 -41.73
CA VAL A 88 -3.94 -16.32 -43.15
C VAL A 88 -5.33 -15.88 -43.55
N TYR A 89 -5.45 -14.74 -44.20
CA TYR A 89 -6.73 -14.31 -44.71
C TYR A 89 -6.78 -14.82 -46.13
N PHE A 90 -7.70 -15.72 -46.42
CA PHE A 90 -7.79 -16.29 -47.75
C PHE A 90 -9.06 -15.82 -48.42
N ALA A 91 -8.93 -14.99 -49.44
CA ALA A 91 -10.10 -14.59 -50.19
C ALA A 91 -10.01 -15.27 -51.53
N SER A 92 -11.14 -15.43 -52.22
CA SER A 92 -11.13 -16.15 -53.48
C SER A 92 -12.25 -15.76 -54.42
N ILE A 93 -12.12 -14.62 -55.08
CA ILE A 93 -13.13 -14.18 -56.02
C ILE A 93 -13.25 -15.13 -57.20
N GLU A 94 -14.42 -15.75 -57.35
CA GLU A 94 -14.64 -16.68 -58.46
C GLU A 94 -16.12 -16.79 -58.80
N LYS A 95 -16.47 -17.72 -59.69
CA LYS A 95 -17.86 -17.88 -60.10
C LYS A 95 -18.29 -19.34 -60.12
N SER A 96 -17.34 -20.26 -60.25
CA SER A 96 -17.73 -21.66 -60.37
C SER A 96 -17.02 -22.59 -59.42
N ASN A 97 -16.93 -22.20 -58.15
CA ASN A 97 -16.30 -23.04 -57.13
C ASN A 97 -15.05 -23.77 -57.58
N ILE A 98 -14.15 -23.08 -58.27
CA ILE A 98 -12.90 -23.71 -58.64
C ILE A 98 -12.10 -23.95 -57.38
N ILE A 99 -11.98 -22.93 -56.55
CA ILE A 99 -11.29 -23.09 -55.28
C ILE A 99 -12.21 -23.85 -54.36
N ARG A 100 -11.82 -25.06 -54.01
CA ARG A 100 -12.64 -25.88 -53.14
C ARG A 100 -11.81 -26.66 -52.16
N GLY A 101 -11.37 -26.01 -51.09
CA GLY A 101 -10.64 -26.74 -50.08
C GLY A 101 -9.23 -26.28 -49.87
N TRP A 102 -8.67 -26.59 -48.71
CA TRP A 102 -7.30 -26.22 -48.41
C TRP A 102 -6.67 -27.34 -47.63
N ILE A 103 -5.35 -27.39 -47.60
CA ILE A 103 -4.66 -28.38 -46.78
C ILE A 103 -3.74 -27.60 -45.89
N PHE A 104 -3.20 -28.23 -44.87
CA PHE A 104 -2.37 -27.51 -43.93
C PHE A 104 -1.27 -28.41 -43.46
N GLY A 105 -0.68 -28.10 -42.32
CA GLY A 105 0.33 -28.97 -41.76
C GLY A 105 1.69 -28.34 -41.56
N THR A 106 2.66 -29.15 -41.16
CA THR A 106 4.01 -28.65 -40.97
C THR A 106 4.92 -29.19 -42.05
N THR A 107 5.21 -30.48 -42.02
CA THR A 107 6.12 -31.06 -42.97
C THR A 107 5.45 -31.40 -44.27
N LEU A 108 4.14 -31.64 -44.24
CA LEU A 108 3.42 -32.06 -45.42
C LEU A 108 4.18 -33.22 -46.04
N ASP A 109 4.69 -34.13 -45.21
CA ASP A 109 5.49 -35.24 -45.71
C ASP A 109 5.18 -36.54 -44.98
N SER A 110 3.90 -36.79 -44.72
CA SER A 110 3.48 -38.03 -44.07
C SER A 110 4.31 -38.47 -42.86
N LYS A 111 4.74 -37.53 -42.04
CA LYS A 111 5.45 -37.90 -40.83
C LYS A 111 4.81 -37.18 -39.66
N THR A 112 4.35 -35.96 -39.89
CA THR A 112 3.65 -35.23 -38.85
C THR A 112 2.23 -35.05 -39.33
N GLN A 113 1.32 -34.77 -38.42
CA GLN A 113 -0.09 -34.67 -38.80
C GLN A 113 -0.37 -33.52 -39.76
N SER A 114 -1.36 -33.69 -40.62
CA SER A 114 -1.68 -32.67 -41.59
C SER A 114 -3.18 -32.44 -41.74
N LEU A 115 -3.67 -31.33 -41.20
CA LEU A 115 -5.10 -31.01 -41.33
C LEU A 115 -5.54 -30.96 -42.78
N LEU A 116 -6.73 -31.45 -43.06
CA LEU A 116 -7.24 -31.39 -44.42
C LEU A 116 -8.69 -30.99 -44.38
N ILE A 117 -8.98 -29.78 -44.86
CA ILE A 117 -10.35 -29.34 -44.91
C ILE A 117 -10.78 -29.26 -46.36
N VAL A 118 -11.36 -30.33 -46.86
CA VAL A 118 -11.81 -30.33 -48.23
C VAL A 118 -13.31 -30.14 -48.27
N ASN A 119 -13.83 -29.78 -49.42
CA ASN A 119 -15.26 -29.63 -49.56
C ASN A 119 -15.74 -30.57 -50.62
N ASN A 120 -17.04 -30.83 -50.66
CA ASN A 120 -17.66 -31.81 -51.55
C ASN A 120 -18.66 -31.07 -52.42
N ALA A 121 -19.88 -31.56 -52.43
CA ALA A 121 -21.01 -30.88 -53.04
C ALA A 121 -22.13 -30.96 -52.04
N THR A 122 -21.98 -31.83 -51.05
CA THR A 122 -23.01 -32.01 -50.04
C THR A 122 -22.51 -31.62 -48.66
N ASN A 123 -21.21 -31.78 -48.42
CA ASN A 123 -20.67 -31.50 -47.10
C ASN A 123 -19.18 -31.18 -47.07
N VAL A 124 -18.73 -30.56 -45.98
CA VAL A 124 -17.31 -30.30 -45.83
C VAL A 124 -16.76 -31.45 -45.03
N VAL A 125 -15.49 -31.79 -45.24
CA VAL A 125 -14.92 -32.93 -44.56
C VAL A 125 -13.59 -32.63 -43.91
N ILE A 126 -13.61 -31.93 -42.80
CA ILE A 126 -12.37 -31.69 -42.09
C ILE A 126 -11.85 -33.03 -41.59
N LYS A 127 -10.54 -33.26 -41.73
CA LYS A 127 -9.97 -34.56 -41.35
C LYS A 127 -8.50 -34.45 -41.02
N VAL A 128 -8.16 -34.33 -39.74
CA VAL A 128 -6.76 -34.31 -39.37
C VAL A 128 -6.19 -35.71 -39.46
N CYS A 129 -5.03 -35.86 -40.08
CA CYS A 129 -4.45 -37.18 -40.29
C CYS A 129 -3.09 -36.94 -40.91
N GLU A 130 -2.14 -37.86 -40.75
CA GLU A 130 -0.85 -37.73 -41.43
C GLU A 130 -0.94 -38.26 -42.83
N PHE A 131 -2.01 -37.92 -43.54
CA PHE A 131 -2.22 -38.37 -44.92
C PHE A 131 -0.97 -38.28 -45.77
N GLN A 132 -0.74 -39.29 -46.61
CA GLN A 132 0.39 -39.22 -47.53
C GLN A 132 0.12 -38.05 -48.42
N PHE A 133 0.79 -36.93 -48.18
CA PHE A 133 0.48 -35.73 -48.93
C PHE A 133 1.08 -35.69 -50.31
N CYS A 134 0.22 -35.81 -51.32
CA CYS A 134 0.70 -35.80 -52.70
C CYS A 134 1.42 -34.51 -53.02
N ASN A 135 2.55 -34.60 -53.72
CA ASN A 135 3.30 -33.42 -54.11
C ASN A 135 2.37 -32.46 -54.83
N ASP A 136 1.56 -32.97 -55.73
CA ASP A 136 0.59 -32.13 -56.43
C ASP A 136 -0.82 -32.62 -56.15
N PRO A 137 -1.50 -31.99 -55.19
CA PRO A 137 -2.86 -32.39 -54.85
C PRO A 137 -3.87 -31.51 -55.57
N PHE A 138 -4.22 -31.88 -56.79
CA PHE A 138 -5.17 -31.07 -57.55
C PHE A 138 -6.49 -31.80 -57.78
N LEU A 139 -7.55 -31.30 -57.16
CA LEU A 139 -8.85 -31.93 -57.31
C LEU A 139 -9.50 -31.58 -58.65
N GLU A 151 -12.52 -37.35 -56.63
CA GLU A 151 -11.09 -37.20 -56.88
C GLU A 151 -10.33 -37.11 -55.58
N PHE A 152 -9.66 -38.20 -55.21
CA PHE A 152 -8.86 -38.20 -53.99
C PHE A 152 -7.40 -37.92 -54.32
N ARG A 153 -7.16 -36.94 -55.18
CA ARG A 153 -5.80 -36.57 -55.54
C ARG A 153 -5.11 -35.95 -54.35
N VAL A 154 -5.89 -35.51 -53.38
CA VAL A 154 -5.31 -34.94 -52.17
C VAL A 154 -4.31 -35.87 -51.53
N TYR A 155 -4.71 -37.11 -51.29
CA TYR A 155 -3.82 -38.03 -50.59
C TYR A 155 -3.85 -39.44 -51.12
N SER A 156 -2.79 -40.20 -50.87
CA SER A 156 -2.78 -41.59 -51.27
C SER A 156 -3.40 -42.40 -50.14
N SER A 157 -2.73 -42.43 -48.99
CA SER A 157 -3.25 -43.15 -47.84
C SER A 157 -2.61 -42.70 -46.53
N ALA A 158 -1.77 -43.55 -45.95
CA ALA A 158 -1.08 -43.22 -44.69
C ALA A 158 -1.97 -42.50 -43.69
N ASN A 159 -2.98 -43.17 -43.17
CA ASN A 159 -3.91 -42.48 -42.29
C ASN A 159 -4.03 -43.06 -40.90
N ASN A 160 -4.05 -42.20 -39.89
CA ASN A 160 -4.27 -42.68 -38.53
C ASN A 160 -5.43 -41.88 -38.00
N CYS A 161 -5.35 -40.56 -38.11
CA CYS A 161 -6.44 -39.67 -37.71
C CYS A 161 -6.67 -39.46 -36.23
N THR A 162 -7.01 -38.24 -35.86
CA THR A 162 -7.28 -37.93 -34.47
C THR A 162 -8.58 -37.16 -34.44
N PHE A 163 -9.13 -36.86 -35.61
CA PHE A 163 -10.38 -36.12 -35.70
C PHE A 163 -11.04 -36.26 -37.05
N GLU A 164 -12.33 -35.93 -37.12
CA GLU A 164 -13.06 -35.98 -38.38
C GLU A 164 -14.34 -35.21 -38.12
N TYR A 165 -14.84 -34.49 -39.12
CA TYR A 165 -16.06 -33.72 -38.95
C TYR A 165 -16.70 -33.55 -40.31
N VAL A 166 -17.95 -33.97 -40.44
CA VAL A 166 -18.65 -33.85 -41.70
C VAL A 166 -19.72 -32.80 -41.64
N SER A 167 -19.35 -31.57 -41.33
CA SER A 167 -20.31 -30.48 -41.27
C SER A 167 -21.11 -30.45 -42.54
N GLN A 168 -22.40 -30.73 -42.42
CA GLN A 168 -23.26 -30.72 -43.60
C GLN A 168 -23.28 -29.39 -44.33
N PRO A 169 -23.47 -28.27 -43.61
CA PRO A 169 -23.47 -27.03 -44.40
C PRO A 169 -22.15 -26.81 -45.11
N PHE A 170 -22.17 -26.83 -46.44
CA PHE A 170 -20.94 -26.56 -47.18
C PHE A 170 -20.55 -25.11 -46.98
N LEU A 171 -19.26 -24.86 -46.76
CA LEU A 171 -18.79 -23.51 -46.50
C LEU A 171 -19.17 -22.59 -47.65
N MET A 172 -19.01 -23.06 -48.88
CA MET A 172 -19.39 -22.26 -50.05
C MET A 172 -20.86 -21.88 -49.98
N GLN A 178 -25.18 -15.97 -62.35
CA GLN A 178 -25.57 -14.58 -62.56
C GLN A 178 -24.64 -13.89 -63.55
N GLY A 179 -23.33 -14.15 -63.43
CA GLY A 179 -22.36 -13.55 -64.33
C GLY A 179 -21.96 -12.17 -63.89
N ASN A 180 -22.84 -11.18 -64.09
CA ASN A 180 -22.55 -9.83 -63.66
C ASN A 180 -22.21 -9.81 -62.18
N PHE A 181 -22.98 -10.54 -61.38
CA PHE A 181 -22.68 -10.63 -59.96
C PHE A 181 -21.83 -11.84 -59.71
N LYS A 182 -20.57 -11.62 -59.34
CA LYS A 182 -19.68 -12.72 -59.02
C LYS A 182 -19.84 -13.09 -57.55
N ASN A 183 -18.78 -13.62 -56.94
CA ASN A 183 -18.88 -14.05 -55.55
C ASN A 183 -17.54 -13.87 -54.84
N LEU A 184 -17.59 -13.38 -53.60
CA LEU A 184 -16.37 -13.15 -52.85
C LEU A 184 -16.41 -13.99 -51.59
N ARG A 185 -15.44 -14.87 -51.42
CA ARG A 185 -15.41 -15.73 -50.26
C ARG A 185 -14.24 -15.43 -49.35
N GLU A 186 -14.49 -14.68 -48.28
CA GLU A 186 -13.44 -14.38 -47.33
C GLU A 186 -13.34 -15.47 -46.29
N PHE A 187 -12.13 -15.82 -45.88
CA PHE A 187 -11.93 -16.92 -44.95
C PHE A 187 -10.69 -16.69 -44.11
N VAL A 188 -10.85 -16.37 -42.83
CA VAL A 188 -9.69 -16.19 -41.96
C VAL A 188 -9.40 -17.46 -41.17
N PHE A 189 -8.20 -18.00 -41.32
CA PHE A 189 -7.83 -19.20 -40.58
C PHE A 189 -6.82 -18.84 -39.52
N LYS A 190 -7.09 -19.18 -38.28
CA LYS A 190 -6.17 -18.92 -37.20
C LYS A 190 -5.93 -20.22 -36.45
N ASN A 191 -4.89 -20.28 -35.63
CA ASN A 191 -4.55 -21.52 -34.94
C ASN A 191 -3.92 -21.32 -33.57
N ILE A 192 -4.50 -20.43 -32.77
CA ILE A 192 -3.94 -20.14 -31.47
C ILE A 192 -4.63 -20.90 -30.36
N ASP A 193 -3.99 -20.97 -29.19
CA ASP A 193 -4.56 -21.68 -28.03
C ASP A 193 -4.98 -23.13 -28.31
N GLY A 194 -4.32 -23.79 -29.25
CA GLY A 194 -4.68 -25.15 -29.58
C GLY A 194 -5.67 -25.24 -30.73
N TYR A 195 -6.84 -24.65 -30.59
CA TYR A 195 -7.88 -24.79 -31.62
C TYR A 195 -7.57 -24.17 -32.96
N PHE A 196 -8.30 -24.58 -33.98
CA PHE A 196 -8.13 -23.98 -35.30
C PHE A 196 -9.41 -23.25 -35.58
N LYS A 197 -9.35 -21.92 -35.67
CA LYS A 197 -10.56 -21.15 -35.85
C LYS A 197 -10.75 -20.66 -37.27
N ILE A 198 -11.91 -20.94 -37.84
CA ILE A 198 -12.19 -20.51 -39.19
C ILE A 198 -13.31 -19.50 -39.20
N TYR A 199 -13.09 -18.33 -39.80
CA TYR A 199 -14.14 -17.34 -39.92
C TYR A 199 -14.51 -17.29 -41.38
N SER A 200 -15.66 -16.72 -41.71
CA SER A 200 -16.12 -16.71 -43.09
C SER A 200 -17.07 -15.60 -43.43
N LYS A 201 -17.20 -15.29 -44.70
CA LYS A 201 -18.13 -14.25 -45.15
C LYS A 201 -18.28 -14.35 -46.65
N HIS A 202 -19.50 -14.37 -47.14
CA HIS A 202 -19.74 -14.51 -48.58
C HIS A 202 -20.63 -13.41 -49.08
N THR A 203 -20.11 -12.56 -49.95
CA THR A 203 -20.88 -11.42 -50.44
C THR A 203 -20.89 -11.36 -51.95
N PRO A 204 -22.08 -11.30 -52.54
CA PRO A 204 -22.16 -11.15 -53.99
C PRO A 204 -21.59 -9.80 -54.42
N ILE A 205 -20.61 -9.81 -55.30
CA ILE A 205 -19.98 -8.57 -55.74
C ILE A 205 -20.09 -8.39 -57.23
N ILE A 206 -20.38 -7.18 -57.69
CA ILE A 206 -20.45 -6.93 -59.12
C ILE A 206 -19.06 -6.69 -59.66
N VAL A 207 -18.80 -7.17 -60.87
CA VAL A 207 -17.47 -7.03 -61.43
C VAL A 207 -17.19 -5.62 -61.91
N ARG A 208 -15.93 -5.20 -61.83
CA ARG A 208 -15.57 -3.84 -62.25
C ARG A 208 -14.10 -3.77 -62.62
N GLU A 209 -13.24 -3.60 -61.62
CA GLU A 209 -11.79 -3.52 -61.88
C GLU A 209 -11.20 -4.90 -62.07
N PRO A 210 -9.99 -4.99 -62.64
CA PRO A 210 -9.32 -6.30 -62.78
C PRO A 210 -9.22 -7.05 -61.46
N GLU A 211 -10.14 -7.98 -61.21
CA GLU A 211 -10.16 -8.78 -59.97
C GLU A 211 -9.31 -8.28 -58.80
N ASP A 212 -9.73 -7.21 -58.15
CA ASP A 212 -9.01 -6.73 -56.98
C ASP A 212 -9.99 -6.69 -55.83
N LEU A 213 -9.53 -7.01 -54.62
CA LEU A 213 -10.42 -7.04 -53.47
C LEU A 213 -11.27 -5.78 -53.42
N PRO A 214 -12.59 -5.96 -53.41
CA PRO A 214 -13.49 -4.80 -53.37
C PRO A 214 -13.30 -4.02 -52.09
N GLN A 215 -13.51 -2.72 -52.15
CA GLN A 215 -13.28 -1.90 -50.98
C GLN A 215 -14.56 -1.82 -50.18
N GLY A 216 -14.44 -1.79 -48.85
CA GLY A 216 -15.61 -1.75 -47.99
C GLY A 216 -15.48 -2.69 -46.82
N PHE A 217 -16.45 -2.66 -45.92
CA PHE A 217 -16.36 -3.48 -44.72
C PHE A 217 -17.20 -4.75 -44.85
N SER A 218 -16.72 -5.85 -44.31
CA SER A 218 -17.43 -7.11 -44.45
C SER A 218 -17.76 -7.77 -43.14
N ALA A 219 -16.83 -7.74 -42.19
CA ALA A 219 -17.04 -8.35 -40.88
C ALA A 219 -17.27 -9.85 -40.94
N LEU A 220 -16.20 -10.63 -40.87
CA LEU A 220 -16.32 -12.08 -40.97
C LEU A 220 -16.87 -12.70 -39.70
N GLU A 221 -17.70 -13.73 -39.84
CA GLU A 221 -18.35 -14.34 -38.68
C GLU A 221 -17.79 -15.71 -38.34
N PRO A 222 -17.71 -16.02 -37.04
CA PRO A 222 -17.17 -17.30 -36.61
C PRO A 222 -17.91 -18.47 -37.21
N LEU A 223 -17.20 -19.39 -37.86
CA LEU A 223 -17.84 -20.50 -38.53
C LEU A 223 -17.62 -21.80 -37.78
N VAL A 224 -16.37 -22.16 -37.56
CA VAL A 224 -16.07 -23.38 -36.82
C VAL A 224 -14.84 -23.21 -35.94
N ASP A 225 -14.73 -24.01 -34.89
CA ASP A 225 -13.58 -23.94 -34.00
C ASP A 225 -13.12 -25.34 -33.67
N LEU A 226 -12.68 -26.08 -34.69
CA LEU A 226 -12.23 -27.44 -34.47
C LEU A 226 -11.18 -27.55 -33.37
N PRO A 227 -11.43 -28.40 -32.37
CA PRO A 227 -10.51 -28.47 -31.23
C PRO A 227 -9.40 -29.48 -31.43
N ILE A 228 -8.38 -29.11 -32.19
CA ILE A 228 -7.26 -29.99 -32.40
C ILE A 228 -6.01 -29.46 -31.75
N GLY A 229 -4.88 -30.00 -32.14
CA GLY A 229 -3.61 -29.53 -31.61
C GLY A 229 -2.70 -29.64 -32.80
N ILE A 230 -3.26 -30.07 -33.92
CA ILE A 230 -2.50 -30.20 -35.15
C ILE A 230 -1.71 -28.95 -35.32
N ASN A 231 -0.42 -29.10 -35.48
CA ASN A 231 0.43 -27.95 -35.52
C ASN A 231 0.66 -27.51 -36.95
N ILE A 232 0.35 -26.25 -37.24
CA ILE A 232 0.45 -25.76 -38.60
C ILE A 232 1.52 -24.71 -38.76
N THR A 233 2.38 -24.88 -39.76
CA THR A 233 3.42 -23.88 -40.06
C THR A 233 3.58 -23.77 -41.56
N ARG A 234 2.56 -24.19 -42.30
CA ARG A 234 2.59 -24.10 -43.75
C ARG A 234 1.21 -24.42 -44.24
N PHE A 235 0.89 -24.09 -45.48
CA PHE A 235 -0.45 -24.31 -46.01
C PHE A 235 -0.50 -24.31 -47.53
N GLN A 236 -1.50 -24.95 -48.11
CA GLN A 236 -1.64 -24.94 -49.55
C GLN A 236 -3.10 -24.95 -49.93
N THR A 237 -3.41 -24.65 -51.18
CA THR A 237 -4.79 -24.65 -51.62
C THR A 237 -5.13 -25.89 -52.43
N LEU A 238 -6.28 -26.51 -52.15
CA LEU A 238 -6.72 -27.67 -52.91
C LEU A 238 -7.64 -27.23 -54.02
N LEU A 239 -7.10 -26.56 -55.02
CA LEU A 239 -7.91 -26.06 -56.12
C LEU A 239 -8.56 -27.22 -56.84
N ALA A 240 -9.87 -27.12 -57.04
CA ALA A 240 -10.60 -28.18 -57.72
C ALA A 240 -10.90 -27.79 -59.16
N LEU A 241 -9.96 -28.01 -60.05
CA LEU A 241 -10.16 -27.67 -61.45
C LEU A 241 -11.01 -28.71 -62.15
N HIS A 242 -11.51 -28.38 -63.34
CA HIS A 242 -12.35 -29.31 -64.09
C HIS A 242 -11.50 -30.37 -64.78
N ALA A 259 -9.93 -20.50 -63.73
CA ALA A 259 -10.50 -19.15 -63.84
C ALA A 259 -10.83 -18.60 -62.48
N ALA A 260 -9.84 -18.53 -61.61
CA ALA A 260 -10.07 -18.03 -60.25
C ALA A 260 -9.01 -17.04 -59.84
N ALA A 261 -9.19 -16.43 -58.67
CA ALA A 261 -8.21 -15.49 -58.16
C ALA A 261 -8.17 -15.63 -56.68
N TYR A 262 -7.16 -16.31 -56.16
CA TYR A 262 -7.04 -16.43 -54.73
C TYR A 262 -6.02 -15.50 -54.09
N TYR A 263 -6.37 -14.87 -52.98
CA TYR A 263 -5.47 -13.93 -52.34
C TYR A 263 -5.10 -14.44 -50.96
N VAL A 264 -3.87 -14.21 -50.54
CA VAL A 264 -3.47 -14.61 -49.20
C VAL A 264 -2.70 -13.52 -48.50
N GLY A 265 -3.08 -13.22 -47.26
CA GLY A 265 -2.37 -12.22 -46.49
C GLY A 265 -2.00 -12.79 -45.15
N TYR A 266 -1.25 -12.04 -44.36
CA TYR A 266 -0.80 -12.54 -43.09
C TYR A 266 -1.17 -11.61 -41.95
N LEU A 267 -1.75 -12.14 -40.89
CA LEU A 267 -2.18 -11.32 -39.78
C LEU A 267 -1.08 -11.04 -38.78
N GLN A 268 -1.21 -9.95 -38.04
CA GLN A 268 -0.19 -9.59 -37.07
C GLN A 268 -0.88 -9.05 -35.83
N PRO A 269 -0.18 -9.03 -34.69
CA PRO A 269 -0.76 -8.49 -33.47
C PRO A 269 -1.04 -6.99 -33.55
N ARG A 270 -2.30 -6.58 -33.56
CA ARG A 270 -2.66 -5.18 -33.69
C ARG A 270 -3.88 -4.82 -32.87
N THR A 271 -3.99 -3.56 -32.45
CA THR A 271 -5.16 -3.11 -31.71
C THR A 271 -6.07 -2.37 -32.63
N PHE A 272 -7.32 -2.79 -32.71
CA PHE A 272 -8.26 -2.16 -33.60
C PHE A 272 -9.33 -1.51 -32.78
N LEU A 273 -10.26 -0.82 -33.41
CA LEU A 273 -11.38 -0.22 -32.70
C LEU A 273 -12.60 -0.55 -33.50
N LEU A 274 -13.42 -1.46 -33.01
CA LEU A 274 -14.57 -1.90 -33.78
C LEU A 274 -15.84 -1.19 -33.39
N LYS A 275 -16.62 -0.76 -34.38
CA LYS A 275 -17.87 -0.09 -34.09
C LYS A 275 -19.05 -1.01 -34.32
N TYR A 276 -19.77 -1.30 -33.25
CA TYR A 276 -20.93 -2.16 -33.36
C TYR A 276 -22.14 -1.28 -33.58
N ASN A 277 -23.08 -1.75 -34.39
CA ASN A 277 -24.26 -0.96 -34.71
C ASN A 277 -25.39 -1.29 -33.77
N GLU A 278 -26.58 -0.76 -34.06
CA GLU A 278 -27.74 -1.04 -33.23
C GLU A 278 -28.18 -2.48 -33.40
N ASN A 279 -28.13 -2.97 -34.63
CA ASN A 279 -28.57 -4.34 -34.90
C ASN A 279 -27.50 -5.32 -34.44
N GLY A 280 -26.35 -4.82 -34.01
CA GLY A 280 -25.29 -5.68 -33.48
C GLY A 280 -24.14 -6.07 -34.37
N THR A 281 -23.96 -5.37 -35.49
CA THR A 281 -22.93 -5.76 -36.44
C THR A 281 -21.74 -4.83 -36.49
N ILE A 282 -20.54 -5.39 -36.69
CA ILE A 282 -19.36 -4.55 -36.82
C ILE A 282 -19.47 -3.84 -38.14
N THR A 283 -19.58 -2.52 -38.11
CA THR A 283 -19.76 -1.77 -39.33
C THR A 283 -18.49 -1.09 -39.80
N ASP A 284 -17.64 -0.63 -38.88
CA ASP A 284 -16.36 -0.03 -39.27
C ASP A 284 -15.26 -0.25 -38.24
N ALA A 285 -14.01 -0.11 -38.68
CA ALA A 285 -12.89 -0.33 -37.78
C ALA A 285 -11.81 0.71 -37.96
N VAL A 286 -10.93 0.85 -36.97
CA VAL A 286 -9.84 1.79 -37.05
C VAL A 286 -8.56 1.09 -36.60
N ASP A 287 -7.55 1.06 -37.46
CA ASP A 287 -6.30 0.40 -37.13
C ASP A 287 -5.42 1.39 -36.41
N CYS A 288 -5.05 1.09 -35.18
CA CYS A 288 -4.29 2.05 -34.39
C CYS A 288 -2.80 2.14 -34.66
N ALA A 289 -2.37 1.82 -35.88
CA ALA A 289 -0.97 1.93 -36.22
C ALA A 289 -0.78 2.07 -37.71
N LEU A 290 -1.83 2.46 -38.42
CA LEU A 290 -1.70 2.65 -39.84
C LEU A 290 -1.27 4.07 -40.15
N ASP A 291 -1.74 5.04 -39.36
CA ASP A 291 -1.42 6.41 -39.64
C ASP A 291 -1.34 7.12 -38.33
N PRO A 292 -0.91 8.38 -38.32
CA PRO A 292 -0.97 9.06 -37.04
C PRO A 292 -2.36 9.48 -36.68
N LEU A 293 -3.23 9.64 -37.66
CA LEU A 293 -4.59 10.06 -37.42
C LEU A 293 -5.42 9.02 -36.77
N SER A 294 -5.10 7.75 -37.00
CA SER A 294 -5.90 6.69 -36.47
C SER A 294 -5.47 6.42 -35.10
N GLU A 295 -4.25 6.80 -34.76
CA GLU A 295 -3.84 6.67 -33.40
C GLU A 295 -4.67 7.65 -32.63
N THR A 296 -4.88 8.85 -33.15
CA THR A 296 -5.75 9.83 -32.51
C THR A 296 -7.15 9.32 -32.37
N LYS A 297 -7.68 8.67 -33.38
CA LYS A 297 -9.06 8.28 -33.32
C LYS A 297 -9.22 7.27 -32.27
N CYS A 298 -8.26 6.41 -32.06
CA CYS A 298 -8.53 5.41 -31.05
C CYS A 298 -8.11 5.87 -29.73
N THR A 299 -7.16 6.79 -29.67
CA THR A 299 -6.90 7.35 -28.36
C THR A 299 -8.06 8.22 -27.84
N LEU A 300 -8.94 8.65 -28.73
CA LEU A 300 -10.11 9.45 -28.33
C LEU A 300 -11.41 8.65 -28.38
N LYS A 301 -11.38 7.42 -28.87
CA LYS A 301 -12.57 6.57 -28.96
C LYS A 301 -13.68 7.26 -29.77
N SER A 302 -13.33 7.73 -30.96
CA SER A 302 -14.28 8.41 -31.82
C SER A 302 -13.76 8.40 -33.24
N PHE A 303 -14.67 8.26 -34.20
CA PHE A 303 -14.31 8.25 -35.62
C PHE A 303 -14.23 9.65 -36.21
N THR A 304 -14.74 10.67 -35.51
CA THR A 304 -14.72 12.05 -35.99
C THR A 304 -13.88 12.87 -35.03
N VAL A 305 -12.66 13.20 -35.44
CA VAL A 305 -11.74 13.99 -34.63
C VAL A 305 -11.90 15.46 -34.98
N GLU A 306 -12.13 16.28 -33.96
CA GLU A 306 -12.29 17.71 -34.16
C GLU A 306 -10.93 18.37 -34.39
N LYS A 307 -10.96 19.67 -34.69
CA LYS A 307 -9.73 20.41 -34.94
C LYS A 307 -9.01 20.73 -33.63
N GLY A 308 -7.72 20.43 -33.60
CA GLY A 308 -6.92 20.69 -32.43
C GLY A 308 -5.75 19.74 -32.35
N ILE A 309 -4.86 20.02 -31.40
CA ILE A 309 -3.67 19.22 -31.16
C ILE A 309 -3.98 18.19 -30.09
N TYR A 310 -3.60 16.94 -30.32
CA TYR A 310 -3.88 15.85 -29.41
C TYR A 310 -2.61 15.06 -29.15
N GLN A 311 -2.29 14.84 -27.88
CA GLN A 311 -1.13 14.04 -27.48
C GLN A 311 -1.56 12.58 -27.45
N THR A 312 -1.16 11.82 -28.47
CA THR A 312 -1.62 10.43 -28.60
C THR A 312 -0.80 9.48 -27.72
N SER A 313 0.50 9.38 -27.99
CA SER A 313 1.35 8.42 -27.30
C SER A 313 2.74 9.00 -27.16
N ASN A 314 3.71 8.14 -26.81
CA ASN A 314 5.08 8.54 -26.58
C ASN A 314 6.01 7.81 -27.53
N PHE A 315 6.95 8.56 -28.10
CA PHE A 315 7.99 7.99 -28.94
C PHE A 315 9.24 7.74 -28.10
N ARG A 316 9.92 6.63 -28.39
CA ARG A 316 11.12 6.25 -27.63
C ARG A 316 11.98 5.38 -28.53
N VAL A 317 13.27 5.74 -28.65
CA VAL A 317 14.19 5.00 -29.51
C VAL A 317 14.53 3.67 -28.87
N GLN A 318 14.55 2.61 -29.69
CA GLN A 318 14.87 1.25 -29.24
C GLN A 318 16.37 1.00 -29.31
N PRO A 319 16.90 0.18 -28.40
CA PRO A 319 18.34 -0.10 -28.42
C PRO A 319 18.74 -0.92 -29.63
N THR A 320 20.05 -0.92 -29.90
CA THR A 320 20.61 -1.62 -31.04
C THR A 320 21.54 -2.77 -30.63
N GLU A 321 22.55 -2.49 -29.81
CA GLU A 321 23.55 -3.48 -29.44
C GLU A 321 23.27 -4.04 -28.05
N SER A 322 24.11 -4.97 -27.62
CA SER A 322 23.98 -5.66 -26.34
C SER A 322 25.33 -5.74 -25.63
N ILE A 323 26.01 -4.59 -25.51
CA ILE A 323 27.32 -4.54 -24.89
C ILE A 323 27.24 -5.08 -23.47
N VAL A 324 28.22 -5.92 -23.11
CA VAL A 324 28.24 -6.57 -21.79
C VAL A 324 29.35 -5.95 -20.94
N ARG A 325 30.60 -6.05 -21.41
CA ARG A 325 31.76 -5.46 -20.75
C ARG A 325 31.94 -6.00 -19.33
N PHE A 326 32.22 -7.30 -19.26
CA PHE A 326 32.55 -7.94 -17.99
C PHE A 326 34.02 -7.70 -17.64
N PRO A 327 34.38 -7.76 -16.36
CA PRO A 327 35.76 -7.51 -15.96
C PRO A 327 36.71 -8.57 -16.54
N ASN A 328 38.02 -8.29 -16.36
CA ASN A 328 39.20 -9.11 -16.79
C ASN A 328 39.34 -10.31 -15.93
N ILE A 329 39.63 -11.47 -16.52
CA ILE A 329 39.83 -12.66 -15.71
C ILE A 329 41.00 -12.43 -14.75
N THR A 330 40.80 -12.79 -13.49
CA THR A 330 41.80 -12.62 -12.45
C THR A 330 42.31 -13.95 -11.89
N ASN A 331 41.40 -14.81 -11.45
CA ASN A 331 41.77 -16.10 -10.85
C ASN A 331 41.83 -17.16 -11.96
N LEU A 332 42.96 -17.17 -12.67
CA LEU A 332 43.17 -18.12 -13.75
C LEU A 332 43.34 -19.52 -13.19
N CYS A 333 43.30 -20.53 -14.05
CA CYS A 333 43.40 -21.89 -13.54
C CYS A 333 44.85 -22.36 -13.58
N PRO A 334 45.28 -23.10 -12.55
CA PRO A 334 46.67 -23.59 -12.54
C PRO A 334 46.94 -24.64 -13.60
N PHE A 335 47.06 -24.20 -14.86
CA PHE A 335 47.37 -25.09 -15.97
C PHE A 335 48.83 -25.04 -16.40
N ASP A 336 49.68 -24.30 -15.70
CA ASP A 336 51.08 -24.18 -16.08
C ASP A 336 51.94 -25.32 -15.53
N GLU A 337 51.61 -25.85 -14.36
CA GLU A 337 52.37 -26.95 -13.75
C GLU A 337 51.86 -28.31 -14.17
N VAL A 338 50.79 -28.37 -14.95
CA VAL A 338 50.26 -29.64 -15.47
C VAL A 338 50.43 -29.77 -16.97
N PHE A 339 50.73 -28.68 -17.67
CA PHE A 339 50.96 -28.71 -19.11
C PHE A 339 52.36 -28.26 -19.52
N ASN A 340 52.96 -27.38 -18.72
CA ASN A 340 54.31 -26.96 -18.87
C ASN A 340 55.10 -27.27 -17.60
N ALA A 341 55.23 -28.53 -17.22
CA ALA A 341 56.07 -28.94 -16.10
C ALA A 341 57.48 -29.27 -16.57
N THR A 342 58.39 -29.38 -15.60
CA THR A 342 59.77 -29.72 -15.89
C THR A 342 59.87 -31.12 -16.48
N ARG A 343 59.46 -32.13 -15.73
CA ARG A 343 59.49 -33.52 -16.17
C ARG A 343 58.11 -34.13 -15.97
N PHE A 344 57.54 -34.68 -17.04
CA PHE A 344 56.24 -35.33 -16.93
C PHE A 344 56.37 -36.66 -16.20
N ALA A 345 55.23 -37.14 -15.70
CA ALA A 345 55.22 -38.39 -14.94
C ALA A 345 55.36 -39.60 -15.85
N SER A 346 55.35 -40.80 -15.26
CA SER A 346 55.49 -42.04 -16.01
C SER A 346 54.13 -42.65 -16.29
N VAL A 347 54.11 -43.69 -17.12
CA VAL A 347 52.86 -44.32 -17.50
C VAL A 347 52.27 -45.08 -16.32
N TYR A 348 53.09 -45.85 -15.62
CA TYR A 348 52.60 -46.65 -14.50
C TYR A 348 52.29 -45.82 -13.27
N ALA A 349 52.66 -44.55 -13.25
CA ALA A 349 52.45 -43.66 -12.11
C ALA A 349 51.85 -42.34 -12.58
N TRP A 350 50.81 -42.42 -13.41
CA TRP A 350 50.14 -41.24 -13.92
C TRP A 350 49.57 -40.42 -12.77
N ASN A 351 49.77 -39.10 -12.85
CA ASN A 351 49.27 -38.21 -11.81
C ASN A 351 47.79 -37.90 -12.06
N ARG A 352 47.22 -37.10 -11.16
CA ARG A 352 45.83 -36.66 -11.28
C ARG A 352 45.65 -35.42 -10.42
N LYS A 353 45.27 -34.31 -11.04
CA LYS A 353 45.09 -33.04 -10.33
C LYS A 353 43.61 -32.70 -10.29
N ARG A 354 43.05 -32.69 -9.09
CA ARG A 354 41.64 -32.33 -8.89
C ARG A 354 41.52 -30.82 -8.84
N ILE A 355 41.10 -30.22 -9.96
CA ILE A 355 41.01 -28.77 -10.07
C ILE A 355 39.53 -28.40 -9.99
N SER A 356 39.23 -27.47 -9.09
CA SER A 356 37.90 -26.89 -8.93
C SER A 356 38.05 -25.41 -8.61
N ASN A 357 36.93 -24.68 -8.72
CA ASN A 357 36.89 -23.23 -8.49
C ASN A 357 37.92 -22.52 -9.38
N CYS A 358 37.72 -22.66 -10.69
CA CYS A 358 38.66 -22.16 -11.68
C CYS A 358 37.94 -21.31 -12.71
N VAL A 359 38.73 -20.57 -13.49
CA VAL A 359 38.25 -19.86 -14.68
C VAL A 359 38.96 -20.52 -15.86
N ALA A 360 38.29 -21.50 -16.46
CA ALA A 360 38.90 -22.31 -17.52
C ALA A 360 39.09 -21.46 -18.77
N ASP A 361 40.35 -21.12 -19.08
CA ASP A 361 40.69 -20.38 -20.29
C ASP A 361 41.19 -21.37 -21.35
N TYR A 362 40.24 -22.06 -21.96
CA TYR A 362 40.56 -23.06 -22.98
C TYR A 362 40.78 -22.41 -24.34
N SER A 363 41.69 -21.43 -24.40
CA SER A 363 41.99 -20.76 -25.65
C SER A 363 43.50 -20.64 -25.84
N VAL A 364 44.25 -20.67 -24.74
CA VAL A 364 45.70 -20.54 -24.83
C VAL A 364 46.33 -21.90 -25.14
N LEU A 365 45.57 -22.98 -24.95
CA LEU A 365 46.11 -24.31 -25.22
C LEU A 365 46.23 -24.59 -26.71
N TYR A 366 45.49 -23.86 -27.54
CA TYR A 366 45.54 -24.09 -28.98
C TYR A 366 46.86 -23.62 -29.58
N ASN A 367 47.45 -22.58 -29.00
CA ASN A 367 48.72 -22.05 -29.49
C ASN A 367 49.92 -22.60 -28.73
N LEU A 368 49.87 -22.63 -27.40
CA LEU A 368 50.93 -23.21 -26.60
C LEU A 368 50.95 -24.71 -26.80
N ALA A 369 52.12 -25.28 -27.14
CA ALA A 369 52.26 -26.70 -27.41
C ALA A 369 51.27 -27.14 -28.49
N PRO A 370 51.57 -26.86 -29.78
CA PRO A 370 50.63 -27.18 -30.87
C PRO A 370 50.02 -28.57 -30.77
N PHE A 371 48.69 -28.63 -30.64
CA PHE A 371 47.99 -29.88 -30.40
C PHE A 371 47.88 -30.74 -31.65
N PHE A 372 48.26 -32.00 -31.54
CA PHE A 372 48.05 -32.97 -32.59
C PHE A 372 46.89 -33.90 -32.23
N THR A 373 46.18 -34.36 -33.27
CA THR A 373 44.97 -35.18 -33.17
C THR A 373 44.11 -34.76 -31.97
N PHE A 374 43.73 -33.47 -31.99
CA PHE A 374 42.94 -32.87 -30.91
C PHE A 374 41.50 -33.36 -30.98
N LYS A 375 41.29 -34.58 -30.48
CA LYS A 375 39.97 -35.20 -30.47
C LYS A 375 39.47 -35.30 -29.04
N CYS A 376 38.37 -34.61 -28.75
CA CYS A 376 37.72 -34.70 -27.45
C CYS A 376 36.55 -35.66 -27.53
N TYR A 377 36.41 -36.52 -26.51
CA TYR A 377 35.35 -37.51 -26.45
C TYR A 377 34.29 -37.06 -25.47
N GLY A 378 33.02 -37.08 -25.90
CA GLY A 378 31.92 -36.65 -25.09
C GLY A 378 31.51 -35.21 -25.28
N VAL A 379 32.48 -34.33 -25.55
CA VAL A 379 32.22 -32.91 -25.78
C VAL A 379 32.89 -32.50 -27.08
N SER A 380 32.52 -31.31 -27.57
CA SER A 380 33.08 -30.79 -28.80
C SER A 380 34.43 -30.12 -28.54
N PRO A 381 35.37 -30.20 -29.49
CA PRO A 381 36.64 -29.51 -29.32
C PRO A 381 36.49 -28.00 -29.14
N THR A 382 35.48 -27.41 -29.76
CA THR A 382 35.19 -25.99 -29.58
C THR A 382 34.04 -25.83 -28.58
N LYS A 383 33.60 -24.58 -28.40
CA LYS A 383 32.50 -24.25 -27.50
C LYS A 383 32.76 -24.74 -26.07
N LEU A 384 34.00 -24.57 -25.60
CA LEU A 384 34.37 -24.98 -24.25
C LEU A 384 34.32 -23.84 -23.25
N ASN A 385 33.92 -22.63 -23.67
CA ASN A 385 33.87 -21.48 -22.79
C ASN A 385 32.47 -21.13 -22.32
N ASP A 386 31.44 -21.71 -22.94
CA ASP A 386 30.06 -21.44 -22.54
C ASP A 386 29.45 -22.61 -21.76
N LEU A 387 29.99 -23.81 -21.87
CA LEU A 387 29.52 -24.98 -21.14
C LEU A 387 30.65 -25.47 -20.24
N CYS A 388 30.35 -25.72 -18.98
CA CYS A 388 31.36 -26.14 -18.02
C CYS A 388 30.82 -27.25 -17.13
N PHE A 389 31.67 -27.73 -16.22
CA PHE A 389 31.36 -28.81 -15.30
C PHE A 389 31.68 -28.36 -13.88
N THR A 390 31.61 -29.30 -12.94
CA THR A 390 31.84 -29.01 -11.53
C THR A 390 33.28 -29.23 -11.10
N ASN A 391 34.02 -30.13 -11.74
CA ASN A 391 35.40 -30.41 -11.37
C ASN A 391 36.12 -30.99 -12.57
N VAL A 392 37.44 -30.86 -12.59
CA VAL A 392 38.24 -31.47 -13.65
C VAL A 392 39.39 -32.25 -13.03
N TYR A 393 39.81 -33.29 -13.72
CA TYR A 393 40.94 -34.12 -13.29
C TYR A 393 41.92 -34.24 -14.44
N ALA A 394 43.14 -33.77 -14.23
CA ALA A 394 44.18 -33.84 -15.24
C ALA A 394 45.13 -34.99 -14.92
N ASP A 395 45.34 -35.86 -15.91
CA ASP A 395 46.24 -37.01 -15.80
C ASP A 395 47.24 -36.89 -16.94
N SER A 396 48.46 -36.45 -16.63
CA SER A 396 49.47 -36.19 -17.64
C SER A 396 50.63 -37.16 -17.51
N PHE A 397 51.09 -37.68 -18.65
CA PHE A 397 52.26 -38.54 -18.69
C PHE A 397 52.85 -38.49 -20.08
N VAL A 398 53.76 -39.42 -20.36
CA VAL A 398 54.47 -39.46 -21.64
C VAL A 398 54.52 -40.91 -22.12
N ILE A 399 54.16 -41.13 -23.37
CA ILE A 399 54.17 -42.46 -23.97
C ILE A 399 54.95 -42.43 -25.28
N ARG A 400 54.96 -43.55 -25.99
CA ARG A 400 55.61 -43.60 -27.29
C ARG A 400 54.63 -43.13 -28.38
N GLY A 401 55.19 -42.71 -29.51
CA GLY A 401 54.37 -42.14 -30.57
C GLY A 401 53.46 -43.15 -31.23
N ASP A 402 53.86 -44.42 -31.26
CA ASP A 402 53.07 -45.44 -31.93
C ASP A 402 51.86 -45.88 -31.10
N GLU A 403 51.87 -45.63 -29.79
CA GLU A 403 50.80 -46.07 -28.91
C GLU A 403 49.88 -44.94 -28.48
N VAL A 404 49.93 -43.79 -29.16
CA VAL A 404 49.03 -42.69 -28.84
C VAL A 404 47.60 -42.94 -29.29
N ARG A 405 47.38 -43.98 -30.10
CA ARG A 405 46.03 -44.29 -30.57
C ARG A 405 45.32 -45.25 -29.62
N GLN A 406 46.06 -46.05 -28.86
CA GLN A 406 45.45 -47.04 -27.99
C GLN A 406 44.62 -46.42 -26.87
N ILE A 407 44.90 -45.17 -26.51
CA ILE A 407 44.16 -44.50 -25.45
C ILE A 407 42.84 -43.98 -26.02
N ALA A 408 41.79 -44.78 -25.92
CA ALA A 408 40.49 -44.46 -26.48
C ALA A 408 39.46 -45.45 -25.93
N PRO A 409 38.19 -45.07 -25.91
CA PRO A 409 37.16 -46.02 -25.44
C PRO A 409 37.08 -47.24 -26.35
N GLY A 410 37.25 -48.41 -25.75
CA GLY A 410 37.20 -49.67 -26.48
C GLY A 410 38.53 -50.14 -27.06
N GLN A 411 39.38 -49.19 -27.45
CA GLN A 411 40.67 -49.55 -28.03
C GLN A 411 41.60 -50.12 -26.96
N THR A 412 42.14 -51.31 -27.23
CA THR A 412 43.04 -51.99 -26.32
C THR A 412 44.46 -51.97 -26.88
N GLY A 413 45.37 -52.66 -26.19
CA GLY A 413 46.74 -52.73 -26.61
C GLY A 413 47.69 -53.08 -25.48
N ASN A 414 48.77 -52.30 -25.34
CA ASN A 414 49.76 -52.53 -24.29
C ASN A 414 49.54 -51.58 -23.10
N ILE A 415 49.51 -50.27 -23.37
CA ILE A 415 49.28 -49.32 -22.28
C ILE A 415 47.80 -49.20 -21.97
N ALA A 416 46.92 -49.51 -22.92
CA ALA A 416 45.49 -49.42 -22.71
C ALA A 416 44.92 -50.64 -21.98
N ASP A 417 45.71 -51.70 -21.80
CA ASP A 417 45.24 -52.92 -21.17
C ASP A 417 45.81 -53.14 -19.78
N TYR A 418 47.10 -52.83 -19.57
CA TYR A 418 47.75 -53.07 -18.30
C TYR A 418 48.28 -51.81 -17.62
N ASN A 419 48.25 -50.66 -18.29
CA ASN A 419 48.80 -49.43 -17.73
C ASN A 419 47.72 -48.38 -17.47
N TYR A 420 46.91 -48.04 -18.47
CA TYR A 420 45.91 -46.98 -18.31
C TYR A 420 44.79 -47.23 -19.31
N LYS A 421 43.63 -47.63 -18.81
CA LYS A 421 42.46 -47.89 -19.65
C LYS A 421 41.46 -46.76 -19.47
N LEU A 422 40.96 -46.23 -20.58
CA LEU A 422 39.95 -45.18 -20.53
C LEU A 422 38.56 -45.81 -20.68
N PRO A 423 37.61 -45.47 -19.82
CA PRO A 423 36.30 -46.11 -19.88
C PRO A 423 35.55 -45.78 -21.16
N ASP A 424 34.56 -46.61 -21.47
CA ASP A 424 33.77 -46.43 -22.68
C ASP A 424 32.95 -45.16 -22.63
N ASP A 425 32.41 -44.82 -21.47
CA ASP A 425 31.64 -43.60 -21.26
C ASP A 425 32.54 -42.55 -20.66
N PHE A 426 32.90 -41.54 -21.45
CA PHE A 426 33.90 -40.54 -21.05
C PHE A 426 33.51 -39.21 -21.67
N THR A 427 33.46 -38.16 -20.84
CA THR A 427 33.06 -36.83 -21.28
C THR A 427 34.17 -35.80 -21.06
N GLY A 428 35.42 -36.21 -21.18
CA GLY A 428 36.54 -35.29 -21.04
C GLY A 428 37.22 -35.02 -22.38
N CYS A 429 38.55 -35.03 -22.40
CA CYS A 429 39.28 -34.85 -23.65
C CYS A 429 40.67 -35.43 -23.51
N VAL A 430 41.10 -36.18 -24.53
CA VAL A 430 42.45 -36.71 -24.60
C VAL A 430 43.23 -35.92 -25.64
N ILE A 431 44.46 -35.56 -25.29
CA ILE A 431 45.29 -34.72 -26.16
C ILE A 431 46.74 -35.12 -25.94
N ALA A 432 47.55 -34.98 -26.99
CA ALA A 432 48.97 -35.32 -26.96
C ALA A 432 49.74 -34.36 -27.84
N TRP A 433 51.05 -34.29 -27.59
CA TRP A 433 51.94 -33.45 -28.40
C TRP A 433 53.34 -34.02 -28.34
N ASN A 434 54.07 -33.91 -29.45
CA ASN A 434 55.43 -34.42 -29.51
C ASN A 434 56.36 -33.57 -28.66
N SER A 435 57.26 -34.24 -27.94
CA SER A 435 58.23 -33.56 -27.07
C SER A 435 59.62 -34.16 -27.29
N ASN A 436 59.99 -34.34 -28.56
CA ASN A 436 61.27 -34.93 -28.89
C ASN A 436 62.43 -33.95 -28.76
N LYS A 437 62.16 -32.65 -28.63
CA LYS A 437 63.21 -31.64 -28.54
C LYS A 437 63.56 -31.26 -27.11
N LEU A 438 62.78 -31.71 -26.12
CA LEU A 438 63.07 -31.38 -24.73
C LEU A 438 63.06 -32.59 -23.81
N ASP A 439 62.74 -33.79 -24.32
CA ASP A 439 62.77 -35.01 -23.52
C ASP A 439 63.71 -36.07 -24.08
N SER A 440 64.50 -35.76 -25.10
CA SER A 440 65.38 -36.71 -25.74
C SER A 440 66.83 -36.24 -25.66
N LYS A 441 67.74 -37.19 -25.82
CA LYS A 441 69.17 -36.93 -25.77
C LYS A 441 69.90 -38.14 -26.33
N VAL A 442 71.08 -37.89 -26.90
CA VAL A 442 71.85 -39.02 -27.42
C VAL A 442 72.76 -39.56 -26.31
N SER A 443 72.17 -40.30 -25.39
CA SER A 443 72.91 -41.14 -24.43
C SER A 443 72.22 -42.45 -24.12
N GLY A 444 70.94 -42.63 -24.48
CA GLY A 444 70.12 -43.71 -23.99
C GLY A 444 69.16 -43.21 -22.93
N ASN A 445 67.91 -42.99 -23.32
CA ASN A 445 66.91 -42.37 -22.44
C ASN A 445 66.05 -43.47 -21.84
N TYR A 446 66.29 -43.77 -20.56
CA TYR A 446 65.53 -44.78 -19.82
C TYR A 446 64.84 -44.21 -18.59
N ASN A 447 64.47 -42.93 -18.64
CA ASN A 447 63.85 -42.24 -17.52
C ASN A 447 62.33 -42.38 -17.51
N TYR A 448 61.78 -43.30 -18.30
CA TYR A 448 60.33 -43.49 -18.38
C TYR A 448 60.03 -44.97 -18.33
N LEU A 449 59.43 -45.42 -17.23
CA LEU A 449 59.13 -46.83 -17.01
C LEU A 449 57.68 -47.12 -17.37
N TYR A 450 57.40 -48.40 -17.60
CA TYR A 450 56.06 -48.85 -17.93
C TYR A 450 55.94 -50.34 -17.62
N ARG A 451 54.72 -50.74 -17.27
CA ARG A 451 54.43 -52.14 -16.98
C ARG A 451 53.92 -52.85 -18.22
N LEU A 452 54.37 -54.08 -18.42
CA LEU A 452 53.97 -54.88 -19.58
C LEU A 452 53.29 -56.19 -19.22
N PHE A 453 53.51 -56.72 -18.01
CA PHE A 453 52.90 -57.98 -17.58
C PHE A 453 52.04 -57.70 -16.35
N ARG A 454 50.74 -57.98 -16.45
CA ARG A 454 49.83 -57.80 -15.34
C ARG A 454 48.97 -59.05 -15.19
N LYS A 455 48.25 -59.11 -14.06
CA LYS A 455 47.43 -60.28 -13.77
C LYS A 455 46.28 -60.41 -14.74
N SER A 456 45.42 -59.40 -14.83
CA SER A 456 44.26 -59.44 -15.70
C SER A 456 44.01 -58.07 -16.32
N ASN A 457 42.83 -57.90 -16.92
CA ASN A 457 42.46 -56.61 -17.53
C ASN A 457 42.38 -55.54 -16.44
N LEU A 458 43.10 -54.44 -16.63
CA LEU A 458 43.15 -53.39 -15.64
C LEU A 458 41.86 -52.57 -15.66
N LYS A 459 41.29 -52.35 -14.49
CA LYS A 459 40.07 -51.54 -14.39
C LYS A 459 40.38 -50.09 -14.74
N PRO A 460 39.57 -49.45 -15.57
CA PRO A 460 39.80 -48.03 -15.90
C PRO A 460 39.93 -47.17 -14.65
N PHE A 461 40.85 -46.20 -14.71
CA PHE A 461 41.08 -45.24 -13.63
C PHE A 461 41.46 -45.94 -12.33
N GLU A 462 42.54 -46.73 -12.39
CA GLU A 462 43.07 -47.43 -11.23
C GLU A 462 44.57 -47.27 -11.15
N ARG A 463 45.09 -47.26 -9.92
CA ARG A 463 46.52 -47.11 -9.67
C ARG A 463 47.05 -48.39 -9.06
N ASP A 464 48.01 -49.01 -9.74
CA ASP A 464 48.63 -50.25 -9.28
C ASP A 464 50.13 -49.99 -9.14
N ILE A 465 50.55 -49.62 -7.92
CA ILE A 465 51.95 -49.34 -7.62
C ILE A 465 52.63 -50.52 -6.96
N SER A 466 51.93 -51.64 -6.77
CA SER A 466 52.56 -52.81 -6.17
C SER A 466 53.58 -53.42 -7.12
N THR A 467 54.64 -53.97 -6.54
CA THR A 467 55.74 -54.56 -7.29
C THR A 467 55.88 -56.05 -6.96
N GLU A 468 54.75 -56.75 -6.89
CA GLU A 468 54.79 -58.19 -6.65
C GLU A 468 55.38 -58.92 -7.85
N ILE A 469 55.96 -60.09 -7.60
CA ILE A 469 56.58 -60.86 -8.66
C ILE A 469 55.50 -61.39 -9.60
N TYR A 470 55.65 -61.12 -10.89
CA TYR A 470 54.70 -61.59 -11.88
C TYR A 470 54.84 -63.10 -12.09
N GLN A 471 53.75 -63.72 -12.52
CA GLN A 471 53.72 -65.16 -12.78
C GLN A 471 53.35 -65.36 -14.25
N ALA A 472 54.34 -65.69 -15.07
CA ALA A 472 54.13 -65.94 -16.49
C ALA A 472 53.92 -67.42 -16.81
N GLY A 473 54.24 -68.32 -15.90
CA GLY A 473 54.06 -69.74 -16.13
C GLY A 473 53.44 -70.44 -14.94
N ASN A 474 53.54 -71.77 -14.92
CA ASN A 474 52.98 -72.57 -13.84
C ASN A 474 54.00 -72.95 -12.77
N LYS A 475 55.22 -72.44 -12.86
CA LYS A 475 56.25 -72.78 -11.89
C LYS A 475 56.26 -71.76 -10.76
N PRO A 476 55.97 -72.16 -9.51
CA PRO A 476 56.02 -71.22 -8.37
C PRO A 476 57.45 -70.91 -7.94
N CYS A 477 58.05 -69.92 -8.61
CA CYS A 477 59.42 -69.54 -8.29
C CYS A 477 59.53 -68.85 -6.92
N ASN A 478 58.39 -68.50 -6.31
CA ASN A 478 58.34 -67.95 -4.96
C ASN A 478 59.16 -66.67 -4.84
N GLY A 479 59.05 -65.81 -5.84
CA GLY A 479 59.67 -64.50 -5.82
C GLY A 479 61.19 -64.53 -5.71
N VAL A 480 61.85 -65.09 -6.72
CA VAL A 480 63.31 -65.14 -6.76
C VAL A 480 63.88 -64.40 -7.96
N ALA A 481 63.07 -63.73 -8.76
CA ALA A 481 63.50 -63.02 -9.96
C ALA A 481 64.28 -63.95 -10.89
N GLY A 482 63.65 -65.07 -11.21
CA GLY A 482 64.24 -66.08 -12.06
C GLY A 482 63.46 -66.23 -13.35
N PHE A 483 63.44 -67.45 -13.87
CA PHE A 483 62.78 -67.71 -15.15
C PHE A 483 61.27 -67.84 -14.95
N ASN A 484 60.52 -67.30 -15.91
CA ASN A 484 59.06 -67.30 -15.97
C ASN A 484 58.41 -66.49 -14.86
N CYS A 485 59.18 -65.83 -14.00
CA CYS A 485 58.64 -64.95 -12.97
C CYS A 485 59.40 -63.63 -12.96
N TYR A 486 59.57 -63.04 -14.15
CA TYR A 486 60.33 -61.82 -14.30
C TYR A 486 59.69 -60.66 -13.53
N PHE A 487 60.46 -59.60 -13.37
CA PHE A 487 59.95 -58.40 -12.72
C PHE A 487 59.08 -57.62 -13.69
N PRO A 488 57.79 -57.42 -13.40
CA PRO A 488 56.89 -56.82 -14.39
C PRO A 488 56.99 -55.31 -14.47
N LEU A 489 58.22 -54.79 -14.53
CA LEU A 489 58.43 -53.35 -14.68
C LEU A 489 59.62 -53.12 -15.60
N ARG A 490 59.37 -52.55 -16.76
CA ARG A 490 60.41 -52.21 -17.74
C ARG A 490 60.37 -50.70 -18.01
N SER A 491 61.23 -50.26 -18.92
CA SER A 491 61.34 -48.85 -19.27
C SER A 491 61.42 -48.70 -20.79
N TYR A 492 61.09 -47.50 -21.25
CA TYR A 492 61.13 -47.20 -22.68
C TYR A 492 62.56 -46.86 -23.10
N SER A 493 62.75 -46.74 -24.42
CA SER A 493 64.03 -46.36 -25.01
C SER A 493 63.75 -45.30 -26.06
N PHE A 494 64.10 -44.05 -25.74
CA PHE A 494 63.84 -42.91 -26.61
C PHE A 494 65.17 -42.36 -27.13
N ARG A 495 65.35 -42.37 -28.44
CA ARG A 495 66.54 -41.82 -29.05
C ARG A 495 66.16 -40.75 -30.07
N PRO A 496 66.95 -39.67 -30.17
CA PRO A 496 66.62 -38.60 -31.13
C PRO A 496 66.76 -39.01 -32.59
N THR A 497 67.20 -40.23 -32.88
CA THR A 497 67.36 -40.69 -34.25
C THR A 497 66.28 -41.66 -34.70
N TYR A 498 65.41 -42.11 -33.79
CA TYR A 498 64.34 -43.02 -34.16
C TYR A 498 63.28 -42.30 -34.99
N GLY A 499 62.42 -43.10 -35.61
CA GLY A 499 61.32 -42.54 -36.40
C GLY A 499 60.29 -41.85 -35.54
N VAL A 500 59.36 -41.18 -36.22
CA VAL A 500 58.31 -40.44 -35.53
C VAL A 500 57.43 -41.36 -34.71
N GLY A 501 57.31 -42.63 -35.13
CA GLY A 501 56.50 -43.58 -34.37
C GLY A 501 57.14 -43.98 -33.05
N HIS A 502 58.45 -43.81 -32.93
CA HIS A 502 59.18 -44.18 -31.72
C HIS A 502 59.63 -42.96 -30.91
N GLN A 503 59.09 -41.77 -31.24
CA GLN A 503 59.45 -40.57 -30.50
C GLN A 503 58.53 -40.39 -29.29
N PRO A 504 59.03 -39.80 -28.21
CA PRO A 504 58.19 -39.59 -27.04
C PRO A 504 57.13 -38.53 -27.30
N TYR A 505 55.91 -38.81 -26.82
CA TYR A 505 54.78 -37.89 -26.94
C TYR A 505 54.19 -37.68 -25.55
N ARG A 506 54.11 -36.41 -25.13
CA ARG A 506 53.49 -36.08 -23.86
C ARG A 506 51.99 -35.95 -24.06
N VAL A 507 51.23 -36.76 -23.32
CA VAL A 507 49.77 -36.75 -23.39
C VAL A 507 49.22 -36.32 -22.04
N VAL A 508 48.00 -35.79 -22.07
CA VAL A 508 47.29 -35.44 -20.85
C VAL A 508 45.79 -35.60 -21.08
N VAL A 509 45.13 -36.36 -20.21
CA VAL A 509 43.70 -36.61 -20.28
C VAL A 509 43.02 -35.71 -19.25
N LEU A 510 42.05 -34.91 -19.71
CA LEU A 510 41.30 -34.01 -18.84
C LEU A 510 39.89 -34.57 -18.72
N SER A 511 39.62 -35.26 -17.62
CA SER A 511 38.31 -35.83 -17.35
C SER A 511 37.45 -34.77 -16.68
N PHE A 512 36.31 -34.46 -17.27
CA PHE A 512 35.41 -33.41 -16.77
C PHE A 512 34.32 -34.07 -15.93
N GLU A 513 34.47 -34.00 -14.62
CA GLU A 513 33.51 -34.60 -13.69
C GLU A 513 32.42 -33.58 -13.37
N LEU A 514 31.19 -33.91 -13.77
CA LEU A 514 30.02 -33.11 -13.45
C LEU A 514 29.31 -33.72 -12.25
N LEU A 515 28.77 -32.87 -11.39
CA LEU A 515 28.20 -33.33 -10.14
C LEU A 515 27.02 -32.45 -9.76
N HIS A 516 26.21 -32.95 -8.82
CA HIS A 516 25.09 -32.17 -8.31
C HIS A 516 25.54 -31.01 -7.42
N ALA A 517 26.81 -30.96 -7.04
CA ALA A 517 27.34 -29.84 -6.30
C ALA A 517 27.34 -28.59 -7.18
N PRO A 518 27.32 -27.40 -6.57
CA PRO A 518 27.35 -26.17 -7.36
C PRO A 518 28.56 -26.11 -8.28
N ALA A 519 28.33 -25.71 -9.52
CA ALA A 519 29.40 -25.64 -10.50
C ALA A 519 30.42 -24.59 -10.10
N THR A 520 31.70 -24.96 -10.15
CA THR A 520 32.78 -24.09 -9.71
C THR A 520 33.71 -23.67 -10.85
N VAL A 521 34.22 -24.62 -11.61
CA VAL A 521 35.16 -24.33 -12.69
C VAL A 521 34.36 -24.07 -13.97
N CYS A 522 34.52 -22.88 -14.54
CA CYS A 522 33.86 -22.49 -15.78
C CYS A 522 34.80 -21.60 -16.59
N GLY A 523 34.27 -21.07 -17.69
CA GLY A 523 35.05 -20.23 -18.57
C GLY A 523 34.77 -18.75 -18.36
N PRO A 524 35.38 -17.91 -19.19
CA PRO A 524 35.16 -16.46 -19.06
C PRO A 524 33.80 -16.02 -19.55
N LYS A 525 33.54 -14.73 -19.53
CA LYS A 525 32.27 -14.15 -19.94
C LYS A 525 32.38 -13.60 -21.36
N LYS A 526 31.30 -12.93 -21.80
CA LYS A 526 31.27 -12.38 -23.15
C LYS A 526 32.31 -11.30 -23.33
N SER A 527 32.19 -10.21 -22.57
CA SER A 527 33.10 -9.06 -22.64
C SER A 527 33.20 -8.54 -24.07
N THR A 528 32.07 -8.09 -24.59
CA THR A 528 32.01 -7.60 -25.97
C THR A 528 32.65 -6.21 -26.06
N ASN A 529 32.81 -5.73 -27.29
CA ASN A 529 33.39 -4.43 -27.53
C ASN A 529 32.43 -3.33 -27.10
N LEU A 530 32.99 -2.14 -26.84
CA LEU A 530 32.24 -0.99 -26.36
C LEU A 530 32.21 0.07 -27.45
N VAL A 531 31.03 0.35 -27.98
CA VAL A 531 30.83 1.45 -28.92
C VAL A 531 30.20 2.62 -28.17
N LYS A 532 30.62 3.83 -28.52
CA LYS A 532 30.20 5.03 -27.82
C LYS A 532 29.34 5.91 -28.72
N ASN A 533 28.65 6.85 -28.09
CA ASN A 533 27.78 7.81 -28.79
C ASN A 533 26.71 7.10 -29.61
N LYS A 534 26.05 6.12 -28.99
CA LYS A 534 25.01 5.36 -29.66
C LYS A 534 24.11 4.66 -28.65
N CYS A 535 22.80 4.63 -28.92
CA CYS A 535 21.84 4.00 -28.03
C CYS A 535 22.04 2.49 -28.04
N VAL A 536 22.65 1.96 -26.99
CA VAL A 536 22.97 0.55 -26.87
C VAL A 536 22.58 0.06 -25.48
N ASN A 537 22.61 -1.25 -25.30
CA ASN A 537 22.31 -1.90 -24.02
C ASN A 537 23.62 -2.11 -23.28
N PHE A 538 23.71 -1.54 -22.09
CA PHE A 538 24.82 -1.86 -21.20
C PHE A 538 24.42 -2.96 -20.23
N ASN A 539 25.35 -3.90 -20.02
CA ASN A 539 25.12 -5.12 -19.25
C ASN A 539 26.26 -5.34 -18.27
N PHE A 540 26.58 -4.29 -17.50
CA PHE A 540 27.65 -4.37 -16.52
C PHE A 540 27.29 -5.33 -15.39
N ASN A 541 28.21 -5.48 -14.42
CA ASN A 541 28.05 -6.47 -13.36
C ASN A 541 26.70 -6.37 -12.65
N GLY A 542 26.35 -5.17 -12.17
CA GLY A 542 25.13 -5.01 -11.41
C GLY A 542 24.22 -3.92 -11.93
N LEU A 543 24.58 -3.31 -13.05
CA LEU A 543 23.81 -2.23 -13.65
C LEU A 543 23.51 -2.59 -15.10
N LYS A 544 22.32 -3.12 -15.34
CA LYS A 544 21.85 -3.43 -16.69
C LYS A 544 20.83 -2.38 -17.14
N GLY A 545 20.80 -2.12 -18.43
CA GLY A 545 19.84 -1.19 -18.97
C GLY A 545 20.22 -0.76 -20.38
N THR A 546 19.56 0.31 -20.81
CA THR A 546 19.79 0.89 -22.13
C THR A 546 20.17 2.35 -21.99
N GLY A 547 20.88 2.87 -22.99
CA GLY A 547 21.25 4.27 -22.97
C GLY A 547 22.40 4.54 -23.90
N VAL A 548 22.87 5.78 -23.85
CA VAL A 548 24.04 6.20 -24.63
C VAL A 548 25.23 6.34 -23.69
N LEU A 549 26.38 5.82 -24.11
CA LEU A 549 27.59 5.82 -23.29
C LEU A 549 28.62 6.74 -23.94
N THR A 550 28.90 7.86 -23.28
CA THR A 550 29.85 8.85 -23.76
C THR A 550 30.92 9.09 -22.71
N GLU A 551 31.98 9.80 -23.12
CA GLU A 551 33.07 10.12 -22.23
C GLU A 551 32.71 11.34 -21.38
N SER A 552 32.77 11.19 -20.07
CA SER A 552 32.43 12.26 -19.14
C SER A 552 33.69 12.77 -18.44
N ASN A 553 33.63 14.03 -18.01
CA ASN A 553 34.71 14.65 -17.27
C ASN A 553 34.53 14.53 -15.76
N LYS A 554 33.71 13.57 -15.32
CA LYS A 554 33.47 13.38 -13.89
C LYS A 554 34.70 12.75 -13.24
N LYS A 555 35.29 13.46 -12.29
CA LYS A 555 36.51 13.01 -11.62
C LYS A 555 36.14 11.99 -10.55
N PHE A 556 36.06 10.73 -10.95
CA PHE A 556 35.74 9.66 -10.02
C PHE A 556 36.93 9.38 -9.10
N LEU A 557 36.63 8.75 -7.97
CA LEU A 557 37.63 8.34 -7.00
C LEU A 557 38.05 6.90 -7.24
N PRO A 558 39.26 6.52 -6.82
CA PRO A 558 39.75 5.16 -7.10
C PRO A 558 38.86 4.05 -6.54
N PHE A 559 38.21 4.29 -5.40
CA PHE A 559 37.36 3.26 -4.81
C PHE A 559 35.92 3.30 -5.30
N GLN A 560 35.46 4.44 -5.80
CA GLN A 560 34.09 4.56 -6.29
C GLN A 560 33.98 3.88 -7.65
N GLN A 561 32.84 3.22 -7.87
CA GLN A 561 32.60 2.47 -9.10
C GLN A 561 31.40 2.93 -9.89
N PHE A 562 30.37 3.45 -9.24
CA PHE A 562 29.14 3.88 -9.91
C PHE A 562 28.85 5.34 -9.56
N GLY A 563 27.75 5.85 -10.09
CA GLY A 563 27.36 7.22 -9.85
C GLY A 563 25.87 7.48 -10.02
N ARG A 564 25.26 8.14 -9.04
CA ARG A 564 23.85 8.48 -9.06
C ARG A 564 23.68 9.98 -9.29
N ASP A 565 22.43 10.43 -9.25
CA ASP A 565 22.09 11.82 -9.46
C ASP A 565 20.97 12.19 -8.48
N ILE A 566 20.35 13.34 -8.70
CA ILE A 566 19.25 13.78 -7.84
C ILE A 566 18.08 12.80 -7.91
N ALA A 567 17.80 12.28 -9.10
CA ALA A 567 16.70 11.35 -9.30
C ALA A 567 17.04 9.91 -8.91
N ASP A 568 18.19 9.70 -8.27
CA ASP A 568 18.63 8.37 -7.84
C ASP A 568 18.69 7.41 -9.04
N THR A 569 19.34 7.86 -10.10
CA THR A 569 19.49 7.08 -11.32
C THR A 569 20.96 7.02 -11.70
N THR A 570 21.36 5.90 -12.31
CA THR A 570 22.75 5.71 -12.71
C THR A 570 23.14 6.75 -13.75
N ASP A 571 24.06 7.64 -13.39
CA ASP A 571 24.53 8.68 -14.29
C ASP A 571 25.81 8.28 -15.01
N ALA A 572 26.77 7.71 -14.29
CA ALA A 572 28.05 7.30 -14.86
C ALA A 572 28.50 6.00 -14.22
N VAL A 573 29.29 5.24 -14.98
CA VAL A 573 29.84 3.97 -14.52
C VAL A 573 31.33 3.91 -14.90
N ARG A 574 32.00 2.89 -14.40
CA ARG A 574 33.42 2.67 -14.68
C ARG A 574 33.60 1.31 -15.34
N ASP A 575 34.27 1.30 -16.48
CA ASP A 575 34.57 0.05 -17.16
C ASP A 575 35.55 -0.75 -16.32
N PRO A 576 35.21 -1.97 -15.89
CA PRO A 576 36.10 -2.68 -14.95
C PRO A 576 37.45 -3.06 -15.53
N GLN A 577 37.49 -3.57 -16.76
CA GLN A 577 38.75 -4.06 -17.32
C GLN A 577 39.69 -2.89 -17.65
N THR A 578 39.19 -1.88 -18.34
CA THR A 578 39.97 -0.70 -18.68
C THR A 578 39.41 0.50 -17.93
N LEU A 579 40.27 1.15 -17.14
CA LEU A 579 39.85 2.27 -16.31
C LEU A 579 39.45 3.45 -17.18
N GLU A 580 38.14 3.68 -17.30
CA GLU A 580 37.62 4.78 -18.09
C GLU A 580 36.23 5.14 -17.57
N ILE A 581 36.01 6.42 -17.33
CA ILE A 581 34.76 6.91 -16.78
C ILE A 581 33.80 7.22 -17.92
N LEU A 582 32.71 6.47 -18.01
CA LEU A 582 31.71 6.66 -19.05
C LEU A 582 30.63 7.60 -18.54
N ASP A 583 29.53 7.71 -19.31
CA ASP A 583 28.41 8.57 -18.92
C ASP A 583 27.14 7.94 -19.49
N ILE A 584 26.35 7.32 -18.61
CA ILE A 584 25.12 6.67 -19.04
C ILE A 584 24.00 7.71 -19.07
N THR A 585 23.45 7.95 -20.26
CA THR A 585 22.33 8.87 -20.43
C THR A 585 21.25 8.14 -21.22
N PRO A 586 19.97 8.29 -20.86
CA PRO A 586 18.91 7.61 -21.59
C PRO A 586 18.85 8.09 -23.04
N CYS A 587 18.32 7.23 -23.90
CA CYS A 587 18.22 7.56 -25.32
C CYS A 587 17.11 8.58 -25.54
N SER A 588 16.88 8.93 -26.81
CA SER A 588 15.91 9.96 -27.14
C SER A 588 14.49 9.45 -26.91
N PHE A 589 13.66 10.31 -26.32
CA PHE A 589 12.26 10.00 -26.09
C PHE A 589 11.47 11.29 -25.99
N GLY A 590 10.14 11.16 -26.08
CA GLY A 590 9.27 12.31 -25.99
C GLY A 590 7.83 11.92 -26.26
N GLY A 591 7.00 12.93 -26.43
CA GLY A 591 5.59 12.70 -26.72
C GLY A 591 5.21 13.11 -28.14
N VAL A 592 4.32 12.36 -28.77
CA VAL A 592 3.88 12.66 -30.13
C VAL A 592 2.53 13.37 -30.06
N SER A 593 2.46 14.55 -30.67
CA SER A 593 1.23 15.33 -30.73
C SER A 593 0.77 15.38 -32.18
N VAL A 594 -0.50 15.01 -32.41
CA VAL A 594 -1.06 14.96 -33.76
C VAL A 594 -1.99 16.15 -33.93
N ILE A 595 -1.62 17.05 -34.84
CA ILE A 595 -2.42 18.22 -35.17
C ILE A 595 -3.24 17.87 -36.40
N THR A 596 -4.57 17.94 -36.27
CA THR A 596 -5.50 17.61 -37.33
C THR A 596 -6.47 18.77 -37.54
N PRO A 597 -6.70 19.20 -38.78
CA PRO A 597 -7.70 20.24 -39.04
C PRO A 597 -9.14 19.77 -38.91
N GLY A 598 -9.37 18.53 -38.52
CA GLY A 598 -10.71 18.00 -38.43
C GLY A 598 -11.01 16.98 -39.52
N THR A 599 -11.60 15.84 -39.14
CA THR A 599 -11.91 14.82 -40.13
C THR A 599 -12.99 15.27 -41.10
N ASN A 600 -13.80 16.27 -40.72
CA ASN A 600 -14.83 16.79 -41.60
C ASN A 600 -14.28 17.66 -42.72
N THR A 601 -13.05 18.15 -42.59
CA THR A 601 -12.43 19.01 -43.59
C THR A 601 -11.41 18.28 -44.45
N SER A 602 -10.49 17.55 -43.84
CA SER A 602 -9.46 16.82 -44.57
C SER A 602 -8.97 15.67 -43.70
N ASN A 603 -7.93 14.98 -44.16
CA ASN A 603 -7.35 13.87 -43.43
C ASN A 603 -5.84 14.04 -43.21
N GLN A 604 -5.27 15.16 -43.62
CA GLN A 604 -3.85 15.41 -43.40
C GLN A 604 -3.59 15.68 -41.92
N VAL A 605 -2.42 15.25 -41.45
CA VAL A 605 -2.04 15.38 -40.05
C VAL A 605 -0.63 15.96 -39.98
N ALA A 606 -0.30 16.51 -38.82
CA ALA A 606 1.04 17.02 -38.53
C ALA A 606 1.53 16.40 -37.23
N VAL A 607 2.76 15.89 -37.22
CA VAL A 607 3.33 15.23 -36.06
C VAL A 607 4.33 16.15 -35.39
N LEU A 608 4.20 16.33 -34.08
CA LEU A 608 5.12 17.13 -33.29
C LEU A 608 5.73 16.23 -32.23
N TYR A 609 7.04 16.02 -32.30
CA TYR A 609 7.76 15.21 -31.33
C TYR A 609 8.34 16.15 -30.27
N GLN A 610 7.77 16.13 -29.06
CA GLN A 610 8.19 17.03 -28.01
C GLN A 610 9.55 16.63 -27.46
N GLY A 611 10.55 17.49 -27.62
CA GLY A 611 11.85 17.24 -27.05
C GLY A 611 12.85 16.57 -27.97
N VAL A 612 12.88 16.95 -29.24
CA VAL A 612 13.83 16.41 -30.21
C VAL A 612 14.45 17.58 -30.98
N ASN A 613 15.38 17.24 -31.88
CA ASN A 613 16.11 18.24 -32.65
C ASN A 613 16.08 17.94 -34.14
N CYS A 614 15.07 17.24 -34.63
CA CYS A 614 14.93 16.87 -36.04
C CYS A 614 16.14 16.08 -36.53
N THR A 615 16.77 15.36 -35.61
CA THR A 615 17.98 14.58 -35.91
C THR A 615 17.90 13.16 -35.42
N GLU A 616 16.85 12.78 -34.68
CA GLU A 616 16.73 11.42 -34.18
C GLU A 616 15.31 10.87 -34.31
N VAL A 617 14.47 11.47 -35.14
CA VAL A 617 13.10 10.99 -35.33
C VAL A 617 13.09 9.82 -36.32
N ASN A 638 7.82 18.67 -45.29
CA ASN A 638 9.07 19.22 -44.78
C ASN A 638 9.07 19.27 -43.27
N VAL A 639 10.26 19.32 -42.68
CA VAL A 639 10.42 19.34 -41.23
C VAL A 639 10.70 20.77 -40.78
N PHE A 640 10.36 21.06 -39.53
CA PHE A 640 10.60 22.39 -38.96
C PHE A 640 11.01 22.24 -37.51
N GLN A 641 12.17 22.78 -37.15
CA GLN A 641 12.66 22.71 -35.78
C GLN A 641 12.19 23.95 -35.01
N THR A 642 11.40 23.73 -33.97
CA THR A 642 10.92 24.79 -33.10
C THR A 642 11.39 24.54 -31.67
N ARG A 643 11.04 25.45 -30.78
CA ARG A 643 11.39 25.33 -29.37
C ARG A 643 10.58 24.26 -28.64
N ALA A 644 9.52 23.76 -29.26
CA ALA A 644 8.70 22.70 -28.67
C ALA A 644 9.04 21.32 -29.20
N GLY A 645 9.78 21.23 -30.31
CA GLY A 645 10.17 19.94 -30.86
C GLY A 645 10.43 19.99 -32.35
N CYS A 646 9.94 18.99 -33.07
CA CYS A 646 10.12 18.93 -34.52
C CYS A 646 8.77 18.69 -35.17
N LEU A 647 8.28 19.66 -35.93
CA LEU A 647 7.00 19.56 -36.60
C LEU A 647 7.20 19.03 -38.01
N ILE A 648 6.52 17.94 -38.33
CA ILE A 648 6.62 17.29 -39.64
C ILE A 648 5.20 17.23 -40.20
N GLY A 649 5.02 17.79 -41.39
CA GLY A 649 3.72 17.78 -42.03
C GLY A 649 3.21 19.17 -42.36
N ALA A 650 3.91 20.20 -41.85
CA ALA A 650 3.54 21.58 -42.09
C ALA A 650 4.74 22.35 -42.61
N GLU A 651 4.47 23.42 -43.36
CA GLU A 651 5.51 24.28 -43.92
C GLU A 651 5.49 25.61 -43.17
N TYR A 652 6.67 26.17 -42.93
CA TYR A 652 6.80 27.42 -42.20
C TYR A 652 6.75 28.57 -43.20
N VAL A 653 5.68 29.35 -43.14
CA VAL A 653 5.51 30.52 -44.00
C VAL A 653 6.03 31.75 -43.27
N ASN A 654 6.47 32.76 -44.03
CA ASN A 654 6.98 33.98 -43.44
C ASN A 654 5.87 34.93 -43.01
N ASN A 655 4.64 34.70 -43.44
CA ASN A 655 3.53 35.54 -43.03
C ASN A 655 3.14 35.26 -41.58
N SER A 656 2.19 36.05 -41.07
CA SER A 656 1.73 35.93 -39.70
C SER A 656 0.22 36.15 -39.68
N TYR A 657 -0.52 35.15 -39.21
CA TYR A 657 -1.97 35.20 -39.12
C TYR A 657 -2.40 35.00 -37.67
N GLU A 658 -3.71 34.92 -37.47
CA GLU A 658 -4.26 34.65 -36.14
C GLU A 658 -4.03 33.20 -35.77
N CYS A 659 -3.68 32.95 -34.52
CA CYS A 659 -3.40 31.59 -34.07
C CYS A 659 -4.68 30.76 -34.02
N ASP A 660 -4.70 29.69 -34.83
CA ASP A 660 -5.83 28.77 -34.89
C ASP A 660 -5.58 27.53 -34.05
N ILE A 661 -4.49 26.82 -34.32
CA ILE A 661 -4.10 25.64 -33.56
C ILE A 661 -2.79 25.95 -32.84
N PRO A 662 -2.79 26.16 -31.53
CA PRO A 662 -1.54 26.53 -30.84
C PRO A 662 -0.56 25.36 -30.81
N ILE A 663 0.60 25.56 -31.41
CA ILE A 663 1.66 24.57 -31.42
C ILE A 663 2.62 24.79 -30.25
N GLY A 664 3.03 26.02 -30.02
CA GLY A 664 3.91 26.36 -28.91
C GLY A 664 5.01 27.31 -29.31
N ALA A 665 5.58 28.00 -28.31
CA ALA A 665 6.68 28.94 -28.50
C ALA A 665 6.34 30.03 -29.51
N GLY A 666 5.09 30.50 -29.48
CA GLY A 666 4.63 31.51 -30.41
C GLY A 666 4.30 31.01 -31.79
N ILE A 667 4.48 29.72 -32.07
CA ILE A 667 4.19 29.13 -33.37
C ILE A 667 2.84 28.45 -33.29
N CYS A 668 2.01 28.66 -34.32
CA CYS A 668 0.72 28.02 -34.45
C CYS A 668 0.59 27.43 -35.85
N ALA A 669 -0.47 26.68 -36.08
CA ALA A 669 -0.70 26.01 -37.35
C ALA A 669 -2.14 26.20 -37.80
N SER A 670 -2.36 26.11 -39.10
CA SER A 670 -3.69 26.27 -39.67
C SER A 670 -3.73 25.60 -41.03
N TYR A 671 -4.93 25.16 -41.41
CA TYR A 671 -5.17 24.51 -42.69
C TYR A 671 -5.63 25.55 -43.69
N GLN A 672 -4.72 26.03 -44.53
CA GLN A 672 -5.01 27.07 -45.50
C GLN A 672 -4.75 26.55 -46.91
N THR A 673 -5.07 27.39 -47.89
CA THR A 673 -4.87 27.04 -49.29
C THR A 673 -3.53 27.55 -49.80
N SER A 686 -4.84 23.78 -53.82
CA SER A 686 -3.86 23.07 -53.01
C SER A 686 -3.91 23.54 -51.56
N GLN A 687 -4.64 22.79 -50.74
CA GLN A 687 -4.80 23.11 -49.32
C GLN A 687 -3.87 22.21 -48.50
N SER A 688 -3.11 22.81 -47.60
CA SER A 688 -2.17 22.07 -46.78
C SER A 688 -1.98 22.80 -45.45
N ILE A 689 -1.53 22.04 -44.44
CA ILE A 689 -1.29 22.61 -43.13
C ILE A 689 -0.02 23.44 -43.17
N ILE A 690 -0.08 24.66 -42.64
CA ILE A 690 1.07 25.54 -42.59
C ILE A 690 1.39 25.84 -41.12
N ALA A 691 2.57 26.40 -40.90
CA ALA A 691 3.02 26.82 -39.58
C ALA A 691 3.51 28.25 -39.64
N TYR A 692 3.15 29.06 -38.65
CA TYR A 692 3.47 30.48 -38.68
C TYR A 692 3.53 31.04 -37.28
N THR A 693 4.31 32.10 -37.11
CA THR A 693 4.33 32.83 -35.86
C THR A 693 3.03 33.60 -35.69
N MET A 694 2.37 33.40 -34.55
CA MET A 694 1.08 34.03 -34.32
C MET A 694 1.23 35.55 -34.22
N SER A 695 0.26 36.27 -34.76
CA SER A 695 0.26 37.72 -34.73
C SER A 695 -0.43 38.22 -33.47
N LEU A 696 0.08 39.31 -32.90
CA LEU A 696 -0.48 39.91 -31.71
C LEU A 696 -1.47 41.03 -32.01
N GLY A 697 -1.91 41.15 -33.26
CA GLY A 697 -2.83 42.18 -33.67
C GLY A 697 -2.25 43.02 -34.79
N ALA A 698 -2.97 44.10 -35.12
CA ALA A 698 -2.54 45.01 -36.15
C ALA A 698 -1.52 45.99 -35.58
N GLU A 699 -1.13 46.99 -36.38
CA GLU A 699 -0.17 48.00 -35.96
C GLU A 699 -0.84 49.37 -36.06
N ASN A 700 -0.89 50.08 -34.95
CA ASN A 700 -1.48 51.41 -34.89
C ASN A 700 -0.47 52.37 -34.27
N SER A 701 -0.28 53.52 -34.92
CA SER A 701 0.64 54.55 -34.47
C SER A 701 -0.16 55.81 -34.19
N VAL A 702 -0.62 55.95 -32.94
CA VAL A 702 -1.40 57.10 -32.54
C VAL A 702 -0.48 58.32 -32.49
N ALA A 703 -0.74 59.29 -33.36
CA ALA A 703 0.08 60.50 -33.39
C ALA A 703 -0.14 61.31 -32.11
N TYR A 704 0.93 61.43 -31.32
CA TYR A 704 0.87 62.15 -30.05
C TYR A 704 1.54 63.50 -30.22
N SER A 705 0.79 64.57 -29.96
CA SER A 705 1.32 65.92 -29.96
C SER A 705 0.67 66.71 -28.83
N ASN A 706 1.34 67.80 -28.53
CA ASN A 706 1.02 68.66 -27.45
C ASN A 706 -0.19 69.54 -27.73
N ASN A 707 -0.72 69.48 -28.94
CA ASN A 707 -1.73 70.42 -29.43
C ASN A 707 -2.93 69.76 -30.08
N SER A 708 -2.85 68.50 -30.50
CA SER A 708 -3.93 67.83 -31.21
C SER A 708 -4.71 66.92 -30.29
N ILE A 709 -6.01 66.82 -30.54
CA ILE A 709 -6.91 65.94 -29.78
C ILE A 709 -7.91 65.32 -30.74
N ALA A 710 -8.27 64.07 -30.47
CA ALA A 710 -9.25 63.35 -31.27
C ALA A 710 -10.58 63.34 -30.53
N ILE A 711 -11.60 63.94 -31.14
CA ILE A 711 -12.94 64.04 -30.57
C ILE A 711 -13.86 63.18 -31.43
N PRO A 712 -14.64 62.28 -30.85
CA PRO A 712 -15.56 61.48 -31.66
C PRO A 712 -16.77 62.29 -32.10
N THR A 713 -17.20 62.07 -33.34
CA THR A 713 -18.33 62.78 -33.90
C THR A 713 -19.56 61.89 -34.10
N ASN A 714 -19.55 60.61 -33.79
CA ASN A 714 -20.78 59.84 -33.86
C ASN A 714 -20.59 58.72 -32.89
N PHE A 715 -21.49 57.74 -32.91
CA PHE A 715 -21.50 56.68 -31.91
C PHE A 715 -22.22 55.47 -32.46
N THR A 716 -22.02 54.34 -31.78
CA THR A 716 -22.64 53.07 -32.15
C THR A 716 -23.13 52.38 -30.89
N ILE A 717 -24.28 51.72 -31.01
CA ILE A 717 -24.85 50.95 -29.92
C ILE A 717 -24.58 49.47 -30.19
N SER A 718 -23.64 48.89 -29.45
CA SER A 718 -23.18 47.53 -29.69
C SER A 718 -23.73 46.60 -28.61
N VAL A 719 -24.35 45.51 -29.03
CA VAL A 719 -24.86 44.50 -28.10
C VAL A 719 -23.92 43.30 -28.17
N THR A 720 -23.15 43.10 -27.11
CA THR A 720 -22.25 41.97 -27.00
C THR A 720 -22.88 40.89 -26.12
N THR A 721 -22.34 39.68 -26.18
CA THR A 721 -22.88 38.57 -25.41
C THR A 721 -21.79 37.97 -24.54
N GLU A 722 -22.19 37.51 -23.35
CA GLU A 722 -21.27 36.86 -22.43
C GLU A 722 -21.96 35.67 -21.79
N ILE A 723 -21.31 34.52 -21.82
CA ILE A 723 -21.87 33.27 -21.30
C ILE A 723 -21.15 32.95 -19.99
N LEU A 724 -21.90 32.59 -18.97
CA LEU A 724 -21.34 32.28 -17.65
C LEU A 724 -22.02 31.04 -17.08
N PRO A 725 -21.29 29.98 -16.78
CA PRO A 725 -21.91 28.82 -16.13
C PRO A 725 -22.38 29.14 -14.72
N VAL A 726 -23.46 28.50 -14.31
CA VAL A 726 -24.07 28.73 -13.01
C VAL A 726 -24.08 27.47 -12.16
N SER A 727 -24.70 26.40 -12.68
CA SER A 727 -24.84 25.15 -11.95
C SER A 727 -24.31 23.98 -12.77
N MET A 728 -24.29 22.81 -12.15
CA MET A 728 -23.83 21.58 -12.77
C MET A 728 -24.97 20.55 -12.76
N THR A 729 -24.63 19.32 -13.13
CA THR A 729 -25.56 18.19 -13.09
C THR A 729 -25.37 17.48 -11.75
N LYS A 730 -26.37 17.60 -10.87
CA LYS A 730 -26.29 16.97 -9.56
C LYS A 730 -26.35 15.46 -9.70
N THR A 731 -25.27 14.78 -9.30
CA THR A 731 -25.16 13.33 -9.40
C THR A 731 -25.04 12.72 -8.01
N SER A 732 -25.66 11.55 -7.83
CA SER A 732 -25.61 10.82 -6.58
C SER A 732 -25.30 9.37 -6.86
N VAL A 733 -24.28 8.83 -6.19
CA VAL A 733 -23.87 7.44 -6.38
C VAL A 733 -24.45 6.60 -5.24
N ASP A 734 -24.42 5.29 -5.43
CA ASP A 734 -24.93 4.34 -4.45
C ASP A 734 -23.77 3.76 -3.66
N CYS A 735 -24.04 3.42 -2.39
CA CYS A 735 -22.99 2.89 -1.53
C CYS A 735 -22.56 1.49 -1.96
N THR A 736 -23.53 0.58 -2.13
CA THR A 736 -23.19 -0.82 -2.34
C THR A 736 -23.28 -1.20 -3.82
N MET A 737 -24.29 -0.69 -4.52
CA MET A 737 -24.57 -1.16 -5.88
C MET A 737 -23.41 -0.86 -6.84
N TYR A 738 -22.74 0.28 -6.68
CA TYR A 738 -21.62 0.57 -7.55
C TYR A 738 -20.42 -0.32 -7.26
N ILE A 739 -20.08 -0.47 -5.97
CA ILE A 739 -18.94 -1.30 -5.60
C ILE A 739 -19.22 -2.77 -5.92
N CYS A 740 -20.38 -3.28 -5.51
CA CYS A 740 -20.80 -4.64 -5.85
C CYS A 740 -22.32 -4.71 -5.73
N GLY A 741 -22.99 -4.67 -6.88
CA GLY A 741 -24.43 -4.79 -6.92
C GLY A 741 -24.84 -6.21 -7.27
N ASP A 742 -26.05 -6.58 -6.87
CA ASP A 742 -26.60 -7.92 -7.11
C ASP A 742 -25.69 -9.00 -6.53
N SER A 743 -25.23 -8.76 -5.30
CA SER A 743 -24.33 -9.69 -4.63
C SER A 743 -24.48 -9.49 -3.13
N THR A 744 -25.07 -10.47 -2.44
CA THR A 744 -25.29 -10.37 -1.01
C THR A 744 -24.03 -10.70 -0.19
N GLU A 745 -23.09 -11.45 -0.77
CA GLU A 745 -21.88 -11.80 -0.04
C GLU A 745 -20.96 -10.59 0.11
N CYS A 746 -20.83 -9.79 -0.95
CA CYS A 746 -19.98 -8.60 -0.91
C CYS A 746 -20.63 -7.46 -0.12
N SER A 747 -21.95 -7.44 -0.01
CA SER A 747 -22.60 -6.41 0.79
C SER A 747 -22.24 -6.55 2.27
N ASN A 748 -21.98 -7.77 2.73
CA ASN A 748 -21.56 -7.96 4.12
C ASN A 748 -20.09 -7.65 4.32
N LEU A 749 -19.25 -7.89 3.30
CA LEU A 749 -17.83 -7.60 3.41
C LEU A 749 -17.53 -6.12 3.25
N LEU A 750 -18.38 -5.37 2.54
CA LEU A 750 -18.15 -3.94 2.37
C LEU A 750 -18.32 -3.17 3.67
N LEU A 751 -19.07 -3.71 4.63
CA LEU A 751 -19.30 -3.02 5.90
C LEU A 751 -18.04 -2.90 6.73
N GLN A 752 -17.02 -3.72 6.46
CA GLN A 752 -15.78 -3.71 7.21
C GLN A 752 -14.70 -2.84 6.57
N TYR A 753 -15.10 -1.80 5.82
CA TYR A 753 -14.16 -0.91 5.17
C TYR A 753 -14.40 0.54 5.58
N GLY A 754 -14.93 0.76 6.78
CA GLY A 754 -15.19 2.10 7.25
C GLY A 754 -16.37 2.75 6.57
N SER A 755 -16.72 3.96 6.99
CA SER A 755 -17.86 4.68 6.40
C SER A 755 -17.35 5.64 5.33
N PHE A 756 -16.76 5.05 4.28
CA PHE A 756 -16.31 5.85 3.15
C PHE A 756 -17.46 6.31 2.28
N CYS A 757 -18.37 5.40 1.93
CA CYS A 757 -19.51 5.76 1.10
C CYS A 757 -20.43 6.76 1.77
N THR A 758 -20.50 6.75 3.11
CA THR A 758 -21.27 7.77 3.82
C THR A 758 -20.66 9.14 3.61
N GLN A 759 -19.33 9.26 3.72
CA GLN A 759 -18.65 10.52 3.45
C GLN A 759 -18.83 10.96 2.00
N LEU A 760 -18.79 10.01 1.07
CA LEU A 760 -18.98 10.34 -0.34
C LEU A 760 -20.40 10.85 -0.59
N LYS A 761 -21.40 10.21 0.02
CA LYS A 761 -22.78 10.68 -0.12
C LYS A 761 -22.97 12.05 0.51
N ARG A 762 -22.32 12.29 1.65
CA ARG A 762 -22.38 13.62 2.27
C ARG A 762 -21.76 14.68 1.37
N ALA A 763 -20.62 14.36 0.75
CA ALA A 763 -19.97 15.30 -0.15
C ALA A 763 -20.84 15.58 -1.37
N LEU A 764 -21.47 14.54 -1.92
CA LEU A 764 -22.35 14.74 -3.07
C LEU A 764 -23.58 15.57 -2.71
N THR A 765 -24.15 15.34 -1.52
CA THR A 765 -25.28 16.15 -1.08
C THR A 765 -24.87 17.61 -0.88
N GLY A 766 -23.69 17.83 -0.32
CA GLY A 766 -23.17 19.18 -0.19
C GLY A 766 -22.96 19.85 -1.54
N ILE A 767 -22.43 19.11 -2.52
CA ILE A 767 -22.26 19.65 -3.86
C ILE A 767 -23.61 20.01 -4.47
N ALA A 768 -24.62 19.15 -4.27
CA ALA A 768 -25.95 19.43 -4.80
C ALA A 768 -26.55 20.68 -4.18
N VAL A 769 -26.45 20.81 -2.86
CA VAL A 769 -26.97 22.00 -2.19
C VAL A 769 -26.21 23.24 -2.65
N GLU A 770 -24.90 23.12 -2.88
CA GLU A 770 -24.11 24.26 -3.34
C GLU A 770 -24.53 24.67 -4.76
N GLN A 771 -24.78 23.69 -5.63
CA GLN A 771 -25.21 24.02 -6.99
C GLN A 771 -26.62 24.61 -7.00
N ASP A 772 -27.47 24.20 -6.06
CA ASP A 772 -28.78 24.84 -5.94
C ASP A 772 -28.67 26.28 -5.43
N LYS A 773 -27.78 26.52 -4.45
CA LYS A 773 -27.57 27.88 -3.97
C LYS A 773 -26.97 28.76 -5.05
N ASN A 774 -26.12 28.18 -5.91
CA ASN A 774 -25.55 28.95 -7.01
C ASN A 774 -26.63 29.44 -7.96
N THR A 775 -27.64 28.61 -8.24
CA THR A 775 -28.74 29.05 -9.08
C THR A 775 -29.67 30.01 -8.36
N GLN A 776 -29.88 29.82 -7.05
CA GLN A 776 -30.74 30.72 -6.29
C GLN A 776 -30.15 32.10 -6.07
N GLU A 777 -28.82 32.23 -6.03
CA GLU A 777 -28.20 33.51 -5.77
C GLU A 777 -27.95 34.33 -7.01
N VAL A 778 -28.24 33.80 -8.20
CA VAL A 778 -28.02 34.51 -9.45
C VAL A 778 -29.32 35.08 -10.01
N PHE A 779 -30.33 34.22 -10.20
CA PHE A 779 -31.58 34.65 -10.81
C PHE A 779 -32.58 35.18 -9.79
N ALA A 780 -32.61 34.60 -8.59
CA ALA A 780 -33.56 35.01 -7.55
C ALA A 780 -32.97 36.14 -6.70
N GLN A 781 -32.83 37.30 -7.33
CA GLN A 781 -32.33 38.49 -6.66
C GLN A 781 -33.41 39.51 -6.35
N VAL A 782 -34.62 39.33 -6.88
CA VAL A 782 -35.75 40.22 -6.60
C VAL A 782 -36.82 39.44 -5.87
N LYS A 783 -37.67 40.16 -5.15
CA LYS A 783 -38.74 39.56 -4.36
C LYS A 783 -40.12 39.83 -4.93
N GLN A 784 -40.20 40.47 -6.10
CA GLN A 784 -41.48 40.76 -6.75
C GLN A 784 -41.35 40.48 -8.23
N ILE A 785 -42.18 39.57 -8.74
CA ILE A 785 -42.17 39.22 -10.15
C ILE A 785 -42.88 40.33 -10.92
N TYR A 786 -42.14 41.06 -11.75
CA TYR A 786 -42.71 42.14 -12.54
C TYR A 786 -43.27 41.60 -13.86
N LYS A 787 -44.15 42.39 -14.47
CA LYS A 787 -44.82 42.00 -15.71
C LYS A 787 -44.72 43.14 -16.71
N THR A 788 -44.60 42.76 -17.99
CA THR A 788 -44.55 43.73 -19.05
C THR A 788 -45.95 44.25 -19.35
N PRO A 789 -46.13 45.56 -19.46
CA PRO A 789 -47.45 46.12 -19.75
C PRO A 789 -47.93 45.68 -21.13
N PRO A 790 -49.23 45.74 -21.39
CA PRO A 790 -49.73 45.33 -22.72
C PRO A 790 -49.13 46.14 -23.86
N ILE A 791 -49.16 47.47 -23.77
CA ILE A 791 -48.54 48.30 -24.78
C ILE A 791 -47.03 48.15 -24.71
N LYS A 792 -46.43 47.75 -25.83
CA LYS A 792 -45.00 47.46 -25.91
C LYS A 792 -44.27 48.53 -26.73
N TYR A 793 -44.69 49.79 -26.60
CA TYR A 793 -44.03 50.91 -27.27
C TYR A 793 -43.17 51.62 -26.22
N PHE A 794 -41.88 51.31 -26.24
CA PHE A 794 -40.92 51.87 -25.28
C PHE A 794 -40.07 52.98 -25.88
N GLY A 795 -40.64 53.77 -26.80
CA GLY A 795 -39.94 54.87 -27.42
C GLY A 795 -39.39 54.57 -28.80
N GLY A 796 -39.32 53.30 -29.18
CA GLY A 796 -38.79 52.92 -30.47
C GLY A 796 -37.90 51.70 -30.41
N PHE A 797 -37.58 51.26 -29.20
CA PHE A 797 -36.75 50.08 -28.99
C PHE A 797 -37.62 48.83 -28.99
N ASN A 798 -37.20 47.85 -29.77
CA ASN A 798 -37.95 46.62 -29.92
C ASN A 798 -37.30 45.57 -29.06
N PHE A 799 -38.03 45.15 -28.03
CA PHE A 799 -37.56 44.10 -27.14
C PHE A 799 -38.26 42.77 -27.39
N SER A 800 -38.83 42.57 -28.59
CA SER A 800 -39.55 41.34 -28.87
C SER A 800 -38.63 40.13 -28.89
N GLN A 801 -37.34 40.33 -29.14
CA GLN A 801 -36.39 39.23 -29.19
C GLN A 801 -35.94 38.78 -27.80
N ILE A 802 -36.13 39.60 -26.77
CA ILE A 802 -35.73 39.23 -25.42
C ILE A 802 -36.92 39.03 -24.49
N LEU A 803 -38.09 39.60 -24.78
CA LEU A 803 -39.24 39.37 -23.93
C LEU A 803 -39.83 37.98 -24.19
N PRO A 804 -40.45 37.37 -23.18
CA PRO A 804 -41.01 36.03 -23.37
C PRO A 804 -42.18 36.05 -24.35
N ASP A 805 -42.27 34.98 -25.14
CA ASP A 805 -43.34 34.85 -26.13
C ASP A 805 -44.48 34.06 -25.54
N PRO A 806 -45.66 34.66 -25.37
CA PRO A 806 -46.79 33.91 -24.78
C PRO A 806 -47.36 32.86 -25.71
N SER A 807 -47.13 32.98 -27.02
CA SER A 807 -47.67 32.01 -27.97
C SER A 807 -46.99 30.65 -27.82
N LYS A 808 -45.68 30.65 -27.55
CA LYS A 808 -44.97 29.40 -27.38
C LYS A 808 -45.31 28.79 -26.02
N PRO A 809 -45.38 27.46 -25.93
CA PRO A 809 -45.71 26.83 -24.64
C PRO A 809 -44.58 26.90 -23.62
N SER A 810 -43.36 27.20 -24.06
CA SER A 810 -42.23 27.30 -23.14
C SER A 810 -42.14 28.65 -22.44
N LYS A 811 -42.85 29.66 -22.94
CA LYS A 811 -42.86 31.00 -22.34
C LYS A 811 -41.45 31.57 -22.26
N ARG A 812 -40.65 31.33 -23.29
CA ARG A 812 -39.29 31.82 -23.37
C ARG A 812 -39.12 32.74 -24.58
N SER A 813 -38.09 33.57 -24.52
CA SER A 813 -37.79 34.48 -25.61
C SER A 813 -37.19 33.74 -26.80
N PRO A 814 -37.26 34.32 -27.99
CA PRO A 814 -36.62 33.67 -29.16
C PRO A 814 -35.14 33.40 -28.96
N ILE A 815 -34.44 34.23 -28.20
CA ILE A 815 -33.02 33.99 -27.94
C ILE A 815 -32.84 32.78 -27.01
N GLU A 816 -33.69 32.67 -25.98
CA GLU A 816 -33.60 31.53 -25.08
C GLU A 816 -33.93 30.22 -25.80
N ASP A 817 -34.78 30.28 -26.83
CA ASP A 817 -35.06 29.08 -27.61
C ASP A 817 -33.79 28.55 -28.28
N LEU A 818 -33.02 29.44 -28.92
CA LEU A 818 -31.77 29.01 -29.53
C LEU A 818 -30.73 28.63 -28.48
N LEU A 819 -30.74 29.30 -27.33
CA LEU A 819 -29.82 28.94 -26.26
C LEU A 819 -30.09 27.56 -25.70
N PHE A 820 -31.36 27.15 -25.62
CA PHE A 820 -31.71 25.81 -25.14
C PHE A 820 -31.69 24.74 -26.22
N ASN A 821 -31.76 25.13 -27.50
CA ASN A 821 -31.73 24.17 -28.59
C ASN A 821 -30.34 23.90 -29.12
N LYS A 822 -29.32 24.62 -28.64
CA LYS A 822 -27.94 24.42 -29.07
C LYS A 822 -27.06 23.82 -28.00
N VAL A 823 -27.57 23.62 -26.79
CA VAL A 823 -26.81 23.02 -25.70
C VAL A 823 -27.45 21.67 -25.39
N THR A 824 -26.84 20.60 -25.89
CA THR A 824 -27.36 19.26 -25.68
C THR A 824 -26.62 18.55 -24.55
N ASP A 845 -28.30 3.82 -24.66
CA ASP A 845 -28.15 5.18 -24.15
C ASP A 845 -27.24 5.20 -22.92
N LEU A 846 -26.85 6.41 -22.49
CA LEU A 846 -25.93 6.57 -21.38
C LEU A 846 -26.61 7.13 -20.13
N ILE A 847 -27.93 7.30 -20.17
CA ILE A 847 -28.66 7.78 -18.99
C ILE A 847 -29.39 6.60 -18.35
N CYS A 848 -29.30 5.44 -18.97
CA CYS A 848 -29.86 4.21 -18.41
C CYS A 848 -28.83 3.12 -18.20
N ALA A 849 -27.70 3.14 -18.90
CA ALA A 849 -26.62 2.19 -18.66
C ALA A 849 -25.77 2.56 -17.46
N GLN A 850 -25.95 3.76 -16.92
CA GLN A 850 -25.25 4.21 -15.72
C GLN A 850 -26.14 4.18 -14.48
N LYS A 851 -27.46 4.22 -14.64
CA LYS A 851 -28.36 4.19 -13.48
C LYS A 851 -28.31 2.84 -12.78
N PHE A 852 -28.10 1.76 -13.53
CA PHE A 852 -28.13 0.41 -12.99
C PHE A 852 -26.89 0.09 -12.15
N LYS A 853 -25.98 1.07 -12.01
CA LYS A 853 -24.77 0.88 -11.23
C LYS A 853 -24.54 2.03 -10.27
N GLY A 854 -25.61 2.66 -9.79
CA GLY A 854 -25.55 3.66 -8.75
C GLY A 854 -25.61 5.09 -9.23
N LEU A 855 -25.09 5.37 -10.42
CA LEU A 855 -25.04 6.74 -10.93
C LEU A 855 -26.45 7.25 -11.19
N THR A 856 -26.89 8.20 -10.37
CA THR A 856 -28.23 8.75 -10.45
C THR A 856 -28.14 10.27 -10.53
N VAL A 857 -28.89 10.86 -11.46
CA VAL A 857 -28.90 12.31 -11.65
C VAL A 857 -30.10 12.87 -10.89
N LEU A 858 -29.83 13.81 -9.98
CA LEU A 858 -30.90 14.44 -9.23
C LEU A 858 -31.45 15.64 -9.99
N PRO A 859 -32.77 15.84 -10.04
CA PRO A 859 -33.30 16.98 -10.78
C PRO A 859 -33.08 18.26 -10.01
N PRO A 860 -32.84 19.37 -10.70
CA PRO A 860 -32.64 20.65 -10.02
C PRO A 860 -33.92 21.11 -9.34
N LEU A 861 -33.74 22.00 -8.36
CA LEU A 861 -34.89 22.54 -7.63
C LEU A 861 -35.68 23.51 -8.50
N LEU A 862 -35.04 24.58 -8.94
CA LEU A 862 -35.69 25.57 -9.80
C LEU A 862 -35.69 25.03 -11.23
N THR A 863 -36.88 24.79 -11.77
CA THR A 863 -36.99 24.30 -13.13
C THR A 863 -36.68 25.41 -14.12
N ASP A 864 -36.67 25.05 -15.41
CA ASP A 864 -36.41 26.03 -16.45
C ASP A 864 -37.49 27.10 -16.52
N GLU A 865 -38.74 26.73 -16.21
CA GLU A 865 -39.82 27.70 -16.25
C GLU A 865 -39.65 28.78 -15.18
N MET A 866 -39.20 28.38 -13.98
CA MET A 866 -38.99 29.36 -12.91
C MET A 866 -37.83 30.29 -13.23
N ILE A 867 -36.75 29.77 -13.81
CA ILE A 867 -35.65 30.63 -14.22
C ILE A 867 -36.08 31.57 -15.33
N ALA A 868 -36.92 31.08 -16.25
CA ALA A 868 -37.43 31.95 -17.31
C ALA A 868 -38.31 33.06 -16.73
N GLN A 869 -39.14 32.73 -15.75
CA GLN A 869 -39.96 33.76 -15.11
C GLN A 869 -39.10 34.76 -14.35
N TYR A 870 -38.03 34.29 -13.69
CA TYR A 870 -37.12 35.21 -13.02
C TYR A 870 -36.46 36.16 -14.02
N THR A 871 -35.99 35.63 -15.14
CA THR A 871 -35.39 36.48 -16.17
C THR A 871 -36.40 37.46 -16.75
N SER A 872 -37.65 37.02 -16.95
CA SER A 872 -38.67 37.93 -17.45
C SER A 872 -38.98 39.03 -16.46
N ALA A 873 -39.03 38.71 -15.16
CA ALA A 873 -39.24 39.74 -14.15
C ALA A 873 -38.08 40.73 -14.11
N LEU A 874 -36.85 40.23 -14.23
CA LEU A 874 -35.70 41.11 -14.27
C LEU A 874 -35.73 42.02 -15.49
N LEU A 875 -36.09 41.49 -16.65
CA LEU A 875 -36.20 42.31 -17.86
C LEU A 875 -37.30 43.36 -17.72
N ALA A 876 -38.45 42.98 -17.16
CA ALA A 876 -39.52 43.94 -16.96
C ALA A 876 -39.12 45.05 -16.00
N GLY A 877 -38.44 44.70 -14.89
CA GLY A 877 -37.97 45.71 -13.97
C GLY A 877 -36.89 46.60 -14.54
N THR A 878 -36.06 46.06 -15.44
CA THR A 878 -35.02 46.88 -16.07
C THR A 878 -35.61 47.82 -17.11
N ILE A 879 -36.62 47.37 -17.85
CA ILE A 879 -37.20 48.20 -18.90
C ILE A 879 -38.12 49.26 -18.30
N THR A 880 -39.00 48.87 -17.39
CA THR A 880 -39.99 49.80 -16.86
C THR A 880 -39.40 50.74 -15.82
N SER A 881 -38.58 50.21 -14.90
CA SER A 881 -38.05 51.00 -13.80
C SER A 881 -36.59 51.37 -13.97
N GLY A 882 -35.76 50.47 -14.48
CA GLY A 882 -34.35 50.76 -14.66
C GLY A 882 -33.48 50.15 -13.59
N TRP A 883 -32.94 50.99 -12.70
CA TRP A 883 -32.13 50.53 -11.58
C TRP A 883 -32.81 50.79 -10.23
N THR A 884 -34.05 51.27 -10.24
CA THR A 884 -34.73 51.58 -8.99
C THR A 884 -35.33 50.34 -8.32
N PHE A 885 -35.63 49.29 -9.08
CA PHE A 885 -36.20 48.08 -8.51
C PHE A 885 -35.17 47.20 -7.84
N GLY A 886 -33.89 47.53 -7.94
CA GLY A 886 -32.85 46.76 -7.27
C GLY A 886 -32.46 47.36 -5.94
N ALA A 887 -32.55 48.69 -5.84
CA ALA A 887 -32.25 49.37 -4.58
C ALA A 887 -33.46 49.34 -3.64
N GLY A 888 -34.58 49.88 -4.08
CA GLY A 888 -35.79 49.89 -3.28
C GLY A 888 -37.02 49.56 -4.10
N PRO A 889 -38.05 50.40 -4.00
CA PRO A 889 -39.27 50.15 -4.77
C PRO A 889 -39.07 50.46 -6.25
N ALA A 890 -39.86 49.79 -7.08
CA ALA A 890 -39.78 49.97 -8.53
C ALA A 890 -40.38 51.31 -8.90
N LEU A 891 -39.54 52.25 -9.33
CA LEU A 891 -39.98 53.58 -9.73
C LEU A 891 -40.12 53.61 -11.26
N GLN A 892 -41.35 53.81 -11.72
CA GLN A 892 -41.61 53.84 -13.15
C GLN A 892 -40.99 55.07 -13.79
N ILE A 893 -40.57 54.92 -15.05
CA ILE A 893 -39.91 55.98 -15.79
C ILE A 893 -39.95 55.66 -17.28
N PRO A 894 -40.23 56.64 -18.14
CA PRO A 894 -40.19 56.38 -19.58
C PRO A 894 -38.81 55.92 -20.02
N PHE A 895 -38.78 55.00 -20.98
CA PHE A 895 -37.52 54.44 -21.43
C PHE A 895 -36.60 55.45 -22.11
N PRO A 896 -37.07 56.42 -22.88
CA PRO A 896 -36.15 57.47 -23.36
C PRO A 896 -35.44 58.22 -22.25
N MET A 897 -36.13 58.53 -21.15
CA MET A 897 -35.48 59.18 -20.03
C MET A 897 -34.49 58.24 -19.33
N GLN A 898 -34.81 56.95 -19.26
CA GLN A 898 -33.86 55.98 -18.73
C GLN A 898 -32.58 55.94 -19.56
N MET A 899 -32.73 55.95 -20.89
CA MET A 899 -31.56 55.99 -21.76
C MET A 899 -30.79 57.30 -21.64
N ALA A 900 -31.49 58.42 -21.44
CA ALA A 900 -30.81 59.68 -21.19
C ALA A 900 -29.99 59.62 -19.90
N TYR A 901 -30.54 58.98 -18.87
CA TYR A 901 -29.78 58.79 -17.63
C TYR A 901 -28.57 57.89 -17.85
N ARG A 902 -28.75 56.82 -18.62
CA ARG A 902 -27.61 55.96 -18.96
C ARG A 902 -26.52 56.73 -19.69
N PHE A 903 -26.92 57.62 -20.61
CA PHE A 903 -25.94 58.42 -21.34
C PHE A 903 -25.24 59.43 -20.42
N ASN A 904 -26.00 60.06 -19.52
CA ASN A 904 -25.39 60.95 -18.53
C ASN A 904 -24.46 60.23 -17.58
N GLY A 905 -24.68 58.94 -17.33
CA GLY A 905 -23.81 58.17 -16.47
C GLY A 905 -22.41 57.98 -17.02
N ILE A 906 -22.25 58.09 -18.34
CA ILE A 906 -20.95 57.92 -18.97
C ILE A 906 -20.35 59.23 -19.46
N GLY A 907 -21.09 60.33 -19.38
CA GLY A 907 -20.59 61.64 -19.74
C GLY A 907 -21.40 62.33 -20.82
N VAL A 908 -22.03 61.56 -21.71
CA VAL A 908 -22.80 62.14 -22.81
C VAL A 908 -24.03 62.82 -22.26
N THR A 909 -24.34 64.00 -22.80
CA THR A 909 -25.48 64.77 -22.33
C THR A 909 -26.80 64.17 -22.87
N GLN A 910 -27.90 64.69 -22.35
CA GLN A 910 -29.23 64.20 -22.73
C GLN A 910 -29.65 64.66 -24.12
N ASN A 911 -29.15 65.80 -24.59
CA ASN A 911 -29.56 66.30 -25.89
C ASN A 911 -29.06 65.41 -27.03
N VAL A 912 -27.90 64.77 -26.85
CA VAL A 912 -27.39 63.87 -27.88
C VAL A 912 -28.34 62.70 -28.08
N LEU A 913 -28.96 62.22 -27.00
CA LEU A 913 -29.92 61.12 -27.12
C LEU A 913 -31.28 61.63 -27.62
N TYR A 914 -31.75 62.76 -27.06
CA TYR A 914 -33.07 63.24 -27.42
C TYR A 914 -33.14 63.78 -28.84
N GLU A 915 -32.00 64.14 -29.44
CA GLU A 915 -31.97 64.58 -30.83
C GLU A 915 -31.63 63.47 -31.81
N ASN A 916 -31.15 62.33 -31.33
CA ASN A 916 -30.81 61.19 -32.17
C ASN A 916 -31.46 59.92 -31.63
N GLN A 917 -32.70 60.05 -31.16
CA GLN A 917 -33.39 58.89 -30.56
C GLN A 917 -33.70 57.83 -31.60
N LYS A 918 -34.13 58.23 -32.79
CA LYS A 918 -34.47 57.27 -33.83
C LYS A 918 -33.24 56.47 -34.27
N LEU A 919 -32.10 57.14 -34.43
CA LEU A 919 -30.89 56.45 -34.83
C LEU A 919 -30.44 55.46 -33.78
N ILE A 920 -30.51 55.84 -32.51
CA ILE A 920 -30.12 54.94 -31.43
C ILE A 920 -31.07 53.74 -31.37
N ALA A 921 -32.37 53.97 -31.55
CA ALA A 921 -33.33 52.87 -31.57
C ALA A 921 -33.05 51.92 -32.72
N ASN A 922 -32.77 52.46 -33.90
CA ASN A 922 -32.47 51.61 -35.05
C ASN A 922 -31.19 50.81 -34.85
N GLN A 923 -30.15 51.44 -34.28
CA GLN A 923 -28.92 50.71 -34.01
C GLN A 923 -29.13 49.62 -32.97
N PHE A 924 -29.91 49.89 -31.92
CA PHE A 924 -30.20 48.87 -30.92
C PHE A 924 -30.97 47.71 -31.53
N ASN A 925 -31.97 48.01 -32.36
CA ASN A 925 -32.73 46.95 -33.01
C ASN A 925 -31.85 46.12 -33.94
N SER A 926 -30.99 46.77 -34.71
CA SER A 926 -30.10 46.04 -35.60
C SER A 926 -29.11 45.16 -34.83
N ALA A 927 -28.59 45.66 -33.72
CA ALA A 927 -27.66 44.86 -32.93
C ALA A 927 -28.37 43.67 -32.28
N ILE A 928 -29.58 43.88 -31.78
CA ILE A 928 -30.35 42.77 -31.21
C ILE A 928 -30.67 41.73 -32.28
N GLY A 929 -30.97 42.19 -33.50
CA GLY A 929 -31.22 41.24 -34.58
C GLY A 929 -29.98 40.49 -35.02
N LYS A 930 -28.83 41.15 -35.00
CA LYS A 930 -27.59 40.47 -35.38
C LYS A 930 -27.11 39.52 -34.29
N ILE A 931 -27.49 39.77 -33.04
CA ILE A 931 -27.11 38.86 -31.96
C ILE A 931 -27.71 37.47 -32.17
N GLN A 932 -28.97 37.41 -32.61
CA GLN A 932 -29.61 36.13 -32.86
C GLN A 932 -28.88 35.36 -33.96
N ASP A 933 -28.54 36.04 -35.05
CA ASP A 933 -27.80 35.40 -36.13
C ASP A 933 -26.40 34.98 -35.71
N SER A 934 -25.72 35.76 -34.87
CA SER A 934 -24.40 35.38 -34.39
C SER A 934 -24.47 34.15 -33.50
N LEU A 935 -25.49 34.08 -32.63
CA LEU A 935 -25.66 32.92 -31.77
C LEU A 935 -26.11 31.69 -32.54
N SER A 936 -26.85 31.86 -33.64
CA SER A 936 -27.31 30.71 -34.40
C SER A 936 -26.24 30.18 -35.35
N SER A 937 -25.44 31.07 -35.93
CA SER A 937 -24.46 30.64 -36.92
C SER A 937 -23.26 29.97 -36.26
N THR A 938 -22.58 30.68 -35.37
CA THR A 938 -21.39 30.15 -34.73
C THR A 938 -21.75 29.07 -33.73
N PRO A 939 -21.30 27.82 -33.91
CA PRO A 939 -21.64 26.77 -32.95
C PRO A 939 -20.76 26.76 -31.70
N SER A 940 -19.63 27.46 -31.71
CA SER A 940 -18.72 27.49 -30.58
C SER A 940 -19.02 28.63 -29.61
N ALA A 941 -20.12 29.37 -29.81
CA ALA A 941 -20.47 30.44 -28.90
C ALA A 941 -20.92 29.87 -27.55
N LEU A 942 -21.81 28.88 -27.56
CA LEU A 942 -22.27 28.24 -26.34
C LEU A 942 -21.42 27.02 -25.99
N GLY A 943 -20.11 27.24 -25.89
CA GLY A 943 -19.19 26.16 -25.58
C GLY A 943 -18.88 26.03 -24.12
N LYS A 944 -18.72 27.17 -23.43
CA LYS A 944 -18.41 27.16 -22.01
C LYS A 944 -19.45 26.39 -21.21
N LEU A 945 -20.70 26.41 -21.64
CA LEU A 945 -21.72 25.58 -21.01
C LEU A 945 -21.60 24.13 -21.43
N GLN A 946 -21.40 23.89 -22.74
CA GLN A 946 -21.29 22.53 -23.24
C GLN A 946 -20.15 21.76 -22.59
N ASP A 947 -19.03 22.42 -22.30
CA ASP A 947 -17.96 21.77 -21.57
C ASP A 947 -18.43 21.23 -20.23
N VAL A 948 -19.25 22.01 -19.52
CA VAL A 948 -19.80 21.55 -18.25
C VAL A 948 -20.66 20.31 -18.46
N VAL A 949 -21.31 20.21 -19.62
CA VAL A 949 -22.09 19.03 -19.94
C VAL A 949 -21.19 17.91 -20.42
N ASN A 950 -20.03 18.25 -20.99
CA ASN A 950 -19.15 17.23 -21.51
C ASN A 950 -18.31 16.59 -20.40
N HIS A 951 -17.59 17.42 -19.63
CA HIS A 951 -16.73 16.88 -18.58
C HIS A 951 -17.50 16.01 -17.60
N ASN A 952 -18.69 16.44 -17.19
CA ASN A 952 -19.53 15.63 -16.31
C ASN A 952 -19.76 14.25 -16.91
N ALA A 953 -20.06 14.18 -18.21
CA ALA A 953 -20.16 12.88 -18.87
C ALA A 953 -18.86 12.11 -18.78
N GLN A 954 -17.72 12.75 -19.02
CA GLN A 954 -16.44 12.08 -18.86
C GLN A 954 -16.19 11.71 -17.41
N ALA A 955 -16.89 12.36 -16.47
CA ALA A 955 -16.76 11.98 -15.06
C ALA A 955 -17.61 10.76 -14.75
N LEU A 956 -18.62 10.47 -15.57
CA LEU A 956 -19.48 9.32 -15.31
C LEU A 956 -19.07 8.10 -16.12
N ASN A 957 -18.94 8.26 -17.45
CA ASN A 957 -18.57 7.13 -18.30
C ASN A 957 -17.26 6.50 -17.85
N THR A 958 -16.24 7.31 -17.57
CA THR A 958 -14.99 6.78 -17.04
C THR A 958 -15.22 6.03 -15.74
N LEU A 959 -16.06 6.59 -14.86
CA LEU A 959 -16.38 5.91 -13.61
C LEU A 959 -17.05 4.58 -13.87
N VAL A 960 -17.70 4.43 -15.02
CA VAL A 960 -18.25 3.14 -15.41
C VAL A 960 -17.15 2.22 -15.93
N LYS A 961 -16.19 2.79 -16.68
CA LYS A 961 -15.11 1.99 -17.24
C LYS A 961 -14.24 1.38 -16.14
N GLN A 962 -14.26 1.96 -14.94
CA GLN A 962 -13.52 1.40 -13.82
C GLN A 962 -14.13 0.13 -13.26
N LEU A 963 -15.36 -0.20 -13.66
CA LEU A 963 -15.98 -1.44 -13.22
C LEU A 963 -15.53 -2.65 -14.02
N SER A 964 -14.85 -2.45 -15.14
CA SER A 964 -14.32 -3.54 -15.95
C SER A 964 -12.88 -3.88 -15.62
N SER A 965 -12.25 -3.16 -14.70
CA SER A 965 -10.88 -3.42 -14.31
C SER A 965 -10.84 -4.47 -13.19
N LYS A 966 -9.81 -5.31 -13.23
CA LYS A 966 -9.67 -6.38 -12.25
C LYS A 966 -8.89 -5.94 -11.01
N PHE A 967 -8.09 -4.89 -11.11
CA PHE A 967 -7.32 -4.36 -9.98
C PHE A 967 -6.43 -5.43 -9.35
N GLY A 968 -5.86 -6.29 -10.20
CA GLY A 968 -4.98 -7.34 -9.73
C GLY A 968 -5.66 -8.64 -9.35
N ALA A 969 -6.98 -8.74 -9.54
CA ALA A 969 -7.71 -9.96 -9.21
C ALA A 969 -7.79 -10.86 -10.43
N ILE A 970 -8.57 -11.94 -10.31
CA ILE A 970 -8.71 -12.89 -11.42
C ILE A 970 -9.77 -12.47 -12.42
N SER A 971 -10.74 -11.65 -12.04
CA SER A 971 -11.79 -11.19 -12.94
C SER A 971 -12.40 -9.92 -12.35
N SER A 972 -13.36 -9.35 -13.09
CA SER A 972 -14.07 -8.16 -12.67
C SER A 972 -15.50 -8.44 -12.28
N VAL A 973 -15.93 -9.71 -12.32
CA VAL A 973 -17.28 -10.12 -11.95
C VAL A 973 -17.20 -10.82 -10.61
N LEU A 974 -17.89 -10.28 -9.61
CA LEU A 974 -17.85 -10.88 -8.28
C LEU A 974 -18.61 -12.20 -8.22
N ASN A 975 -19.62 -12.37 -9.08
CA ASN A 975 -20.34 -13.64 -9.12
C ASN A 975 -19.45 -14.78 -9.60
N ASP A 976 -18.62 -14.53 -10.60
CA ASP A 976 -17.69 -15.55 -11.08
C ASP A 976 -16.64 -15.90 -10.05
N ILE A 977 -16.30 -14.96 -9.17
CA ILE A 977 -15.34 -15.25 -8.10
C ILE A 977 -16.00 -16.02 -6.97
N PHE A 978 -17.24 -15.67 -6.63
CA PHE A 978 -17.93 -16.36 -5.55
C PHE A 978 -18.35 -17.77 -5.96
N SER A 979 -18.64 -17.99 -7.25
CA SER A 979 -19.07 -19.31 -7.69
C SER A 979 -17.91 -20.28 -7.80
N ARG A 980 -16.77 -19.83 -8.33
CA ARG A 980 -15.63 -20.72 -8.52
C ARG A 980 -14.89 -20.97 -7.21
N LEU A 981 -14.43 -19.91 -6.56
CA LEU A 981 -13.62 -20.03 -5.35
C LEU A 981 -14.49 -19.99 -4.10
N ASP A 982 -13.97 -20.54 -3.02
CA ASP A 982 -14.63 -20.51 -1.73
C ASP A 982 -14.30 -19.21 -1.01
N PRO A 983 -15.16 -18.78 -0.08
CA PRO A 983 -14.95 -17.50 0.62
C PRO A 983 -13.57 -17.38 1.25
N PRO A 984 -13.03 -18.45 1.92
CA PRO A 984 -11.70 -18.32 2.54
C PRO A 984 -10.63 -17.75 1.60
N GLU A 985 -10.66 -18.15 0.32
CA GLU A 985 -9.73 -17.59 -0.66
C GLU A 985 -10.37 -16.53 -1.54
N ALA A 986 -11.69 -16.36 -1.47
CA ALA A 986 -12.34 -15.31 -2.26
C ALA A 986 -12.27 -13.96 -1.55
N GLU A 987 -11.96 -13.96 -0.26
CA GLU A 987 -11.84 -12.69 0.47
C GLU A 987 -10.73 -11.83 -0.11
N VAL A 988 -9.56 -12.41 -0.36
CA VAL A 988 -8.43 -11.66 -0.89
C VAL A 988 -8.68 -11.22 -2.33
N GLN A 989 -9.47 -11.96 -3.09
CA GLN A 989 -9.80 -11.58 -4.46
C GLN A 989 -10.87 -10.50 -4.51
N ILE A 990 -11.75 -10.45 -3.52
CA ILE A 990 -12.78 -9.42 -3.47
C ILE A 990 -12.27 -8.12 -2.85
N ASP A 991 -11.29 -8.21 -1.93
CA ASP A 991 -10.73 -7.01 -1.31
C ASP A 991 -10.04 -6.10 -2.32
N ARG A 992 -9.32 -6.67 -3.29
CA ARG A 992 -8.67 -5.83 -4.29
C ARG A 992 -9.68 -5.06 -5.12
N LEU A 993 -10.74 -5.73 -5.58
CA LEU A 993 -11.81 -5.05 -6.31
C LEU A 993 -12.48 -3.97 -5.47
N ILE A 994 -12.78 -4.28 -4.21
CA ILE A 994 -13.44 -3.30 -3.34
C ILE A 994 -12.56 -2.07 -3.17
N THR A 995 -11.27 -2.28 -2.89
CA THR A 995 -10.35 -1.15 -2.69
C THR A 995 -10.20 -0.34 -3.97
N GLY A 996 -10.07 -1.00 -5.12
CA GLY A 996 -9.93 -0.28 -6.37
C GLY A 996 -11.14 0.55 -6.71
N ARG A 997 -12.34 -0.02 -6.55
CA ARG A 997 -13.56 0.72 -6.85
C ARG A 997 -13.79 1.85 -5.85
N LEU A 998 -13.48 1.64 -4.58
CA LEU A 998 -13.59 2.71 -3.59
C LEU A 998 -12.61 3.84 -3.89
N GLN A 999 -11.39 3.52 -4.32
CA GLN A 999 -10.44 4.56 -4.69
C GLN A 999 -10.88 5.30 -5.94
N SER A 1000 -11.45 4.60 -6.92
CA SER A 1000 -11.96 5.29 -8.10
C SER A 1000 -13.10 6.23 -7.75
N LEU A 1001 -14.02 5.79 -6.89
CA LEU A 1001 -15.12 6.66 -6.47
C LEU A 1001 -14.60 7.85 -5.66
N GLN A 1002 -13.60 7.64 -4.80
CA GLN A 1002 -13.01 8.76 -4.07
C GLN A 1002 -12.34 9.75 -5.00
N THR A 1003 -11.66 9.27 -6.04
CA THR A 1003 -11.06 10.17 -7.02
C THR A 1003 -12.14 10.96 -7.76
N TYR A 1004 -13.22 10.28 -8.16
CA TYR A 1004 -14.33 10.99 -8.81
C TYR A 1004 -14.89 12.08 -7.91
N VAL A 1005 -15.06 11.79 -6.61
CA VAL A 1005 -15.62 12.77 -5.69
C VAL A 1005 -14.66 13.94 -5.48
N THR A 1006 -13.36 13.64 -5.32
CA THR A 1006 -12.41 14.72 -5.08
C THR A 1006 -12.14 15.57 -6.32
N GLN A 1007 -12.44 15.04 -7.51
CA GLN A 1007 -12.40 15.88 -8.71
C GLN A 1007 -13.68 16.67 -8.90
N GLN A 1008 -14.83 16.07 -8.60
CA GLN A 1008 -16.09 16.81 -8.63
C GLN A 1008 -16.11 17.94 -7.61
N LEU A 1009 -15.39 17.80 -6.49
CA LEU A 1009 -15.28 18.90 -5.55
C LEU A 1009 -14.61 20.13 -6.17
N ILE A 1010 -13.48 19.92 -6.85
CA ILE A 1010 -12.80 21.04 -7.50
C ILE A 1010 -13.65 21.61 -8.62
N ARG A 1011 -14.32 20.73 -9.38
CA ARG A 1011 -15.21 21.21 -10.43
C ARG A 1011 -16.34 22.06 -9.87
N ALA A 1012 -16.94 21.63 -8.76
CA ALA A 1012 -18.00 22.41 -8.13
C ALA A 1012 -17.48 23.71 -7.56
N ALA A 1013 -16.24 23.72 -7.06
CA ALA A 1013 -15.65 24.98 -6.59
C ALA A 1013 -15.46 25.97 -7.73
N GLU A 1014 -14.96 25.49 -8.88
CA GLU A 1014 -14.83 26.37 -10.05
C GLU A 1014 -16.18 26.88 -10.52
N ILE A 1015 -17.18 26.01 -10.55
CA ILE A 1015 -18.51 26.43 -10.98
C ILE A 1015 -19.13 27.40 -9.99
N ARG A 1016 -18.83 27.25 -8.70
CA ARG A 1016 -19.34 28.19 -7.71
C ARG A 1016 -18.67 29.54 -7.85
N ALA A 1017 -17.37 29.57 -8.15
CA ALA A 1017 -16.70 30.83 -8.43
C ALA A 1017 -17.31 31.51 -9.66
N SER A 1018 -17.57 30.74 -10.72
CA SER A 1018 -18.22 31.31 -11.89
C SER A 1018 -19.62 31.82 -11.59
N ALA A 1019 -20.37 31.10 -10.73
CA ALA A 1019 -21.72 31.55 -10.38
C ALA A 1019 -21.68 32.81 -9.53
N ASN A 1020 -20.67 32.94 -8.65
CA ASN A 1020 -20.51 34.17 -7.89
C ASN A 1020 -20.17 35.33 -8.81
N LEU A 1021 -19.29 35.11 -9.79
CA LEU A 1021 -19.02 36.15 -10.78
C LEU A 1021 -20.28 36.54 -11.55
N ALA A 1022 -21.07 35.55 -11.95
CA ALA A 1022 -22.31 35.82 -12.67
C ALA A 1022 -23.31 36.59 -11.82
N ALA A 1023 -23.39 36.28 -10.52
CA ALA A 1023 -24.28 37.01 -9.63
C ALA A 1023 -23.82 38.44 -9.42
N THR A 1024 -22.50 38.65 -9.28
CA THR A 1024 -21.98 40.01 -9.18
C THR A 1024 -22.28 40.80 -10.45
N LYS A 1025 -22.14 40.17 -11.62
CA LYS A 1025 -22.47 40.86 -12.86
C LYS A 1025 -23.96 41.15 -12.97
N MET A 1026 -24.81 40.21 -12.53
CA MET A 1026 -26.24 40.45 -12.53
C MET A 1026 -26.62 41.61 -11.62
N SER A 1027 -25.94 41.74 -10.48
CA SER A 1027 -26.23 42.82 -9.54
C SER A 1027 -25.65 44.16 -10.00
N GLU A 1028 -24.54 44.15 -10.75
CA GLU A 1028 -23.89 45.39 -11.14
C GLU A 1028 -24.19 45.83 -12.57
N CYS A 1029 -24.49 44.89 -13.47
CA CYS A 1029 -24.76 45.24 -14.86
C CYS A 1029 -26.25 45.33 -15.18
N VAL A 1030 -27.07 44.48 -14.60
CA VAL A 1030 -28.51 44.48 -14.88
C VAL A 1030 -29.25 45.39 -13.91
N LEU A 1031 -28.97 45.28 -12.62
CA LEU A 1031 -29.63 46.08 -11.61
C LEU A 1031 -29.14 47.51 -11.55
N GLY A 1032 -28.14 47.87 -12.36
CA GLY A 1032 -27.62 49.22 -12.36
C GLY A 1032 -26.73 49.51 -13.54
N GLN A 1033 -25.87 50.52 -13.41
CA GLN A 1033 -24.93 50.92 -14.46
C GLN A 1033 -23.55 51.06 -13.83
N SER A 1034 -22.73 50.02 -13.99
CA SER A 1034 -21.39 50.01 -13.41
C SER A 1034 -20.42 50.75 -14.29
N LYS A 1035 -19.47 51.45 -13.67
CA LYS A 1035 -18.41 52.16 -14.38
C LYS A 1035 -17.14 51.34 -14.52
N ARG A 1036 -17.17 50.08 -14.10
CA ARG A 1036 -15.98 49.23 -14.23
C ARG A 1036 -15.71 48.91 -15.69
N VAL A 1037 -14.49 49.16 -16.13
CA VAL A 1037 -14.14 48.98 -17.53
C VAL A 1037 -14.00 47.50 -17.84
N ASP A 1038 -14.58 47.07 -18.95
CA ASP A 1038 -14.51 45.68 -19.42
C ASP A 1038 -15.06 44.70 -18.38
N PHE A 1039 -16.13 45.12 -17.69
CA PHE A 1039 -16.83 44.26 -16.74
C PHE A 1039 -18.25 43.99 -17.18
N CYS A 1040 -18.97 45.01 -17.66
CA CYS A 1040 -20.31 44.86 -18.20
C CYS A 1040 -20.34 45.09 -19.71
N GLY A 1041 -19.28 44.67 -20.40
CA GLY A 1041 -19.17 44.89 -21.82
C GLY A 1041 -17.93 45.67 -22.21
N LYS A 1042 -17.53 45.56 -23.47
CA LYS A 1042 -16.34 46.25 -23.97
C LYS A 1042 -16.74 47.66 -24.40
N GLY A 1043 -16.43 48.63 -23.56
CA GLY A 1043 -16.71 50.02 -23.86
C GLY A 1043 -17.47 50.75 -22.77
N TYR A 1044 -18.16 51.81 -23.14
CA TYR A 1044 -18.95 52.59 -22.19
C TYR A 1044 -20.26 51.85 -21.92
N HIS A 1045 -20.31 51.14 -20.79
CA HIS A 1045 -21.45 50.30 -20.47
C HIS A 1045 -22.72 51.13 -20.32
N LEU A 1046 -23.74 50.78 -21.11
CA LEU A 1046 -25.06 51.40 -21.02
C LEU A 1046 -26.02 50.56 -20.20
N MET A 1047 -26.26 49.31 -20.59
CA MET A 1047 -27.18 48.46 -19.84
C MET A 1047 -26.88 47.00 -20.14
N SER A 1048 -27.67 46.12 -19.54
CA SER A 1048 -27.50 44.68 -19.71
C SER A 1048 -28.83 43.98 -19.55
N PHE A 1049 -28.98 42.86 -20.26
CA PHE A 1049 -30.20 42.06 -20.23
C PHE A 1049 -29.82 40.61 -19.96
N PRO A 1050 -30.40 39.98 -18.94
CA PRO A 1050 -30.07 38.57 -18.67
C PRO A 1050 -31.02 37.62 -19.39
N GLN A 1051 -30.47 36.46 -19.75
CA GLN A 1051 -31.22 35.37 -20.35
C GLN A 1051 -30.76 34.05 -19.76
N SER A 1052 -31.67 33.07 -19.72
CA SER A 1052 -31.32 31.76 -19.18
C SER A 1052 -30.75 30.88 -20.27
N ALA A 1053 -30.06 29.81 -19.84
CA ALA A 1053 -29.51 28.81 -20.75
C ALA A 1053 -29.27 27.56 -19.94
N PRO A 1054 -29.20 26.40 -20.58
CA PRO A 1054 -28.98 25.15 -19.81
C PRO A 1054 -27.72 25.24 -18.96
N HIS A 1055 -27.94 25.26 -17.64
CA HIS A 1055 -26.87 25.40 -16.66
C HIS A 1055 -26.00 26.64 -16.91
N GLY A 1056 -26.62 27.76 -17.26
CA GLY A 1056 -25.85 28.95 -17.51
C GLY A 1056 -26.70 30.18 -17.71
N VAL A 1057 -26.03 31.33 -17.69
CA VAL A 1057 -26.67 32.62 -17.88
C VAL A 1057 -25.97 33.35 -19.03
N VAL A 1058 -26.75 34.09 -19.82
CA VAL A 1058 -26.25 34.83 -20.96
C VAL A 1058 -26.59 36.29 -20.76
N PHE A 1059 -25.55 37.12 -20.61
CA PHE A 1059 -25.72 38.56 -20.47
C PHE A 1059 -25.52 39.24 -21.81
N LEU A 1060 -26.55 39.97 -22.25
CA LEU A 1060 -26.47 40.80 -23.45
C LEU A 1060 -26.17 42.22 -22.98
N HIS A 1061 -24.94 42.66 -23.22
CA HIS A 1061 -24.49 43.98 -22.78
C HIS A 1061 -24.67 44.99 -23.90
N VAL A 1062 -25.51 45.98 -23.66
CA VAL A 1062 -25.69 47.10 -24.58
C VAL A 1062 -24.70 48.20 -24.18
N THR A 1063 -23.86 48.60 -25.12
CA THR A 1063 -22.69 49.43 -24.85
C THR A 1063 -22.59 50.56 -25.87
N TYR A 1064 -22.12 51.71 -25.40
CA TYR A 1064 -21.92 52.90 -26.22
C TYR A 1064 -20.47 52.90 -26.69
N VAL A 1065 -20.25 52.95 -28.00
CA VAL A 1065 -18.91 52.92 -28.57
C VAL A 1065 -18.74 54.15 -29.46
N PRO A 1066 -17.80 55.04 -29.17
CA PRO A 1066 -17.56 56.18 -30.05
C PRO A 1066 -17.01 55.74 -31.40
N ALA A 1067 -17.16 56.62 -32.39
CA ALA A 1067 -16.70 56.34 -33.75
C ALA A 1067 -16.69 57.64 -34.53
N GLN A 1068 -16.03 57.59 -35.70
CA GLN A 1068 -15.90 58.73 -36.60
C GLN A 1068 -15.25 59.92 -35.89
N GLU A 1069 -14.03 59.68 -35.40
CA GLU A 1069 -13.29 60.70 -34.68
C GLU A 1069 -12.73 61.73 -35.66
N LYS A 1070 -12.42 62.92 -35.12
CA LYS A 1070 -11.86 64.00 -35.92
C LYS A 1070 -10.83 64.73 -35.07
N ASN A 1071 -9.80 65.27 -35.72
CA ASN A 1071 -8.68 65.91 -35.06
C ASN A 1071 -8.90 67.39 -34.93
N PHE A 1072 -8.66 67.96 -33.75
CA PHE A 1072 -8.83 69.38 -33.47
C PHE A 1072 -7.62 69.87 -32.68
N THR A 1073 -7.48 71.19 -32.61
CA THR A 1073 -6.40 71.83 -31.85
C THR A 1073 -6.91 72.16 -30.46
N THR A 1074 -6.25 71.61 -29.44
CA THR A 1074 -6.66 71.79 -28.05
C THR A 1074 -5.67 72.70 -27.34
N ALA A 1075 -6.10 73.18 -26.17
CA ALA A 1075 -5.29 74.05 -25.33
C ALA A 1075 -5.67 73.80 -23.88
N PRO A 1076 -4.72 73.90 -22.95
CA PRO A 1076 -5.07 73.69 -21.54
C PRO A 1076 -6.05 74.72 -21.00
N ALA A 1077 -5.85 75.99 -21.32
CA ALA A 1077 -6.74 77.05 -20.84
C ALA A 1077 -6.56 78.28 -21.72
N ILE A 1078 -7.43 79.26 -21.50
CA ILE A 1078 -7.38 80.54 -22.18
C ILE A 1078 -7.53 81.65 -21.15
N CYS A 1079 -7.07 82.85 -21.50
CA CYS A 1079 -7.23 84.03 -20.66
C CYS A 1079 -7.57 85.23 -21.52
N HIS A 1080 -8.63 85.94 -21.16
CA HIS A 1080 -9.08 87.11 -21.89
C HIS A 1080 -8.52 88.40 -21.29
N ASP A 1081 -8.75 88.60 -20.00
CA ASP A 1081 -8.30 89.80 -19.30
C ASP A 1081 -7.17 89.49 -18.31
N GLY A 1082 -6.31 88.53 -18.68
CA GLY A 1082 -5.19 88.18 -17.84
C GLY A 1082 -5.45 87.11 -16.81
N LYS A 1083 -6.66 86.54 -16.77
CA LYS A 1083 -7.01 85.50 -15.83
C LYS A 1083 -7.33 84.23 -16.59
N ALA A 1084 -6.68 83.13 -16.21
CA ALA A 1084 -6.84 81.87 -16.92
C ALA A 1084 -8.25 81.32 -16.73
N HIS A 1085 -8.83 80.87 -17.84
CA HIS A 1085 -10.18 80.29 -17.86
C HIS A 1085 -10.06 78.80 -18.13
N PHE A 1086 -10.35 77.98 -17.13
CA PHE A 1086 -10.30 76.54 -17.28
C PHE A 1086 -11.71 75.98 -17.49
N PRO A 1087 -11.85 74.99 -18.37
CA PRO A 1087 -13.19 74.44 -18.66
C PRO A 1087 -13.80 73.80 -17.43
N ARG A 1088 -15.04 74.19 -17.14
CA ARG A 1088 -15.75 73.63 -16.00
C ARG A 1088 -16.10 72.17 -16.24
N GLU A 1089 -16.69 71.86 -17.39
CA GLU A 1089 -17.02 70.48 -17.75
C GLU A 1089 -16.90 70.37 -19.27
N GLY A 1090 -15.75 69.93 -19.74
CA GLY A 1090 -15.51 69.80 -21.16
C GLY A 1090 -14.04 70.05 -21.46
N VAL A 1091 -13.79 70.37 -22.73
CA VAL A 1091 -12.44 70.61 -23.24
C VAL A 1091 -12.51 71.63 -24.35
N PHE A 1092 -11.49 72.47 -24.45
CA PHE A 1092 -11.41 73.49 -25.49
C PHE A 1092 -10.79 72.90 -26.74
N VAL A 1093 -11.48 73.03 -27.86
CA VAL A 1093 -10.99 72.59 -29.16
C VAL A 1093 -11.00 73.77 -30.12
N SER A 1094 -10.38 73.58 -31.27
CA SER A 1094 -10.29 74.61 -32.29
C SER A 1094 -10.39 73.97 -33.67
N ASN A 1095 -10.97 74.75 -34.57
CA ASN A 1095 -11.26 74.37 -35.94
C ASN A 1095 -10.34 75.06 -36.89
N GLY A 1096 -9.25 75.61 -36.38
CA GLY A 1096 -8.28 76.30 -37.20
C GLY A 1096 -8.29 77.80 -37.01
N THR A 1097 -9.48 78.38 -36.84
CA THR A 1097 -9.62 79.83 -36.69
C THR A 1097 -10.30 80.22 -35.38
N HIS A 1098 -11.34 79.49 -34.97
CA HIS A 1098 -12.09 79.81 -33.77
C HIS A 1098 -11.92 78.72 -32.73
N TRP A 1099 -12.24 79.07 -31.48
CA TRP A 1099 -12.14 78.15 -30.35
C TRP A 1099 -13.53 77.89 -29.78
N PHE A 1100 -13.82 76.62 -29.51
CA PHE A 1100 -15.09 76.21 -28.92
C PHE A 1100 -14.82 75.28 -27.75
N VAL A 1101 -15.88 74.97 -27.01
CA VAL A 1101 -15.81 74.06 -25.88
C VAL A 1101 -16.78 72.91 -26.14
N THR A 1102 -16.28 71.68 -26.04
CA THR A 1102 -17.08 70.50 -26.31
C THR A 1102 -16.79 69.43 -25.26
N GLN A 1103 -17.75 68.53 -25.07
CA GLN A 1103 -17.59 67.47 -24.09
C GLN A 1103 -16.55 66.45 -24.56
N ARG A 1104 -16.21 65.52 -23.67
CA ARG A 1104 -15.13 64.58 -23.91
C ARG A 1104 -15.59 63.30 -24.61
N ASN A 1105 -16.85 63.24 -25.05
CA ASN A 1105 -17.36 62.04 -25.70
C ASN A 1105 -18.18 62.32 -26.95
N PHE A 1106 -18.39 63.58 -27.33
CA PHE A 1106 -19.17 63.90 -28.51
C PHE A 1106 -18.83 65.32 -28.94
N TYR A 1107 -18.69 65.53 -30.24
CA TYR A 1107 -18.32 66.84 -30.77
C TYR A 1107 -19.56 67.72 -30.86
N GLU A 1108 -19.70 68.64 -29.90
CA GLU A 1108 -20.78 69.63 -29.91
C GLU A 1108 -20.14 70.99 -29.67
N PRO A 1109 -19.77 71.70 -30.74
CA PRO A 1109 -19.07 72.98 -30.56
C PRO A 1109 -20.02 74.04 -30.00
N GLN A 1110 -19.59 74.67 -28.91
CA GLN A 1110 -20.35 75.74 -28.27
C GLN A 1110 -19.42 76.92 -28.00
N ILE A 1111 -20.02 78.11 -27.97
CA ILE A 1111 -19.23 79.32 -27.71
C ILE A 1111 -18.75 79.32 -26.28
N ILE A 1112 -17.58 79.92 -26.07
CA ILE A 1112 -16.97 79.99 -24.74
C ILE A 1112 -17.56 81.17 -23.98
N THR A 1113 -18.35 80.87 -22.96
CA THR A 1113 -19.01 81.88 -22.16
C THR A 1113 -18.53 81.78 -20.70
N THR A 1114 -19.14 82.59 -19.83
CA THR A 1114 -18.72 82.61 -18.43
C THR A 1114 -19.26 81.42 -17.65
N ASP A 1115 -20.39 80.84 -18.08
CA ASP A 1115 -20.95 79.69 -17.40
C ASP A 1115 -20.36 78.37 -17.85
N ASN A 1116 -19.46 78.38 -18.84
CA ASN A 1116 -18.80 77.17 -19.31
C ASN A 1116 -17.37 77.03 -18.81
N THR A 1117 -16.81 78.06 -18.18
CA THR A 1117 -15.44 78.02 -17.69
C THR A 1117 -15.36 78.79 -16.38
N PHE A 1118 -14.31 78.50 -15.61
CA PHE A 1118 -14.07 79.16 -14.34
C PHE A 1118 -12.67 79.75 -14.32
N VAL A 1119 -12.53 80.87 -13.60
CA VAL A 1119 -11.26 81.59 -13.52
C VAL A 1119 -10.49 81.10 -12.30
N SER A 1120 -9.19 80.90 -12.48
CA SER A 1120 -8.32 80.48 -11.38
C SER A 1120 -6.92 80.99 -11.66
N GLY A 1121 -6.57 82.13 -11.04
CA GLY A 1121 -5.25 82.70 -11.18
C GLY A 1121 -5.00 83.28 -12.56
N ASN A 1122 -3.77 83.77 -12.74
CA ASN A 1122 -3.34 84.35 -14.00
C ASN A 1122 -2.74 83.27 -14.91
N CYS A 1123 -2.66 83.60 -16.19
CA CYS A 1123 -2.10 82.67 -17.18
C CYS A 1123 -0.62 82.91 -17.42
N ASP A 1124 0.17 82.81 -16.36
CA ASP A 1124 1.62 82.94 -16.43
C ASP A 1124 2.37 81.68 -16.05
N VAL A 1125 1.75 80.78 -15.28
CA VAL A 1125 2.42 79.55 -14.87
C VAL A 1125 1.97 78.34 -15.67
N VAL A 1126 0.89 78.44 -16.43
CA VAL A 1126 0.40 77.31 -17.21
C VAL A 1126 1.23 77.17 -18.49
N ILE A 1127 1.44 75.94 -18.91
CA ILE A 1127 2.21 75.64 -20.12
C ILE A 1127 1.22 75.37 -21.24
N GLY A 1128 1.35 76.12 -22.33
CA GLY A 1128 0.46 75.98 -23.47
C GLY A 1128 -0.67 76.98 -23.52
N ILE A 1129 -0.55 78.12 -22.84
CA ILE A 1129 -1.63 79.09 -22.79
C ILE A 1129 -1.78 79.76 -24.15
N VAL A 1130 -3.03 79.93 -24.59
CA VAL A 1130 -3.33 80.62 -25.85
C VAL A 1130 -4.28 81.77 -25.54
N ASN A 1131 -4.15 82.90 -26.21
CA ASN A 1131 -5.01 84.02 -25.97
C ASN A 1131 -6.22 83.82 -26.79
N ASN A 1132 -7.35 84.15 -26.21
CA ASN A 1132 -8.66 84.07 -26.86
C ASN A 1132 -9.67 84.82 -26.00
N THR A 1133 -10.68 85.37 -26.65
CA THR A 1133 -11.70 86.17 -25.99
C THR A 1133 -12.86 85.27 -25.53
N VAL A 1134 -13.42 85.59 -24.38
CA VAL A 1134 -14.56 84.86 -23.84
C VAL A 1134 -15.79 85.75 -23.92
N TYR A 1135 -16.96 85.11 -23.86
CA TYR A 1135 -18.24 85.81 -23.94
C TYR A 1135 -18.87 85.91 -22.56
N ASP A 1136 -19.62 86.99 -22.35
CA ASP A 1136 -20.32 87.21 -21.09
C ASP A 1136 -21.75 87.65 -21.39
N PRO A 1137 -22.75 86.80 -21.11
CA PRO A 1137 -24.15 87.14 -21.39
C PRO A 1137 -24.76 88.11 -20.38
N LEU A 1138 -24.02 89.17 -20.08
CA LEU A 1138 -24.48 90.21 -19.16
C LEU A 1138 -24.37 91.61 -19.75
N GLN A 1139 -23.31 91.88 -20.52
CA GLN A 1139 -23.10 93.19 -21.11
C GLN A 1139 -24.05 93.44 -22.29
N PRO A 1140 -24.21 92.52 -23.25
CA PRO A 1140 -25.18 92.76 -24.33
C PRO A 1140 -26.62 92.83 -23.85
N GLU A 1141 -26.94 92.24 -22.71
CA GLU A 1141 -28.31 92.27 -22.19
C GLU A 1141 -28.60 93.50 -21.36
N LEU A 1142 -27.61 94.01 -20.63
CA LEU A 1142 -27.77 95.19 -19.79
C LEU A 1142 -27.54 96.49 -20.55
N ASP A 1143 -27.62 96.46 -21.89
CA ASP A 1143 -27.42 97.64 -22.71
C ASP A 1143 -28.71 98.43 -22.93
N SER A 1144 -29.72 98.22 -22.10
CA SER A 1144 -30.99 98.92 -22.23
C SER A 1144 -31.11 100.02 -21.20
N PRO B 26 -54.45 -18.04 23.38
CA PRO B 26 -53.48 -17.11 23.99
C PRO B 26 -53.74 -15.66 23.61
N ALA B 27 -53.05 -14.74 24.26
CA ALA B 27 -53.18 -13.31 24.01
C ALA B 27 -51.84 -12.74 23.53
N TYR B 28 -51.85 -11.47 23.17
CA TYR B 28 -50.66 -10.78 22.69
C TYR B 28 -50.64 -9.37 23.25
N THR B 29 -49.44 -8.91 23.61
CA THR B 29 -49.24 -7.57 24.16
C THR B 29 -48.19 -6.85 23.32
N ASN B 30 -48.06 -5.56 23.54
CA ASN B 30 -47.11 -4.71 22.81
C ASN B 30 -45.95 -4.36 23.71
N SER B 31 -44.73 -4.55 23.19
CA SER B 31 -43.51 -4.23 23.92
C SER B 31 -43.20 -2.75 23.72
N PHE B 32 -43.52 -1.92 24.71
CA PHE B 32 -43.33 -0.48 24.62
C PHE B 32 -41.88 -0.14 24.96
N THR B 33 -40.99 -0.40 24.01
CA THR B 33 -39.57 -0.10 24.11
C THR B 33 -38.95 -0.70 25.37
N ARG B 34 -38.97 -2.03 25.43
CA ARG B 34 -38.38 -2.77 26.53
C ARG B 34 -37.50 -3.89 25.99
N GLY B 35 -36.47 -4.23 26.74
CA GLY B 35 -35.53 -5.25 26.34
C GLY B 35 -34.21 -4.75 25.81
N VAL B 36 -33.73 -3.60 26.28
CA VAL B 36 -32.48 -3.01 25.82
C VAL B 36 -31.47 -3.20 26.93
N TYR B 37 -30.59 -4.20 26.78
CA TYR B 37 -29.56 -4.49 27.77
C TYR B 37 -28.26 -3.78 27.37
N TYR B 38 -27.20 -4.03 28.13
CA TYR B 38 -25.90 -3.46 27.81
C TYR B 38 -25.16 -4.38 26.84
N PRO B 39 -24.75 -3.89 25.67
CA PRO B 39 -24.08 -4.78 24.70
C PRO B 39 -22.76 -5.34 25.22
N ASP B 40 -21.87 -4.49 25.71
CA ASP B 40 -20.55 -4.90 26.17
C ASP B 40 -20.34 -4.46 27.62
N LYS B 41 -19.12 -4.69 28.11
CA LYS B 41 -18.75 -4.36 29.48
C LYS B 41 -17.94 -3.06 29.56
N VAL B 42 -18.23 -2.10 28.69
CA VAL B 42 -17.47 -0.86 28.59
C VAL B 42 -18.29 0.27 29.19
N PHE B 43 -17.65 1.09 30.03
CA PHE B 43 -18.29 2.26 30.61
C PHE B 43 -18.09 3.46 29.72
N ARG B 44 -19.18 4.14 29.40
CA ARG B 44 -19.14 5.33 28.55
C ARG B 44 -20.17 6.33 29.05
N SER B 45 -19.85 7.61 28.92
CA SER B 45 -20.69 8.69 29.42
C SER B 45 -20.83 9.77 28.36
N SER B 46 -22.06 10.26 28.17
CA SER B 46 -22.36 11.35 27.25
C SER B 46 -21.92 11.01 25.83
N VAL B 47 -22.25 9.79 25.39
CA VAL B 47 -21.93 9.31 24.05
C VAL B 47 -23.19 8.75 23.41
N LEU B 48 -23.14 8.57 22.10
CA LEU B 48 -24.22 7.97 21.31
C LEU B 48 -23.60 6.80 20.56
N HIS B 49 -23.80 5.59 21.07
CA HIS B 49 -23.15 4.40 20.53
C HIS B 49 -24.12 3.60 19.67
N SER B 50 -23.65 3.18 18.50
CA SER B 50 -24.46 2.40 17.57
C SER B 50 -24.00 0.94 17.63
N THR B 51 -24.80 0.10 18.26
CA THR B 51 -24.50 -1.32 18.39
C THR B 51 -25.33 -2.15 17.42
N GLN B 52 -24.83 -3.35 17.13
CA GLN B 52 -25.47 -4.27 16.18
C GLN B 52 -25.59 -5.65 16.80
N ASP B 53 -26.13 -5.70 18.02
CA ASP B 53 -26.31 -6.94 18.74
C ASP B 53 -27.77 -7.37 18.65
N LEU B 54 -28.08 -8.53 19.26
CA LEU B 54 -29.44 -9.06 19.26
C LEU B 54 -30.26 -8.36 20.33
N PHE B 55 -31.24 -7.57 19.91
CA PHE B 55 -32.14 -6.87 20.83
C PHE B 55 -33.58 -7.18 20.46
N LEU B 56 -34.51 -6.64 21.24
CA LEU B 56 -35.93 -6.79 20.96
C LEU B 56 -36.43 -5.57 20.20
N PRO B 57 -37.07 -5.76 19.06
CA PRO B 57 -37.55 -4.61 18.28
C PRO B 57 -38.61 -3.82 19.04
N PHE B 58 -38.57 -2.50 18.90
CA PHE B 58 -39.54 -1.65 19.57
C PHE B 58 -40.92 -1.85 18.97
N PHE B 59 -41.94 -1.82 19.83
CA PHE B 59 -43.33 -2.02 19.44
C PHE B 59 -43.52 -3.35 18.73
N SER B 60 -43.21 -4.43 19.44
CA SER B 60 -43.31 -5.78 18.94
C SER B 60 -44.43 -6.52 19.67
N ASN B 61 -44.82 -7.63 19.08
CA ASN B 61 -45.97 -8.35 19.50
C ASN B 61 -45.48 -9.50 20.31
N VAL B 62 -45.51 -9.35 21.62
CA VAL B 62 -45.01 -10.39 22.51
C VAL B 62 -46.17 -11.24 23.00
N THR B 63 -45.89 -12.46 23.45
CA THR B 63 -46.92 -13.36 23.94
C THR B 63 -47.37 -12.94 25.33
N TRP B 64 -48.62 -13.26 25.65
CA TRP B 64 -49.24 -12.87 26.92
C TRP B 64 -49.81 -14.10 27.63
N PHE B 65 -49.00 -15.15 27.73
CA PHE B 65 -49.39 -16.35 28.46
C PHE B 65 -49.71 -16.03 29.91
N HIS B 66 -50.98 -16.17 30.29
CA HIS B 66 -51.44 -15.83 31.64
C HIS B 66 -51.77 -17.11 32.40
N VAL B 67 -51.41 -17.13 33.68
CA VAL B 67 -51.65 -18.28 34.55
C VAL B 67 -52.43 -17.79 35.77
N ILE B 68 -53.56 -18.42 36.03
CA ILE B 68 -54.39 -18.07 37.18
C ILE B 68 -54.26 -19.13 38.27
N ARG B 76 -56.02 -21.18 35.92
CA ARG B 76 -55.63 -21.99 34.78
C ARG B 76 -54.10 -22.06 34.67
N PHE B 77 -53.60 -23.20 34.24
CA PHE B 77 -52.17 -23.41 34.08
C PHE B 77 -51.76 -23.13 32.63
N ASP B 78 -50.60 -22.52 32.46
CA ASP B 78 -50.11 -22.17 31.13
C ASP B 78 -48.58 -22.26 31.16
N ASN B 79 -48.04 -23.39 30.70
CA ASN B 79 -46.59 -23.60 30.65
C ASN B 79 -46.26 -24.46 29.44
N PRO B 80 -46.32 -23.88 28.24
CA PRO B 80 -46.05 -24.64 27.03
C PRO B 80 -44.58 -24.56 26.61
N VAL B 81 -44.22 -25.45 25.69
CA VAL B 81 -42.87 -25.47 25.14
C VAL B 81 -42.77 -24.43 24.04
N LEU B 82 -41.79 -23.53 24.17
CA LEU B 82 -41.61 -22.44 23.22
C LEU B 82 -40.25 -22.52 22.54
N PRO B 83 -40.16 -22.20 21.26
CA PRO B 83 -38.88 -22.32 20.55
C PRO B 83 -37.86 -21.28 21.04
N PHE B 84 -36.58 -21.65 20.95
CA PHE B 84 -35.48 -20.76 21.31
C PHE B 84 -34.66 -20.54 20.03
N ASN B 85 -35.02 -19.49 19.28
CA ASN B 85 -34.37 -19.24 18.00
C ASN B 85 -33.03 -18.51 18.20
N ASP B 86 -33.09 -17.29 18.72
CA ASP B 86 -31.89 -16.50 18.96
C ASP B 86 -31.80 -15.90 20.36
N GLY B 87 -32.92 -15.61 21.01
CA GLY B 87 -32.91 -15.02 22.33
C GLY B 87 -34.30 -14.91 22.91
N VAL B 88 -34.41 -14.89 24.23
CA VAL B 88 -35.70 -14.87 24.91
C VAL B 88 -35.74 -13.68 25.86
N TYR B 89 -36.79 -12.87 25.73
CA TYR B 89 -37.06 -11.77 26.66
C TYR B 89 -38.24 -12.20 27.51
N PHE B 90 -37.96 -12.75 28.68
CA PHE B 90 -38.96 -13.28 29.60
C PHE B 90 -39.26 -12.23 30.66
N ALA B 91 -40.43 -11.63 30.58
CA ALA B 91 -40.90 -10.71 31.61
C ALA B 91 -41.68 -11.49 32.67
N SER B 92 -41.95 -10.82 33.79
CA SER B 92 -42.66 -11.46 34.88
C SER B 92 -43.40 -10.40 35.70
N ILE B 93 -44.69 -10.25 35.44
CA ILE B 93 -45.56 -9.53 36.36
C ILE B 93 -45.96 -10.52 37.45
N GLU B 94 -45.17 -10.56 38.53
CA GLU B 94 -45.21 -11.69 39.45
C GLU B 94 -45.51 -11.19 40.85
N LYS B 95 -46.21 -12.03 41.61
CA LYS B 95 -46.49 -11.79 43.02
C LYS B 95 -46.30 -13.09 43.78
N SER B 96 -45.66 -13.00 44.95
CA SER B 96 -45.41 -14.15 45.82
C SER B 96 -44.49 -15.18 45.16
N ASN B 97 -43.74 -14.75 44.14
CA ASN B 97 -42.69 -15.55 43.50
C ASN B 97 -43.27 -16.87 42.95
N ILE B 98 -44.17 -16.72 41.98
CA ILE B 98 -44.80 -17.87 41.37
C ILE B 98 -43.82 -18.61 40.46
N ILE B 99 -43.30 -17.92 39.44
CA ILE B 99 -42.36 -18.53 38.51
C ILE B 99 -41.02 -18.71 39.20
N ARG B 100 -40.52 -19.95 39.21
CA ARG B 100 -39.30 -20.25 39.94
C ARG B 100 -38.33 -21.14 39.18
N GLY B 101 -38.08 -20.88 37.91
CA GLY B 101 -37.07 -21.61 37.17
C GLY B 101 -37.36 -21.65 35.69
N TRP B 102 -36.43 -22.27 34.96
CA TRP B 102 -36.50 -22.42 33.51
C TRP B 102 -35.80 -23.72 33.12
N ILE B 103 -36.20 -24.25 31.96
CA ILE B 103 -35.60 -25.45 31.39
C ILE B 103 -35.35 -25.20 29.90
N PHE B 104 -34.09 -25.31 29.49
CA PHE B 104 -33.71 -25.17 28.09
C PHE B 104 -33.23 -26.52 27.56
N GLY B 105 -33.48 -26.77 26.29
CA GLY B 105 -33.03 -28.02 25.71
C GLY B 105 -33.50 -28.16 24.27
N THR B 106 -33.03 -29.24 23.65
CA THR B 106 -33.36 -29.56 22.27
C THR B 106 -34.44 -30.64 22.16
N THR B 107 -34.27 -31.73 22.90
CA THR B 107 -35.21 -32.85 22.88
C THR B 107 -36.00 -33.01 24.16
N LEU B 108 -35.37 -32.76 25.31
CA LEU B 108 -36.03 -32.84 26.62
C LEU B 108 -36.61 -34.24 26.86
N ASP B 109 -35.87 -35.26 26.42
CA ASP B 109 -36.26 -36.65 26.63
C ASP B 109 -35.06 -37.51 27.02
N SER B 110 -34.10 -36.93 27.73
CA SER B 110 -32.92 -37.63 28.24
C SER B 110 -32.06 -38.21 27.12
N LYS B 111 -32.16 -37.64 25.92
CA LYS B 111 -31.31 -38.04 24.81
C LYS B 111 -30.36 -36.94 24.35
N THR B 112 -30.52 -35.72 24.85
CA THR B 112 -29.63 -34.62 24.54
C THR B 112 -29.42 -33.79 25.79
N GLN B 113 -28.31 -33.07 25.84
CA GLN B 113 -28.00 -32.23 26.98
C GLN B 113 -29.05 -31.14 27.15
N SER B 114 -29.35 -30.81 28.40
CA SER B 114 -30.39 -29.84 28.71
C SER B 114 -29.99 -29.06 29.96
N LEU B 115 -30.31 -27.76 29.95
CA LEU B 115 -30.01 -26.86 31.03
C LEU B 115 -31.22 -26.68 31.93
N LEU B 116 -30.99 -26.69 33.23
CA LEU B 116 -32.04 -26.52 34.23
C LEU B 116 -31.61 -25.44 35.21
N ILE B 117 -32.47 -24.44 35.41
CA ILE B 117 -32.22 -23.35 36.35
C ILE B 117 -33.37 -23.36 37.34
N VAL B 118 -33.08 -23.55 38.61
CA VAL B 118 -34.08 -23.56 39.67
C VAL B 118 -33.70 -22.52 40.71
N ASN B 119 -34.72 -21.95 41.36
CA ASN B 119 -34.52 -21.02 42.48
C ASN B 119 -35.65 -21.23 43.46
N ASN B 120 -35.34 -22.02 44.49
CA ASN B 120 -36.30 -22.48 45.45
C ASN B 120 -36.67 -21.38 46.40
N ALA B 121 -35.80 -21.17 47.35
CA ALA B 121 -36.01 -20.16 48.39
C ALA B 121 -34.78 -19.30 48.66
N THR B 122 -33.58 -19.83 48.41
CA THR B 122 -32.35 -19.16 48.86
C THR B 122 -31.24 -19.11 47.83
N ASN B 123 -31.22 -19.99 46.84
CA ASN B 123 -30.09 -20.03 45.91
C ASN B 123 -30.59 -20.43 44.53
N VAL B 124 -29.71 -20.27 43.55
CA VAL B 124 -30.00 -20.62 42.16
C VAL B 124 -29.13 -21.82 41.78
N VAL B 125 -29.77 -22.92 41.43
CA VAL B 125 -29.09 -24.13 40.97
C VAL B 125 -29.19 -24.14 39.45
N ILE B 126 -28.05 -23.98 38.80
CA ILE B 126 -27.97 -23.94 37.34
C ILE B 126 -27.08 -25.10 36.92
N LYS B 127 -27.64 -26.06 36.18
CA LYS B 127 -26.89 -27.26 35.82
C LYS B 127 -27.29 -27.75 34.44
N VAL B 128 -26.31 -28.12 33.64
CA VAL B 128 -26.53 -28.75 32.34
C VAL B 128 -26.30 -30.25 32.54
N CYS B 129 -27.34 -31.05 32.32
CA CYS B 129 -27.24 -32.49 32.52
C CYS B 129 -28.18 -33.18 31.53
N GLU B 130 -28.46 -34.46 31.79
CA GLU B 130 -29.24 -35.28 30.88
C GLU B 130 -30.52 -35.77 31.55
N PHE B 131 -31.25 -34.85 32.19
CA PHE B 131 -32.45 -35.22 32.92
C PHE B 131 -33.53 -35.73 31.97
N GLN B 132 -34.47 -36.49 32.55
CA GLN B 132 -35.65 -36.98 31.83
C GLN B 132 -36.84 -36.17 32.32
N PHE B 133 -37.34 -35.29 31.45
CA PHE B 133 -38.45 -34.42 31.81
C PHE B 133 -39.78 -35.07 31.43
N CYS B 134 -40.78 -34.90 32.30
CA CYS B 134 -42.10 -35.45 32.05
C CYS B 134 -42.86 -34.57 31.06
N ASN B 135 -44.15 -34.89 30.88
CA ASN B 135 -44.97 -34.13 29.95
C ASN B 135 -45.26 -32.72 30.45
N ASP B 136 -45.44 -32.53 31.75
CA ASP B 136 -45.71 -31.21 32.34
C ASP B 136 -44.80 -31.02 33.54
N PRO B 137 -43.56 -30.60 33.31
CA PRO B 137 -42.64 -30.37 34.44
C PRO B 137 -43.05 -29.14 35.23
N PHE B 138 -43.20 -29.30 36.54
CA PHE B 138 -43.56 -28.22 37.43
C PHE B 138 -42.92 -28.44 38.79
N LEU B 139 -42.94 -27.40 39.62
CA LEU B 139 -42.37 -27.48 40.95
C LEU B 139 -43.47 -27.50 42.01
N GLU B 151 -39.21 -31.41 46.44
CA GLU B 151 -40.26 -31.66 45.48
C GLU B 151 -39.76 -31.48 44.05
N PHE B 152 -38.62 -32.10 43.74
CA PHE B 152 -38.02 -32.01 42.42
C PHE B 152 -38.79 -32.93 41.46
N ARG B 153 -39.97 -32.47 41.06
CA ARG B 153 -40.83 -33.21 40.14
C ARG B 153 -40.48 -32.97 38.68
N VAL B 154 -39.69 -31.94 38.38
CA VAL B 154 -39.36 -31.63 36.99
C VAL B 154 -38.52 -32.73 36.35
N TYR B 155 -37.87 -33.58 37.14
CA TYR B 155 -37.11 -34.69 36.60
C TYR B 155 -37.25 -35.89 37.54
N SER B 156 -36.91 -37.06 37.01
CA SER B 156 -37.00 -38.30 37.78
C SER B 156 -35.65 -39.01 37.80
N SER B 157 -34.85 -38.79 36.77
CA SER B 157 -33.52 -39.39 36.67
C SER B 157 -32.49 -38.28 36.53
N ALA B 158 -31.25 -38.61 36.89
CA ALA B 158 -30.14 -37.67 36.82
C ALA B 158 -28.90 -38.43 36.35
N ASN B 159 -28.49 -38.16 35.12
CA ASN B 159 -27.29 -38.78 34.55
C ASN B 159 -26.06 -37.98 34.97
N ASN B 160 -24.93 -38.25 34.34
CA ASN B 160 -23.71 -37.52 34.66
C ASN B 160 -23.76 -36.11 34.09
N CYS B 161 -23.21 -35.16 34.83
CA CYS B 161 -23.15 -33.78 34.39
C CYS B 161 -21.71 -33.30 34.46
N THR B 162 -21.42 -32.22 33.73
CA THR B 162 -20.08 -31.65 33.67
C THR B 162 -20.05 -30.19 34.13
N PHE B 163 -21.15 -29.68 34.68
CA PHE B 163 -21.19 -28.30 35.12
C PHE B 163 -22.31 -28.14 36.14
N GLU B 164 -22.06 -27.30 37.15
CA GLU B 164 -23.03 -27.06 38.21
C GLU B 164 -22.65 -25.78 38.93
N TYR B 165 -23.61 -24.86 39.05
CA TYR B 165 -23.38 -23.58 39.70
C TYR B 165 -24.42 -23.36 40.80
N VAL B 166 -23.93 -22.99 41.98
CA VAL B 166 -24.79 -22.67 43.12
C VAL B 166 -24.52 -21.23 43.53
N SER B 167 -24.32 -20.37 42.53
CA SER B 167 -24.11 -18.95 42.81
C SER B 167 -25.16 -18.45 43.77
N GLN B 168 -24.86 -18.46 45.06
CA GLN B 168 -25.86 -18.11 46.08
C GLN B 168 -26.90 -17.04 45.72
N PRO B 169 -26.46 -15.81 45.37
CA PRO B 169 -27.45 -14.77 45.12
C PRO B 169 -28.73 -15.24 44.47
N PHE B 170 -29.81 -15.33 45.24
CA PHE B 170 -31.09 -15.68 44.64
C PHE B 170 -31.43 -14.44 43.82
N LEU B 171 -31.87 -14.64 42.58
CA LEU B 171 -32.16 -13.51 41.70
C LEU B 171 -33.50 -12.91 42.05
N MET B 172 -33.74 -12.62 43.34
CA MET B 172 -35.08 -12.17 43.72
C MET B 172 -35.00 -10.91 44.58
N GLY B 179 -45.44 -5.44 50.17
CA GLY B 179 -46.19 -5.74 48.96
C GLY B 179 -47.02 -4.58 48.46
N ASN B 180 -46.41 -3.39 48.45
CA ASN B 180 -47.11 -2.20 47.99
C ASN B 180 -47.23 -2.18 46.47
N PHE B 181 -46.12 -2.41 45.77
CA PHE B 181 -46.08 -2.39 44.32
C PHE B 181 -45.86 -3.81 43.79
N LYS B 182 -46.16 -3.97 42.51
CA LYS B 182 -45.95 -5.24 41.82
C LYS B 182 -44.49 -5.35 41.38
N ASN B 183 -44.03 -6.58 41.20
CA ASN B 183 -42.66 -6.86 40.80
C ASN B 183 -42.61 -7.17 39.30
N LEU B 184 -41.58 -6.65 38.63
CA LEU B 184 -41.32 -6.94 37.22
C LEU B 184 -39.90 -7.47 37.12
N ARG B 185 -39.77 -8.73 36.72
CA ARG B 185 -38.47 -9.41 36.66
C ARG B 185 -38.18 -9.74 35.19
N GLU B 186 -37.49 -8.84 34.52
CA GLU B 186 -37.13 -9.04 33.12
C GLU B 186 -35.83 -9.83 33.03
N PHE B 187 -35.81 -10.83 32.14
CA PHE B 187 -34.64 -11.67 31.94
C PHE B 187 -34.41 -11.84 30.44
N VAL B 188 -33.22 -11.52 29.98
CA VAL B 188 -32.81 -11.71 28.59
C VAL B 188 -31.85 -12.89 28.56
N PHE B 189 -32.27 -13.97 27.92
CA PHE B 189 -31.45 -15.17 27.75
C PHE B 189 -30.94 -15.22 26.32
N LYS B 190 -29.63 -15.33 26.16
CA LYS B 190 -28.99 -15.41 24.85
C LYS B 190 -27.96 -16.53 24.85
N ASN B 191 -27.73 -17.09 23.66
CA ASN B 191 -26.73 -18.15 23.48
C ASN B 191 -25.90 -17.77 22.26
N ILE B 192 -24.85 -16.99 22.49
CA ILE B 192 -23.96 -16.51 21.43
C ILE B 192 -22.53 -16.90 21.79
N ASP B 193 -21.82 -17.49 20.83
CA ASP B 193 -20.45 -17.94 21.03
C ASP B 193 -20.36 -18.95 22.18
N GLY B 194 -21.43 -19.73 22.35
CA GLY B 194 -21.45 -20.74 23.38
C GLY B 194 -21.91 -20.23 24.74
N TYR B 195 -21.18 -19.26 25.29
CA TYR B 195 -21.44 -18.77 26.64
C TYR B 195 -22.88 -18.29 26.77
N PHE B 196 -23.63 -18.89 27.69
CA PHE B 196 -25.03 -18.57 27.89
C PHE B 196 -25.13 -17.28 28.69
N LYS B 197 -25.56 -16.21 28.04
CA LYS B 197 -25.64 -14.92 28.70
C LYS B 197 -27.04 -14.68 29.25
N ILE B 198 -27.09 -14.23 30.50
CA ILE B 198 -28.34 -13.93 31.18
C ILE B 198 -28.27 -12.51 31.72
N TYR B 199 -29.22 -11.67 31.31
CA TYR B 199 -29.35 -10.31 31.81
C TYR B 199 -30.61 -10.21 32.65
N SER B 200 -30.50 -9.56 33.81
CA SER B 200 -31.61 -9.50 34.74
C SER B 200 -31.92 -8.05 35.09
N LYS B 201 -33.19 -7.78 35.36
CA LYS B 201 -33.61 -6.44 35.77
C LYS B 201 -34.86 -6.55 36.63
N HIS B 202 -34.81 -5.96 37.82
CA HIS B 202 -35.94 -5.94 38.74
C HIS B 202 -36.52 -4.52 38.77
N THR B 203 -37.85 -4.42 38.77
CA THR B 203 -38.50 -3.12 38.70
C THR B 203 -39.79 -3.11 39.51
N PRO B 204 -40.02 -2.07 40.33
CA PRO B 204 -41.32 -1.94 41.00
C PRO B 204 -42.31 -1.21 40.08
N ILE B 205 -43.38 -1.92 39.72
CA ILE B 205 -44.38 -1.42 38.79
C ILE B 205 -45.69 -1.22 39.54
N ILE B 206 -46.31 -0.06 39.35
CA ILE B 206 -47.61 0.25 39.92
C ILE B 206 -48.69 -0.27 38.97
N VAL B 207 -49.40 -1.30 39.39
CA VAL B 207 -50.39 -1.92 38.52
C VAL B 207 -51.46 -0.94 38.06
N ARG B 208 -51.65 -0.84 36.74
CA ARG B 208 -52.64 0.07 36.21
C ARG B 208 -53.99 -0.61 36.09
N GLU B 209 -54.85 -0.09 35.23
CA GLU B 209 -56.16 -0.70 35.03
C GLU B 209 -56.06 -2.17 34.60
N PRO B 210 -55.31 -2.45 33.51
CA PRO B 210 -55.21 -3.88 33.19
C PRO B 210 -53.83 -4.41 33.53
N GLU B 211 -53.40 -5.45 32.83
CA GLU B 211 -52.07 -5.99 33.04
C GLU B 211 -51.28 -5.73 31.78
N ASP B 212 -50.87 -4.49 31.55
CA ASP B 212 -50.16 -4.16 30.33
C ASP B 212 -48.73 -3.77 30.64
N LEU B 213 -47.78 -4.24 29.84
CA LEU B 213 -46.39 -3.88 30.03
C LEU B 213 -46.17 -2.33 30.14
N PRO B 214 -45.45 -1.85 31.20
CA PRO B 214 -45.25 -0.39 31.34
C PRO B 214 -44.56 0.21 30.13
N GLN B 215 -44.77 1.51 29.95
CA GLN B 215 -44.15 2.26 28.86
C GLN B 215 -42.97 3.04 29.44
N GLY B 216 -41.81 2.40 29.46
CA GLY B 216 -40.62 3.03 30.00
C GLY B 216 -39.38 2.25 29.61
N PHE B 217 -38.24 2.88 29.83
CA PHE B 217 -36.95 2.28 29.50
C PHE B 217 -36.35 1.63 30.75
N SER B 218 -35.80 0.42 30.58
CA SER B 218 -35.20 -0.33 31.68
C SER B 218 -34.01 -1.11 31.12
N ALA B 219 -32.80 -0.67 31.46
CA ALA B 219 -31.59 -1.34 31.00
C ALA B 219 -31.32 -2.55 31.89
N LEU B 220 -31.20 -3.72 31.26
CA LEU B 220 -30.95 -4.95 31.99
C LEU B 220 -29.46 -5.12 32.23
N GLU B 221 -29.10 -5.53 33.45
CA GLU B 221 -27.72 -5.70 33.87
C GLU B 221 -27.25 -7.13 33.63
N PRO B 222 -26.03 -7.31 33.12
CA PRO B 222 -25.51 -8.67 32.96
C PRO B 222 -25.37 -9.39 34.29
N LEU B 223 -25.69 -10.68 34.30
CA LEU B 223 -25.69 -11.48 35.52
C LEU B 223 -24.61 -12.56 35.50
N VAL B 224 -24.61 -13.44 34.50
CA VAL B 224 -23.69 -14.57 34.48
C VAL B 224 -23.08 -14.71 33.09
N ASP B 225 -22.03 -15.54 33.03
CA ASP B 225 -21.30 -15.82 31.80
C ASP B 225 -21.10 -17.33 31.67
N LEU B 226 -22.18 -18.08 31.83
CA LEU B 226 -22.11 -19.52 31.99
C LEU B 226 -21.39 -20.19 30.82
N PRO B 227 -20.41 -21.07 31.10
CA PRO B 227 -19.72 -21.78 30.01
C PRO B 227 -20.55 -22.91 29.42
N ILE B 228 -21.42 -22.57 28.48
CA ILE B 228 -22.37 -23.50 27.87
C ILE B 228 -22.15 -23.44 26.36
N GLY B 229 -23.06 -24.04 25.60
CA GLY B 229 -22.88 -24.15 24.16
C GLY B 229 -23.49 -25.40 23.59
N ILE B 230 -24.11 -26.21 24.46
CA ILE B 230 -24.91 -27.33 23.97
C ILE B 230 -26.04 -26.80 23.09
N ASN B 231 -26.49 -27.55 22.13
CA ASN B 231 -27.50 -27.02 21.25
C ASN B 231 -28.72 -26.89 22.10
N ILE B 232 -29.36 -25.77 21.92
CA ILE B 232 -30.60 -25.36 22.58
C ILE B 232 -31.53 -24.75 21.54
N THR B 233 -32.74 -25.30 21.42
CA THR B 233 -33.73 -24.78 20.48
C THR B 233 -35.11 -24.59 21.08
N ARG B 234 -35.40 -25.13 22.25
CA ARG B 234 -36.68 -24.96 22.90
C ARG B 234 -36.47 -24.76 24.39
N PHE B 235 -37.51 -24.23 25.06
CA PHE B 235 -37.43 -23.97 26.49
C PHE B 235 -38.83 -23.95 27.07
N GLN B 236 -38.89 -23.99 28.40
CA GLN B 236 -40.14 -24.02 29.14
C GLN B 236 -39.91 -23.36 30.49
N THR B 237 -40.99 -22.86 31.09
CA THR B 237 -40.92 -22.19 32.39
C THR B 237 -41.37 -23.16 33.47
N LEU B 238 -40.95 -22.89 34.70
CA LEU B 238 -41.27 -23.71 35.86
C LEU B 238 -42.01 -22.84 36.88
N LEU B 239 -43.24 -23.22 37.17
CA LEU B 239 -44.05 -22.50 38.14
C LEU B 239 -44.13 -23.27 39.45
N ALA B 240 -44.70 -22.63 40.47
CA ALA B 240 -44.85 -23.23 41.79
C ALA B 240 -46.30 -23.08 42.23
N LEU B 241 -46.92 -24.21 42.57
CA LEU B 241 -48.31 -24.20 43.02
C LEU B 241 -48.42 -24.56 44.49
N ALA B 259 -51.72 -16.18 40.52
CA ALA B 259 -52.05 -15.01 39.71
C ALA B 259 -50.79 -14.33 39.19
N ALA B 260 -50.35 -14.72 38.00
CA ALA B 260 -49.15 -14.15 37.39
C ALA B 260 -49.27 -14.27 35.88
N ALA B 261 -48.29 -13.70 35.18
CA ALA B 261 -48.25 -13.73 33.73
C ALA B 261 -46.86 -13.33 33.27
N TYR B 262 -46.43 -13.91 32.15
CA TYR B 262 -45.14 -13.58 31.55
C TYR B 262 -45.32 -13.14 30.12
N TYR B 263 -44.32 -12.43 29.61
CA TYR B 263 -44.35 -11.77 28.30
C TYR B 263 -43.16 -12.21 27.46
N VAL B 264 -42.96 -13.53 27.36
CA VAL B 264 -41.84 -14.08 26.62
C VAL B 264 -41.86 -13.59 25.18
N GLY B 265 -40.72 -13.06 24.72
CA GLY B 265 -40.58 -12.59 23.37
C GLY B 265 -39.38 -13.23 22.69
N TYR B 266 -39.18 -12.87 21.43
CA TYR B 266 -38.12 -13.41 20.60
C TYR B 266 -37.23 -12.28 20.10
N LEU B 267 -35.92 -12.52 20.13
CA LEU B 267 -34.94 -11.54 19.67
C LEU B 267 -34.55 -11.79 18.22
N GLN B 268 -33.96 -10.77 17.60
CA GLN B 268 -33.52 -10.86 16.21
C GLN B 268 -32.47 -9.78 15.98
N PRO B 269 -31.58 -9.97 15.00
CA PRO B 269 -30.53 -8.97 14.77
C PRO B 269 -31.10 -7.61 14.40
N ARG B 270 -30.49 -6.56 14.95
CA ARG B 270 -30.94 -5.20 14.71
C ARG B 270 -29.82 -4.24 15.13
N THR B 271 -29.97 -2.99 14.73
CA THR B 271 -29.00 -1.94 15.06
C THR B 271 -29.69 -0.93 15.98
N PHE B 272 -29.09 -0.66 17.12
CA PHE B 272 -29.65 0.23 18.12
C PHE B 272 -28.68 1.36 18.47
N LEU B 273 -29.22 2.57 18.52
CA LEU B 273 -28.47 3.75 18.96
C LEU B 273 -28.81 3.99 20.42
N LEU B 274 -27.81 3.86 21.29
CA LEU B 274 -27.96 4.02 22.72
C LEU B 274 -27.29 5.30 23.20
N LYS B 275 -27.96 5.98 24.14
CA LYS B 275 -27.47 7.22 24.73
C LYS B 275 -27.10 6.96 26.18
N TYR B 276 -25.87 7.30 26.54
CA TYR B 276 -25.39 7.17 27.91
C TYR B 276 -25.38 8.54 28.58
N ASN B 277 -25.76 8.58 29.85
CA ASN B 277 -25.76 9.80 30.62
C ASN B 277 -24.40 9.97 31.32
N GLU B 278 -24.31 10.95 32.22
CA GLU B 278 -23.06 11.17 32.94
C GLU B 278 -22.79 10.07 33.96
N ASN B 279 -23.74 9.24 34.31
CA ASN B 279 -23.46 8.20 35.27
C ASN B 279 -23.10 6.93 34.56
N GLY B 280 -23.39 6.84 33.27
CA GLY B 280 -23.11 5.63 32.53
C GLY B 280 -24.29 4.72 32.33
N THR B 281 -25.49 5.12 32.72
CA THR B 281 -26.69 4.32 32.56
C THR B 281 -27.43 4.76 31.30
N ILE B 282 -27.88 3.78 30.50
CA ILE B 282 -28.60 4.09 29.27
C ILE B 282 -29.96 4.66 29.62
N THR B 283 -30.26 5.83 29.07
CA THR B 283 -31.52 6.52 29.33
C THR B 283 -32.60 6.19 28.31
N ASP B 284 -32.26 6.16 27.02
CA ASP B 284 -33.21 5.83 25.96
C ASP B 284 -32.48 5.09 24.87
N ALA B 285 -33.24 4.70 23.83
CA ALA B 285 -32.67 3.94 22.73
C ALA B 285 -33.48 4.21 21.47
N VAL B 286 -32.82 4.03 20.33
CA VAL B 286 -33.44 4.21 19.02
C VAL B 286 -33.19 2.95 18.20
N ASP B 287 -34.28 2.40 17.64
CA ASP B 287 -34.24 1.16 16.86
C ASP B 287 -33.73 1.15 15.45
N CYS B 288 -33.50 2.31 14.88
CA CYS B 288 -32.96 2.42 13.54
C CYS B 288 -33.51 1.49 12.50
N ALA B 289 -34.79 1.18 12.57
CA ALA B 289 -35.42 0.29 11.61
C ALA B 289 -36.88 0.16 11.87
N LEU B 290 -37.41 0.97 12.76
CA LEU B 290 -38.80 0.86 13.11
C LEU B 290 -39.58 1.78 12.21
N ASP B 291 -39.05 2.97 11.98
CA ASP B 291 -39.79 3.93 11.21
C ASP B 291 -38.88 4.88 10.50
N PRO B 292 -39.39 5.62 9.54
CA PRO B 292 -38.60 6.62 8.85
C PRO B 292 -37.81 7.53 9.76
N LEU B 293 -38.41 8.15 10.77
CA LEU B 293 -37.70 9.11 11.62
C LEU B 293 -36.57 8.46 12.36
N SER B 294 -36.74 7.21 12.75
CA SER B 294 -35.74 6.54 13.52
C SER B 294 -34.50 6.32 12.72
N GLU B 295 -34.65 6.08 11.44
CA GLU B 295 -33.49 5.94 10.60
C GLU B 295 -32.81 7.26 10.42
N THR B 296 -33.57 8.34 10.35
CA THR B 296 -32.95 9.66 10.27
C THR B 296 -32.16 10.00 11.50
N LYS B 297 -32.55 9.48 12.65
CA LYS B 297 -31.87 9.83 13.87
C LYS B 297 -30.62 9.05 13.97
N CYS B 298 -30.66 7.82 13.51
CA CYS B 298 -29.51 6.97 13.55
C CYS B 298 -28.52 7.42 12.53
N THR B 299 -29.00 7.77 11.35
CA THR B 299 -28.12 8.14 10.27
C THR B 299 -27.59 9.51 10.49
N LEU B 300 -28.08 10.15 11.52
CA LEU B 300 -27.46 11.44 11.80
C LEU B 300 -26.73 11.48 13.13
N LYS B 301 -26.80 10.40 13.91
CA LYS B 301 -26.12 10.31 15.22
C LYS B 301 -26.59 11.42 16.15
N SER B 302 -27.90 11.56 16.27
CA SER B 302 -28.49 12.58 17.13
C SER B 302 -29.94 12.21 17.42
N PHE B 303 -30.34 12.34 18.68
CA PHE B 303 -31.72 12.07 19.09
C PHE B 303 -32.68 13.20 18.75
N THR B 304 -32.19 14.29 18.17
CA THR B 304 -33.03 15.43 17.81
C THR B 304 -32.59 15.93 16.44
N VAL B 305 -33.42 15.69 15.43
CA VAL B 305 -33.13 16.12 14.07
C VAL B 305 -33.85 17.44 13.80
N GLU B 306 -33.22 18.32 13.03
CA GLU B 306 -33.79 19.61 12.72
C GLU B 306 -34.71 19.50 11.52
N LYS B 307 -35.26 20.65 11.10
CA LYS B 307 -36.16 20.69 9.95
C LYS B 307 -35.35 20.63 8.66
N GLY B 308 -35.76 19.74 7.76
CA GLY B 308 -35.08 19.60 6.50
C GLY B 308 -35.33 18.24 5.90
N ILE B 309 -34.58 17.94 4.84
CA ILE B 309 -34.67 16.69 4.11
C ILE B 309 -33.33 15.97 4.24
N TYR B 310 -33.37 14.69 4.60
CA TYR B 310 -32.17 13.90 4.82
C TYR B 310 -32.29 12.57 4.09
N GLN B 311 -31.19 12.15 3.46
CA GLN B 311 -31.12 10.85 2.81
C GLN B 311 -30.64 9.82 3.82
N THR B 312 -31.41 8.74 3.98
CA THR B 312 -31.12 7.74 4.99
C THR B 312 -30.70 6.40 4.40
N SER B 313 -31.49 5.83 3.50
CA SER B 313 -31.17 4.52 2.94
C SER B 313 -31.58 4.41 1.49
N ASN B 314 -31.55 3.18 0.95
CA ASN B 314 -31.89 2.91 -0.44
C ASN B 314 -32.97 1.85 -0.48
N PHE B 315 -34.06 2.13 -1.19
CA PHE B 315 -35.17 1.19 -1.33
C PHE B 315 -34.85 0.22 -2.47
N ARG B 316 -34.39 -0.97 -2.10
CA ARG B 316 -34.03 -2.01 -3.05
C ARG B 316 -35.06 -3.14 -2.96
N VAL B 317 -35.68 -3.46 -4.10
CA VAL B 317 -36.68 -4.51 -4.14
C VAL B 317 -35.99 -5.87 -3.98
N GLN B 318 -36.48 -6.67 -3.04
CA GLN B 318 -35.90 -7.97 -2.79
C GLN B 318 -36.39 -9.00 -3.81
N PRO B 319 -35.57 -9.98 -4.16
CA PRO B 319 -35.98 -10.98 -5.13
C PRO B 319 -37.08 -11.87 -4.58
N THR B 320 -37.81 -12.52 -5.51
CA THR B 320 -38.92 -13.38 -5.17
C THR B 320 -38.51 -14.85 -5.09
N GLU B 321 -37.97 -15.40 -6.17
CA GLU B 321 -37.63 -16.81 -6.25
C GLU B 321 -36.21 -16.99 -6.77
N SER B 322 -35.84 -18.23 -7.05
CA SER B 322 -34.48 -18.64 -7.37
C SER B 322 -34.44 -19.46 -8.66
N ILE B 323 -35.08 -18.92 -9.71
CA ILE B 323 -35.14 -19.60 -11.00
C ILE B 323 -33.75 -20.01 -11.45
N VAL B 324 -33.61 -21.27 -11.86
CA VAL B 324 -32.31 -21.85 -12.17
C VAL B 324 -32.09 -21.86 -13.68
N ARG B 325 -32.97 -22.53 -14.42
CA ARG B 325 -32.93 -22.59 -15.88
C ARG B 325 -31.61 -23.17 -16.39
N PHE B 326 -31.39 -24.45 -16.07
CA PHE B 326 -30.27 -25.23 -16.57
C PHE B 326 -30.68 -26.01 -17.83
N PRO B 327 -29.73 -26.42 -18.65
CA PRO B 327 -30.08 -27.16 -19.87
C PRO B 327 -30.77 -28.47 -19.56
N ASN B 328 -31.18 -29.08 -20.67
CA ASN B 328 -32.06 -30.22 -20.77
C ASN B 328 -31.33 -31.53 -20.78
N ILE B 329 -30.65 -31.87 -19.69
CA ILE B 329 -29.76 -33.03 -19.76
C ILE B 329 -30.20 -34.02 -18.69
N THR B 330 -30.46 -35.25 -19.10
CA THR B 330 -31.02 -36.26 -18.20
C THR B 330 -30.11 -37.45 -17.97
N ASN B 331 -29.25 -37.80 -18.94
CA ASN B 331 -28.41 -38.98 -18.79
C ASN B 331 -27.39 -38.78 -17.68
N LEU B 332 -27.20 -39.81 -16.87
CA LEU B 332 -26.25 -39.74 -15.77
C LEU B 332 -24.82 -39.69 -16.31
N CYS B 333 -23.91 -39.18 -15.48
CA CYS B 333 -22.55 -39.03 -15.97
C CYS B 333 -21.79 -40.34 -15.87
N PRO B 334 -20.99 -40.68 -16.89
CA PRO B 334 -20.23 -41.93 -16.85
C PRO B 334 -19.06 -41.90 -15.88
N PHE B 335 -19.32 -41.57 -14.62
CA PHE B 335 -18.28 -41.58 -13.60
C PHE B 335 -18.11 -42.94 -12.93
N ASP B 336 -18.76 -43.99 -13.44
CA ASP B 336 -18.64 -45.33 -12.89
C ASP B 336 -17.63 -46.18 -13.64
N GLU B 337 -17.44 -45.91 -14.93
CA GLU B 337 -16.50 -46.68 -15.74
C GLU B 337 -15.11 -46.06 -15.71
N VAL B 338 -14.91 -45.04 -14.88
CA VAL B 338 -13.62 -44.39 -14.75
C VAL B 338 -13.21 -44.40 -13.28
N PHE B 339 -14.06 -44.95 -12.42
CA PHE B 339 -13.76 -45.06 -10.99
C PHE B 339 -13.93 -46.49 -10.51
N ASN B 340 -14.71 -47.29 -11.18
CA ASN B 340 -14.92 -48.62 -10.72
C ASN B 340 -14.72 -49.57 -11.90
N ALA B 341 -13.75 -49.26 -12.77
CA ALA B 341 -13.34 -50.06 -13.91
C ALA B 341 -12.42 -51.19 -13.46
N THR B 342 -11.65 -51.74 -14.39
CA THR B 342 -10.68 -52.77 -14.08
C THR B 342 -9.53 -52.18 -13.28
N ARG B 343 -8.46 -52.95 -13.06
CA ARG B 343 -7.40 -52.59 -12.12
C ARG B 343 -6.97 -51.14 -12.27
N PHE B 344 -6.30 -50.79 -13.37
CA PHE B 344 -6.12 -49.42 -13.84
C PHE B 344 -5.29 -49.38 -15.11
N ALA B 345 -5.07 -48.17 -15.64
CA ALA B 345 -4.13 -47.94 -16.72
C ALA B 345 -2.76 -47.59 -16.16
N SER B 346 -1.77 -47.51 -17.04
CA SER B 346 -0.40 -47.22 -16.63
C SER B 346 -0.19 -45.72 -16.49
N VAL B 347 1.06 -45.34 -16.19
CA VAL B 347 1.41 -43.93 -15.99
C VAL B 347 1.73 -43.22 -17.29
N TYR B 348 2.56 -43.82 -18.15
CA TYR B 348 2.90 -43.23 -19.43
C TYR B 348 1.79 -43.34 -20.45
N ALA B 349 0.73 -44.10 -20.15
CA ALA B 349 -0.41 -44.26 -21.05
C ALA B 349 -1.69 -44.01 -20.26
N TRP B 350 -1.70 -42.89 -19.54
CA TRP B 350 -2.88 -42.50 -18.77
C TRP B 350 -4.10 -42.41 -19.66
N ASN B 351 -5.21 -42.99 -19.20
CA ASN B 351 -6.41 -43.08 -20.03
C ASN B 351 -7.17 -41.76 -19.99
N ARG B 352 -7.32 -41.11 -21.14
CA ARG B 352 -8.03 -39.84 -21.25
C ARG B 352 -9.37 -40.09 -21.94
N LYS B 353 -10.44 -39.64 -21.30
CA LYS B 353 -11.79 -39.79 -21.82
C LYS B 353 -12.53 -38.45 -21.76
N ARG B 354 -13.19 -38.11 -22.86
CA ARG B 354 -14.00 -36.90 -22.96
C ARG B 354 -15.38 -37.20 -22.40
N ILE B 355 -15.80 -36.45 -21.39
CA ILE B 355 -17.11 -36.68 -20.76
C ILE B 355 -17.97 -35.48 -21.14
N SER B 356 -18.79 -35.67 -22.17
CA SER B 356 -19.68 -34.64 -22.68
C SER B 356 -21.13 -35.13 -22.63
N ASN B 357 -22.05 -34.17 -22.54
CA ASN B 357 -23.49 -34.44 -22.49
C ASN B 357 -23.83 -35.37 -21.32
N CYS B 358 -23.53 -34.88 -20.12
CA CYS B 358 -23.76 -35.66 -18.91
C CYS B 358 -24.26 -34.74 -17.80
N VAL B 359 -24.59 -35.35 -16.67
CA VAL B 359 -24.92 -34.64 -15.44
C VAL B 359 -23.92 -35.07 -14.39
N ALA B 360 -22.88 -34.26 -14.21
CA ALA B 360 -21.75 -34.61 -13.34
C ALA B 360 -22.17 -34.47 -11.89
N ASP B 361 -22.44 -35.60 -11.24
CA ASP B 361 -22.78 -35.63 -9.82
C ASP B 361 -21.54 -36.13 -9.07
N TYR B 362 -20.76 -35.19 -8.56
CA TYR B 362 -19.49 -35.52 -7.91
C TYR B 362 -19.74 -36.13 -6.53
N SER B 363 -20.94 -35.95 -5.99
CA SER B 363 -21.24 -36.48 -4.67
C SER B 363 -21.15 -38.00 -4.65
N VAL B 364 -21.60 -38.66 -5.72
CA VAL B 364 -21.56 -40.11 -5.81
C VAL B 364 -20.11 -40.58 -5.87
N LEU B 365 -19.19 -39.65 -6.13
CA LEU B 365 -17.78 -39.98 -6.14
C LEU B 365 -17.21 -40.14 -4.74
N TYR B 366 -17.99 -39.80 -3.71
CA TYR B 366 -17.54 -39.90 -2.33
C TYR B 366 -17.97 -41.19 -1.64
N ASN B 367 -18.79 -42.01 -2.29
CA ASN B 367 -19.24 -43.25 -1.66
C ASN B 367 -18.76 -44.47 -2.45
N LEU B 368 -18.70 -44.35 -3.77
CA LEU B 368 -18.22 -45.45 -4.60
C LEU B 368 -16.71 -45.61 -4.48
N ALA B 369 -16.04 -44.56 -4.00
CA ALA B 369 -14.59 -44.57 -3.82
C ALA B 369 -14.21 -43.58 -2.72
N PRO B 370 -13.63 -44.04 -1.61
CA PRO B 370 -13.25 -43.11 -0.53
C PRO B 370 -12.19 -42.12 -0.96
N PHE B 371 -12.53 -40.84 -0.98
CA PHE B 371 -11.61 -39.81 -1.45
C PHE B 371 -10.69 -39.30 -0.34
N PHE B 372 -9.41 -39.18 -0.64
CA PHE B 372 -8.42 -38.64 0.28
C PHE B 372 -8.32 -37.13 0.07
N THR B 373 -7.21 -36.47 0.37
CA THR B 373 -7.02 -35.05 0.10
C THR B 373 -7.48 -34.69 -1.31
N PHE B 374 -8.46 -33.80 -1.41
CA PHE B 374 -9.02 -33.36 -2.68
C PHE B 374 -8.67 -31.89 -2.87
N LYS B 375 -7.89 -31.59 -3.91
CA LYS B 375 -7.45 -30.23 -4.21
C LYS B 375 -7.91 -29.88 -5.62
N CYS B 376 -8.61 -28.75 -5.75
CA CYS B 376 -9.07 -28.24 -7.03
C CYS B 376 -8.39 -26.91 -7.29
N TYR B 377 -7.81 -26.77 -8.48
CA TYR B 377 -7.16 -25.52 -8.89
C TYR B 377 -8.09 -24.76 -9.82
N GLY B 378 -8.38 -23.51 -9.47
CA GLY B 378 -9.27 -22.66 -10.24
C GLY B 378 -10.69 -22.62 -9.70
N VAL B 379 -11.15 -23.73 -9.11
CA VAL B 379 -12.47 -23.81 -8.51
C VAL B 379 -12.33 -24.36 -7.10
N SER B 380 -13.39 -24.21 -6.32
CA SER B 380 -13.42 -24.71 -4.96
C SER B 380 -13.79 -26.19 -4.95
N PRO B 381 -13.37 -26.91 -3.90
CA PRO B 381 -13.77 -28.33 -3.81
C PRO B 381 -15.27 -28.53 -3.82
N THR B 382 -16.01 -27.70 -3.09
CA THR B 382 -17.46 -27.75 -3.11
C THR B 382 -17.98 -26.81 -4.21
N LYS B 383 -19.29 -26.61 -4.24
CA LYS B 383 -19.95 -25.74 -5.23
C LYS B 383 -19.62 -26.14 -6.66
N LEU B 384 -19.57 -27.44 -6.95
CA LEU B 384 -19.31 -27.93 -8.29
C LEU B 384 -20.57 -28.44 -8.98
N ASN B 385 -21.73 -28.39 -8.30
CA ASN B 385 -22.99 -28.85 -8.87
C ASN B 385 -23.81 -27.71 -9.45
N ASP B 386 -23.38 -26.46 -9.29
CA ASP B 386 -24.09 -25.31 -9.82
C ASP B 386 -23.39 -24.64 -10.99
N LEU B 387 -22.24 -25.14 -11.41
CA LEU B 387 -21.50 -24.61 -12.55
C LEU B 387 -21.51 -25.64 -13.67
N CYS B 388 -21.88 -25.20 -14.87
CA CYS B 388 -21.96 -26.08 -16.03
C CYS B 388 -20.78 -25.78 -16.95
N PHE B 389 -19.85 -26.74 -17.05
CA PHE B 389 -18.71 -26.62 -17.94
C PHE B 389 -19.11 -27.04 -19.36
N THR B 390 -18.22 -26.77 -20.31
CA THR B 390 -18.49 -27.10 -21.70
C THR B 390 -18.12 -28.55 -22.02
N ASN B 391 -16.86 -28.91 -21.83
CA ASN B 391 -16.37 -30.25 -22.10
C ASN B 391 -15.29 -30.58 -21.09
N VAL B 392 -15.48 -31.66 -20.33
CA VAL B 392 -14.52 -32.07 -19.31
C VAL B 392 -13.77 -33.30 -19.79
N TYR B 393 -12.55 -33.47 -19.29
CA TYR B 393 -11.69 -34.58 -19.66
C TYR B 393 -11.19 -35.28 -18.41
N ALA B 394 -11.38 -36.59 -18.35
CA ALA B 394 -10.90 -37.40 -17.23
C ALA B 394 -9.65 -38.16 -17.65
N ASP B 395 -8.55 -37.89 -16.96
CA ASP B 395 -7.27 -38.56 -17.18
C ASP B 395 -6.99 -39.43 -15.96
N SER B 396 -7.04 -40.75 -16.14
CA SER B 396 -6.89 -41.69 -15.05
C SER B 396 -5.56 -42.44 -15.17
N PHE B 397 -4.86 -42.57 -14.06
CA PHE B 397 -3.65 -43.38 -14.01
C PHE B 397 -3.37 -43.77 -12.56
N VAL B 398 -2.23 -44.39 -12.33
CA VAL B 398 -1.84 -44.89 -11.02
C VAL B 398 -0.39 -44.51 -10.75
N ILE B 399 -0.11 -44.06 -9.53
CA ILE B 399 1.23 -43.64 -9.15
C ILE B 399 1.59 -44.21 -7.78
N ARG B 400 2.75 -43.85 -7.27
CA ARG B 400 3.15 -44.25 -5.93
C ARG B 400 2.50 -43.34 -4.88
N GLY B 401 2.81 -43.61 -3.62
CA GLY B 401 2.24 -42.80 -2.54
C GLY B 401 2.90 -41.44 -2.44
N ASP B 402 4.23 -41.40 -2.46
CA ASP B 402 4.95 -40.15 -2.33
C ASP B 402 4.95 -39.35 -3.63
N GLU B 403 4.56 -39.97 -4.74
CA GLU B 403 4.54 -39.30 -6.04
C GLU B 403 3.23 -38.57 -6.32
N VAL B 404 2.34 -38.47 -5.32
CA VAL B 404 1.10 -37.74 -5.51
C VAL B 404 1.29 -36.24 -5.44
N ARG B 405 2.35 -35.77 -4.77
CA ARG B 405 2.62 -34.34 -4.70
C ARG B 405 3.03 -33.77 -6.06
N GLN B 406 3.69 -34.59 -6.89
CA GLN B 406 4.17 -34.11 -8.18
C GLN B 406 3.03 -33.87 -9.17
N ILE B 407 1.85 -34.41 -8.91
CA ILE B 407 0.70 -34.20 -9.80
C ILE B 407 0.03 -32.91 -9.32
N ALA B 408 0.58 -31.79 -9.78
CA ALA B 408 0.11 -30.45 -9.41
C ALA B 408 0.77 -29.42 -10.32
N PRO B 409 0.10 -28.31 -10.62
CA PRO B 409 0.71 -27.29 -11.49
C PRO B 409 1.90 -26.64 -10.80
N GLY B 410 3.05 -26.73 -11.46
CA GLY B 410 4.28 -26.14 -10.95
C GLY B 410 5.28 -27.10 -10.33
N GLN B 411 4.79 -28.10 -9.59
CA GLN B 411 5.67 -29.06 -8.96
C GLN B 411 6.31 -29.96 -9.99
N THR B 412 7.59 -30.28 -9.77
CA THR B 412 8.37 -31.13 -10.66
C THR B 412 8.75 -32.41 -9.93
N GLY B 413 9.50 -33.25 -10.62
CA GLY B 413 9.94 -34.53 -10.05
C GLY B 413 10.28 -35.51 -11.15
N ASN B 414 9.86 -36.76 -10.94
CA ASN B 414 10.09 -37.81 -11.92
C ASN B 414 8.85 -38.04 -12.79
N ILE B 415 7.67 -38.05 -12.16
CA ILE B 415 6.43 -38.26 -12.89
C ILE B 415 5.90 -36.98 -13.52
N ALA B 416 6.14 -35.82 -12.91
CA ALA B 416 5.60 -34.56 -13.38
C ALA B 416 6.26 -34.06 -14.66
N ASP B 417 7.40 -34.63 -15.06
CA ASP B 417 8.10 -34.17 -16.24
C ASP B 417 8.33 -35.25 -17.29
N TYR B 418 8.08 -36.53 -16.97
CA TYR B 418 8.29 -37.61 -17.91
C TYR B 418 7.05 -38.43 -18.21
N ASN B 419 6.03 -38.39 -17.35
CA ASN B 419 4.83 -39.19 -17.54
C ASN B 419 3.57 -38.35 -17.68
N TYR B 420 3.37 -37.35 -16.82
CA TYR B 420 2.15 -36.55 -16.85
C TYR B 420 2.46 -35.17 -16.31
N LYS B 421 2.33 -34.15 -17.16
CA LYS B 421 2.63 -32.77 -16.79
C LYS B 421 1.35 -31.95 -16.85
N LEU B 422 1.05 -31.23 -15.77
CA LEU B 422 -0.10 -30.34 -15.75
C LEU B 422 0.32 -28.92 -16.08
N PRO B 423 -0.48 -28.19 -16.85
CA PRO B 423 -0.12 -26.81 -17.21
C PRO B 423 -0.16 -25.88 -16.01
N ASP B 424 0.52 -24.75 -16.15
CA ASP B 424 0.55 -23.75 -15.10
C ASP B 424 -0.79 -23.05 -14.89
N ASP B 425 -1.67 -23.08 -15.87
CA ASP B 425 -3.01 -22.50 -15.78
C ASP B 425 -4.06 -23.60 -15.73
N PHE B 426 -3.75 -24.69 -15.03
CA PHE B 426 -4.66 -25.83 -14.93
C PHE B 426 -5.85 -25.46 -14.05
N THR B 427 -7.05 -25.59 -14.60
CA THR B 427 -8.29 -25.32 -13.88
C THR B 427 -9.09 -26.62 -13.83
N GLY B 428 -8.83 -27.42 -12.80
CA GLY B 428 -9.52 -28.69 -12.65
C GLY B 428 -9.25 -29.32 -11.30
N CYS B 429 -9.74 -30.55 -11.13
CA CYS B 429 -9.65 -31.22 -9.85
C CYS B 429 -8.88 -32.52 -9.99
N VAL B 430 -7.81 -32.67 -9.22
CA VAL B 430 -7.08 -33.92 -9.14
C VAL B 430 -7.50 -34.64 -7.87
N ILE B 431 -7.69 -35.95 -7.97
CA ILE B 431 -8.13 -36.74 -6.82
C ILE B 431 -7.41 -38.08 -6.83
N ALA B 432 -6.75 -38.42 -5.73
CA ALA B 432 -6.04 -39.68 -5.61
C ALA B 432 -6.53 -40.42 -4.37
N TRP B 433 -6.56 -41.75 -4.47
CA TRP B 433 -6.97 -42.59 -3.36
C TRP B 433 -6.17 -43.88 -3.38
N ASN B 434 -5.84 -44.38 -2.19
CA ASN B 434 -5.02 -45.59 -2.08
C ASN B 434 -5.78 -46.81 -2.57
N SER B 435 -5.09 -47.68 -3.29
CA SER B 435 -5.65 -48.91 -3.83
C SER B 435 -4.83 -50.12 -3.39
N ASN B 436 -4.40 -50.12 -2.13
CA ASN B 436 -3.61 -51.23 -1.60
C ASN B 436 -4.44 -52.48 -1.36
N LYS B 437 -5.75 -52.41 -1.48
CA LYS B 437 -6.61 -53.57 -1.26
C LYS B 437 -6.88 -54.34 -2.55
N LEU B 438 -7.07 -53.65 -3.68
CA LEU B 438 -7.41 -54.30 -4.93
C LEU B 438 -6.23 -54.42 -5.90
N ASP B 439 -5.32 -53.45 -5.90
CA ASP B 439 -4.19 -53.46 -6.81
C ASP B 439 -2.91 -53.98 -6.16
N SER B 440 -3.03 -54.81 -5.12
CA SER B 440 -1.87 -55.34 -4.42
C SER B 440 -2.07 -56.81 -4.12
N LYS B 441 -0.95 -57.50 -3.88
CA LYS B 441 -0.90 -58.92 -3.58
C LYS B 441 0.53 -59.26 -3.18
N VAL B 442 0.69 -60.33 -2.41
CA VAL B 442 2.03 -60.71 -2.01
C VAL B 442 2.63 -61.66 -3.05
N SER B 443 3.06 -61.09 -4.18
CA SER B 443 3.89 -61.77 -5.16
C SER B 443 4.98 -60.89 -5.75
N GLY B 444 4.85 -59.57 -5.69
CA GLY B 444 5.64 -58.66 -6.48
C GLY B 444 4.81 -58.07 -7.60
N ASN B 445 4.33 -56.84 -7.41
CA ASN B 445 3.41 -56.21 -8.35
C ASN B 445 4.21 -55.51 -9.45
N TYR B 446 4.31 -56.15 -10.61
CA TYR B 446 5.12 -55.64 -11.71
C TYR B 446 4.29 -55.44 -12.98
N ASN B 447 3.00 -55.17 -12.84
CA ASN B 447 2.12 -54.90 -13.97
C ASN B 447 1.78 -53.43 -14.11
N TYR B 448 2.67 -52.53 -13.69
CA TYR B 448 2.49 -51.09 -13.88
C TYR B 448 3.83 -50.52 -14.30
N LEU B 449 3.87 -49.84 -15.43
CA LEU B 449 5.10 -49.30 -16.00
C LEU B 449 5.10 -47.78 -15.93
N TYR B 450 6.31 -47.21 -15.93
CA TYR B 450 6.50 -45.77 -15.88
C TYR B 450 7.84 -45.41 -16.52
N ARG B 451 7.91 -44.21 -17.09
CA ARG B 451 9.12 -43.77 -17.76
C ARG B 451 10.01 -42.98 -16.81
N LEU B 452 11.29 -43.32 -16.78
CA LEU B 452 12.28 -42.65 -15.95
C LEU B 452 13.29 -41.86 -16.75
N PHE B 453 13.62 -42.29 -17.95
CA PHE B 453 14.62 -41.65 -18.79
C PHE B 453 13.95 -41.03 -20.00
N ARG B 454 14.21 -39.74 -20.24
CA ARG B 454 13.77 -39.06 -21.45
C ARG B 454 14.71 -37.90 -21.73
N LYS B 455 14.71 -37.46 -23.00
CA LYS B 455 15.61 -36.39 -23.40
C LYS B 455 15.19 -35.06 -22.79
N SER B 456 13.97 -34.61 -23.08
CA SER B 456 13.46 -33.33 -22.59
C SER B 456 12.25 -33.56 -21.69
N ASN B 457 11.76 -32.46 -21.14
CA ASN B 457 10.59 -32.50 -20.26
C ASN B 457 9.32 -32.66 -21.09
N LEU B 458 8.33 -33.35 -20.51
CA LEU B 458 7.09 -33.61 -21.21
C LEU B 458 6.23 -32.35 -21.28
N LYS B 459 5.61 -32.13 -22.43
CA LYS B 459 4.74 -30.99 -22.61
C LYS B 459 3.43 -31.20 -21.85
N PRO B 460 2.89 -30.14 -21.24
CA PRO B 460 1.58 -30.26 -20.56
C PRO B 460 0.52 -30.88 -21.47
N PHE B 461 -0.19 -31.88 -20.92
CA PHE B 461 -1.25 -32.59 -21.62
C PHE B 461 -0.71 -33.25 -22.89
N GLU B 462 0.25 -34.15 -22.71
CA GLU B 462 0.85 -34.90 -23.80
C GLU B 462 1.20 -36.30 -23.32
N ARG B 463 0.87 -37.29 -24.13
CA ARG B 463 1.10 -38.69 -23.80
C ARG B 463 2.26 -39.23 -24.63
N ASP B 464 3.21 -39.89 -23.96
CA ASP B 464 4.38 -40.46 -24.60
C ASP B 464 4.18 -41.98 -24.68
N ILE B 465 3.91 -42.47 -25.90
CA ILE B 465 3.70 -43.88 -26.13
C ILE B 465 4.89 -44.55 -26.79
N SER B 466 5.83 -43.77 -27.32
CA SER B 466 7.00 -44.33 -27.97
C SER B 466 7.91 -45.01 -26.95
N THR B 467 8.74 -45.94 -27.45
CA THR B 467 9.65 -46.69 -26.59
C THR B 467 11.07 -46.68 -27.14
N GLU B 468 11.51 -45.55 -27.68
CA GLU B 468 12.87 -45.44 -28.18
C GLU B 468 13.87 -45.57 -27.03
N ILE B 469 14.96 -46.29 -27.29
CA ILE B 469 15.95 -46.54 -26.24
C ILE B 469 16.63 -45.24 -25.85
N TYR B 470 17.06 -45.16 -24.59
CA TYR B 470 17.68 -43.96 -24.06
C TYR B 470 19.20 -44.09 -24.13
N GLN B 471 19.85 -42.94 -24.35
CA GLN B 471 21.31 -42.87 -24.46
C GLN B 471 21.82 -42.00 -23.31
N ALA B 472 22.50 -42.63 -22.36
CA ALA B 472 23.07 -41.92 -21.22
C ALA B 472 24.53 -41.55 -21.42
N GLY B 473 25.13 -41.92 -22.55
CA GLY B 473 26.51 -41.58 -22.83
C GLY B 473 26.75 -41.15 -24.26
N ASN B 474 27.97 -41.32 -24.75
CA ASN B 474 28.33 -40.93 -26.10
C ASN B 474 28.44 -42.12 -27.06
N LYS B 475 28.19 -43.33 -26.59
CA LYS B 475 28.33 -44.50 -27.45
C LYS B 475 27.10 -44.65 -28.34
N PRO B 476 27.27 -44.88 -29.64
CA PRO B 476 26.10 -45.10 -30.51
C PRO B 476 25.51 -46.49 -30.33
N CYS B 477 24.63 -46.64 -29.35
CA CYS B 477 24.02 -47.94 -29.08
C CYS B 477 23.28 -48.47 -30.30
N ASN B 478 22.43 -47.65 -30.90
CA ASN B 478 21.64 -48.03 -32.07
C ASN B 478 20.75 -49.22 -31.79
N GLY B 479 20.06 -49.19 -30.64
CA GLY B 479 19.11 -50.23 -30.29
C GLY B 479 19.72 -51.56 -29.91
N VAL B 480 20.45 -51.61 -28.80
CA VAL B 480 20.99 -52.86 -28.28
C VAL B 480 20.38 -53.13 -26.92
N ALA B 481 20.05 -52.07 -26.18
CA ALA B 481 19.45 -52.16 -24.85
C ALA B 481 20.33 -52.98 -23.90
N GLY B 482 21.53 -52.46 -23.66
CA GLY B 482 22.49 -53.09 -22.77
C GLY B 482 23.09 -52.08 -21.82
N PHE B 483 24.41 -52.16 -21.63
CA PHE B 483 25.10 -51.23 -20.78
C PHE B 483 25.08 -49.83 -21.39
N ASN B 484 24.85 -48.83 -20.56
CA ASN B 484 24.74 -47.42 -20.94
C ASN B 484 23.61 -47.16 -21.93
N CYS B 485 22.68 -48.11 -22.07
CA CYS B 485 21.51 -47.99 -22.94
C CYS B 485 20.26 -48.42 -22.19
N TYR B 486 20.09 -47.88 -20.98
CA TYR B 486 19.00 -48.28 -20.11
C TYR B 486 17.65 -48.13 -20.79
N PHE B 487 16.74 -49.05 -20.49
CA PHE B 487 15.41 -49.00 -21.07
C PHE B 487 14.62 -47.85 -20.46
N PRO B 488 13.87 -47.09 -21.26
CA PRO B 488 13.18 -45.91 -20.71
C PRO B 488 11.99 -46.23 -19.83
N LEU B 489 11.49 -47.46 -19.86
CA LEU B 489 10.29 -47.85 -19.11
C LEU B 489 10.68 -48.90 -18.08
N ARG B 490 10.39 -48.62 -16.81
CA ARG B 490 10.60 -49.55 -15.72
C ARG B 490 9.28 -49.85 -15.03
N SER B 491 9.32 -50.76 -14.06
CA SER B 491 8.14 -51.18 -13.32
C SER B 491 8.26 -50.75 -11.87
N TYR B 492 7.10 -50.69 -11.21
CA TYR B 492 7.01 -50.33 -9.81
C TYR B 492 7.18 -51.57 -8.94
N SER B 493 6.93 -51.45 -7.64
CA SER B 493 6.97 -52.58 -6.72
C SER B 493 5.95 -52.31 -5.62
N PHE B 494 4.73 -52.82 -5.81
CA PHE B 494 3.62 -52.58 -4.88
C PHE B 494 3.44 -53.82 -4.02
N ARG B 495 4.10 -53.83 -2.86
CA ARG B 495 3.97 -54.93 -1.91
C ARG B 495 3.09 -54.51 -0.74
N PRO B 496 2.17 -55.38 -0.29
CA PRO B 496 1.30 -55.01 0.84
C PRO B 496 2.03 -54.82 2.15
N THR B 497 3.33 -55.13 2.23
CA THR B 497 4.11 -54.97 3.44
C THR B 497 4.92 -53.68 3.47
N TYR B 498 5.00 -52.95 2.35
CA TYR B 498 5.74 -51.71 2.32
C TYR B 498 4.97 -50.60 3.04
N GLY B 499 5.65 -49.48 3.26
CA GLY B 499 5.01 -48.35 3.90
C GLY B 499 4.00 -47.67 3.01
N VAL B 500 3.26 -46.73 3.60
CA VAL B 500 2.23 -46.01 2.87
C VAL B 500 2.83 -45.13 1.78
N GLY B 501 4.11 -44.78 1.88
CA GLY B 501 4.73 -43.95 0.86
C GLY B 501 4.95 -44.67 -0.46
N HIS B 502 5.00 -46.00 -0.42
CA HIS B 502 5.22 -46.81 -1.61
C HIS B 502 3.96 -47.56 -2.05
N GLN B 503 2.84 -47.34 -1.38
CA GLN B 503 1.60 -48.00 -1.76
C GLN B 503 1.03 -47.38 -3.04
N PRO B 504 0.37 -48.17 -3.87
CA PRO B 504 -0.21 -47.63 -5.11
C PRO B 504 -1.39 -46.72 -4.82
N TYR B 505 -1.51 -45.65 -5.60
CA TYR B 505 -2.59 -44.68 -5.48
C TYR B 505 -3.19 -44.45 -6.86
N ARG B 506 -4.49 -44.67 -6.99
CA ARG B 506 -5.19 -44.34 -8.23
C ARG B 506 -5.54 -42.87 -8.24
N VAL B 507 -5.20 -42.19 -9.32
CA VAL B 507 -5.36 -40.74 -9.41
C VAL B 507 -6.10 -40.41 -10.71
N VAL B 508 -7.17 -39.64 -10.57
CA VAL B 508 -7.98 -39.17 -11.68
C VAL B 508 -7.93 -37.65 -11.71
N VAL B 509 -7.67 -37.10 -12.88
CA VAL B 509 -7.61 -35.66 -13.08
C VAL B 509 -8.78 -35.24 -13.98
N LEU B 510 -9.70 -34.46 -13.43
CA LEU B 510 -10.84 -33.94 -14.16
C LEU B 510 -10.50 -32.51 -14.58
N SER B 511 -10.15 -32.32 -15.84
CA SER B 511 -9.85 -31.01 -16.39
C SER B 511 -11.12 -30.42 -17.00
N PHE B 512 -11.44 -29.19 -16.60
CA PHE B 512 -12.65 -28.51 -17.03
C PHE B 512 -12.34 -27.51 -18.14
N GLU B 513 -13.39 -27.07 -18.83
CA GLU B 513 -13.26 -26.09 -19.90
C GLU B 513 -14.41 -25.11 -19.81
N LEU B 514 -14.11 -23.82 -19.77
CA LEU B 514 -15.09 -22.75 -19.69
C LEU B 514 -14.92 -21.84 -20.90
N LEU B 515 -15.59 -22.18 -22.00
CA LEU B 515 -15.54 -21.41 -23.22
C LEU B 515 -16.93 -20.87 -23.55
N HIS B 516 -16.97 -19.89 -24.46
CA HIS B 516 -18.23 -19.28 -24.88
C HIS B 516 -18.93 -20.24 -25.83
N ALA B 517 -19.61 -21.23 -25.25
CA ALA B 517 -20.28 -22.27 -26.00
C ALA B 517 -21.37 -22.85 -25.12
N PRO B 518 -22.40 -23.46 -25.71
CA PRO B 518 -23.46 -24.08 -24.90
C PRO B 518 -22.89 -25.21 -24.03
N ALA B 519 -22.95 -25.00 -22.72
CA ALA B 519 -22.40 -25.97 -21.78
C ALA B 519 -23.21 -27.27 -21.82
N THR B 520 -22.52 -28.38 -21.61
CA THR B 520 -23.12 -29.70 -21.73
C THR B 520 -22.90 -30.62 -20.54
N VAL B 521 -22.22 -30.17 -19.49
CA VAL B 521 -21.95 -31.00 -18.31
C VAL B 521 -22.08 -30.13 -17.07
N CYS B 522 -23.08 -30.42 -16.25
CA CYS B 522 -23.26 -29.71 -14.98
C CYS B 522 -23.64 -30.72 -13.91
N GLY B 523 -24.08 -30.19 -12.77
CA GLY B 523 -24.46 -31.02 -11.64
C GLY B 523 -25.94 -31.30 -11.60
N PRO B 524 -26.36 -32.13 -10.64
CA PRO B 524 -27.79 -32.50 -10.55
C PRO B 524 -28.63 -31.42 -9.89
N LYS B 525 -28.94 -30.35 -10.64
CA LYS B 525 -29.81 -29.29 -10.17
C LYS B 525 -31.04 -29.24 -11.06
N LYS B 526 -32.22 -29.43 -10.47
CA LYS B 526 -33.45 -29.43 -11.25
C LYS B 526 -33.75 -28.04 -11.77
N SER B 527 -34.01 -27.96 -13.07
CA SER B 527 -34.36 -26.68 -13.69
C SER B 527 -35.80 -26.32 -13.42
N THR B 528 -36.05 -25.04 -13.17
CA THR B 528 -37.38 -24.52 -12.86
C THR B 528 -37.94 -23.78 -14.08
N ASN B 529 -39.17 -23.31 -13.93
CA ASN B 529 -39.83 -22.58 -15.01
C ASN B 529 -39.32 -21.15 -15.05
N LEU B 530 -39.52 -20.51 -16.22
CA LEU B 530 -39.07 -19.14 -16.46
C LEU B 530 -40.23 -18.20 -16.21
N VAL B 531 -40.16 -17.45 -15.11
CA VAL B 531 -41.16 -16.44 -14.76
C VAL B 531 -40.58 -15.08 -15.13
N LYS B 532 -41.27 -14.38 -16.03
CA LYS B 532 -40.77 -13.12 -16.56
C LYS B 532 -41.46 -11.94 -15.88
N ASN B 533 -40.92 -10.74 -16.13
CA ASN B 533 -41.48 -9.48 -15.63
C ASN B 533 -41.53 -9.44 -14.10
N LYS B 534 -40.63 -10.18 -13.44
CA LYS B 534 -40.54 -10.18 -11.99
C LYS B 534 -39.08 -10.27 -11.59
N CYS B 535 -38.71 -9.53 -10.54
CA CYS B 535 -37.34 -9.53 -10.07
C CYS B 535 -37.05 -10.84 -9.34
N VAL B 536 -36.33 -11.73 -10.01
CA VAL B 536 -36.03 -13.05 -9.49
C VAL B 536 -34.51 -13.25 -9.47
N ASN B 537 -34.08 -14.33 -8.85
CA ASN B 537 -32.68 -14.74 -8.79
C ASN B 537 -32.43 -15.69 -9.95
N PHE B 538 -31.73 -15.21 -10.97
CA PHE B 538 -31.34 -16.08 -12.07
C PHE B 538 -30.04 -16.80 -11.74
N ASN B 539 -30.00 -18.08 -12.11
CA ASN B 539 -28.91 -18.99 -11.78
C ASN B 539 -28.50 -19.79 -13.02
N PHE B 540 -28.23 -19.09 -14.12
CA PHE B 540 -27.89 -19.73 -15.38
C PHE B 540 -26.59 -20.51 -15.29
N ASN B 541 -26.21 -21.16 -16.40
CA ASN B 541 -25.09 -22.10 -16.42
C ASN B 541 -23.84 -21.58 -15.70
N GLY B 542 -23.45 -20.34 -16.01
CA GLY B 542 -22.27 -19.78 -15.39
C GLY B 542 -22.47 -18.34 -14.95
N LEU B 543 -23.73 -17.92 -14.85
CA LEU B 543 -24.07 -16.55 -14.49
C LEU B 543 -25.15 -16.58 -13.40
N LYS B 544 -24.80 -16.12 -12.21
CA LYS B 544 -25.75 -15.97 -11.12
C LYS B 544 -26.00 -14.50 -10.83
N GLY B 545 -27.16 -14.20 -10.28
CA GLY B 545 -27.47 -12.85 -9.87
C GLY B 545 -28.96 -12.68 -9.67
N THR B 546 -29.36 -11.42 -9.50
CA THR B 546 -30.76 -11.05 -9.33
C THR B 546 -31.13 -9.96 -10.32
N GLY B 547 -32.39 -9.94 -10.71
CA GLY B 547 -32.90 -8.93 -11.63
C GLY B 547 -34.17 -9.38 -12.30
N VAL B 548 -34.67 -8.53 -13.19
CA VAL B 548 -35.89 -8.82 -13.93
C VAL B 548 -35.52 -9.35 -15.31
N LEU B 549 -36.24 -10.38 -15.75
CA LEU B 549 -36.00 -11.02 -17.05
C LEU B 549 -37.21 -10.77 -17.94
N THR B 550 -36.99 -10.03 -19.02
CA THR B 550 -38.05 -9.70 -19.97
C THR B 550 -37.60 -10.09 -21.38
N GLU B 551 -38.56 -10.11 -22.30
CA GLU B 551 -38.28 -10.44 -23.69
C GLU B 551 -37.60 -9.25 -24.36
N SER B 552 -36.42 -9.48 -24.90
CA SER B 552 -35.63 -8.43 -25.55
C SER B 552 -35.68 -8.58 -27.06
N ASN B 553 -35.49 -7.46 -27.76
CA ASN B 553 -35.47 -7.44 -29.21
C ASN B 553 -34.06 -7.46 -29.78
N LYS B 554 -33.07 -7.81 -28.98
CA LYS B 554 -31.69 -7.88 -29.46
C LYS B 554 -31.53 -9.07 -30.40
N LYS B 555 -31.11 -8.81 -31.63
CA LYS B 555 -31.00 -9.84 -32.66
C LYS B 555 -29.68 -10.58 -32.49
N PHE B 556 -29.69 -11.55 -31.58
CA PHE B 556 -28.50 -12.36 -31.34
C PHE B 556 -28.18 -13.23 -32.54
N LEU B 557 -26.96 -13.72 -32.57
CA LEU B 557 -26.47 -14.61 -33.60
C LEU B 557 -26.50 -16.06 -33.10
N PRO B 558 -26.59 -17.03 -34.01
CA PRO B 558 -26.69 -18.43 -33.56
C PRO B 558 -25.55 -18.89 -32.68
N PHE B 559 -24.34 -18.40 -32.92
CA PHE B 559 -23.20 -18.78 -32.08
C PHE B 559 -23.05 -17.91 -30.84
N GLN B 560 -23.67 -16.74 -30.82
CA GLN B 560 -23.61 -15.87 -29.66
C GLN B 560 -24.54 -16.39 -28.57
N GLN B 561 -24.03 -16.43 -27.34
CA GLN B 561 -24.79 -16.93 -26.20
C GLN B 561 -25.05 -15.89 -25.12
N PHE B 562 -24.17 -14.92 -24.97
CA PHE B 562 -24.35 -13.89 -23.94
C PHE B 562 -24.28 -12.50 -24.54
N GLY B 563 -24.34 -11.47 -23.68
CA GLY B 563 -24.21 -10.11 -24.13
C GLY B 563 -23.71 -9.20 -23.01
N ARG B 564 -22.66 -8.44 -23.28
CA ARG B 564 -22.04 -7.59 -22.28
C ARG B 564 -22.53 -6.14 -22.44
N ASP B 565 -21.95 -5.25 -21.65
CA ASP B 565 -22.29 -3.84 -21.66
C ASP B 565 -21.00 -3.04 -21.52
N ILE B 566 -21.13 -1.74 -21.23
CA ILE B 566 -19.96 -0.88 -21.10
C ILE B 566 -19.10 -1.31 -19.91
N ALA B 567 -19.73 -1.64 -18.79
CA ALA B 567 -19.02 -2.03 -17.58
C ALA B 567 -18.70 -3.51 -17.53
N ASP B 568 -18.67 -4.19 -18.67
CA ASP B 568 -18.36 -5.62 -18.75
C ASP B 568 -19.32 -6.42 -17.89
N THR B 569 -20.60 -6.03 -17.92
CA THR B 569 -21.65 -6.72 -17.20
C THR B 569 -22.63 -7.31 -18.20
N THR B 570 -23.20 -8.46 -17.85
CA THR B 570 -24.09 -9.18 -18.74
C THR B 570 -25.45 -8.49 -18.77
N ASP B 571 -25.85 -8.03 -19.95
CA ASP B 571 -27.14 -7.36 -20.14
C ASP B 571 -28.22 -8.34 -20.56
N ALA B 572 -27.92 -9.20 -21.54
CA ALA B 572 -28.87 -10.17 -22.05
C ALA B 572 -28.24 -11.55 -22.09
N VAL B 573 -29.09 -12.58 -22.02
CA VAL B 573 -28.65 -13.97 -22.04
C VAL B 573 -29.58 -14.76 -22.97
N ARG B 574 -29.25 -16.03 -23.15
CA ARG B 574 -30.04 -16.94 -23.96
C ARG B 574 -30.43 -18.15 -23.12
N ASP B 575 -31.72 -18.45 -23.08
CA ASP B 575 -32.19 -19.59 -22.31
C ASP B 575 -31.68 -20.89 -22.95
N PRO B 576 -30.92 -21.71 -22.23
CA PRO B 576 -30.38 -22.93 -22.85
C PRO B 576 -31.45 -23.91 -23.31
N GLN B 577 -32.57 -24.00 -22.59
CA GLN B 577 -33.62 -24.95 -22.97
C GLN B 577 -34.31 -24.54 -24.26
N THR B 578 -34.95 -23.37 -24.24
CA THR B 578 -35.62 -22.83 -25.42
C THR B 578 -34.88 -21.58 -25.89
N LEU B 579 -34.52 -21.56 -27.17
CA LEU B 579 -33.78 -20.42 -27.73
C LEU B 579 -34.61 -19.16 -27.66
N GLU B 580 -34.21 -18.22 -26.81
CA GLU B 580 -34.93 -16.96 -26.64
C GLU B 580 -33.99 -15.95 -26.01
N ILE B 581 -33.99 -14.73 -26.55
CA ILE B 581 -33.12 -13.66 -26.06
C ILE B 581 -33.85 -12.96 -24.91
N LEU B 582 -33.31 -13.09 -23.71
CA LEU B 582 -33.87 -12.45 -22.53
C LEU B 582 -33.22 -11.08 -22.34
N ASP B 583 -33.48 -10.45 -21.19
CA ASP B 583 -32.90 -9.14 -20.89
C ASP B 583 -32.78 -9.02 -19.37
N ILE B 584 -31.55 -9.15 -18.87
CA ILE B 584 -31.32 -9.05 -17.43
C ILE B 584 -31.29 -7.58 -17.04
N THR B 585 -32.18 -7.20 -16.13
CA THR B 585 -32.27 -5.83 -15.65
C THR B 585 -32.70 -5.82 -14.19
N PRO B 586 -31.95 -5.16 -13.31
CA PRO B 586 -32.36 -5.10 -11.89
C PRO B 586 -33.68 -4.36 -11.74
N CYS B 587 -34.39 -4.66 -10.65
CA CYS B 587 -35.67 -4.01 -10.39
C CYS B 587 -35.44 -2.58 -9.91
N SER B 588 -36.53 -1.93 -9.50
CA SER B 588 -36.48 -0.53 -9.14
C SER B 588 -35.66 -0.30 -7.88
N PHE B 589 -34.88 0.77 -7.87
CA PHE B 589 -34.09 1.16 -6.72
C PHE B 589 -33.87 2.67 -6.75
N GLY B 590 -33.50 3.22 -5.60
CA GLY B 590 -33.24 4.64 -5.54
C GLY B 590 -32.80 5.04 -4.15
N GLY B 591 -33.08 6.29 -3.81
CA GLY B 591 -32.76 6.85 -2.51
C GLY B 591 -34.02 7.19 -1.74
N VAL B 592 -33.97 7.03 -0.42
CA VAL B 592 -35.10 7.32 0.45
C VAL B 592 -34.77 8.58 1.24
N SER B 593 -35.46 9.67 0.95
CA SER B 593 -35.28 10.94 1.62
C SER B 593 -36.39 11.13 2.64
N VAL B 594 -36.01 11.45 3.88
CA VAL B 594 -36.97 11.62 4.97
C VAL B 594 -37.11 13.11 5.25
N ILE B 595 -38.26 13.67 4.90
CA ILE B 595 -38.58 15.07 5.18
C ILE B 595 -39.17 15.15 6.57
N THR B 596 -38.49 15.88 7.46
CA THR B 596 -38.90 16.02 8.85
C THR B 596 -39.16 17.50 9.15
N PRO B 597 -40.34 17.86 9.65
CA PRO B 597 -40.59 19.26 10.02
C PRO B 597 -39.93 19.69 11.31
N GLY B 598 -39.22 18.79 11.99
CA GLY B 598 -38.58 19.12 13.26
C GLY B 598 -39.25 18.37 14.39
N THR B 599 -38.44 17.73 15.23
CA THR B 599 -38.97 16.97 16.35
C THR B 599 -39.63 17.88 17.39
N ASN B 600 -39.23 19.15 17.45
CA ASN B 600 -39.86 20.08 18.38
C ASN B 600 -41.28 20.42 17.95
N THR B 601 -41.57 20.37 16.65
CA THR B 601 -42.92 20.66 16.17
C THR B 601 -43.83 19.44 16.30
N SER B 602 -43.47 18.34 15.66
CA SER B 602 -44.26 17.11 15.70
C SER B 602 -43.35 15.95 15.33
N ASN B 603 -43.93 14.77 15.14
CA ASN B 603 -43.20 13.58 14.76
C ASN B 603 -43.64 13.01 13.42
N GLN B 604 -44.64 13.60 12.77
CA GLN B 604 -45.09 13.13 11.47
C GLN B 604 -44.08 13.54 10.39
N VAL B 605 -43.53 12.56 9.70
CA VAL B 605 -42.52 12.80 8.67
C VAL B 605 -43.05 12.28 7.33
N ALA B 606 -42.35 12.65 6.26
CA ALA B 606 -42.70 12.21 4.92
C ALA B 606 -41.51 11.47 4.32
N VAL B 607 -41.80 10.56 3.40
CA VAL B 607 -40.79 9.76 2.73
C VAL B 607 -40.88 9.97 1.23
N LEU B 608 -39.73 10.14 0.59
CA LEU B 608 -39.63 10.37 -0.85
C LEU B 608 -38.71 9.32 -1.44
N TYR B 609 -39.23 8.48 -2.33
CA TYR B 609 -38.42 7.51 -3.03
C TYR B 609 -38.01 8.08 -4.38
N GLN B 610 -36.73 7.97 -4.71
CA GLN B 610 -36.17 8.57 -5.92
C GLN B 610 -36.10 7.54 -7.03
N GLY B 611 -36.45 7.97 -8.24
CA GLY B 611 -36.38 7.09 -9.40
C GLY B 611 -37.44 6.01 -9.43
N VAL B 612 -38.65 6.34 -9.00
CA VAL B 612 -39.78 5.42 -8.99
C VAL B 612 -40.99 6.11 -9.60
N ASN B 613 -42.11 5.38 -9.63
CA ASN B 613 -43.32 5.91 -10.24
C ASN B 613 -44.57 5.60 -9.42
N CYS B 614 -44.46 5.47 -8.10
CA CYS B 614 -45.58 5.17 -7.21
C CYS B 614 -46.29 3.88 -7.61
N THR B 615 -45.57 2.93 -8.20
CA THR B 615 -46.15 1.69 -8.66
C THR B 615 -45.43 0.45 -8.12
N GLU B 616 -44.30 0.62 -7.44
CA GLU B 616 -43.56 -0.52 -6.90
C GLU B 616 -43.05 -0.28 -5.49
N VAL B 617 -43.49 0.77 -4.81
CA VAL B 617 -43.04 1.05 -3.45
C VAL B 617 -43.80 0.19 -2.46
N ASN B 638 -52.11 11.32 -0.06
CA ASN B 638 -50.78 10.98 0.41
C ASN B 638 -49.86 10.59 -0.74
N VAL B 639 -50.28 9.62 -1.54
CA VAL B 639 -49.50 9.15 -2.68
C VAL B 639 -49.55 10.21 -3.77
N PHE B 640 -48.41 10.80 -4.08
CA PHE B 640 -48.32 11.81 -5.13
C PHE B 640 -47.03 11.62 -5.90
N GLN B 641 -47.12 11.71 -7.22
CA GLN B 641 -45.99 11.50 -8.11
C GLN B 641 -45.43 12.84 -8.54
N THR B 642 -44.11 13.01 -8.39
CA THR B 642 -43.40 14.20 -8.81
C THR B 642 -42.37 13.83 -9.88
N ARG B 643 -41.57 14.81 -10.29
CA ARG B 643 -40.51 14.56 -11.26
C ARG B 643 -39.30 13.90 -10.62
N ALA B 644 -39.05 14.18 -9.34
CA ALA B 644 -37.93 13.54 -8.65
C ALA B 644 -38.24 12.08 -8.33
N GLY B 645 -39.47 11.77 -7.94
CA GLY B 645 -39.84 10.41 -7.64
C GLY B 645 -41.27 10.28 -7.11
N CYS B 646 -41.45 9.45 -6.09
CA CYS B 646 -42.76 9.26 -5.48
C CYS B 646 -42.73 9.79 -4.06
N LEU B 647 -43.57 10.78 -3.78
CA LEU B 647 -43.67 11.38 -2.46
C LEU B 647 -44.95 10.91 -1.78
N ILE B 648 -44.81 10.11 -0.74
CA ILE B 648 -45.94 9.59 0.04
C ILE B 648 -45.83 10.12 1.46
N GLY B 649 -46.93 10.59 2.01
CA GLY B 649 -46.97 11.19 3.33
C GLY B 649 -47.44 12.63 3.35
N ALA B 650 -47.50 13.31 2.21
CA ALA B 650 -47.97 14.68 2.15
C ALA B 650 -48.90 14.84 0.94
N GLU B 651 -49.89 15.71 1.10
CA GLU B 651 -50.86 15.97 0.05
C GLU B 651 -50.43 17.19 -0.78
N TYR B 652 -50.80 17.17 -2.05
CA TYR B 652 -50.45 18.24 -2.98
C TYR B 652 -51.59 19.25 -3.01
N VAL B 653 -51.35 20.42 -2.46
CA VAL B 653 -52.33 21.49 -2.44
C VAL B 653 -52.15 22.35 -3.69
N ASN B 654 -53.17 23.05 -4.13
CA ASN B 654 -53.03 23.80 -5.34
C ASN B 654 -52.51 25.17 -5.07
N ASN B 655 -52.83 25.75 -3.93
CA ASN B 655 -52.31 27.08 -3.64
C ASN B 655 -50.81 27.02 -3.39
N SER B 656 -50.11 28.07 -3.80
CA SER B 656 -48.66 28.14 -3.71
C SER B 656 -48.27 29.06 -2.56
N TYR B 657 -47.42 28.56 -1.66
CA TYR B 657 -46.92 29.31 -0.53
C TYR B 657 -45.40 29.48 -0.64
N GLU B 658 -44.80 30.06 0.40
CA GLU B 658 -43.36 30.22 0.47
C GLU B 658 -42.72 28.86 0.76
N CYS B 659 -41.67 28.52 0.02
CA CYS B 659 -41.03 27.23 0.18
C CYS B 659 -40.24 27.17 1.48
N ASP B 660 -40.40 26.05 2.20
CA ASP B 660 -39.71 25.82 3.46
C ASP B 660 -38.74 24.65 3.37
N ILE B 661 -39.20 23.47 2.96
CA ILE B 661 -38.35 22.29 2.83
C ILE B 661 -38.26 21.94 1.34
N PRO B 662 -37.18 22.27 0.65
CA PRO B 662 -37.10 22.03 -0.79
C PRO B 662 -36.99 20.54 -1.10
N ILE B 663 -37.82 20.09 -2.03
CA ILE B 663 -37.81 18.70 -2.48
C ILE B 663 -37.14 18.56 -3.84
N GLY B 664 -37.61 19.30 -4.84
CA GLY B 664 -37.01 19.25 -6.16
C GLY B 664 -38.01 19.44 -7.29
N ALA B 665 -37.51 19.89 -8.44
CA ALA B 665 -38.32 20.10 -9.63
C ALA B 665 -39.51 21.02 -9.35
N GLY B 666 -39.27 22.05 -8.54
CA GLY B 666 -40.30 22.98 -8.14
C GLY B 666 -41.13 22.54 -6.95
N ILE B 667 -41.24 21.23 -6.73
CA ILE B 667 -42.01 20.72 -5.60
C ILE B 667 -41.26 21.02 -4.31
N CYS B 668 -41.98 21.54 -3.32
CA CYS B 668 -41.39 21.90 -2.03
C CYS B 668 -42.41 21.62 -0.94
N ALA B 669 -41.95 21.11 0.19
CA ALA B 669 -42.81 20.70 1.28
C ALA B 669 -42.76 21.69 2.44
N SER B 670 -43.76 21.60 3.30
CA SER B 670 -43.86 22.44 4.48
C SER B 670 -44.80 21.76 5.46
N TYR B 671 -44.88 22.31 6.67
CA TYR B 671 -45.74 21.80 7.73
C TYR B 671 -46.76 22.87 8.06
N GLN B 672 -47.99 22.70 7.58
CA GLN B 672 -49.02 23.73 7.70
C GLN B 672 -50.25 23.14 8.37
N THR B 673 -51.31 23.95 8.43
CA THR B 673 -52.56 23.51 9.04
C THR B 673 -53.55 23.03 7.99
N SER B 686 -56.07 20.72 13.04
CA SER B 686 -55.12 19.67 12.69
C SER B 686 -54.06 20.19 11.74
N GLN B 687 -52.79 19.85 12.02
CA GLN B 687 -51.67 20.28 11.20
C GLN B 687 -50.95 19.06 10.64
N SER B 688 -50.49 19.18 9.39
CA SER B 688 -49.81 18.08 8.73
C SER B 688 -48.86 18.65 7.68
N ILE B 689 -48.13 17.76 7.04
CA ILE B 689 -47.15 18.13 6.01
C ILE B 689 -47.86 18.22 4.67
N ILE B 690 -47.64 19.31 3.96
CA ILE B 690 -48.16 19.50 2.61
C ILE B 690 -47.00 19.73 1.66
N ALA B 691 -47.29 19.57 0.37
CA ALA B 691 -46.31 19.80 -0.70
C ALA B 691 -46.98 20.62 -1.79
N TYR B 692 -46.22 21.51 -2.41
CA TYR B 692 -46.79 22.43 -3.38
C TYR B 692 -45.69 22.99 -4.27
N THR B 693 -46.10 23.69 -5.31
CA THR B 693 -45.16 24.40 -6.17
C THR B 693 -44.77 25.71 -5.51
N MET B 694 -43.46 25.94 -5.37
CA MET B 694 -42.99 27.14 -4.70
C MET B 694 -43.30 28.38 -5.52
N SER B 695 -43.58 29.48 -4.82
CA SER B 695 -43.92 30.75 -5.44
C SER B 695 -42.67 31.62 -5.52
N LEU B 696 -42.44 32.23 -6.68
CA LEU B 696 -41.27 33.07 -6.89
C LEU B 696 -41.41 34.44 -6.25
N GLY B 697 -42.60 34.85 -5.89
CA GLY B 697 -42.81 36.15 -5.26
C GLY B 697 -44.17 36.70 -5.62
N ALA B 698 -44.37 37.96 -5.26
CA ALA B 698 -45.62 38.64 -5.53
C ALA B 698 -45.69 39.06 -7.00
N GLU B 699 -46.88 38.96 -7.57
CA GLU B 699 -47.10 39.32 -8.98
C GLU B 699 -47.36 40.81 -9.07
N ASN B 700 -46.31 41.58 -9.31
CA ASN B 700 -46.40 43.03 -9.42
C ASN B 700 -46.42 43.46 -10.89
N SER B 701 -47.13 44.56 -11.16
CA SER B 701 -47.26 45.09 -12.51
C SER B 701 -47.04 46.59 -12.45
N VAL B 702 -45.87 47.04 -12.92
CA VAL B 702 -45.56 48.46 -12.92
C VAL B 702 -46.35 49.16 -14.01
N ALA B 703 -47.05 50.24 -13.65
CA ALA B 703 -47.87 51.00 -14.58
C ALA B 703 -46.97 51.87 -15.44
N TYR B 704 -46.33 51.24 -16.42
CA TYR B 704 -45.43 51.95 -17.32
C TYR B 704 -46.22 52.84 -18.28
N SER B 705 -45.68 54.01 -18.56
CA SER B 705 -46.29 54.96 -19.47
C SER B 705 -45.23 55.91 -19.98
N ASN B 706 -45.55 56.51 -21.12
CA ASN B 706 -44.75 57.45 -21.87
C ASN B 706 -44.56 58.76 -21.16
N ASN B 707 -45.36 59.03 -20.16
CA ASN B 707 -45.44 60.34 -19.54
C ASN B 707 -45.44 60.31 -18.01
N SER B 708 -45.62 59.15 -17.38
CA SER B 708 -45.69 59.05 -15.93
C SER B 708 -44.34 58.63 -15.36
N ILE B 709 -43.95 59.25 -14.25
CA ILE B 709 -42.72 58.93 -13.56
C ILE B 709 -43.01 58.85 -12.06
N ALA B 710 -42.39 57.87 -11.40
CA ALA B 710 -42.56 57.67 -9.96
C ALA B 710 -41.40 58.32 -9.24
N ILE B 711 -41.68 59.37 -8.46
CA ILE B 711 -40.69 60.12 -7.72
C ILE B 711 -40.89 59.81 -6.24
N PRO B 712 -39.84 59.44 -5.51
CA PRO B 712 -40.00 59.19 -4.08
C PRO B 712 -40.03 60.49 -3.29
N THR B 713 -40.86 60.50 -2.24
CA THR B 713 -41.00 61.67 -1.38
C THR B 713 -40.39 61.49 0.00
N ASN B 714 -39.95 60.32 0.41
CA ASN B 714 -39.28 60.22 1.69
C ASN B 714 -38.24 59.19 1.53
N PHE B 715 -37.68 58.73 2.64
CA PHE B 715 -36.59 57.76 2.59
C PHE B 715 -36.47 57.10 3.96
N THR B 716 -35.66 56.05 4.00
CA THR B 716 -35.40 55.35 5.26
C THR B 716 -33.95 54.87 5.26
N ILE B 717 -33.37 54.86 6.45
CA ILE B 717 -32.02 54.35 6.66
C ILE B 717 -32.12 52.97 7.29
N SER B 718 -31.61 51.96 6.62
CA SER B 718 -31.70 50.59 7.06
C SER B 718 -30.30 49.98 7.17
N VAL B 719 -30.11 49.14 8.18
CA VAL B 719 -28.84 48.46 8.41
C VAL B 719 -29.04 46.98 8.09
N THR B 720 -28.24 46.47 7.15
CA THR B 720 -28.24 45.06 6.80
C THR B 720 -26.99 44.39 7.36
N THR B 721 -27.12 43.09 7.64
CA THR B 721 -26.03 42.31 8.20
C THR B 721 -25.50 41.33 7.16
N GLU B 722 -24.18 41.28 7.04
CA GLU B 722 -23.53 40.33 6.13
C GLU B 722 -22.40 39.63 6.87
N ILE B 723 -22.51 38.31 6.99
CA ILE B 723 -21.53 37.50 7.71
C ILE B 723 -20.60 36.88 6.66
N LEU B 724 -19.29 36.98 6.90
CA LEU B 724 -18.30 36.44 5.97
C LEU B 724 -17.22 35.72 6.75
N PRO B 725 -16.97 34.44 6.47
CA PRO B 725 -15.87 33.74 7.13
C PRO B 725 -14.53 34.30 6.71
N VAL B 726 -13.56 34.20 7.62
CA VAL B 726 -12.21 34.73 7.41
C VAL B 726 -11.17 33.62 7.47
N SER B 727 -11.17 32.82 8.54
CA SER B 727 -10.18 31.78 8.73
C SER B 727 -10.86 30.55 9.34
N MET B 728 -10.06 29.52 9.55
CA MET B 728 -10.52 28.26 10.16
C MET B 728 -9.61 27.91 11.34
N THR B 729 -9.81 26.70 11.86
CA THR B 729 -8.98 26.18 12.95
C THR B 729 -7.77 25.46 12.35
N LYS B 730 -6.57 25.93 12.70
CA LYS B 730 -5.36 25.31 12.19
C LYS B 730 -5.14 23.96 12.86
N THR B 731 -5.08 22.90 12.06
CA THR B 731 -4.96 21.53 12.56
C THR B 731 -3.68 20.91 12.03
N SER B 732 -2.97 20.20 12.90
CA SER B 732 -1.75 19.49 12.54
C SER B 732 -1.84 18.04 12.97
N VAL B 733 -1.16 17.16 12.22
CA VAL B 733 -1.16 15.74 12.47
C VAL B 733 0.27 15.23 12.36
N ASP B 734 0.53 14.10 13.03
CA ASP B 734 1.85 13.48 13.04
C ASP B 734 1.72 12.03 12.61
N CYS B 735 2.79 11.50 12.00
CA CYS B 735 2.77 10.12 11.52
C CYS B 735 3.04 9.14 12.66
N THR B 736 4.00 9.45 13.53
CA THR B 736 4.46 8.48 14.52
C THR B 736 3.42 8.21 15.60
N MET B 737 2.28 8.89 15.56
CA MET B 737 1.27 8.69 16.59
C MET B 737 -0.10 8.32 16.02
N TYR B 738 -0.47 8.89 14.87
CA TYR B 738 -1.80 8.63 14.31
C TYR B 738 -1.89 7.21 13.76
N ILE B 739 -0.90 6.79 12.97
CA ILE B 739 -0.93 5.48 12.33
C ILE B 739 -0.39 4.43 13.31
N CYS B 740 0.84 4.64 13.78
CA CYS B 740 1.49 3.67 14.66
C CYS B 740 1.41 4.17 16.11
N GLY B 741 0.36 3.74 16.80
CA GLY B 741 0.20 4.08 18.19
C GLY B 741 1.20 3.40 19.10
N ASP B 742 2.14 4.18 19.63
CA ASP B 742 3.19 3.71 20.54
C ASP B 742 3.74 2.35 20.14
N SER B 743 4.16 2.25 18.88
CA SER B 743 4.71 1.00 18.33
C SER B 743 5.96 1.34 17.53
N THR B 744 7.08 0.73 17.90
CA THR B 744 8.34 0.98 17.17
C THR B 744 8.44 0.10 15.94
N GLU B 745 7.98 -1.16 16.04
CA GLU B 745 7.99 -2.03 14.88
C GLU B 745 7.13 -1.48 13.76
N CYS B 746 5.98 -0.89 14.10
CA CYS B 746 5.16 -0.22 13.11
C CYS B 746 5.84 1.04 12.58
N SER B 747 6.56 1.76 13.44
CA SER B 747 7.20 2.99 13.01
C SER B 747 8.34 2.71 12.03
N ASN B 748 9.00 1.56 12.17
CA ASN B 748 10.06 1.21 11.23
C ASN B 748 9.50 0.84 9.86
N LEU B 749 8.19 0.62 9.77
CA LEU B 749 7.55 0.25 8.51
C LEU B 749 7.05 1.45 7.71
N LEU B 750 7.05 2.64 8.30
CA LEU B 750 6.57 3.83 7.59
C LEU B 750 7.60 4.41 6.64
N LEU B 751 8.87 4.03 6.78
CA LEU B 751 9.91 4.54 5.90
C LEU B 751 9.89 3.90 4.52
N GLN B 752 9.20 2.77 4.36
CA GLN B 752 9.15 2.08 3.09
C GLN B 752 8.12 2.66 2.13
N TYR B 753 7.26 3.57 2.59
CA TYR B 753 6.23 4.15 1.76
C TYR B 753 6.59 5.54 1.24
N GLY B 754 7.79 6.02 1.53
CA GLY B 754 8.23 7.31 1.04
C GLY B 754 8.15 8.40 2.08
N SER B 755 8.51 9.60 1.65
CA SER B 755 8.49 10.79 2.51
C SER B 755 7.18 11.55 2.35
N PHE B 756 6.09 10.89 2.74
CA PHE B 756 4.77 11.51 2.63
C PHE B 756 4.44 12.32 3.88
N CYS B 757 5.01 11.95 5.02
CA CYS B 757 4.75 12.69 6.26
C CYS B 757 5.26 14.12 6.15
N THR B 758 6.44 14.30 5.55
CA THR B 758 6.96 15.65 5.32
C THR B 758 6.05 16.45 4.39
N GLN B 759 5.52 15.80 3.35
CA GLN B 759 4.61 16.48 2.44
C GLN B 759 3.34 16.91 3.14
N LEU B 760 2.76 16.03 3.97
CA LEU B 760 1.56 16.40 4.72
C LEU B 760 1.83 17.51 5.73
N LYS B 761 2.99 17.47 6.40
CA LYS B 761 3.34 18.54 7.33
C LYS B 761 3.51 19.87 6.61
N ARG B 762 4.14 19.86 5.43
CA ARG B 762 4.28 21.08 4.65
C ARG B 762 2.93 21.60 4.19
N ALA B 763 2.02 20.70 3.79
CA ALA B 763 0.69 21.12 3.40
C ALA B 763 -0.06 21.77 4.55
N LEU B 764 -0.01 21.15 5.74
CA LEU B 764 -0.68 21.72 6.89
C LEU B 764 -0.07 23.05 7.32
N THR B 765 1.26 23.17 7.25
CA THR B 765 1.91 24.44 7.57
C THR B 765 1.52 25.52 6.57
N GLY B 766 1.45 25.19 5.28
CA GLY B 766 0.97 26.14 4.31
C GLY B 766 -0.45 26.56 4.53
N ILE B 767 -1.32 25.62 4.92
CA ILE B 767 -2.70 25.96 5.24
C ILE B 767 -2.75 26.90 6.44
N ALA B 768 -1.93 26.64 7.46
CA ALA B 768 -1.92 27.51 8.64
C ALA B 768 -1.45 28.91 8.28
N VAL B 769 -0.36 29.01 7.50
CA VAL B 769 0.13 30.32 7.09
C VAL B 769 -0.90 31.04 6.22
N GLU B 770 -1.61 30.31 5.38
CA GLU B 770 -2.64 30.93 4.55
C GLU B 770 -3.80 31.45 5.40
N GLN B 771 -4.20 30.71 6.43
CA GLN B 771 -5.25 31.19 7.32
C GLN B 771 -4.80 32.43 8.08
N ASP B 772 -3.55 32.43 8.55
CA ASP B 772 -3.03 33.62 9.22
C ASP B 772 -2.99 34.83 8.29
N LYS B 773 -2.57 34.62 7.03
CA LYS B 773 -2.56 35.71 6.07
C LYS B 773 -3.97 36.21 5.75
N ASN B 774 -4.94 35.29 5.67
CA ASN B 774 -6.33 35.69 5.45
C ASN B 774 -6.85 36.50 6.63
N THR B 775 -6.50 36.11 7.85
CA THR B 775 -6.88 36.89 9.03
C THR B 775 -6.23 38.27 9.03
N GLN B 776 -4.98 38.37 8.59
CA GLN B 776 -4.29 39.65 8.57
C GLN B 776 -4.77 40.58 7.45
N GLU B 777 -5.17 40.03 6.30
CA GLU B 777 -5.55 40.85 5.17
C GLU B 777 -6.93 41.50 5.32
N VAL B 778 -7.72 41.09 6.30
CA VAL B 778 -9.07 41.62 6.49
C VAL B 778 -9.09 42.75 7.50
N PHE B 779 -8.51 42.54 8.68
CA PHE B 779 -8.59 43.52 9.75
C PHE B 779 -7.39 44.45 9.81
N ALA B 780 -6.20 43.95 9.47
CA ALA B 780 -4.98 44.75 9.53
C ALA B 780 -4.76 45.51 8.22
N GLN B 781 -5.66 46.45 7.96
CA GLN B 781 -5.59 47.29 6.76
C GLN B 781 -5.13 48.71 7.07
N VAL B 782 -5.04 49.09 8.34
CA VAL B 782 -4.57 50.41 8.75
C VAL B 782 -3.29 50.25 9.56
N LYS B 783 -2.47 51.31 9.55
CA LYS B 783 -1.20 51.30 10.26
C LYS B 783 -1.22 52.18 11.51
N GLN B 784 -2.37 52.77 11.84
CA GLN B 784 -2.47 53.63 13.02
C GLN B 784 -3.77 53.28 13.73
N ILE B 785 -3.66 52.82 14.99
CA ILE B 785 -4.84 52.47 15.77
C ILE B 785 -5.47 53.76 16.29
N TYR B 786 -6.70 54.03 15.85
CA TYR B 786 -7.42 55.21 16.27
C TYR B 786 -8.30 54.89 17.48
N LYS B 787 -8.65 55.94 18.22
CA LYS B 787 -9.50 55.82 19.40
C LYS B 787 -10.66 56.81 19.32
N THR B 788 -11.78 56.43 19.89
CA THR B 788 -12.93 57.32 19.94
C THR B 788 -12.69 58.42 20.96
N PRO B 789 -12.93 59.69 20.62
CA PRO B 789 -12.73 60.77 21.58
C PRO B 789 -13.66 60.65 22.76
N PRO B 790 -13.34 61.29 23.89
CA PRO B 790 -14.23 61.19 25.06
C PRO B 790 -15.65 61.65 24.79
N ILE B 791 -15.82 62.84 24.21
CA ILE B 791 -17.16 63.31 23.85
C ILE B 791 -17.70 62.45 22.72
N LYS B 792 -18.79 61.73 22.99
CA LYS B 792 -19.38 60.81 22.04
C LYS B 792 -20.65 61.39 21.42
N TYR B 793 -20.67 62.70 21.20
CA TYR B 793 -21.78 63.38 20.55
C TYR B 793 -21.39 63.61 19.10
N PHE B 794 -21.85 62.71 18.22
CA PHE B 794 -21.52 62.74 16.80
C PHE B 794 -22.64 63.35 15.96
N GLY B 795 -23.42 64.26 16.53
CA GLY B 795 -24.50 64.92 15.84
C GLY B 795 -25.88 64.38 16.17
N GLY B 796 -25.95 63.22 16.82
CA GLY B 796 -27.23 62.63 17.16
C GLY B 796 -27.25 61.13 16.93
N PHE B 797 -26.20 60.61 16.33
CA PHE B 797 -26.07 59.18 16.06
C PHE B 797 -25.45 58.49 17.27
N ASN B 798 -26.06 57.40 17.69
CA ASN B 798 -25.61 56.66 18.84
C ASN B 798 -24.91 55.42 18.40
N PHE B 799 -23.60 55.43 18.50
CA PHE B 799 -22.78 54.28 18.13
C PHE B 799 -22.40 53.42 19.34
N SER B 800 -23.18 53.51 20.43
CA SER B 800 -22.83 52.76 21.64
C SER B 800 -22.93 51.26 21.43
N GLN B 801 -23.78 50.81 20.50
CA GLN B 801 -23.96 49.39 20.25
C GLN B 801 -22.84 48.79 19.40
N ILE B 802 -22.08 49.61 18.68
CA ILE B 802 -20.99 49.12 17.84
C ILE B 802 -19.62 49.53 18.33
N LEU B 803 -19.52 50.50 19.24
CA LEU B 803 -18.22 50.87 19.80
C LEU B 803 -17.89 49.96 20.98
N PRO B 804 -16.60 49.72 21.23
CA PRO B 804 -16.23 48.84 22.35
C PRO B 804 -16.61 49.44 23.69
N ASP B 805 -16.92 48.57 24.65
CA ASP B 805 -17.32 48.99 25.98
C ASP B 805 -16.14 48.78 26.93
N PRO B 806 -15.59 49.84 27.53
CA PRO B 806 -14.45 49.66 28.44
C PRO B 806 -14.81 48.97 29.75
N SER B 807 -16.10 48.90 30.11
CA SER B 807 -16.48 48.24 31.34
C SER B 807 -16.31 46.73 31.24
N LYS B 808 -16.61 46.16 30.08
CA LYS B 808 -16.46 44.72 29.91
C LYS B 808 -14.99 44.35 29.84
N PRO B 809 -14.60 43.20 30.41
CA PRO B 809 -13.18 42.81 30.37
C PRO B 809 -12.69 42.39 28.99
N SER B 810 -13.60 42.09 28.07
CA SER B 810 -13.22 41.69 26.72
C SER B 810 -13.01 42.87 25.78
N LYS B 811 -13.46 44.07 26.16
CA LYS B 811 -13.31 45.28 25.37
C LYS B 811 -13.92 45.11 23.97
N ARG B 812 -15.14 44.58 23.95
CA ARG B 812 -15.89 44.37 22.72
C ARG B 812 -17.21 45.13 22.77
N SER B 813 -17.80 45.31 21.60
CA SER B 813 -19.08 46.00 21.49
C SER B 813 -20.22 45.08 21.89
N PRO B 814 -21.38 45.64 22.26
CA PRO B 814 -22.53 44.79 22.60
C PRO B 814 -22.94 43.84 21.48
N ILE B 815 -22.72 44.21 20.22
CA ILE B 815 -23.04 43.32 19.12
C ILE B 815 -22.03 42.18 19.05
N GLU B 816 -20.75 42.49 19.25
CA GLU B 816 -19.73 41.45 19.23
C GLU B 816 -19.92 40.45 20.37
N ASP B 817 -20.49 40.89 21.50
CA ASP B 817 -20.79 39.96 22.58
C ASP B 817 -21.79 38.90 22.13
N LEU B 818 -22.88 39.33 21.47
CA LEU B 818 -23.85 38.38 20.96
C LEU B 818 -23.25 37.52 19.84
N LEU B 819 -22.36 38.11 19.03
CA LEU B 819 -21.72 37.36 17.97
C LEU B 819 -20.82 36.26 18.51
N PHE B 820 -20.12 36.51 19.61
CA PHE B 820 -19.23 35.52 20.21
C PHE B 820 -19.96 34.54 21.14
N ASN B 821 -21.11 34.92 21.67
CA ASN B 821 -21.87 34.06 22.56
C ASN B 821 -22.83 33.13 21.84
N LYS B 822 -22.96 33.26 20.52
CA LYS B 822 -23.85 32.41 19.73
C LYS B 822 -23.10 31.47 18.80
N VAL B 823 -21.78 31.55 18.74
CA VAL B 823 -20.96 30.69 17.89
C VAL B 823 -20.13 29.82 18.82
N THR B 824 -20.53 28.56 18.98
CA THR B 824 -19.81 27.63 19.85
C THR B 824 -18.93 26.69 19.02
N ARG B 844 -15.14 12.17 26.54
CA ARG B 844 -14.83 13.32 27.38
C ARG B 844 -13.88 14.27 26.67
N ASP B 845 -14.21 15.57 26.70
CA ASP B 845 -13.37 16.61 26.12
C ASP B 845 -13.01 16.29 24.68
N LEU B 846 -14.01 16.23 23.80
CA LEU B 846 -13.82 15.86 22.40
C LEU B 846 -12.73 16.68 21.71
N ILE B 847 -12.47 17.89 22.20
CA ILE B 847 -11.37 18.71 21.70
C ILE B 847 -10.03 18.27 22.26
N CYS B 848 -10.02 17.41 23.28
CA CYS B 848 -8.79 16.86 23.83
C CYS B 848 -8.64 15.36 23.60
N ALA B 849 -9.76 14.64 23.42
CA ALA B 849 -9.66 13.22 23.10
C ALA B 849 -9.04 12.99 21.73
N GLN B 850 -9.35 13.87 20.77
CA GLN B 850 -8.74 13.77 19.45
C GLN B 850 -7.27 14.16 19.50
N LYS B 851 -6.86 14.92 20.52
CA LYS B 851 -5.45 15.28 20.66
C LYS B 851 -4.60 14.04 20.95
N PHE B 852 -5.15 13.08 21.68
CA PHE B 852 -4.45 11.84 21.99
C PHE B 852 -4.30 10.93 20.78
N LYS B 853 -4.89 11.30 19.64
CA LYS B 853 -4.77 10.51 18.42
C LYS B 853 -3.86 11.19 17.39
N GLY B 854 -3.32 12.35 17.71
CA GLY B 854 -2.39 13.05 16.84
C GLY B 854 -2.91 14.33 16.23
N LEU B 855 -4.14 14.73 16.55
CA LEU B 855 -4.73 15.94 15.98
C LEU B 855 -4.54 17.10 16.96
N THR B 856 -3.65 18.01 16.61
CA THR B 856 -3.34 19.17 17.46
C THR B 856 -3.92 20.43 16.83
N VAL B 857 -4.53 21.27 17.67
CA VAL B 857 -5.13 22.52 17.23
C VAL B 857 -4.17 23.65 17.61
N LEU B 858 -3.65 24.34 16.59
CA LEU B 858 -2.71 25.45 16.81
C LEU B 858 -3.48 26.74 17.02
N PRO B 859 -3.10 27.55 17.99
CA PRO B 859 -3.80 28.82 18.23
C PRO B 859 -3.44 29.84 17.17
N PRO B 860 -4.39 30.68 16.78
CA PRO B 860 -4.11 31.70 15.76
C PRO B 860 -3.12 32.74 16.26
N LEU B 861 -2.54 33.48 15.30
CA LEU B 861 -1.59 34.51 15.65
C LEU B 861 -2.28 35.70 16.31
N LEU B 862 -3.22 36.31 15.59
CA LEU B 862 -3.98 37.45 16.13
C LEU B 862 -5.10 36.93 17.01
N THR B 863 -5.02 37.22 18.30
CA THR B 863 -6.06 36.80 19.24
C THR B 863 -7.33 37.61 19.01
N ASP B 864 -8.38 37.26 19.76
CA ASP B 864 -9.65 37.98 19.63
C ASP B 864 -9.52 39.43 20.07
N GLU B 865 -8.65 39.70 21.04
CA GLU B 865 -8.45 41.08 21.51
C GLU B 865 -7.83 41.95 20.43
N MET B 866 -6.86 41.44 19.68
CA MET B 866 -6.24 42.23 18.63
C MET B 866 -7.21 42.49 17.49
N ILE B 867 -8.04 41.50 17.15
CA ILE B 867 -9.06 41.72 16.13
C ILE B 867 -10.09 42.73 16.60
N ALA B 868 -10.46 42.68 17.89
CA ALA B 868 -11.39 43.67 18.42
C ALA B 868 -10.78 45.07 18.38
N GLN B 869 -9.49 45.19 18.68
CA GLN B 869 -8.83 46.49 18.60
C GLN B 869 -8.75 46.99 17.16
N TYR B 870 -8.50 46.09 16.20
CA TYR B 870 -8.52 46.48 14.80
C TYR B 870 -9.90 46.97 14.37
N THR B 871 -10.95 46.27 14.78
CA THR B 871 -12.30 46.70 14.45
C THR B 871 -12.63 48.04 15.09
N SER B 872 -12.19 48.25 16.34
CA SER B 872 -12.41 49.53 17.00
C SER B 872 -11.66 50.66 16.30
N ALA B 873 -10.43 50.40 15.86
CA ALA B 873 -9.68 51.43 15.13
C ALA B 873 -10.34 51.75 13.80
N LEU B 874 -10.83 50.73 13.09
CA LEU B 874 -11.56 50.98 11.85
C LEU B 874 -12.83 51.78 12.09
N LEU B 875 -13.57 51.46 13.15
CA LEU B 875 -14.78 52.20 13.48
C LEU B 875 -14.46 53.66 13.81
N ALA B 876 -13.42 53.89 14.60
CA ALA B 876 -13.03 55.26 14.94
C ALA B 876 -12.58 56.03 13.71
N GLY B 877 -11.82 55.40 12.82
CA GLY B 877 -11.42 56.08 11.60
C GLY B 877 -12.57 56.35 10.66
N THR B 878 -13.57 55.49 10.63
CA THR B 878 -14.73 55.72 9.79
C THR B 878 -15.61 56.84 10.35
N ILE B 879 -15.71 56.91 11.69
CA ILE B 879 -16.56 57.93 12.30
C ILE B 879 -15.89 59.30 12.23
N THR B 880 -14.62 59.38 12.65
CA THR B 880 -13.96 60.67 12.75
C THR B 880 -13.49 61.18 11.40
N SER B 881 -13.01 60.30 10.53
CA SER B 881 -12.43 60.69 9.25
C SER B 881 -13.29 60.35 8.05
N GLY B 882 -13.88 59.16 8.01
CA GLY B 882 -14.69 58.76 6.88
C GLY B 882 -13.94 57.88 5.90
N TRP B 883 -13.56 58.43 4.74
CA TRP B 883 -12.77 57.72 3.76
C TRP B 883 -11.38 58.31 3.58
N THR B 884 -11.00 59.28 4.41
CA THR B 884 -9.69 59.92 4.26
C THR B 884 -8.58 59.11 4.93
N PHE B 885 -8.90 58.34 5.95
CA PHE B 885 -7.89 57.54 6.65
C PHE B 885 -7.51 56.27 5.90
N GLY B 886 -8.15 56.00 4.76
CA GLY B 886 -7.82 54.84 3.96
C GLY B 886 -6.93 55.19 2.79
N ALA B 887 -7.02 56.44 2.32
CA ALA B 887 -6.21 56.92 1.21
C ALA B 887 -4.89 57.52 1.72
N GLY B 888 -4.97 58.51 2.60
CA GLY B 888 -3.80 59.13 3.15
C GLY B 888 -3.92 59.34 4.65
N PRO B 889 -3.65 60.55 5.11
CA PRO B 889 -3.76 60.84 6.55
C PRO B 889 -5.21 60.96 6.99
N ALA B 890 -5.41 60.77 8.29
CA ALA B 890 -6.74 60.83 8.89
C ALA B 890 -7.17 62.28 9.01
N LEU B 891 -8.04 62.73 8.12
CA LEU B 891 -8.53 64.10 8.11
C LEU B 891 -9.80 64.18 8.95
N GLN B 892 -9.78 65.03 9.97
CA GLN B 892 -10.93 65.18 10.85
C GLN B 892 -12.06 65.89 10.11
N ILE B 893 -13.29 65.51 10.46
CA ILE B 893 -14.49 66.05 9.81
C ILE B 893 -15.70 65.75 10.68
N PRO B 894 -16.60 66.71 10.89
CA PRO B 894 -17.82 66.43 11.63
C PRO B 894 -18.66 65.35 10.95
N PHE B 895 -19.32 64.53 11.76
CA PHE B 895 -20.11 63.43 11.20
C PHE B 895 -21.32 63.90 10.39
N PRO B 896 -22.02 65.00 10.74
CA PRO B 896 -23.06 65.49 9.82
C PRO B 896 -22.54 65.84 8.45
N MET B 897 -21.37 66.47 8.34
CA MET B 897 -20.81 66.75 7.02
C MET B 897 -20.38 65.48 6.31
N GLN B 898 -19.91 64.48 7.05
CA GLN B 898 -19.60 63.18 6.44
C GLN B 898 -20.86 62.55 5.86
N MET B 899 -21.97 62.60 6.59
CA MET B 899 -23.22 62.06 6.08
C MET B 899 -23.73 62.87 4.88
N ALA B 900 -23.52 64.19 4.89
CA ALA B 900 -23.87 64.99 3.73
C ALA B 900 -23.05 64.59 2.51
N TYR B 901 -21.77 64.30 2.69
CA TYR B 901 -20.95 63.80 1.58
C TYR B 901 -21.42 62.45 1.10
N ARG B 902 -21.80 61.56 2.04
CA ARG B 902 -22.35 60.26 1.66
C ARG B 902 -23.63 60.43 0.83
N PHE B 903 -24.50 61.36 1.23
CA PHE B 903 -25.72 61.61 0.47
C PHE B 903 -25.41 62.19 -0.90
N ASN B 904 -24.43 63.09 -0.99
CA ASN B 904 -24.01 63.61 -2.28
C ASN B 904 -23.36 62.56 -3.16
N GLY B 905 -22.84 61.48 -2.58
CA GLY B 905 -22.23 60.42 -3.36
C GLY B 905 -23.25 59.57 -4.11
N ILE B 906 -24.53 59.64 -3.71
CA ILE B 906 -25.57 58.87 -4.35
C ILE B 906 -26.56 59.74 -5.12
N GLY B 907 -26.42 61.06 -5.06
CA GLY B 907 -27.26 61.98 -5.81
C GLY B 907 -28.02 62.96 -4.94
N VAL B 908 -28.38 62.56 -3.72
CA VAL B 908 -29.15 63.44 -2.84
C VAL B 908 -28.30 64.62 -2.39
N THR B 909 -28.90 65.81 -2.36
CA THR B 909 -28.20 67.01 -2.00
C THR B 909 -28.00 67.07 -0.48
N GLN B 910 -27.26 68.10 -0.03
CA GLN B 910 -26.96 68.25 1.39
C GLN B 910 -28.12 68.83 2.19
N ASN B 911 -29.01 69.58 1.54
CA ASN B 911 -30.12 70.20 2.27
C ASN B 911 -31.09 69.15 2.80
N VAL B 912 -31.24 68.03 2.08
CA VAL B 912 -32.14 66.97 2.54
C VAL B 912 -31.65 66.40 3.86
N LEU B 913 -30.32 66.30 4.03
CA LEU B 913 -29.78 65.80 5.29
C LEU B 913 -29.78 66.87 6.36
N TYR B 914 -29.41 68.10 6.00
CA TYR B 914 -29.31 69.17 7.00
C TYR B 914 -30.68 69.61 7.50
N GLU B 915 -31.74 69.33 6.75
CA GLU B 915 -33.09 69.67 7.19
C GLU B 915 -33.82 68.50 7.84
N ASN B 916 -33.28 67.28 7.74
CA ASN B 916 -33.89 66.09 8.33
C ASN B 916 -32.86 65.31 9.12
N GLN B 917 -31.99 66.02 9.84
CA GLN B 917 -30.93 65.35 10.59
C GLN B 917 -31.49 64.53 11.76
N LYS B 918 -32.48 65.06 12.47
CA LYS B 918 -33.05 64.33 13.60
C LYS B 918 -33.75 63.07 13.14
N LEU B 919 -34.49 63.13 12.04
CA LEU B 919 -35.18 61.95 11.54
C LEU B 919 -34.18 60.87 11.10
N ILE B 920 -33.12 61.26 10.41
CA ILE B 920 -32.12 60.29 9.98
C ILE B 920 -31.40 59.69 11.19
N ALA B 921 -31.10 60.51 12.20
CA ALA B 921 -30.46 59.98 13.41
C ALA B 921 -31.37 58.99 14.12
N ASN B 922 -32.67 59.32 14.23
CA ASN B 922 -33.60 58.40 14.88
C ASN B 922 -33.75 57.10 14.09
N GLN B 923 -33.81 57.18 12.77
CA GLN B 923 -33.89 55.97 11.96
C GLN B 923 -32.63 55.11 12.09
N PHE B 924 -31.45 55.74 12.11
CA PHE B 924 -30.22 54.98 12.29
C PHE B 924 -30.17 54.31 13.66
N ASN B 925 -30.58 55.03 14.71
CA ASN B 925 -30.62 54.45 16.04
C ASN B 925 -31.59 53.29 16.13
N SER B 926 -32.78 53.44 15.54
CA SER B 926 -33.76 52.36 15.55
C SER B 926 -33.26 51.14 14.78
N ALA B 927 -32.60 51.36 13.63
CA ALA B 927 -32.08 50.23 12.87
C ALA B 927 -30.97 49.52 13.63
N ILE B 928 -30.06 50.28 14.26
CA ILE B 928 -28.99 49.66 15.04
C ILE B 928 -29.58 48.88 16.22
N GLY B 929 -30.64 49.41 16.84
CA GLY B 929 -31.28 48.69 17.92
C GLY B 929 -32.00 47.43 17.47
N LYS B 930 -32.61 47.45 16.29
CA LYS B 930 -33.30 46.27 15.80
C LYS B 930 -32.33 45.22 15.29
N ILE B 931 -31.12 45.63 14.87
CA ILE B 931 -30.13 44.66 14.41
C ILE B 931 -29.70 43.74 15.55
N GLN B 932 -29.51 44.31 16.75
CA GLN B 932 -29.10 43.50 17.89
C GLN B 932 -30.16 42.46 18.26
N ASP B 933 -31.44 42.83 18.12
CA ASP B 933 -32.51 41.89 18.39
C ASP B 933 -32.68 40.85 17.28
N SER B 934 -32.44 41.24 16.02
CA SER B 934 -32.54 40.29 14.92
C SER B 934 -31.42 39.27 14.98
N LEU B 935 -30.23 39.69 15.39
CA LEU B 935 -29.12 38.75 15.51
C LEU B 935 -29.32 37.76 16.66
N SER B 936 -30.14 38.13 17.65
CA SER B 936 -30.35 37.23 18.78
C SER B 936 -31.56 36.34 18.56
N SER B 937 -32.60 36.85 17.90
CA SER B 937 -33.83 36.07 17.70
C SER B 937 -33.61 34.98 16.67
N THR B 938 -33.12 35.33 15.49
CA THR B 938 -32.92 34.36 14.42
C THR B 938 -31.76 33.43 14.76
N PRO B 939 -31.99 32.12 14.88
CA PRO B 939 -30.88 31.21 15.19
C PRO B 939 -29.99 30.95 13.98
N SER B 940 -30.55 31.12 12.78
CA SER B 940 -29.83 30.88 11.54
C SER B 940 -29.08 32.11 11.05
N ALA B 941 -28.90 33.12 11.90
CA ALA B 941 -28.17 34.31 11.49
C ALA B 941 -26.68 34.03 11.37
N LEU B 942 -26.07 33.51 12.42
CA LEU B 942 -24.65 33.16 12.42
C LEU B 942 -24.44 31.71 12.00
N GLY B 943 -24.99 31.34 10.84
CA GLY B 943 -24.88 29.98 10.35
C GLY B 943 -23.64 29.76 9.49
N LYS B 944 -23.32 30.73 8.65
CA LYS B 944 -22.16 30.61 7.78
C LYS B 944 -20.87 30.44 8.57
N LEU B 945 -20.80 31.04 9.77
CA LEU B 945 -19.63 30.85 10.62
C LEU B 945 -19.70 29.51 11.37
N GLN B 946 -20.90 29.00 11.60
CA GLN B 946 -21.04 27.71 12.27
C GLN B 946 -20.70 26.55 11.36
N ASP B 947 -21.02 26.64 10.06
CA ASP B 947 -20.78 25.55 9.14
C ASP B 947 -19.29 25.20 9.07
N VAL B 948 -18.43 26.22 8.92
CA VAL B 948 -16.99 25.98 8.88
C VAL B 948 -16.48 25.42 10.20
N VAL B 949 -17.24 25.58 11.29
CA VAL B 949 -16.88 24.95 12.55
C VAL B 949 -17.39 23.51 12.58
N ASN B 950 -18.52 23.25 11.94
CA ASN B 950 -19.08 21.89 11.95
C ASN B 950 -18.32 20.98 10.99
N HIS B 951 -18.26 21.35 9.70
CA HIS B 951 -17.59 20.51 8.71
C HIS B 951 -16.17 20.18 9.13
N ASN B 952 -15.39 21.20 9.53
CA ASN B 952 -14.05 20.95 10.04
C ASN B 952 -14.06 19.92 11.16
N ALA B 953 -14.96 20.06 12.13
CA ALA B 953 -15.09 19.05 13.17
C ALA B 953 -15.38 17.68 12.57
N GLN B 954 -16.30 17.62 11.61
CA GLN B 954 -16.55 16.38 10.90
C GLN B 954 -15.28 15.88 10.21
N ALA B 955 -14.52 16.79 9.61
CA ALA B 955 -13.26 16.41 8.97
C ALA B 955 -12.33 15.72 9.96
N LEU B 956 -12.45 16.06 11.24
CA LEU B 956 -11.70 15.32 12.27
C LEU B 956 -12.45 14.07 12.70
N ASN B 957 -13.77 14.18 12.87
CA ASN B 957 -14.54 13.05 13.39
C ASN B 957 -14.39 11.82 12.51
N THR B 958 -14.66 11.96 11.20
CA THR B 958 -14.44 10.86 10.28
C THR B 958 -12.99 10.41 10.31
N LEU B 959 -12.05 11.35 10.46
CA LEU B 959 -10.64 11.00 10.52
C LEU B 959 -10.35 10.08 11.70
N VAL B 960 -11.18 10.13 12.75
CA VAL B 960 -11.03 9.20 13.85
C VAL B 960 -11.79 7.90 13.56
N LYS B 961 -12.93 8.02 12.87
CA LYS B 961 -13.73 6.82 12.58
C LYS B 961 -13.00 5.86 11.65
N GLN B 962 -12.00 6.36 10.92
CA GLN B 962 -11.19 5.51 10.05
C GLN B 962 -10.13 4.74 10.81
N LEU B 963 -10.01 4.95 12.12
CA LEU B 963 -9.06 4.21 12.93
C LEU B 963 -9.63 2.93 13.53
N SER B 964 -10.96 2.80 13.55
CA SER B 964 -11.61 1.61 14.06
C SER B 964 -11.98 0.62 12.96
N SER B 965 -11.61 0.92 11.72
CA SER B 965 -11.89 0.04 10.59
C SER B 965 -10.70 -0.88 10.34
N LYS B 966 -10.98 -2.05 9.76
CA LYS B 966 -9.97 -3.07 9.54
C LYS B 966 -9.26 -2.92 8.21
N PHE B 967 -9.87 -2.26 7.22
CA PHE B 967 -9.30 -2.11 5.88
C PHE B 967 -8.97 -3.46 5.26
N GLY B 968 -9.77 -4.48 5.60
CA GLY B 968 -9.55 -5.82 5.08
C GLY B 968 -8.69 -6.71 5.95
N ALA B 969 -8.19 -6.22 7.08
CA ALA B 969 -7.37 -7.01 7.97
C ALA B 969 -8.23 -7.80 8.94
N ILE B 970 -7.58 -8.40 9.94
CA ILE B 970 -8.32 -9.20 10.93
C ILE B 970 -8.89 -8.35 12.04
N SER B 971 -8.30 -7.20 12.34
CA SER B 971 -8.79 -6.33 13.41
C SER B 971 -8.25 -4.93 13.17
N SER B 972 -8.52 -4.03 14.11
CA SER B 972 -8.07 -2.64 14.02
C SER B 972 -7.10 -2.27 15.13
N VAL B 973 -6.59 -3.24 15.88
CA VAL B 973 -5.64 -3.00 16.95
C VAL B 973 -4.30 -3.61 16.55
N LEU B 974 -3.22 -2.88 16.82
CA LEU B 974 -1.90 -3.33 16.38
C LEU B 974 -1.35 -4.43 17.27
N ASN B 975 -1.40 -4.24 18.59
CA ASN B 975 -0.85 -5.21 19.52
C ASN B 975 -1.55 -6.56 19.44
N ASP B 976 -2.86 -6.58 19.19
CA ASP B 976 -3.57 -7.84 19.04
C ASP B 976 -3.05 -8.61 17.84
N ILE B 977 -2.81 -7.93 16.72
CA ILE B 977 -2.28 -8.60 15.53
C ILE B 977 -0.85 -9.08 15.77
N PHE B 978 -0.04 -8.25 16.43
CA PHE B 978 1.34 -8.65 16.72
C PHE B 978 1.42 -9.79 17.72
N SER B 979 0.41 -9.97 18.57
CA SER B 979 0.42 -11.04 19.56
C SER B 979 -0.24 -12.32 19.08
N ARG B 980 -1.20 -12.23 18.16
CA ARG B 980 -1.91 -13.42 17.70
C ARG B 980 -1.28 -14.07 16.48
N LEU B 981 -0.41 -13.37 15.75
CA LEU B 981 0.19 -13.89 14.54
C LEU B 981 1.71 -13.82 14.63
N ASP B 982 2.38 -14.26 13.54
CA ASP B 982 3.83 -14.35 13.40
C ASP B 982 4.36 -13.14 12.64
N PRO B 983 5.62 -12.76 12.90
CA PRO B 983 6.21 -11.60 12.22
C PRO B 983 6.15 -11.71 10.70
N PRO B 984 6.33 -12.90 10.11
CA PRO B 984 6.12 -12.97 8.65
C PRO B 984 4.74 -12.53 8.20
N GLU B 985 3.68 -13.02 8.86
CA GLU B 985 2.33 -12.61 8.50
C GLU B 985 1.93 -11.28 9.12
N ALA B 986 2.65 -10.85 10.17
CA ALA B 986 2.34 -9.56 10.79
C ALA B 986 2.52 -8.41 9.81
N GLU B 987 3.53 -8.51 8.93
CA GLU B 987 3.72 -7.47 7.92
C GLU B 987 2.57 -7.43 6.93
N VAL B 988 2.13 -8.59 6.44
CA VAL B 988 1.06 -8.64 5.46
C VAL B 988 -0.27 -8.28 6.09
N GLN B 989 -0.38 -8.37 7.42
CA GLN B 989 -1.59 -7.94 8.10
C GLN B 989 -1.56 -6.48 8.52
N ILE B 990 -0.38 -5.89 8.69
CA ILE B 990 -0.30 -4.50 9.13
C ILE B 990 -0.12 -3.52 7.97
N ASP B 991 0.40 -3.96 6.83
CA ASP B 991 0.54 -3.06 5.69
C ASP B 991 -0.81 -2.58 5.16
N ARG B 992 -1.84 -3.42 5.22
CA ARG B 992 -3.17 -3.00 4.81
C ARG B 992 -3.69 -1.88 5.70
N LEU B 993 -3.53 -2.01 7.01
CA LEU B 993 -3.93 -0.95 7.94
C LEU B 993 -3.12 0.32 7.70
N ILE B 994 -1.81 0.19 7.49
CA ILE B 994 -0.98 1.37 7.25
C ILE B 994 -1.43 2.09 5.99
N THR B 995 -1.67 1.34 4.91
CA THR B 995 -2.12 1.95 3.66
C THR B 995 -3.50 2.58 3.80
N GLY B 996 -4.41 1.93 4.53
CA GLY B 996 -5.73 2.50 4.72
C GLY B 996 -5.70 3.81 5.50
N ARG B 997 -4.92 3.83 6.60
CA ARG B 997 -4.78 5.06 7.36
C ARG B 997 -4.06 6.16 6.58
N LEU B 998 -3.06 5.80 5.77
CA LEU B 998 -2.42 6.78 4.90
C LEU B 998 -3.39 7.36 3.89
N GLN B 999 -4.22 6.51 3.26
CA GLN B 999 -5.21 7.02 2.31
C GLN B 999 -6.24 7.90 3.00
N SER B 1000 -6.66 7.53 4.21
CA SER B 1000 -7.60 8.37 4.96
C SER B 1000 -7.00 9.73 5.27
N LEU B 1001 -5.75 9.76 5.74
CA LEU B 1001 -5.09 11.03 6.03
C LEU B 1001 -4.89 11.86 4.77
N GLN B 1002 -4.54 11.22 3.66
CA GLN B 1002 -4.39 11.94 2.40
C GLN B 1002 -5.72 12.53 1.92
N THR B 1003 -6.80 11.79 2.08
CA THR B 1003 -8.12 12.32 1.74
C THR B 1003 -8.47 13.51 2.63
N TYR B 1004 -8.20 13.40 3.93
CA TYR B 1004 -8.41 14.52 4.83
C TYR B 1004 -7.62 15.75 4.41
N VAL B 1005 -6.36 15.57 4.02
CA VAL B 1005 -5.53 16.71 3.62
C VAL B 1005 -6.03 17.31 2.31
N THR B 1006 -6.38 16.47 1.33
CA THR B 1006 -6.82 17.00 0.04
C THR B 1006 -8.20 17.61 0.13
N GLN B 1007 -9.00 17.27 1.14
CA GLN B 1007 -10.25 17.99 1.38
C GLN B 1007 -10.04 19.29 2.14
N GLN B 1008 -9.14 19.29 3.13
CA GLN B 1008 -8.79 20.54 3.80
C GLN B 1008 -8.15 21.54 2.85
N LEU B 1009 -7.45 21.09 1.81
CA LEU B 1009 -6.92 22.02 0.82
C LEU B 1009 -8.03 22.77 0.10
N ILE B 1010 -9.07 22.06 -0.36
CA ILE B 1010 -10.19 22.71 -1.03
C ILE B 1010 -10.95 23.59 -0.06
N ARG B 1011 -11.11 23.15 1.19
CA ARG B 1011 -11.79 23.97 2.18
C ARG B 1011 -11.02 25.25 2.46
N ALA B 1012 -9.69 25.17 2.56
CA ALA B 1012 -8.87 26.36 2.76
C ALA B 1012 -8.90 27.27 1.55
N ALA B 1013 -9.01 26.70 0.35
CA ALA B 1013 -9.18 27.54 -0.84
C ALA B 1013 -10.52 28.30 -0.82
N GLU B 1014 -11.60 27.63 -0.43
CA GLU B 1014 -12.89 28.31 -0.29
C GLU B 1014 -12.81 29.40 0.76
N ILE B 1015 -12.16 29.12 1.90
CA ILE B 1015 -12.03 30.12 2.95
C ILE B 1015 -11.16 31.28 2.49
N ARG B 1016 -10.15 31.01 1.67
CA ARG B 1016 -9.32 32.09 1.13
C ARG B 1016 -10.12 32.97 0.17
N ALA B 1017 -10.96 32.35 -0.66
CA ALA B 1017 -11.83 33.14 -1.53
C ALA B 1017 -12.78 34.01 -0.73
N SER B 1018 -13.40 33.45 0.31
CA SER B 1018 -14.29 34.22 1.17
C SER B 1018 -13.55 35.35 1.89
N ALA B 1019 -12.31 35.10 2.31
CA ALA B 1019 -11.54 36.13 2.99
C ALA B 1019 -11.12 37.24 2.03
N ASN B 1020 -10.81 36.89 0.77
CA ASN B 1020 -10.53 37.91 -0.22
C ASN B 1020 -11.76 38.76 -0.50
N LEU B 1021 -12.93 38.12 -0.58
CA LEU B 1021 -14.17 38.89 -0.75
C LEU B 1021 -14.40 39.81 0.44
N ALA B 1022 -14.18 39.31 1.66
CA ALA B 1022 -14.35 40.14 2.84
C ALA B 1022 -13.36 41.31 2.87
N ALA B 1023 -12.12 41.07 2.42
CA ALA B 1023 -11.14 42.16 2.37
C ALA B 1023 -11.51 43.20 1.33
N THR B 1024 -12.00 42.77 0.17
CA THR B 1024 -12.47 43.72 -0.83
C THR B 1024 -13.63 44.55 -0.30
N LYS B 1025 -14.56 43.90 0.41
CA LYS B 1025 -15.68 44.64 1.00
C LYS B 1025 -15.21 45.60 2.09
N MET B 1026 -14.24 45.19 2.90
CA MET B 1026 -13.70 46.08 3.92
C MET B 1026 -13.01 47.28 3.29
N SER B 1027 -12.32 47.08 2.16
CA SER B 1027 -11.63 48.18 1.51
C SER B 1027 -12.56 49.09 0.74
N GLU B 1028 -13.69 48.57 0.24
CA GLU B 1028 -14.60 49.34 -0.58
C GLU B 1028 -15.82 49.87 0.18
N CYS B 1029 -16.37 49.08 1.10
CA CYS B 1029 -17.56 49.50 1.83
C CYS B 1029 -17.25 50.26 3.11
N VAL B 1030 -16.19 49.91 3.82
CA VAL B 1030 -15.84 50.57 5.07
C VAL B 1030 -14.90 51.74 4.85
N LEU B 1031 -13.86 51.53 4.05
CA LEU B 1031 -12.88 52.59 3.78
C LEU B 1031 -13.35 53.60 2.76
N GLY B 1032 -14.56 53.47 2.24
CA GLY B 1032 -15.06 54.40 1.26
C GLY B 1032 -16.54 54.23 1.01
N GLN B 1033 -16.97 54.73 -0.13
CA GLN B 1033 -18.37 54.65 -0.56
C GLN B 1033 -18.41 54.11 -1.98
N SER B 1034 -18.63 52.80 -2.12
CA SER B 1034 -18.66 52.17 -3.42
C SER B 1034 -20.05 52.28 -4.04
N LYS B 1035 -20.08 52.49 -5.35
CA LYS B 1035 -21.34 52.57 -6.10
C LYS B 1035 -21.79 51.23 -6.66
N ARG B 1036 -21.11 50.14 -6.31
CA ARG B 1036 -21.50 48.83 -6.80
C ARG B 1036 -22.82 48.41 -6.16
N VAL B 1037 -23.78 48.03 -7.00
CA VAL B 1037 -25.12 47.69 -6.54
C VAL B 1037 -25.10 46.29 -5.92
N ASP B 1038 -25.78 46.15 -4.78
CA ASP B 1038 -25.90 44.88 -4.07
C ASP B 1038 -24.52 44.32 -3.69
N PHE B 1039 -23.59 45.21 -3.38
CA PHE B 1039 -22.28 44.84 -2.90
C PHE B 1039 -22.00 45.30 -1.48
N CYS B 1040 -22.38 46.53 -1.14
CA CYS B 1040 -22.26 47.08 0.20
C CYS B 1040 -23.63 47.25 0.85
N GLY B 1041 -24.53 46.30 0.61
CA GLY B 1041 -25.86 46.38 1.16
C GLY B 1041 -26.95 46.55 0.12
N LYS B 1042 -28.16 46.12 0.44
CA LYS B 1042 -29.29 46.24 -0.48
C LYS B 1042 -29.79 47.67 -0.47
N GLY B 1043 -29.55 48.39 -1.56
CA GLY B 1043 -29.98 49.77 -1.68
C GLY B 1043 -28.82 50.71 -1.96
N TYR B 1044 -29.07 52.02 -1.83
CA TYR B 1044 -28.04 53.04 -2.05
C TYR B 1044 -27.07 53.00 -0.88
N HIS B 1045 -25.84 52.59 -1.15
CA HIS B 1045 -24.85 52.42 -0.09
C HIS B 1045 -24.48 53.76 0.52
N LEU B 1046 -24.60 53.86 1.84
CA LEU B 1046 -24.17 55.05 2.58
C LEU B 1046 -22.87 54.79 3.34
N MET B 1047 -22.83 53.76 4.19
CA MET B 1047 -21.62 53.47 4.94
C MET B 1047 -21.66 52.02 5.41
N SER B 1048 -20.58 51.59 6.05
CA SER B 1048 -20.47 50.23 6.56
C SER B 1048 -19.63 50.22 7.82
N PHE B 1049 -19.94 49.28 8.71
CA PHE B 1049 -19.24 49.15 9.98
C PHE B 1049 -18.81 47.70 10.16
N PRO B 1050 -17.54 47.42 10.39
CA PRO B 1050 -17.10 46.04 10.61
C PRO B 1050 -17.17 45.65 12.08
N GLN B 1051 -17.44 44.36 12.31
CA GLN B 1051 -17.45 43.78 13.64
C GLN B 1051 -16.78 42.42 13.59
N SER B 1052 -16.08 42.05 14.65
CA SER B 1052 -15.42 40.75 14.70
C SER B 1052 -16.41 39.67 15.12
N ALA B 1053 -16.08 38.43 14.81
CA ALA B 1053 -16.87 37.27 15.21
C ALA B 1053 -15.97 36.06 15.15
N PRO B 1054 -16.30 34.98 15.85
CA PRO B 1054 -15.42 33.79 15.83
C PRO B 1054 -15.19 33.31 14.40
N HIS B 1055 -13.93 33.45 13.96
CA HIS B 1055 -13.53 33.09 12.60
C HIS B 1055 -14.38 33.77 11.54
N GLY B 1056 -14.70 35.04 11.73
CA GLY B 1056 -15.52 35.72 10.74
C GLY B 1056 -15.65 37.21 11.02
N VAL B 1057 -16.19 37.91 10.03
CA VAL B 1057 -16.42 39.34 10.09
C VAL B 1057 -17.87 39.62 9.72
N VAL B 1058 -18.50 40.51 10.49
CA VAL B 1058 -19.89 40.91 10.27
C VAL B 1058 -19.89 42.36 9.83
N PHE B 1059 -20.36 42.60 8.61
CA PHE B 1059 -20.50 43.94 8.07
C PHE B 1059 -21.93 44.44 8.27
N LEU B 1060 -22.05 45.58 8.96
CA LEU B 1060 -23.33 46.27 9.11
C LEU B 1060 -23.34 47.37 8.05
N HIS B 1061 -24.11 47.14 7.00
CA HIS B 1061 -24.21 48.09 5.89
C HIS B 1061 -25.39 49.03 6.14
N VAL B 1062 -25.08 50.31 6.35
CA VAL B 1062 -26.10 51.34 6.51
C VAL B 1062 -26.36 51.93 5.14
N THR B 1063 -27.60 51.82 4.66
CA THR B 1063 -27.95 52.22 3.31
C THR B 1063 -29.10 53.21 3.32
N TYR B 1064 -29.61 53.50 2.11
CA TYR B 1064 -30.61 54.53 1.88
C TYR B 1064 -31.66 53.95 0.93
N VAL B 1065 -32.88 53.78 1.43
CA VAL B 1065 -33.95 53.16 0.65
C VAL B 1065 -35.06 54.19 0.48
N PRO B 1066 -35.41 54.56 -0.75
CA PRO B 1066 -36.54 55.48 -0.95
C PRO B 1066 -37.86 54.83 -0.61
N ALA B 1067 -38.86 55.66 -0.37
CA ALA B 1067 -40.19 55.20 0.01
C ALA B 1067 -41.18 56.34 -0.14
N GLN B 1068 -42.47 55.99 -0.05
CA GLN B 1068 -43.57 56.95 -0.19
C GLN B 1068 -43.48 57.68 -1.53
N GLU B 1069 -43.34 56.90 -2.59
CA GLU B 1069 -43.24 57.46 -3.94
C GLU B 1069 -44.63 57.79 -4.48
N LYS B 1070 -44.66 58.74 -5.40
CA LYS B 1070 -45.92 59.13 -6.03
C LYS B 1070 -45.66 59.48 -7.50
N ASN B 1071 -46.75 59.51 -8.26
CA ASN B 1071 -46.65 59.69 -9.70
C ASN B 1071 -46.68 61.16 -10.09
N PHE B 1072 -46.00 61.46 -11.20
CA PHE B 1072 -45.98 62.80 -11.76
C PHE B 1072 -45.90 62.68 -13.28
N THR B 1073 -46.23 63.78 -13.96
CA THR B 1073 -46.17 63.86 -15.41
C THR B 1073 -44.83 64.45 -15.82
N THR B 1074 -44.02 63.67 -16.52
CA THR B 1074 -42.68 64.07 -16.91
C THR B 1074 -42.65 64.43 -18.39
N ALA B 1075 -41.56 65.10 -18.79
CA ALA B 1075 -41.34 65.51 -20.16
C ALA B 1075 -39.84 65.52 -20.42
N PRO B 1076 -39.40 65.17 -21.63
CA PRO B 1076 -37.96 65.19 -21.92
C PRO B 1076 -37.35 66.58 -21.81
N ALA B 1077 -38.00 67.59 -22.37
CA ALA B 1077 -37.50 68.96 -22.33
C ALA B 1077 -38.64 69.92 -22.57
N ILE B 1078 -38.35 71.20 -22.39
CA ILE B 1078 -39.30 72.28 -22.64
C ILE B 1078 -38.60 73.39 -23.41
N CYS B 1079 -39.38 74.15 -24.18
CA CYS B 1079 -38.86 75.30 -24.90
C CYS B 1079 -39.78 76.48 -24.72
N HIS B 1080 -39.21 77.64 -24.39
CA HIS B 1080 -39.98 78.84 -24.13
C HIS B 1080 -40.11 79.71 -25.38
N ASP B 1081 -39.00 80.02 -26.03
CA ASP B 1081 -38.98 80.88 -27.21
C ASP B 1081 -38.29 80.20 -28.37
N GLY B 1082 -38.63 78.94 -28.61
CA GLY B 1082 -38.12 78.21 -29.74
C GLY B 1082 -36.79 77.51 -29.54
N LYS B 1083 -36.34 77.34 -28.30
CA LYS B 1083 -35.10 76.65 -28.01
C LYS B 1083 -35.32 75.69 -26.85
N ALA B 1084 -35.01 74.42 -27.06
CA ALA B 1084 -35.26 73.40 -26.05
C ALA B 1084 -34.37 73.60 -24.84
N HIS B 1085 -34.93 73.33 -23.66
CA HIS B 1085 -34.22 73.42 -22.39
C HIS B 1085 -34.19 72.05 -21.75
N PHE B 1086 -33.01 71.44 -21.68
CA PHE B 1086 -32.86 70.14 -21.05
C PHE B 1086 -32.37 70.30 -19.62
N PRO B 1087 -32.88 69.46 -18.70
CA PRO B 1087 -32.48 69.60 -17.29
C PRO B 1087 -30.99 69.37 -17.11
N ARG B 1088 -30.35 70.28 -16.38
CA ARG B 1088 -28.91 70.16 -16.12
C ARG B 1088 -28.63 68.99 -15.20
N GLU B 1089 -29.29 68.94 -14.04
CA GLU B 1089 -29.15 67.84 -13.09
C GLU B 1089 -30.51 67.67 -12.39
N GLY B 1090 -31.32 66.78 -12.92
CA GLY B 1090 -32.63 66.53 -12.37
C GLY B 1090 -33.59 66.05 -13.44
N VAL B 1091 -34.88 66.23 -13.16
CA VAL B 1091 -35.95 65.74 -14.02
C VAL B 1091 -37.12 66.72 -13.92
N PHE B 1092 -37.74 67.00 -15.06
CA PHE B 1092 -38.93 67.86 -15.10
C PHE B 1092 -40.16 67.03 -14.76
N VAL B 1093 -40.88 67.44 -13.72
CA VAL B 1093 -42.11 66.78 -13.30
C VAL B 1093 -43.23 67.81 -13.30
N SER B 1094 -44.46 67.30 -13.17
CA SER B 1094 -45.65 68.16 -13.16
C SER B 1094 -46.64 67.62 -12.14
N ASN B 1095 -47.39 68.57 -11.60
CA ASN B 1095 -48.36 68.33 -10.55
C ASN B 1095 -49.76 68.45 -11.07
N GLY B 1096 -49.92 68.47 -12.38
CA GLY B 1096 -51.22 68.62 -13.00
C GLY B 1096 -51.40 69.94 -13.71
N THR B 1097 -50.87 71.02 -13.15
CA THR B 1097 -51.01 72.34 -13.73
C THR B 1097 -49.68 73.04 -13.95
N HIS B 1098 -48.72 72.87 -13.05
CA HIS B 1098 -47.43 73.54 -13.13
C HIS B 1098 -46.32 72.53 -13.34
N TRP B 1099 -45.18 73.02 -13.82
CA TRP B 1099 -44.00 72.20 -14.06
C TRP B 1099 -42.87 72.62 -13.14
N PHE B 1100 -42.19 71.64 -12.55
CA PHE B 1100 -41.07 71.88 -11.65
C PHE B 1100 -39.92 70.97 -12.05
N VAL B 1101 -38.77 71.18 -11.41
CA VAL B 1101 -37.58 70.37 -11.62
C VAL B 1101 -37.15 69.79 -10.28
N THR B 1102 -37.04 68.47 -10.21
CA THR B 1102 -36.70 67.78 -8.97
C THR B 1102 -35.51 66.87 -9.19
N GLN B 1103 -34.84 66.51 -8.11
CA GLN B 1103 -33.75 65.56 -8.21
C GLN B 1103 -34.28 64.15 -8.37
N ARG B 1104 -33.39 63.25 -8.78
CA ARG B 1104 -33.77 61.89 -9.16
C ARG B 1104 -33.94 60.95 -7.98
N ASN B 1105 -33.82 61.44 -6.75
CA ASN B 1105 -33.94 60.59 -5.58
C ASN B 1105 -34.79 61.18 -4.47
N PHE B 1106 -35.33 62.38 -4.63
CA PHE B 1106 -36.14 63.01 -3.60
C PHE B 1106 -37.01 64.08 -4.25
N TYR B 1107 -38.27 64.15 -3.84
CA TYR B 1107 -39.19 65.12 -4.43
C TYR B 1107 -38.94 66.49 -3.78
N GLU B 1108 -38.28 67.37 -4.53
CA GLU B 1108 -38.03 68.74 -4.10
C GLU B 1108 -38.39 69.66 -5.26
N PRO B 1109 -39.64 70.12 -5.32
CA PRO B 1109 -40.06 70.94 -6.46
C PRO B 1109 -39.41 72.31 -6.44
N GLN B 1110 -38.81 72.69 -7.57
CA GLN B 1110 -38.17 73.99 -7.72
C GLN B 1110 -38.65 74.62 -9.02
N ILE B 1111 -38.64 75.96 -9.03
CA ILE B 1111 -39.07 76.69 -10.22
C ILE B 1111 -38.05 76.52 -11.32
N ILE B 1112 -38.53 76.19 -12.52
CA ILE B 1112 -37.64 76.00 -13.67
C ILE B 1112 -37.07 77.35 -14.08
N THR B 1113 -35.78 77.55 -13.82
CA THR B 1113 -35.10 78.80 -14.13
C THR B 1113 -34.00 78.52 -15.15
N THR B 1114 -33.21 79.56 -15.45
CA THR B 1114 -32.16 79.44 -16.45
C THR B 1114 -30.90 78.77 -15.91
N ASP B 1115 -30.74 78.71 -14.58
CA ASP B 1115 -29.58 78.07 -13.98
C ASP B 1115 -29.84 76.62 -13.63
N ASN B 1116 -31.04 76.10 -13.88
CA ASN B 1116 -31.36 74.70 -13.65
C ASN B 1116 -31.44 73.89 -14.92
N THR B 1117 -31.39 74.53 -16.09
CA THR B 1117 -31.47 73.84 -17.37
C THR B 1117 -30.53 74.49 -18.36
N PHE B 1118 -30.18 73.74 -19.40
CA PHE B 1118 -29.29 74.22 -20.45
C PHE B 1118 -29.96 74.12 -21.81
N VAL B 1119 -29.65 75.07 -22.68
CA VAL B 1119 -30.23 75.16 -24.01
C VAL B 1119 -29.37 74.36 -24.98
N SER B 1120 -30.02 73.54 -25.81
CA SER B 1120 -29.31 72.74 -26.80
C SER B 1120 -30.25 72.52 -27.98
N GLY B 1121 -30.09 73.31 -29.04
CA GLY B 1121 -30.88 73.14 -30.24
C GLY B 1121 -32.33 73.54 -30.08
N ASN B 1122 -33.09 73.33 -31.15
CA ASN B 1122 -34.51 73.65 -31.17
C ASN B 1122 -35.32 72.41 -30.77
N CYS B 1123 -36.55 72.67 -30.31
CA CYS B 1123 -37.45 71.61 -29.87
C CYS B 1123 -38.32 71.11 -31.02
N ASP B 1124 -37.68 70.68 -32.11
CA ASP B 1124 -38.37 70.13 -33.27
C ASP B 1124 -38.10 68.66 -33.49
N VAL B 1125 -36.92 68.17 -33.10
CA VAL B 1125 -36.57 66.76 -33.30
C VAL B 1125 -36.80 65.91 -32.05
N VAL B 1126 -37.08 66.52 -30.91
CA VAL B 1126 -37.30 65.79 -29.68
C VAL B 1126 -38.74 65.27 -29.65
N ILE B 1127 -38.92 64.05 -29.16
CA ILE B 1127 -40.23 63.42 -29.07
C ILE B 1127 -40.74 63.62 -27.65
N GLY B 1128 -41.95 64.18 -27.53
CA GLY B 1128 -42.53 64.47 -26.24
C GLY B 1128 -42.35 65.89 -25.75
N ILE B 1129 -42.05 66.83 -26.64
CA ILE B 1129 -41.81 68.21 -26.22
C ILE B 1129 -43.12 68.85 -25.79
N VAL B 1130 -43.08 69.57 -24.67
CA VAL B 1130 -44.23 70.28 -24.15
C VAL B 1130 -43.85 71.75 -23.99
N ASN B 1131 -44.76 72.68 -24.22
CA ASN B 1131 -44.38 74.05 -24.14
C ASN B 1131 -44.58 74.39 -22.73
N ASN B 1132 -43.72 75.24 -22.25
CA ASN B 1132 -43.72 75.78 -20.90
C ASN B 1132 -42.74 76.94 -20.82
N THR B 1133 -43.06 77.92 -19.98
CA THR B 1133 -42.25 79.11 -19.83
C THR B 1133 -41.17 78.87 -18.77
N VAL B 1134 -40.00 79.46 -19.02
CA VAL B 1134 -38.87 79.37 -18.10
C VAL B 1134 -38.65 80.74 -17.45
N TYR B 1135 -37.99 80.71 -16.30
CA TYR B 1135 -37.71 81.93 -15.54
C TYR B 1135 -36.26 82.34 -15.72
N ASP B 1136 -36.02 83.64 -15.62
CA ASP B 1136 -34.68 84.21 -15.76
C ASP B 1136 -34.49 85.27 -14.68
N PRO B 1137 -33.67 85.02 -13.65
CA PRO B 1137 -33.45 86.00 -12.58
C PRO B 1137 -32.54 87.17 -12.98
N LEU B 1138 -32.80 87.72 -14.15
CA LEU B 1138 -32.05 88.87 -14.66
C LEU B 1138 -32.95 90.02 -15.08
N GLN B 1139 -34.13 89.72 -15.65
CA GLN B 1139 -35.06 90.76 -16.08
C GLN B 1139 -35.77 91.41 -14.89
N PRO B 1140 -36.30 90.65 -13.92
CA PRO B 1140 -36.91 91.31 -12.74
C PRO B 1140 -35.92 92.08 -11.90
N GLU B 1141 -34.62 91.80 -12.03
CA GLU B 1141 -33.60 92.52 -11.27
C GLU B 1141 -33.09 93.74 -12.00
N LEU B 1142 -33.02 93.70 -13.33
CA LEU B 1142 -32.56 94.82 -14.13
C LEU B 1142 -33.65 95.84 -14.43
N ASP B 1143 -34.76 95.80 -13.70
CA ASP B 1143 -35.85 96.75 -13.89
C ASP B 1143 -35.68 98.03 -13.08
N SER B 1144 -34.46 98.32 -12.64
CA SER B 1144 -34.20 99.53 -11.86
C SER B 1144 -33.50 100.59 -12.71
N GLN C 14 57.62 -16.10 20.32
CA GLN C 14 57.24 -16.68 21.61
C GLN C 14 56.65 -15.61 22.53
N CYS C 15 55.82 -16.05 23.47
CA CYS C 15 55.15 -15.16 24.40
C CYS C 15 56.08 -14.81 25.56
N VAL C 16 56.19 -13.52 25.85
CA VAL C 16 56.95 -13.03 27.00
C VAL C 16 55.99 -12.52 28.05
N ASN C 17 56.37 -12.64 29.32
CA ASN C 17 55.55 -12.21 30.44
C ASN C 17 56.11 -10.88 30.96
N LEU C 18 55.53 -9.78 30.51
CA LEU C 18 55.96 -8.46 30.94
C LEU C 18 55.53 -8.23 32.38
N THR C 19 56.49 -8.02 33.27
CA THR C 19 56.24 -7.80 34.68
C THR C 19 56.35 -6.31 35.01
N THR C 20 56.01 -5.98 36.26
CA THR C 20 56.03 -4.60 36.76
C THR C 20 55.20 -3.68 35.88
N ARG C 21 53.89 -3.97 35.84
CA ARG C 21 52.96 -3.20 35.03
C ARG C 21 51.73 -2.91 35.88
N THR C 22 51.53 -1.64 36.24
CA THR C 22 50.40 -1.22 37.04
C THR C 22 49.31 -0.63 36.13
N GLN C 23 48.26 -0.10 36.74
CA GLN C 23 47.15 0.49 36.00
C GLN C 23 46.82 1.86 36.59
N LEU C 24 46.52 2.80 35.71
CA LEU C 24 46.20 4.17 36.06
C LEU C 24 44.84 4.53 35.49
N PRO C 25 44.13 5.46 36.12
CA PRO C 25 42.81 5.87 35.60
C PRO C 25 42.97 6.61 34.28
N PRO C 26 42.16 6.26 33.27
CA PRO C 26 42.27 6.88 31.96
C PRO C 26 41.66 8.28 31.95
N ALA C 27 41.77 8.94 30.80
CA ALA C 27 41.24 10.27 30.58
C ALA C 27 40.26 10.23 29.39
N TYR C 28 39.67 11.38 29.10
CA TYR C 28 38.70 11.49 28.01
C TYR C 28 38.84 12.85 27.35
N THR C 29 38.73 12.86 26.02
CA THR C 29 38.77 14.08 25.22
C THR C 29 37.52 14.15 24.35
N ASN C 30 37.46 15.18 23.51
CA ASN C 30 36.30 15.44 22.66
C ASN C 30 36.66 15.23 21.20
N SER C 31 35.72 14.66 20.45
CA SER C 31 35.88 14.44 19.01
C SER C 31 35.24 15.61 18.28
N PHE C 32 36.06 16.54 17.82
CA PHE C 32 35.59 17.78 17.21
C PHE C 32 35.29 17.54 15.74
N THR C 33 34.12 16.96 15.47
CA THR C 33 33.58 16.78 14.12
C THR C 33 34.56 15.99 13.24
N ARG C 34 34.76 14.74 13.64
CA ARG C 34 35.61 13.81 12.91
C ARG C 34 34.98 12.43 12.90
N GLY C 35 35.34 11.64 11.89
CA GLY C 35 34.85 10.28 11.79
C GLY C 35 33.67 10.15 10.83
N VAL C 36 33.74 10.83 9.69
CA VAL C 36 32.69 10.80 8.69
C VAL C 36 33.30 10.17 7.43
N TYR C 37 33.01 8.88 7.22
CA TYR C 37 33.52 8.16 6.07
C TYR C 37 32.52 8.26 4.92
N TYR C 38 32.76 7.49 3.85
CA TYR C 38 31.85 7.44 2.72
C TYR C 38 30.82 6.35 2.96
N PRO C 39 29.52 6.65 2.96
CA PRO C 39 28.53 5.60 3.23
C PRO C 39 28.52 4.48 2.19
N ASP C 40 28.45 4.84 0.91
CA ASP C 40 28.41 3.86 -0.16
C ASP C 40 29.51 4.18 -1.17
N LYS C 41 29.60 3.36 -2.22
CA LYS C 41 30.59 3.52 -3.27
C LYS C 41 30.03 4.26 -4.48
N VAL C 42 29.11 5.20 -4.26
CA VAL C 42 28.41 5.90 -5.33
C VAL C 42 29.01 7.30 -5.47
N PHE C 43 29.27 7.69 -6.71
CA PHE C 43 29.76 9.04 -6.99
C PHE C 43 28.60 10.01 -7.08
N ARG C 44 28.73 11.16 -6.41
CA ARG C 44 27.71 12.19 -6.41
C ARG C 44 28.37 13.54 -6.30
N SER C 45 27.77 14.54 -6.94
CA SER C 45 28.32 15.89 -6.97
C SER C 45 27.21 16.91 -6.79
N SER C 46 27.45 17.89 -5.92
CA SER C 46 26.52 18.98 -5.66
C SER C 46 25.16 18.45 -5.18
N VAL C 47 25.21 17.50 -4.24
CA VAL C 47 24.02 16.90 -3.66
C VAL C 47 24.12 16.97 -2.14
N LEU C 48 22.99 16.71 -1.48
CA LEU C 48 22.91 16.63 -0.03
C LEU C 48 22.21 15.31 0.31
N HIS C 49 23.01 14.28 0.59
CA HIS C 49 22.48 12.95 0.81
C HIS C 49 22.29 12.68 2.30
N SER C 50 21.17 12.05 2.64
CA SER C 50 20.81 11.74 4.02
C SER C 50 20.95 10.23 4.22
N THR C 51 21.92 9.83 5.04
CA THR C 51 22.15 8.43 5.32
C THR C 51 21.86 8.11 6.77
N GLN C 52 21.73 6.82 7.06
CA GLN C 52 21.41 6.31 8.39
C GLN C 52 22.34 5.17 8.76
N ASP C 53 23.63 5.35 8.52
CA ASP C 53 24.64 4.34 8.82
C ASP C 53 25.28 4.63 10.18
N LEU C 54 26.24 3.78 10.55
CA LEU C 54 26.92 3.91 11.83
C LEU C 54 28.08 4.90 11.70
N PHE C 55 27.94 6.06 12.32
CA PHE C 55 28.97 7.10 12.30
C PHE C 55 29.34 7.47 13.74
N LEU C 56 30.30 8.37 13.86
CA LEU C 56 30.75 8.88 15.16
C LEU C 56 30.00 10.17 15.48
N PRO C 57 29.36 10.26 16.64
CA PRO C 57 28.64 11.49 16.98
C PRO C 57 29.60 12.67 17.13
N PHE C 58 29.19 13.81 16.61
CA PHE C 58 30.01 15.02 16.73
C PHE C 58 30.05 15.49 18.17
N PHE C 59 31.21 15.96 18.60
CA PHE C 59 31.44 16.43 19.97
C PHE C 59 31.11 15.33 20.99
N SER C 60 31.73 14.18 20.78
CA SER C 60 31.53 13.02 21.64
C SER C 60 32.76 12.80 22.51
N ASN C 61 32.59 12.10 23.61
CA ASN C 61 33.64 11.95 24.55
C ASN C 61 34.30 10.65 24.23
N VAL C 62 35.49 10.74 23.69
CA VAL C 62 36.27 9.58 23.29
C VAL C 62 37.44 9.41 24.26
N THR C 63 38.08 8.24 24.19
CA THR C 63 39.20 7.93 25.07
C THR C 63 40.46 8.65 24.61
N TRP C 64 41.37 8.86 25.55
CA TRP C 64 42.62 9.56 25.32
C TRP C 64 43.80 8.76 25.90
N PHE C 65 43.87 7.48 25.55
CA PHE C 65 44.99 6.65 25.97
C PHE C 65 46.29 7.21 25.42
N HIS C 66 47.18 7.64 26.32
CA HIS C 66 48.45 8.24 25.95
C HIS C 66 49.57 7.31 26.38
N VAL C 67 50.36 6.85 25.42
CA VAL C 67 51.47 5.93 25.65
C VAL C 67 52.77 6.70 25.45
N ILE C 68 53.63 6.65 26.46
CA ILE C 68 54.93 7.32 26.39
C ILE C 68 56.05 6.32 26.65
N ARG C 76 55.26 4.99 30.11
CA ARG C 76 54.05 4.20 30.31
C ARG C 76 53.54 3.64 28.99
N PHE C 77 53.19 2.35 28.99
CA PHE C 77 52.72 1.65 27.80
C PHE C 77 51.27 1.23 28.03
N ASP C 78 50.34 2.11 27.67
CA ASP C 78 48.91 1.85 27.85
C ASP C 78 48.41 1.07 26.64
N ASN C 79 48.04 -0.18 26.85
CA ASN C 79 47.50 -1.05 25.81
C ASN C 79 46.44 -1.96 26.41
N PRO C 80 45.27 -1.43 26.73
CA PRO C 80 44.20 -2.25 27.31
C PRO C 80 43.26 -2.80 26.26
N VAL C 81 42.38 -3.69 26.71
CA VAL C 81 41.37 -4.29 25.84
C VAL C 81 40.06 -3.53 26.02
N LEU C 82 39.41 -3.22 24.90
CA LEU C 82 38.18 -2.45 24.92
C LEU C 82 37.08 -3.18 24.15
N PRO C 83 35.81 -3.02 24.54
CA PRO C 83 34.73 -3.70 23.84
C PRO C 83 34.51 -3.11 22.44
N PHE C 84 34.12 -3.98 21.52
CA PHE C 84 33.81 -3.60 20.14
C PHE C 84 32.31 -3.87 19.94
N ASN C 85 31.51 -2.82 20.09
CA ASN C 85 30.05 -2.98 19.99
C ASN C 85 29.58 -2.96 18.54
N ASP C 86 29.75 -1.82 17.86
CA ASP C 86 29.34 -1.70 16.47
C ASP C 86 30.36 -0.97 15.60
N GLY C 87 31.47 -0.50 16.17
CA GLY C 87 32.46 0.22 15.40
C GLY C 87 33.45 0.93 16.29
N VAL C 88 34.64 1.24 15.75
CA VAL C 88 35.70 1.90 16.51
C VAL C 88 36.33 2.96 15.63
N TYR C 89 36.41 4.19 16.15
CA TYR C 89 37.13 5.28 15.49
C TYR C 89 38.49 5.39 16.16
N PHE C 90 39.50 4.83 15.52
CA PHE C 90 40.85 4.74 16.08
C PHE C 90 41.73 5.79 15.41
N ALA C 91 42.08 6.83 16.16
CA ALA C 91 43.04 7.83 15.70
C ALA C 91 44.46 7.40 16.05
N SER C 92 45.43 8.10 15.49
CA SER C 92 46.84 7.79 15.74
C SER C 92 47.68 9.03 15.50
N ILE C 93 48.10 9.67 16.58
CA ILE C 93 49.06 10.77 16.52
C ILE C 93 50.40 10.21 16.97
N GLU C 94 51.33 10.08 16.02
CA GLU C 94 52.64 9.51 16.29
C GLU C 94 53.63 10.03 15.26
N LYS C 95 54.90 9.73 15.48
CA LYS C 95 55.97 10.18 14.60
C LYS C 95 56.86 9.07 14.11
N SER C 96 57.16 8.07 14.95
CA SER C 96 58.11 7.02 14.63
C SER C 96 57.46 5.65 14.52
N ASN C 97 56.20 5.62 14.06
CA ASN C 97 55.48 4.38 13.78
C ASN C 97 55.43 3.49 15.03
N ILE C 98 54.76 4.00 16.06
CA ILE C 98 54.63 3.26 17.32
C ILE C 98 53.54 2.22 17.24
N ILE C 99 52.32 2.61 16.87
CA ILE C 99 51.23 1.66 16.70
C ILE C 99 51.43 0.92 15.38
N ARG C 100 51.37 -0.41 15.42
CA ARG C 100 51.67 -1.19 14.22
C ARG C 100 50.64 -2.29 13.95
N GLY C 101 49.42 -2.14 14.40
CA GLY C 101 48.39 -3.10 14.05
C GLY C 101 47.31 -3.17 15.11
N TRP C 102 46.44 -4.16 14.95
CA TRP C 102 45.30 -4.36 15.82
C TRP C 102 44.97 -5.85 15.92
N ILE C 103 44.24 -6.20 16.98
CA ILE C 103 43.74 -7.54 17.22
C ILE C 103 42.23 -7.45 17.39
N PHE C 104 41.51 -8.49 16.97
CA PHE C 104 40.07 -8.54 17.10
C PHE C 104 39.65 -9.96 17.46
N GLY C 105 38.68 -10.08 18.36
CA GLY C 105 38.19 -11.38 18.77
C GLY C 105 37.15 -11.25 19.85
N THR C 106 36.60 -12.40 20.23
CA THR C 106 35.59 -12.46 21.28
C THR C 106 36.20 -12.79 22.64
N THR C 107 37.00 -13.85 22.70
CA THR C 107 37.64 -14.27 23.95
C THR C 107 39.15 -14.16 23.93
N LEU C 108 39.78 -14.38 22.77
CA LEU C 108 41.24 -14.29 22.63
C LEU C 108 41.94 -15.27 23.56
N ASP C 109 41.61 -16.56 23.42
CA ASP C 109 42.21 -17.62 24.23
C ASP C 109 42.60 -18.83 23.39
N SER C 110 42.84 -18.63 22.09
CA SER C 110 43.20 -19.69 21.15
C SER C 110 42.13 -20.78 21.07
N LYS C 111 40.88 -20.46 21.43
CA LYS C 111 39.77 -21.40 21.36
C LYS C 111 38.68 -20.96 20.40
N THR C 112 38.81 -19.77 19.80
CA THR C 112 37.82 -19.28 18.85
C THR C 112 38.53 -18.51 17.75
N GLN C 113 37.79 -18.18 16.70
CA GLN C 113 38.36 -17.47 15.57
C GLN C 113 38.68 -16.03 15.96
N SER C 114 39.81 -15.52 15.47
CA SER C 114 40.25 -14.17 15.76
C SER C 114 40.95 -13.60 14.53
N LEU C 115 41.10 -12.27 14.53
CA LEU C 115 41.70 -11.55 13.42
C LEU C 115 42.88 -10.73 13.94
N LEU C 116 43.92 -10.62 13.11
CA LEU C 116 45.13 -9.90 13.47
C LEU C 116 45.65 -9.14 12.27
N ILE C 117 45.81 -7.82 12.42
CA ILE C 117 46.37 -6.97 11.37
C ILE C 117 47.69 -6.44 11.89
N VAL C 118 48.76 -6.65 11.14
CA VAL C 118 50.10 -6.18 11.50
C VAL C 118 50.65 -5.40 10.32
N ASN C 119 51.39 -4.33 10.63
CA ASN C 119 52.00 -3.47 9.61
C ASN C 119 53.51 -3.68 9.65
N ASN C 120 54.06 -4.27 8.60
CA ASN C 120 55.51 -4.49 8.52
C ASN C 120 56.29 -3.21 8.35
N ALA C 121 57.46 -3.40 7.78
CA ALA C 121 58.22 -2.32 7.16
C ALA C 121 58.05 -2.25 5.65
N THR C 122 57.49 -3.29 5.03
CA THR C 122 57.31 -3.31 3.58
C THR C 122 55.93 -3.78 3.12
N ASN C 123 55.09 -4.28 4.03
CA ASN C 123 53.78 -4.78 3.64
C ASN C 123 52.89 -4.84 4.88
N VAL C 124 51.62 -5.18 4.65
CA VAL C 124 50.64 -5.36 5.72
C VAL C 124 50.15 -6.79 5.66
N VAL C 125 50.01 -7.43 6.83
CA VAL C 125 49.60 -8.82 6.93
C VAL C 125 48.31 -8.88 7.74
N ILE C 126 47.25 -9.40 7.13
CA ILE C 126 45.95 -9.55 7.78
C ILE C 126 45.65 -11.04 7.82
N LYS C 127 45.60 -11.62 9.01
CA LYS C 127 45.40 -13.05 9.18
C LYS C 127 44.22 -13.31 10.09
N VAL C 128 43.29 -14.15 9.62
CA VAL C 128 42.17 -14.62 10.41
C VAL C 128 42.48 -16.05 10.80
N CYS C 129 42.84 -16.26 12.05
CA CYS C 129 43.29 -17.57 12.50
C CYS C 129 42.93 -17.74 13.98
N GLU C 130 43.55 -18.72 14.62
CA GLU C 130 43.26 -19.05 16.01
C GLU C 130 44.51 -18.91 16.87
N PHE C 131 45.24 -17.81 16.69
CA PHE C 131 46.49 -17.59 17.41
C PHE C 131 46.24 -17.56 18.93
N GLN C 132 47.31 -17.83 19.68
CA GLN C 132 47.29 -17.78 21.14
C GLN C 132 47.98 -16.49 21.56
N PHE C 133 47.20 -15.44 21.74
CA PHE C 133 47.74 -14.14 22.10
C PHE C 133 48.19 -14.14 23.55
N CYS C 134 49.31 -13.48 23.83
CA CYS C 134 49.89 -13.45 25.16
C CYS C 134 49.09 -12.48 26.04
N ASN C 135 49.55 -12.28 27.28
CA ASN C 135 48.88 -11.35 28.16
C ASN C 135 49.14 -9.90 27.76
N ASP C 136 50.27 -9.64 27.09
CA ASP C 136 50.59 -8.31 26.61
C ASP C 136 51.24 -8.45 25.23
N PRO C 137 50.43 -8.58 24.17
CA PRO C 137 50.99 -8.71 22.83
C PRO C 137 51.54 -7.38 22.31
N PHE C 138 52.70 -7.47 21.68
CA PHE C 138 53.34 -6.29 21.10
C PHE C 138 54.30 -6.75 20.01
N LEU C 139 55.01 -5.78 19.44
CA LEU C 139 55.99 -6.08 18.40
C LEU C 139 57.40 -5.75 18.87
N GLU C 151 60.16 -11.26 14.64
CA GLU C 151 59.77 -10.95 16.01
C GLU C 151 58.25 -10.99 16.16
N PHE C 152 57.69 -12.19 16.21
CA PHE C 152 56.24 -12.37 16.34
C PHE C 152 55.86 -12.55 17.80
N ARG C 153 56.12 -11.50 18.58
CA ARG C 153 55.78 -11.48 20.00
C ARG C 153 54.29 -11.42 20.27
N VAL C 154 53.44 -11.37 19.24
CA VAL C 154 52.00 -11.29 19.48
C VAL C 154 51.45 -12.63 19.94
N TYR C 155 51.94 -13.72 19.35
CA TYR C 155 51.48 -15.06 19.68
C TYR C 155 52.68 -16.00 19.70
N SER C 156 52.39 -17.29 19.89
CA SER C 156 53.43 -18.32 19.93
C SER C 156 53.25 -19.40 18.87
N SER C 157 52.03 -19.86 18.62
CA SER C 157 51.75 -20.87 17.62
C SER C 157 50.56 -20.44 16.77
N ALA C 158 50.29 -21.21 15.72
CA ALA C 158 49.21 -20.90 14.81
C ALA C 158 48.42 -22.17 14.51
N ASN C 159 47.10 -22.11 14.72
CA ASN C 159 46.22 -23.21 14.43
C ASN C 159 45.75 -23.11 12.97
N ASN C 160 44.59 -23.68 12.69
CA ASN C 160 44.11 -23.66 11.32
C ASN C 160 43.53 -22.32 11.02
N CYS C 161 43.96 -21.77 9.90
CA CYS C 161 43.49 -20.45 9.54
C CYS C 161 42.42 -20.52 8.47
N THR C 162 41.74 -19.39 8.26
CA THR C 162 40.67 -19.30 7.29
C THR C 162 40.84 -18.18 6.27
N PHE C 163 41.61 -17.13 6.58
CA PHE C 163 41.78 -16.00 5.67
C PHE C 163 43.20 -15.47 5.80
N GLU C 164 43.90 -15.41 4.67
CA GLU C 164 45.25 -14.86 4.61
C GLU C 164 45.25 -13.69 3.63
N TYR C 165 46.01 -12.64 3.94
CA TYR C 165 46.06 -11.46 3.09
C TYR C 165 47.37 -10.74 3.30
N VAL C 166 48.09 -10.49 2.21
CA VAL C 166 49.34 -9.73 2.21
C VAL C 166 49.10 -8.52 1.33
N SER C 167 48.60 -7.44 1.91
CA SER C 167 48.36 -6.25 1.13
C SER C 167 49.66 -5.50 1.07
N GLN C 168 50.46 -5.79 0.06
CA GLN C 168 51.76 -5.14 -0.08
C GLN C 168 51.82 -3.64 0.21
N PRO C 169 50.87 -2.86 -0.35
CA PRO C 169 50.94 -1.44 0.04
C PRO C 169 50.79 -1.28 1.54
N PHE C 170 51.86 -0.87 2.21
CA PHE C 170 51.80 -0.66 3.64
C PHE C 170 50.98 0.59 3.92
N LEU C 171 50.38 0.67 5.10
CA LEU C 171 49.52 1.81 5.40
C LEU C 171 50.23 2.94 6.14
N MET C 172 51.40 3.37 5.66
CA MET C 172 52.03 4.51 6.30
C MET C 172 51.75 5.79 5.53
N GLN C 178 60.86 16.86 7.66
CA GLN C 178 60.53 18.25 7.94
C GLN C 178 60.70 18.59 9.42
N GLY C 179 60.27 17.67 10.29
CA GLY C 179 60.39 17.87 11.72
C GLY C 179 59.23 18.63 12.34
N ASN C 180 58.87 19.76 11.73
CA ASN C 180 57.80 20.61 12.24
C ASN C 180 56.43 20.20 11.69
N PHE C 181 56.09 18.93 11.85
CA PHE C 181 54.80 18.41 11.40
C PHE C 181 54.48 17.15 12.21
N LYS C 182 53.41 16.48 11.83
CA LYS C 182 52.97 15.27 12.52
C LYS C 182 52.02 14.52 11.60
N ASN C 183 51.96 13.20 11.76
CA ASN C 183 51.05 12.38 10.96
C ASN C 183 49.83 12.00 11.77
N LEU C 184 48.69 11.87 11.10
CA LEU C 184 47.46 11.43 11.74
C LEU C 184 46.76 10.46 10.81
N ARG C 185 46.71 9.19 11.20
CA ARG C 185 46.10 8.13 10.40
C ARG C 185 44.84 7.66 11.13
N GLU C 186 43.69 8.21 10.74
CA GLU C 186 42.42 7.82 11.32
C GLU C 186 41.88 6.57 10.64
N PHE C 187 41.29 5.68 11.44
CA PHE C 187 40.72 4.44 10.95
C PHE C 187 39.33 4.27 11.54
N VAL C 188 38.45 3.66 10.76
CA VAL C 188 37.08 3.35 11.19
C VAL C 188 36.87 1.86 10.96
N PHE C 189 36.56 1.14 12.04
CA PHE C 189 36.35 -0.31 12.00
C PHE C 189 34.88 -0.60 12.22
N LYS C 190 34.26 -1.31 11.27
CA LYS C 190 32.87 -1.67 11.34
C LYS C 190 32.70 -3.15 11.01
N ASN C 191 31.53 -3.69 11.36
CA ASN C 191 31.22 -5.09 11.07
C ASN C 191 29.71 -5.18 10.82
N ILE C 192 29.32 -5.10 9.56
CA ILE C 192 27.91 -5.16 9.16
C ILE C 192 27.76 -6.24 8.10
N ASP C 193 26.82 -7.17 8.32
CA ASP C 193 26.55 -8.26 7.40
C ASP C 193 27.80 -9.11 7.12
N GLY C 194 28.63 -9.26 8.12
CA GLY C 194 29.85 -10.06 8.00
C GLY C 194 31.10 -9.32 7.58
N TYR C 195 31.01 -8.51 6.54
CA TYR C 195 32.17 -7.81 6.00
C TYR C 195 32.72 -6.80 7.01
N PHE C 196 33.94 -7.02 7.49
CA PHE C 196 34.59 -6.10 8.43
C PHE C 196 35.15 -4.93 7.63
N LYS C 197 34.30 -3.93 7.39
CA LYS C 197 34.71 -2.76 6.61
C LYS C 197 35.70 -1.91 7.39
N ILE C 198 36.78 -1.52 6.71
CA ILE C 198 37.83 -0.70 7.31
C ILE C 198 38.02 0.54 6.45
N TYR C 199 37.89 1.71 7.08
CA TYR C 199 38.11 2.99 6.41
C TYR C 199 39.38 3.62 6.97
N SER C 200 40.14 4.28 6.10
CA SER C 200 41.41 4.87 6.50
C SER C 200 41.57 6.25 5.87
N LYS C 201 42.25 7.14 6.60
CA LYS C 201 42.52 8.48 6.08
C LYS C 201 43.77 9.01 6.78
N HIS C 202 44.80 9.34 6.00
CA HIS C 202 46.04 9.89 6.53
C HIS C 202 46.10 11.38 6.23
N THR C 203 46.61 12.16 7.18
CA THR C 203 46.68 13.61 7.03
C THR C 203 47.87 14.19 7.79
N PRO C 204 48.55 15.19 7.22
CA PRO C 204 49.62 15.88 7.94
C PRO C 204 49.06 17.03 8.76
N ILE C 205 49.25 16.97 10.07
CA ILE C 205 48.77 17.99 11.00
C ILE C 205 49.96 18.73 11.57
N ILE C 206 49.81 20.04 11.76
CA ILE C 206 50.87 20.88 12.32
C ILE C 206 50.95 20.67 13.83
N VAL C 207 52.16 20.81 14.37
CA VAL C 207 52.36 20.71 15.80
C VAL C 207 51.58 21.81 16.51
N ARG C 208 50.87 21.44 17.57
CA ARG C 208 49.96 22.37 18.23
C ARG C 208 49.97 22.19 19.74
N GLU C 209 48.96 22.72 20.41
CA GLU C 209 48.75 22.64 21.85
C GLU C 209 48.64 21.18 22.29
N PRO C 210 48.61 20.88 23.62
CA PRO C 210 48.45 19.49 24.08
C PRO C 210 47.53 18.63 23.24
N GLU C 211 47.97 17.41 22.97
CA GLU C 211 47.39 16.58 21.90
C GLU C 211 45.88 16.41 22.08
N ASP C 212 45.17 16.55 20.96
CA ASP C 212 43.73 16.37 20.90
C ASP C 212 43.35 16.27 19.42
N LEU C 213 42.13 15.82 19.17
CA LEU C 213 41.64 15.69 17.80
C LEU C 213 41.48 17.08 17.17
N PRO C 214 42.22 17.38 16.10
CA PRO C 214 42.16 18.74 15.53
C PRO C 214 40.82 19.05 14.87
N GLN C 215 40.65 20.28 14.44
CA GLN C 215 39.44 20.71 13.74
C GLN C 215 39.57 20.47 12.24
N GLY C 216 38.44 20.24 11.61
CA GLY C 216 38.39 20.02 10.17
C GLY C 216 37.60 18.76 9.82
N PHE C 217 37.58 18.48 8.52
CA PHE C 217 36.88 17.32 7.97
C PHE C 217 37.90 16.34 7.42
N SER C 218 37.60 15.05 7.54
CA SER C 218 38.53 13.99 7.14
C SER C 218 38.10 13.22 5.90
N ALA C 219 36.84 12.77 5.85
CA ALA C 219 36.29 12.02 4.72
C ALA C 219 37.11 10.74 4.48
N LEU C 220 37.06 9.86 5.48
CA LEU C 220 37.79 8.59 5.40
C LEU C 220 37.27 7.73 4.26
N GLU C 221 38.21 7.17 3.48
CA GLU C 221 37.94 6.35 2.31
C GLU C 221 38.00 4.87 2.66
N PRO C 222 37.16 4.05 2.03
CA PRO C 222 37.21 2.61 2.30
C PRO C 222 38.53 1.99 1.87
N LEU C 223 38.94 0.97 2.62
CA LEU C 223 40.23 0.32 2.38
C LEU C 223 40.07 -1.13 1.94
N VAL C 224 39.37 -1.96 2.72
CA VAL C 224 39.27 -3.39 2.44
C VAL C 224 37.82 -3.84 2.53
N ASP C 225 37.54 -4.97 1.88
CA ASP C 225 36.22 -5.60 1.87
C ASP C 225 36.37 -7.10 2.12
N LEU C 226 37.10 -7.44 3.17
CA LEU C 226 37.53 -8.81 3.42
C LEU C 226 36.31 -9.74 3.54
N PRO C 227 36.38 -10.94 2.97
CA PRO C 227 35.31 -11.96 3.14
C PRO C 227 35.38 -12.62 4.52
N ILE C 228 34.78 -11.93 5.50
CA ILE C 228 34.87 -12.29 6.90
C ILE C 228 33.47 -12.21 7.49
N GLY C 229 33.34 -12.34 8.82
CA GLY C 229 32.04 -12.47 9.44
C GLY C 229 32.04 -13.32 10.70
N ILE C 230 33.21 -13.81 11.09
CA ILE C 230 33.35 -14.43 12.40
C ILE C 230 32.94 -13.43 13.48
N ASN C 231 32.39 -13.90 14.60
CA ASN C 231 31.91 -12.95 15.63
C ASN C 231 33.02 -12.34 16.43
N ILE C 232 33.02 -11.03 16.45
CA ILE C 232 34.01 -10.14 17.04
C ILE C 232 33.33 -9.33 18.13
N THR C 233 33.90 -9.32 19.32
CA THR C 233 33.33 -8.61 20.46
C THR C 233 34.30 -7.63 21.10
N ARG C 234 35.58 -7.97 21.16
CA ARG C 234 36.60 -7.13 21.79
C ARG C 234 37.75 -6.91 20.82
N PHE C 235 38.65 -5.99 21.17
CA PHE C 235 39.79 -5.68 20.33
C PHE C 235 40.93 -5.17 21.20
N GLN C 236 42.11 -5.07 20.60
CA GLN C 236 43.30 -4.62 21.29
C GLN C 236 44.25 -3.99 20.28
N THR C 237 45.13 -3.12 20.77
CA THR C 237 46.08 -2.39 19.94
C THR C 237 47.44 -3.06 19.97
N LEU C 238 48.15 -2.98 18.84
CA LEU C 238 49.49 -3.53 18.71
C LEU C 238 50.51 -2.42 18.88
N LEU C 239 51.23 -2.46 20.00
CA LEU C 239 52.28 -1.50 20.31
C LEU C 239 53.63 -2.03 19.82
N ALA C 240 54.57 -1.10 19.61
CA ALA C 240 55.90 -1.44 19.14
C ALA C 240 56.90 -0.50 19.80
N LEU C 241 57.74 -1.03 20.68
CA LEU C 241 58.77 -0.27 21.35
C LEU C 241 60.13 -0.60 20.74
N HIS C 242 60.99 0.42 20.64
CA HIS C 242 62.31 0.27 20.05
C HIS C 242 63.33 0.06 21.17
N ARG C 243 63.76 -1.19 21.34
CA ARG C 243 64.74 -1.55 22.36
C ARG C 243 66.14 -1.31 21.79
N SER C 244 66.77 -0.23 22.24
CA SER C 244 68.11 0.11 21.77
C SER C 244 69.18 -0.58 22.61
N ALA C 259 56.40 8.00 22.29
CA ALA C 259 55.63 9.23 22.16
C ALA C 259 54.56 9.08 21.08
N ALA C 260 53.41 8.53 21.47
CA ALA C 260 52.30 8.33 20.55
C ALA C 260 51.01 8.40 21.35
N ALA C 261 49.89 8.53 20.63
CA ALA C 261 48.59 8.60 21.27
C ALA C 261 47.53 8.13 20.30
N TYR C 262 46.45 7.57 20.83
CA TYR C 262 45.29 7.17 20.04
C TYR C 262 44.00 7.56 20.75
N TYR C 263 42.95 7.73 19.96
CA TYR C 263 41.69 8.31 20.40
C TYR C 263 40.52 7.37 20.08
N VAL C 264 40.66 6.11 20.49
CA VAL C 264 39.65 5.10 20.19
C VAL C 264 38.29 5.54 20.71
N GLY C 265 37.30 5.54 19.82
CA GLY C 265 35.93 5.88 20.17
C GLY C 265 34.97 4.79 19.73
N TYR C 266 33.69 5.04 20.00
CA TYR C 266 32.62 4.11 19.69
C TYR C 266 31.59 4.76 18.79
N LEU C 267 30.99 3.97 17.90
CA LEU C 267 29.97 4.45 16.98
C LEU C 267 28.58 4.12 17.49
N GLN C 268 27.57 4.64 16.80
CA GLN C 268 26.18 4.39 17.15
C GLN C 268 25.31 4.74 15.96
N PRO C 269 24.14 4.10 15.81
CA PRO C 269 23.27 4.40 14.66
C PRO C 269 22.74 5.83 14.72
N ARG C 270 23.12 6.62 13.73
CA ARG C 270 22.69 8.01 13.62
C ARG C 270 22.39 8.32 12.16
N THR C 271 21.80 9.50 11.93
CA THR C 271 21.50 9.98 10.59
C THR C 271 22.40 11.18 10.29
N PHE C 272 22.97 11.19 9.08
CA PHE C 272 23.91 12.22 8.68
C PHE C 272 23.51 12.81 7.34
N LEU C 273 23.66 14.13 7.22
CA LEU C 273 23.40 14.86 5.98
C LEU C 273 24.74 15.31 5.41
N LEU C 274 25.19 14.63 4.37
CA LEU C 274 26.50 14.85 3.78
C LEU C 274 26.38 15.63 2.47
N LYS C 275 27.24 16.63 2.33
CA LYS C 275 27.31 17.45 1.13
C LYS C 275 28.49 17.00 0.27
N TYR C 276 28.24 16.75 -1.01
CA TYR C 276 29.26 16.35 -1.95
C TYR C 276 29.66 17.53 -2.83
N ASN C 277 30.96 17.64 -3.09
CA ASN C 277 31.49 18.71 -3.91
C ASN C 277 31.43 18.32 -5.38
N GLU C 278 31.82 19.24 -6.27
CA GLU C 278 31.79 18.98 -7.69
C GLU C 278 32.78 17.90 -8.13
N ASN C 279 33.66 17.47 -7.26
CA ASN C 279 34.59 16.46 -7.64
C ASN C 279 34.33 15.19 -6.90
N GLY C 280 33.20 15.12 -6.25
CA GLY C 280 32.81 13.91 -5.57
C GLY C 280 33.39 13.71 -4.19
N THR C 281 33.89 14.78 -3.57
CA THR C 281 34.46 14.71 -2.23
C THR C 281 33.51 15.38 -1.24
N ILE C 282 33.56 14.91 0.01
CA ILE C 282 32.68 15.42 1.06
C ILE C 282 33.38 16.56 1.76
N THR C 283 32.69 17.69 1.89
CA THR C 283 33.23 18.89 2.55
C THR C 283 32.78 19.01 3.99
N ASP C 284 31.47 18.99 4.23
CA ASP C 284 30.93 19.11 5.58
C ASP C 284 29.75 18.14 5.73
N ALA C 285 29.32 17.96 6.96
CA ALA C 285 28.21 17.05 7.27
C ALA C 285 27.53 17.52 8.54
N VAL C 286 26.29 17.11 8.74
CA VAL C 286 25.49 17.58 9.88
C VAL C 286 24.95 16.39 10.65
N ASP C 287 24.87 16.45 11.96
CA ASP C 287 24.50 15.29 12.76
C ASP C 287 23.05 14.95 12.91
N CYS C 288 22.15 15.87 12.61
CA CYS C 288 20.72 15.62 12.69
C CYS C 288 20.23 15.24 14.06
N ALA C 289 21.05 15.37 15.08
CA ALA C 289 20.61 15.10 16.44
C ALA C 289 21.61 15.65 17.38
N LEU C 290 22.41 16.57 16.92
CA LEU C 290 23.32 17.19 17.81
C LEU C 290 22.55 18.28 18.49
N ASP C 291 21.89 19.13 17.71
CA ASP C 291 21.21 20.26 18.29
C ASP C 291 20.00 20.63 17.49
N PRO C 292 19.16 21.54 18.00
CA PRO C 292 18.04 22.01 17.22
C PRO C 292 18.38 22.54 15.83
N LEU C 293 19.37 23.39 15.66
CA LEU C 293 19.62 23.95 14.34
C LEU C 293 19.92 22.83 13.41
N SER C 294 20.63 21.83 13.88
CA SER C 294 20.99 20.70 13.05
C SER C 294 19.75 20.00 12.52
N GLU C 295 18.77 19.74 13.35
CA GLU C 295 17.55 19.14 12.87
C GLU C 295 16.83 20.04 11.89
N THR C 296 16.74 21.34 12.14
CA THR C 296 16.16 22.22 11.12
C THR C 296 16.91 22.10 9.80
N LYS C 297 18.24 22.03 9.86
CA LYS C 297 19.02 21.88 8.63
C LYS C 297 18.80 20.51 7.98
N CYS C 298 18.51 19.48 8.78
CA CYS C 298 18.26 18.17 8.22
C CYS C 298 16.87 18.08 7.59
N THR C 299 15.85 18.63 8.26
CA THR C 299 14.50 18.58 7.72
C THR C 299 14.28 19.56 6.57
N LEU C 300 15.23 20.46 6.31
CA LEU C 300 15.15 21.37 5.18
C LEU C 300 16.08 21.00 4.05
N LYS C 301 16.99 20.03 4.26
CA LYS C 301 17.95 19.61 3.25
C LYS C 301 18.80 20.77 2.75
N SER C 302 19.30 21.56 3.69
CA SER C 302 20.12 22.72 3.37
C SER C 302 20.93 23.11 4.60
N PHE C 303 22.18 23.50 4.37
CA PHE C 303 23.06 23.92 5.45
C PHE C 303 22.84 25.37 5.88
N THR C 304 22.04 26.12 5.15
CA THR C 304 21.75 27.53 5.47
C THR C 304 20.23 27.69 5.54
N VAL C 305 19.70 27.75 6.75
CA VAL C 305 18.26 27.91 6.96
C VAL C 305 17.94 29.39 7.02
N GLU C 306 16.72 29.73 6.62
CA GLU C 306 16.26 31.12 6.63
C GLU C 306 15.62 31.45 7.97
N LYS C 307 15.13 32.68 8.10
CA LYS C 307 14.48 33.13 9.32
C LYS C 307 13.02 32.70 9.33
N GLY C 308 12.60 32.09 10.42
CA GLY C 308 11.23 31.63 10.55
C GLY C 308 11.15 30.40 11.43
N ILE C 309 9.92 29.93 11.60
CA ILE C 309 9.67 28.75 12.42
C ILE C 309 9.60 27.51 11.55
N TYR C 310 10.29 26.45 11.96
CA TYR C 310 10.32 25.20 11.22
C TYR C 310 10.04 24.06 12.18
N GLN C 311 8.96 23.33 11.94
CA GLN C 311 8.59 22.16 12.75
C GLN C 311 9.49 21.00 12.36
N THR C 312 10.33 20.55 13.29
CA THR C 312 11.32 19.52 12.99
C THR C 312 10.81 18.12 13.32
N SER C 313 10.48 17.87 14.59
CA SER C 313 10.10 16.54 15.04
C SER C 313 9.03 16.66 16.12
N ASN C 314 8.77 15.56 16.81
CA ASN C 314 7.76 15.49 17.85
C ASN C 314 8.39 15.05 19.17
N PHE C 315 8.02 15.75 20.23
CA PHE C 315 8.46 15.41 21.58
C PHE C 315 7.39 14.59 22.28
N ARG C 316 7.81 13.56 23.02
CA ARG C 316 6.89 12.67 23.72
C ARG C 316 7.64 12.02 24.86
N VAL C 317 7.06 12.07 26.06
CA VAL C 317 7.70 11.54 27.26
C VAL C 317 7.66 10.01 27.20
N GLN C 318 8.77 9.37 27.63
CA GLN C 318 8.91 7.92 27.66
C GLN C 318 8.52 7.37 29.03
N PRO C 319 7.96 6.17 29.08
CA PRO C 319 7.56 5.58 30.36
C PRO C 319 8.75 5.22 31.22
N THR C 320 8.49 5.01 32.51
CA THR C 320 9.53 4.71 33.48
C THR C 320 9.48 3.25 33.94
N GLU C 321 8.34 2.80 34.45
CA GLU C 321 8.20 1.47 35.01
C GLU C 321 7.32 0.60 34.12
N SER C 322 7.15 -0.65 34.52
CA SER C 322 6.40 -1.65 33.76
C SER C 322 5.48 -2.45 34.68
N ILE C 323 4.70 -1.75 35.50
CA ILE C 323 3.81 -2.38 36.47
C ILE C 323 2.83 -3.31 35.77
N VAL C 324 2.32 -4.31 36.49
CA VAL C 324 1.47 -5.36 35.91
C VAL C 324 0.07 -5.33 36.50
N ARG C 325 -0.05 -5.49 37.82
CA ARG C 325 -1.34 -5.48 38.51
C ARG C 325 -2.27 -6.58 38.00
N PHE C 326 -1.85 -7.82 38.21
CA PHE C 326 -2.64 -8.99 37.86
C PHE C 326 -3.63 -9.31 38.96
N PRO C 327 -4.71 -10.05 38.65
CA PRO C 327 -5.72 -10.37 39.67
C PRO C 327 -5.18 -11.21 40.82
N ASN C 328 -6.10 -11.45 41.79
CA ASN C 328 -5.88 -12.25 43.00
C ASN C 328 -6.06 -13.64 42.57
N ILE C 329 -5.12 -14.52 42.90
CA ILE C 329 -5.48 -15.93 42.87
C ILE C 329 -6.07 -16.32 44.22
N THR C 330 -7.17 -17.08 44.19
CA THR C 330 -7.88 -17.44 45.40
C THR C 330 -7.62 -18.93 45.66
N ASN C 331 -7.90 -19.80 44.71
CA ASN C 331 -7.63 -21.22 44.88
C ASN C 331 -6.14 -21.47 44.69
N LEU C 332 -5.34 -21.14 45.70
CA LEU C 332 -3.89 -21.25 45.60
C LEU C 332 -3.45 -22.69 45.39
N CYS C 333 -3.63 -23.52 46.42
CA CYS C 333 -3.27 -24.93 46.42
C CYS C 333 -3.71 -25.58 47.73
N PRO C 334 -3.87 -26.90 47.77
CA PRO C 334 -4.01 -27.58 49.06
C PRO C 334 -2.65 -27.81 49.71
N PHE C 335 -1.62 -27.13 49.20
CA PHE C 335 -0.26 -27.31 49.67
C PHE C 335 0.04 -26.45 50.89
N ASP C 336 -0.80 -26.56 51.92
CA ASP C 336 -0.56 -25.85 53.16
C ASP C 336 -0.78 -26.76 54.37
N GLU C 337 -1.57 -27.81 54.19
CA GLU C 337 -1.86 -28.75 55.28
C GLU C 337 -0.62 -29.54 55.67
N VAL C 338 0.35 -29.65 54.76
CA VAL C 338 1.58 -30.40 55.01
C VAL C 338 2.33 -29.76 56.17
N PHE C 339 2.43 -28.42 56.16
CA PHE C 339 3.19 -27.71 57.17
C PHE C 339 2.41 -27.57 58.48
N ASN C 340 1.21 -27.00 58.36
CA ASN C 340 0.37 -26.71 59.49
C ASN C 340 -0.51 -27.92 59.77
N ALA C 341 0.07 -28.93 60.40
CA ALA C 341 -0.66 -30.13 60.78
C ALA C 341 -0.28 -30.58 62.18
N THR C 342 -0.41 -31.87 62.45
CA THR C 342 0.08 -32.42 63.71
C THR C 342 1.56 -32.74 63.58
N ARG C 343 2.18 -33.04 64.73
CA ARG C 343 3.62 -32.97 64.93
C ARG C 343 4.41 -33.29 63.67
N PHE C 344 4.40 -34.55 63.23
CA PHE C 344 4.88 -34.98 61.92
C PHE C 344 4.79 -36.49 61.75
N ALA C 345 5.11 -36.97 60.55
CA ALA C 345 5.31 -38.39 60.31
C ALA C 345 6.73 -38.80 60.69
N SER C 346 6.96 -40.11 60.73
CA SER C 346 8.25 -40.65 61.08
C SER C 346 9.19 -40.57 59.87
N VAL C 347 10.43 -41.05 60.04
CA VAL C 347 11.41 -40.99 58.95
C VAL C 347 11.27 -42.18 58.02
N TYR C 348 11.12 -43.39 58.57
CA TYR C 348 10.92 -44.57 57.72
C TYR C 348 9.54 -44.62 57.09
N ALA C 349 8.64 -43.75 57.51
CA ALA C 349 7.29 -43.66 56.95
C ALA C 349 7.00 -42.23 56.51
N TRP C 350 7.94 -41.64 55.78
CA TRP C 350 7.76 -40.31 55.22
C TRP C 350 6.50 -40.26 54.36
N ASN C 351 5.75 -39.18 54.47
CA ASN C 351 4.48 -39.11 53.75
C ASN C 351 4.70 -38.93 52.26
N ARG C 352 3.62 -39.01 51.49
CA ARG C 352 3.68 -38.86 50.04
C ARG C 352 2.29 -38.49 49.54
N LYS C 353 2.15 -37.26 49.04
CA LYS C 353 0.87 -36.75 48.55
C LYS C 353 1.13 -35.83 47.36
N ARG C 354 0.33 -36.00 46.31
CA ARG C 354 0.45 -35.20 45.09
C ARG C 354 -0.25 -33.86 45.31
N ILE C 355 0.38 -32.78 44.84
CA ILE C 355 -0.27 -31.45 44.87
C ILE C 355 -0.26 -30.96 43.42
N SER C 356 -1.44 -31.01 42.81
CA SER C 356 -1.60 -30.63 41.42
C SER C 356 -2.91 -29.88 41.23
N ASN C 357 -3.13 -29.42 39.98
CA ASN C 357 -4.34 -28.70 39.60
C ASN C 357 -4.54 -27.44 40.43
N CYS C 358 -3.44 -26.75 40.71
CA CYS C 358 -3.47 -25.53 41.51
C CYS C 358 -2.16 -24.78 41.30
N VAL C 359 -2.13 -23.53 41.77
CA VAL C 359 -1.01 -22.63 41.56
C VAL C 359 -0.27 -22.50 42.89
N ALA C 360 0.84 -23.21 43.03
CA ALA C 360 1.62 -23.21 44.26
C ALA C 360 2.32 -21.86 44.42
N ASP C 361 2.00 -21.15 45.49
CA ASP C 361 2.63 -19.87 45.80
C ASP C 361 3.56 -20.07 46.98
N TYR C 362 4.86 -20.20 46.68
CA TYR C 362 5.86 -20.43 47.72
C TYR C 362 6.28 -19.16 48.43
N SER C 363 5.70 -18.01 48.08
CA SER C 363 6.07 -16.76 48.73
C SER C 363 5.59 -16.68 50.17
N VAL C 364 4.54 -17.43 50.53
CA VAL C 364 4.02 -17.41 51.90
C VAL C 364 4.75 -18.36 52.82
N LEU C 365 5.84 -18.97 52.35
CA LEU C 365 6.59 -19.92 53.17
C LEU C 365 7.71 -19.25 53.97
N TYR C 366 8.26 -18.16 53.45
CA TYR C 366 9.38 -17.51 54.12
C TYR C 366 8.90 -16.62 55.26
N ASN C 367 9.85 -16.23 56.13
CA ASN C 367 9.60 -15.32 57.24
C ASN C 367 8.62 -15.91 58.25
N LEU C 368 8.61 -17.24 58.33
CA LEU C 368 7.77 -17.97 59.29
C LEU C 368 8.58 -19.17 59.78
N ALA C 369 9.14 -19.07 60.98
CA ALA C 369 10.08 -20.06 61.50
C ALA C 369 11.17 -20.29 60.48
N PRO C 370 12.08 -19.32 60.28
CA PRO C 370 12.96 -19.29 59.11
C PRO C 370 13.53 -20.64 58.69
N PHE C 371 13.40 -20.95 57.41
CA PHE C 371 13.79 -22.24 56.85
C PHE C 371 15.27 -22.20 56.46
N PHE C 372 16.09 -22.96 57.17
CA PHE C 372 17.52 -23.05 56.88
C PHE C 372 17.79 -24.19 55.91
N THR C 373 18.99 -24.17 55.32
CA THR C 373 19.43 -25.20 54.39
C THR C 373 18.44 -25.39 53.24
N PHE C 374 18.26 -24.35 52.43
CA PHE C 374 17.31 -24.37 51.32
C PHE C 374 18.06 -24.68 50.02
N LYS C 375 19.08 -25.53 50.12
CA LYS C 375 19.87 -25.95 48.97
C LYS C 375 18.97 -26.73 48.03
N CYS C 376 18.97 -26.34 46.76
CA CYS C 376 18.11 -26.97 45.74
C CYS C 376 19.01 -27.64 44.69
N TYR C 377 18.59 -28.83 44.29
CA TYR C 377 19.22 -29.50 43.16
C TYR C 377 18.50 -29.11 41.87
N GLY C 378 17.32 -28.53 42.01
CA GLY C 378 16.55 -28.03 40.89
C GLY C 378 16.51 -26.52 40.89
N VAL C 379 17.68 -25.91 41.15
CA VAL C 379 17.84 -24.49 41.46
C VAL C 379 16.89 -23.59 40.68
N SER C 380 16.16 -22.75 41.40
CA SER C 380 15.24 -21.77 40.82
C SER C 380 15.07 -20.60 41.79
N PRO C 381 15.87 -19.54 41.61
CA PRO C 381 15.83 -18.42 42.58
C PRO C 381 14.50 -17.70 42.66
N THR C 382 13.60 -17.90 41.69
CA THR C 382 12.32 -17.20 41.68
C THR C 382 11.30 -17.87 42.59
N LYS C 383 11.68 -18.13 43.83
CA LYS C 383 10.79 -18.70 44.86
C LYS C 383 10.10 -19.97 44.36
N LEU C 384 10.87 -20.80 43.66
CA LEU C 384 10.41 -22.10 43.18
C LEU C 384 9.21 -22.00 42.25
N ASN C 385 8.97 -20.82 41.68
CA ASN C 385 7.87 -20.64 40.74
C ASN C 385 8.38 -20.02 39.45
N ASP C 386 7.45 -19.58 38.60
CA ASP C 386 7.65 -18.99 37.26
C ASP C 386 8.05 -20.04 36.24
N LEU C 387 8.32 -21.28 36.65
CA LEU C 387 8.61 -22.39 35.73
C LEU C 387 7.56 -23.47 36.02
N CYS C 388 6.43 -23.37 35.33
CA CYS C 388 5.30 -24.25 35.63
C CYS C 388 5.62 -25.69 35.27
N PHE C 389 5.30 -26.61 36.18
CA PHE C 389 5.54 -28.02 36.02
C PHE C 389 4.22 -28.78 36.04
N THR C 390 4.32 -30.11 36.00
CA THR C 390 3.12 -30.94 35.94
C THR C 390 2.60 -31.27 37.33
N ASN C 391 3.43 -31.93 38.16
CA ASN C 391 3.00 -32.37 39.48
C ASN C 391 4.13 -32.18 40.47
N VAL C 392 3.77 -32.05 41.75
CA VAL C 392 4.74 -31.95 42.82
C VAL C 392 4.38 -32.95 43.91
N TYR C 393 5.41 -33.50 44.54
CA TYR C 393 5.26 -34.50 45.61
C TYR C 393 5.96 -33.98 46.85
N ALA C 394 5.21 -33.87 47.95
CA ALA C 394 5.78 -33.42 49.22
C ALA C 394 5.96 -34.61 50.14
N ASP C 395 7.22 -35.02 50.33
CA ASP C 395 7.56 -36.16 51.19
C ASP C 395 8.16 -35.61 52.47
N SER C 396 7.42 -35.69 53.57
CA SER C 396 7.85 -35.12 54.84
C SER C 396 8.21 -36.22 55.82
N PHE C 397 9.13 -35.90 56.72
CA PHE C 397 9.63 -36.83 57.73
C PHE C 397 10.38 -36.01 58.78
N VAL C 398 10.94 -36.70 59.76
CA VAL C 398 11.67 -36.09 60.87
C VAL C 398 13.04 -36.75 60.98
N ILE C 399 14.09 -35.94 61.02
CA ILE C 399 15.45 -36.41 61.21
C ILE C 399 16.09 -35.63 62.36
N ARG C 400 17.34 -35.96 62.64
CA ARG C 400 18.08 -35.32 63.73
C ARG C 400 18.76 -34.05 63.22
N GLY C 401 19.60 -33.47 64.07
CA GLY C 401 20.25 -32.21 63.76
C GLY C 401 21.40 -32.32 62.77
N ASP C 402 22.33 -33.23 63.04
CA ASP C 402 23.51 -33.39 62.18
C ASP C 402 23.22 -34.22 60.93
N GLU C 403 21.96 -34.43 60.58
CA GLU C 403 21.60 -35.22 59.41
C GLU C 403 21.06 -34.38 58.26
N VAL C 404 20.90 -33.06 58.46
CA VAL C 404 20.38 -32.21 57.39
C VAL C 404 21.32 -32.15 56.21
N ARG C 405 22.64 -32.26 56.44
CA ARG C 405 23.60 -32.24 55.35
C ARG C 405 23.63 -33.55 54.58
N GLN C 406 22.99 -34.61 55.11
CA GLN C 406 23.04 -35.92 54.49
C GLN C 406 21.94 -36.13 53.46
N ILE C 407 20.85 -35.36 53.52
CA ILE C 407 19.76 -35.51 52.56
C ILE C 407 20.13 -34.74 51.29
N ALA C 408 20.82 -35.41 50.38
CA ALA C 408 21.28 -34.83 49.13
C ALA C 408 21.77 -35.96 48.23
N PRO C 409 21.68 -35.78 46.91
CA PRO C 409 22.19 -36.81 46.00
C PRO C 409 23.69 -37.00 46.15
N GLY C 410 24.12 -38.26 46.10
CA GLY C 410 25.53 -38.57 46.23
C GLY C 410 25.96 -38.92 47.64
N GLN C 411 25.57 -38.11 48.62
CA GLN C 411 25.97 -38.36 50.00
C GLN C 411 25.32 -39.63 50.53
N THR C 412 26.12 -40.47 51.18
CA THR C 412 25.66 -41.71 51.79
C THR C 412 26.01 -41.71 53.27
N GLY C 413 25.41 -42.63 54.00
CA GLY C 413 25.64 -42.72 55.44
C GLY C 413 24.70 -43.66 56.15
N ASN C 414 24.10 -43.18 57.24
CA ASN C 414 23.20 -43.99 58.05
C ASN C 414 21.77 -43.93 57.55
N ILE C 415 21.23 -42.73 57.42
CA ILE C 415 19.83 -42.57 57.00
C ILE C 415 19.69 -42.60 55.48
N ALA C 416 20.62 -41.97 54.76
CA ALA C 416 20.51 -41.94 53.31
C ALA C 416 20.70 -43.31 52.68
N ASP C 417 21.42 -44.21 53.34
CA ASP C 417 21.68 -45.53 52.77
C ASP C 417 20.64 -46.54 53.21
N TYR C 418 20.02 -46.33 54.38
CA TYR C 418 19.13 -47.33 54.95
C TYR C 418 17.67 -46.89 55.06
N ASN C 419 17.39 -45.59 55.02
CA ASN C 419 16.03 -45.09 55.22
C ASN C 419 15.46 -44.40 54.00
N TYR C 420 16.17 -43.44 53.42
CA TYR C 420 15.64 -42.68 52.29
C TYR C 420 16.81 -42.15 51.48
N LYS C 421 16.91 -42.57 50.23
CA LYS C 421 17.99 -42.18 49.33
C LYS C 421 17.43 -41.32 48.20
N LEU C 422 18.20 -40.31 47.80
CA LEU C 422 17.83 -39.45 46.67
C LEU C 422 18.59 -39.87 45.42
N PRO C 423 17.94 -39.85 44.26
CA PRO C 423 18.63 -40.23 43.02
C PRO C 423 19.64 -39.18 42.60
N ASP C 424 20.54 -39.59 41.69
CA ASP C 424 21.55 -38.68 41.18
C ASP C 424 20.96 -37.53 40.38
N ASP C 425 19.82 -37.73 39.73
CA ASP C 425 19.13 -36.69 39.00
C ASP C 425 17.90 -36.27 39.79
N PHE C 426 17.81 -34.97 40.10
CA PHE C 426 16.72 -34.46 40.93
C PHE C 426 16.50 -32.99 40.61
N THR C 427 15.29 -32.66 40.13
CA THR C 427 14.94 -31.30 39.75
C THR C 427 14.04 -30.63 40.79
N GLY C 428 13.94 -31.19 41.98
CA GLY C 428 13.18 -30.61 43.07
C GLY C 428 14.06 -29.84 44.03
N CYS C 429 13.68 -29.86 45.31
CA CYS C 429 14.46 -29.18 46.33
C CYS C 429 14.05 -29.70 47.71
N VAL C 430 15.03 -29.82 48.60
CA VAL C 430 14.80 -30.26 49.97
C VAL C 430 14.94 -29.05 50.89
N ILE C 431 14.11 -28.99 51.92
CA ILE C 431 14.11 -27.87 52.86
C ILE C 431 13.92 -28.41 54.27
N ALA C 432 14.63 -27.82 55.23
CA ALA C 432 14.56 -28.19 56.63
C ALA C 432 14.42 -26.94 57.47
N TRP C 433 14.13 -27.13 58.76
CA TRP C 433 13.99 -26.03 59.70
C TRP C 433 13.96 -26.60 61.12
N ASN C 434 14.24 -25.74 62.09
CA ASN C 434 14.24 -26.15 63.48
C ASN C 434 12.81 -26.25 64.00
N SER C 435 12.51 -27.34 64.69
CA SER C 435 11.19 -27.59 65.25
C SER C 435 11.30 -28.03 66.70
N ASN C 436 12.14 -27.33 67.47
CA ASN C 436 12.36 -27.67 68.87
C ASN C 436 11.23 -27.21 69.78
N LYS C 437 10.23 -26.50 69.24
CA LYS C 437 9.14 -26.01 70.08
C LYS C 437 7.96 -26.97 70.12
N LEU C 438 7.54 -27.48 68.96
CA LEU C 438 6.38 -28.36 68.87
C LEU C 438 6.74 -29.83 68.82
N ASP C 439 8.02 -30.17 68.98
CA ASP C 439 8.46 -31.56 68.97
C ASP C 439 9.32 -31.93 70.17
N SER C 440 9.36 -31.08 71.20
CA SER C 440 10.18 -31.32 72.38
C SER C 440 9.33 -31.20 73.63
N LYS C 441 9.74 -31.94 74.67
CA LYS C 441 9.05 -31.96 75.94
C LYS C 441 9.96 -32.63 76.97
N VAL C 442 9.84 -32.21 78.22
CA VAL C 442 10.64 -32.84 79.27
C VAL C 442 9.85 -34.01 79.86
N SER C 443 9.81 -35.12 79.13
CA SER C 443 9.32 -36.39 79.65
C SER C 443 10.10 -37.60 79.15
N GLY C 444 10.93 -37.45 78.13
CA GLY C 444 11.49 -38.58 77.41
C GLY C 444 10.78 -38.73 76.08
N ASN C 445 11.41 -38.26 75.01
CA ASN C 445 10.77 -38.21 73.69
C ASN C 445 11.15 -39.45 72.90
N TYR C 446 10.23 -40.41 72.85
CA TYR C 446 10.41 -41.66 72.11
C TYR C 446 9.31 -41.82 71.07
N ASN C 447 8.77 -40.72 70.57
CA ASN C 447 7.64 -40.75 69.64
C ASN C 447 8.04 -41.15 68.22
N TYR C 448 9.27 -40.87 67.80
CA TYR C 448 9.73 -41.17 66.45
C TYR C 448 10.77 -42.28 66.50
N LEU C 449 10.68 -43.20 65.55
CA LEU C 449 11.58 -44.34 65.45
C LEU C 449 12.36 -44.27 64.15
N TYR C 450 13.46 -45.00 64.09
CA TYR C 450 14.32 -45.05 62.92
C TYR C 450 14.79 -46.48 62.69
N ARG C 451 15.32 -46.71 61.49
CA ARG C 451 15.82 -48.02 61.08
C ARG C 451 17.30 -47.89 60.73
N LEU C 452 18.12 -48.76 61.30
CA LEU C 452 19.56 -48.69 61.12
C LEU C 452 20.12 -49.79 60.23
N PHE C 453 19.54 -50.99 60.25
CA PHE C 453 20.08 -52.14 59.52
C PHE C 453 19.02 -52.67 58.57
N ARG C 454 19.42 -52.88 57.31
CA ARG C 454 18.55 -53.50 56.32
C ARG C 454 19.38 -54.43 55.47
N LYS C 455 18.74 -55.05 54.47
CA LYS C 455 19.39 -56.08 53.67
C LYS C 455 20.45 -55.49 52.75
N SER C 456 20.04 -54.65 51.81
CA SER C 456 20.94 -54.07 50.82
C SER C 456 20.74 -52.56 50.74
N ASN C 457 21.35 -51.94 49.74
CA ASN C 457 21.22 -50.51 49.54
C ASN C 457 19.79 -50.15 49.21
N LEU C 458 19.33 -49.02 49.77
CA LEU C 458 17.96 -48.56 49.59
C LEU C 458 17.86 -47.79 48.27
N LYS C 459 17.03 -48.30 47.36
CA LYS C 459 16.86 -47.66 46.07
C LYS C 459 16.13 -46.33 46.22
N PRO C 460 16.50 -45.31 45.44
CA PRO C 460 15.80 -44.02 45.48
C PRO C 460 14.28 -44.16 45.37
N PHE C 461 13.56 -43.42 46.20
CA PHE C 461 12.11 -43.42 46.24
C PHE C 461 11.56 -44.82 46.49
N GLU C 462 11.90 -45.35 47.66
CA GLU C 462 11.44 -46.65 48.12
C GLU C 462 10.98 -46.56 49.57
N ARG C 463 10.03 -47.42 49.93
CA ARG C 463 9.48 -47.47 51.27
C ARG C 463 9.58 -48.90 51.79
N ASP C 464 10.00 -49.04 53.06
CA ASP C 464 10.17 -50.35 53.69
C ASP C 464 9.22 -50.44 54.87
N ILE C 465 8.04 -51.03 54.64
CA ILE C 465 7.06 -51.22 55.70
C ILE C 465 7.10 -52.63 56.28
N SER C 466 7.75 -53.57 55.62
CA SER C 466 7.83 -54.95 56.10
C SER C 466 8.56 -55.00 57.44
N THR C 467 8.10 -55.89 58.31
CA THR C 467 8.67 -56.05 59.65
C THR C 467 9.41 -57.37 59.80
N GLU C 468 10.05 -57.84 58.73
CA GLU C 468 10.80 -59.09 58.81
C GLU C 468 12.02 -58.94 59.71
N ILE C 469 12.38 -60.04 60.37
CA ILE C 469 13.53 -60.00 61.27
C ILE C 469 14.83 -59.87 60.46
N TYR C 470 15.85 -59.34 61.12
CA TYR C 470 17.13 -59.09 60.49
C TYR C 470 18.15 -60.15 60.91
N GLN C 471 19.08 -60.44 60.00
CA GLN C 471 20.14 -61.41 60.23
C GLN C 471 21.46 -60.65 60.38
N ALA C 472 21.83 -60.38 61.63
CA ALA C 472 23.06 -59.62 61.90
C ALA C 472 24.31 -60.44 61.63
N GLY C 473 24.20 -61.75 61.55
CA GLY C 473 25.34 -62.62 61.31
C GLY C 473 24.93 -63.84 60.51
N ASN C 474 25.69 -64.92 60.66
CA ASN C 474 25.43 -66.16 59.94
C ASN C 474 24.64 -67.17 60.78
N LYS C 475 24.10 -66.77 61.91
CA LYS C 475 23.34 -67.68 62.75
C LYS C 475 21.86 -67.65 62.35
N PRO C 476 21.31 -68.74 61.83
CA PRO C 476 19.90 -68.73 61.42
C PRO C 476 18.95 -68.77 62.61
N CYS C 477 18.68 -67.61 63.20
CA CYS C 477 17.78 -67.56 64.34
C CYS C 477 16.34 -67.89 63.94
N ASN C 478 15.97 -67.59 62.69
CA ASN C 478 14.62 -67.85 62.18
C ASN C 478 13.56 -67.11 63.00
N GLY C 479 13.84 -65.85 63.32
CA GLY C 479 12.88 -65.01 64.00
C GLY C 479 12.61 -65.38 65.45
N VAL C 480 13.61 -65.20 66.31
CA VAL C 480 13.45 -65.42 67.74
C VAL C 480 13.59 -64.14 68.56
N ALA C 481 14.04 -63.04 67.96
CA ALA C 481 14.18 -61.74 68.63
C ALA C 481 15.11 -61.86 69.85
N GLY C 482 16.35 -62.22 69.56
CA GLY C 482 17.39 -62.33 70.58
C GLY C 482 18.71 -61.79 70.07
N PHE C 483 19.80 -62.37 70.56
CA PHE C 483 21.12 -62.00 70.10
C PHE C 483 21.31 -62.41 68.65
N ASN C 484 21.96 -61.53 67.87
CA ASN C 484 22.15 -61.66 66.43
C ASN C 484 20.82 -61.71 65.68
N CYS C 485 19.71 -61.42 66.35
CA CYS C 485 18.38 -61.46 65.74
C CYS C 485 17.60 -60.22 66.18
N TYR C 486 18.28 -59.09 66.24
CA TYR C 486 17.71 -57.88 66.81
C TYR C 486 16.72 -57.23 65.84
N PHE C 487 15.70 -56.60 66.40
CA PHE C 487 14.69 -55.93 65.59
C PHE C 487 15.25 -54.62 65.06
N PRO C 488 15.35 -54.44 63.73
CA PRO C 488 16.01 -53.27 63.15
C PRO C 488 15.16 -51.99 63.21
N LEU C 489 14.71 -51.63 64.40
CA LEU C 489 13.96 -50.39 64.61
C LEU C 489 14.24 -49.87 66.01
N ARG C 490 14.75 -48.65 66.09
CA ARG C 490 15.02 -47.98 67.36
C ARG C 490 14.41 -46.58 67.31
N SER C 491 14.10 -46.05 68.50
CA SER C 491 13.44 -44.77 68.64
C SER C 491 14.43 -43.67 68.95
N TYR C 492 14.07 -42.44 68.57
CA TYR C 492 14.91 -41.28 68.80
C TYR C 492 14.85 -40.88 70.28
N SER C 493 15.56 -39.81 70.63
CA SER C 493 15.56 -39.28 72.00
C SER C 493 15.76 -37.76 71.90
N PHE C 494 14.66 -37.02 71.91
CA PHE C 494 14.70 -35.57 71.79
C PHE C 494 14.61 -34.96 73.18
N ARG C 495 15.69 -34.29 73.61
CA ARG C 495 15.71 -33.61 74.90
C ARG C 495 16.04 -32.14 74.69
N PRO C 496 15.42 -31.25 75.48
CA PRO C 496 15.67 -29.80 75.33
C PRO C 496 17.06 -29.37 75.79
N THR C 497 17.85 -30.25 76.36
CA THR C 497 19.17 -29.90 76.88
C THR C 497 20.32 -30.39 76.02
N TYR C 498 20.03 -31.09 74.92
CA TYR C 498 21.09 -31.58 74.05
C TYR C 498 21.55 -30.45 73.12
N GLY C 499 22.59 -30.74 72.35
CA GLY C 499 23.13 -29.76 71.42
C GLY C 499 22.26 -29.58 70.19
N VAL C 500 22.67 -28.63 69.35
CA VAL C 500 21.94 -28.35 68.12
C VAL C 500 22.10 -29.45 67.09
N GLY C 501 23.10 -30.33 67.26
CA GLY C 501 23.30 -31.42 66.31
C GLY C 501 22.41 -32.61 66.53
N HIS C 502 21.57 -32.59 67.57
CA HIS C 502 20.67 -33.69 67.88
C HIS C 502 19.26 -33.18 68.19
N GLN C 503 18.81 -32.15 67.45
CA GLN C 503 17.49 -31.58 67.64
C GLN C 503 16.51 -32.12 66.62
N PRO C 504 15.21 -32.21 66.96
CA PRO C 504 14.22 -32.71 66.00
C PRO C 504 14.04 -31.72 64.85
N TYR C 505 14.38 -32.17 63.64
CA TYR C 505 14.26 -31.35 62.44
C TYR C 505 13.22 -31.97 61.52
N ARG C 506 12.15 -31.22 61.25
CA ARG C 506 11.11 -31.67 60.33
C ARG C 506 11.51 -31.28 58.91
N VAL C 507 11.77 -32.27 58.07
CA VAL C 507 12.29 -32.05 56.73
C VAL C 507 11.27 -32.57 55.71
N VAL C 508 10.92 -31.73 54.74
CA VAL C 508 9.99 -32.11 53.68
C VAL C 508 10.68 -31.82 52.35
N VAL C 509 10.80 -32.85 51.52
CA VAL C 509 11.38 -32.70 50.19
C VAL C 509 10.25 -32.52 49.18
N LEU C 510 10.41 -31.53 48.30
CA LEU C 510 9.41 -31.21 47.27
C LEU C 510 9.98 -31.64 45.92
N SER C 511 9.59 -32.82 45.46
CA SER C 511 10.06 -33.32 44.17
C SER C 511 9.12 -32.87 43.07
N PHE C 512 9.67 -32.21 42.06
CA PHE C 512 8.89 -31.65 40.95
C PHE C 512 8.96 -32.62 39.78
N GLU C 513 7.89 -33.36 39.54
CA GLU C 513 7.83 -34.34 38.46
C GLU C 513 7.38 -33.67 37.18
N LEU C 514 8.17 -33.84 36.12
CA LEU C 514 7.91 -33.22 34.83
C LEU C 514 7.55 -34.30 33.81
N LEU C 515 6.35 -34.20 33.25
CA LEU C 515 5.86 -35.15 32.27
C LEU C 515 5.30 -34.39 31.08
N HIS C 516 4.81 -35.15 30.09
CA HIS C 516 4.17 -34.59 28.91
C HIS C 516 2.71 -34.20 29.16
N ALA C 517 2.21 -34.40 30.37
CA ALA C 517 0.86 -33.99 30.70
C ALA C 517 0.77 -32.48 30.77
N PRO C 518 -0.43 -31.91 30.58
CA PRO C 518 -0.58 -30.45 30.70
C PRO C 518 -0.13 -29.95 32.06
N ALA C 519 0.69 -28.90 32.04
CA ALA C 519 1.22 -28.35 33.28
C ALA C 519 0.11 -27.72 34.11
N THR C 520 0.11 -28.03 35.41
CA THR C 520 -0.91 -27.56 36.34
C THR C 520 -0.35 -26.72 37.47
N VAL C 521 0.80 -27.10 38.02
CA VAL C 521 1.38 -26.39 39.17
C VAL C 521 2.21 -25.25 38.60
N CYS C 522 1.57 -24.10 38.38
CA CYS C 522 2.22 -22.91 37.87
C CYS C 522 2.52 -21.95 39.03
N GLY C 523 2.98 -20.75 38.69
CA GLY C 523 3.30 -19.75 39.68
C GLY C 523 2.53 -18.45 39.47
N PRO C 524 2.67 -17.52 40.40
CA PRO C 524 1.96 -16.24 40.30
C PRO C 524 2.67 -15.29 39.34
N LYS C 525 2.14 -14.07 39.27
CA LYS C 525 2.68 -13.02 38.41
C LYS C 525 3.37 -11.92 39.21
N LYS C 526 3.83 -12.25 40.42
CA LYS C 526 4.63 -11.39 41.28
C LYS C 526 3.83 -10.24 41.89
N SER C 527 2.58 -10.07 41.45
CA SER C 527 1.65 -9.09 42.00
C SER C 527 2.29 -7.70 42.09
N THR C 528 2.66 -7.16 40.93
CA THR C 528 3.33 -5.87 40.89
C THR C 528 2.40 -4.77 41.39
N ASN C 529 2.97 -3.85 42.17
CA ASN C 529 2.20 -2.79 42.80
C ASN C 529 1.80 -1.73 41.77
N LEU C 530 1.15 -0.68 42.27
CA LEU C 530 0.63 0.40 41.44
C LEU C 530 1.37 1.69 41.74
N VAL C 531 1.70 2.44 40.70
CA VAL C 531 2.32 3.75 40.82
C VAL C 531 1.41 4.76 40.12
N LYS C 532 1.12 5.86 40.80
CA LYS C 532 0.21 6.87 40.30
C LYS C 532 0.95 8.18 40.04
N ASN C 533 0.31 9.06 39.27
CA ASN C 533 0.84 10.39 38.94
C ASN C 533 2.20 10.28 38.26
N LYS C 534 2.31 9.36 37.31
CA LYS C 534 3.54 9.13 36.57
C LYS C 534 3.23 8.27 35.35
N CYS C 535 3.84 8.60 34.22
CA CYS C 535 3.59 7.89 32.97
C CYS C 535 4.25 6.52 33.05
N VAL C 536 3.44 5.47 33.12
CA VAL C 536 3.92 4.10 33.28
C VAL C 536 3.27 3.23 32.20
N ASN C 537 3.89 2.07 31.95
CA ASN C 537 3.33 1.06 31.07
C ASN C 537 2.41 0.17 31.91
N PHE C 538 1.13 0.16 31.55
CA PHE C 538 0.19 -0.72 32.23
C PHE C 538 0.16 -2.07 31.55
N ASN C 539 0.04 -3.13 32.36
CA ASN C 539 0.11 -4.52 31.90
C ASN C 539 -1.05 -5.32 32.47
N PHE C 540 -2.26 -4.79 32.32
CA PHE C 540 -3.46 -5.45 32.82
C PHE C 540 -3.78 -6.69 32.02
N ASN C 541 -4.92 -7.32 32.32
CA ASN C 541 -5.27 -8.62 31.74
C ASN C 541 -5.21 -8.61 30.21
N GLY C 542 -5.82 -7.61 29.58
CA GLY C 542 -5.88 -7.56 28.14
C GLY C 542 -5.66 -6.19 27.54
N LEU C 543 -5.19 -5.25 28.36
CA LEU C 543 -4.93 -3.88 27.92
C LEU C 543 -3.45 -3.57 28.09
N LYS C 544 -2.77 -3.34 26.97
CA LYS C 544 -1.36 -3.00 26.97
C LYS C 544 -1.16 -1.60 26.40
N GLY C 545 -0.22 -0.87 26.99
CA GLY C 545 0.06 0.48 26.54
C GLY C 545 0.70 1.29 27.65
N THR C 546 0.84 2.58 27.37
CA THR C 546 1.46 3.52 28.29
C THR C 546 0.48 4.63 28.65
N GLY C 547 0.76 5.32 29.76
CA GLY C 547 -0.05 6.44 30.17
C GLY C 547 0.06 6.74 31.65
N VAL C 548 -0.57 7.83 32.09
CA VAL C 548 -0.61 8.14 33.52
C VAL C 548 -1.84 7.50 34.13
N LEU C 549 -1.76 7.22 35.43
CA LEU C 549 -2.85 6.55 36.16
C LEU C 549 -3.16 7.38 37.39
N THR C 550 -4.33 8.03 37.40
CA THR C 550 -4.77 8.86 38.51
C THR C 550 -6.13 8.40 39.01
N GLU C 551 -6.56 8.98 40.12
CA GLU C 551 -7.85 8.66 40.70
C GLU C 551 -8.97 9.27 39.87
N SER C 552 -10.08 8.54 39.74
CA SER C 552 -11.20 8.97 38.93
C SER C 552 -12.46 9.10 39.78
N ASN C 553 -13.32 10.05 39.40
CA ASN C 553 -14.63 10.21 40.00
C ASN C 553 -15.73 9.55 39.18
N LYS C 554 -15.36 8.77 38.17
CA LYS C 554 -16.35 8.11 37.32
C LYS C 554 -17.00 6.96 38.06
N LYS C 555 -18.33 7.04 38.23
CA LYS C 555 -19.08 6.03 38.98
C LYS C 555 -19.34 4.84 38.06
N PHE C 556 -18.43 3.87 38.12
CA PHE C 556 -18.56 2.66 37.31
C PHE C 556 -19.65 1.75 37.88
N LEU C 557 -19.98 0.72 37.10
CA LEU C 557 -20.94 -0.32 37.44
C LEU C 557 -20.23 -1.60 37.84
N PRO C 558 -20.87 -2.43 38.68
CA PRO C 558 -20.18 -3.64 39.17
C PRO C 558 -19.72 -4.58 38.08
N PHE C 559 -20.46 -4.68 36.97
CA PHE C 559 -20.07 -5.61 35.91
C PHE C 559 -19.08 -4.99 34.92
N GLN C 560 -19.12 -3.67 34.76
CA GLN C 560 -18.22 -3.01 33.83
C GLN C 560 -16.79 -3.04 34.34
N GLN C 561 -15.84 -3.32 33.45
CA GLN C 561 -14.43 -3.41 33.81
C GLN C 561 -13.54 -2.42 33.08
N PHE C 562 -13.96 -1.89 31.93
CA PHE C 562 -13.14 -0.96 31.18
C PHE C 562 -13.92 0.30 30.82
N GLY C 563 -13.32 1.18 30.01
CA GLY C 563 -13.98 2.39 29.59
C GLY C 563 -13.38 2.99 28.33
N ARG C 564 -14.23 3.35 27.38
CA ARG C 564 -13.81 3.89 26.09
C ARG C 564 -14.27 5.35 25.96
N ASP C 565 -13.95 5.93 24.82
CA ASP C 565 -14.30 7.32 24.51
C ASP C 565 -14.83 7.37 23.09
N ILE C 566 -14.99 8.59 22.56
CA ILE C 566 -15.42 8.76 21.18
C ILE C 566 -14.40 8.18 20.22
N ALA C 567 -13.11 8.29 20.54
CA ALA C 567 -12.04 7.75 19.71
C ALA C 567 -11.83 6.25 19.89
N ASP C 568 -12.73 5.58 20.62
CA ASP C 568 -12.63 4.13 20.86
C ASP C 568 -11.30 3.77 21.52
N THR C 569 -10.84 4.63 22.42
CA THR C 569 -9.59 4.43 23.15
C THR C 569 -9.88 4.20 24.62
N THR C 570 -9.03 3.40 25.27
CA THR C 570 -9.22 3.07 26.67
C THR C 570 -9.05 4.32 27.52
N ASP C 571 -10.10 4.69 28.26
CA ASP C 571 -10.09 5.86 29.12
C ASP C 571 -9.83 5.50 30.59
N ALA C 572 -10.66 4.62 31.14
CA ALA C 572 -10.56 4.22 32.53
C ALA C 572 -10.51 2.71 32.64
N VAL C 573 -9.88 2.23 33.71
CA VAL C 573 -9.74 0.81 34.00
C VAL C 573 -10.01 0.57 35.47
N ARG C 574 -10.11 -0.71 35.83
CA ARG C 574 -10.35 -1.13 37.20
C ARG C 574 -9.32 -2.17 37.59
N ASP C 575 -8.63 -1.94 38.70
CA ASP C 575 -7.66 -2.91 39.20
C ASP C 575 -8.39 -4.18 39.61
N PRO C 576 -7.95 -5.36 39.17
CA PRO C 576 -8.70 -6.58 39.49
C PRO C 576 -8.67 -6.96 40.95
N GLN C 577 -7.54 -6.76 41.63
CA GLN C 577 -7.43 -7.17 43.02
C GLN C 577 -8.14 -6.18 43.95
N THR C 578 -7.90 -4.89 43.77
CA THR C 578 -8.52 -3.84 44.57
C THR C 578 -9.46 -3.03 43.70
N LEU C 579 -10.74 -2.96 44.10
CA LEU C 579 -11.72 -2.23 43.32
C LEU C 579 -11.44 -0.73 43.38
N GLU C 580 -10.92 -0.18 42.29
CA GLU C 580 -10.60 1.24 42.22
C GLU C 580 -10.57 1.66 40.76
N ILE C 581 -11.27 2.75 40.44
CA ILE C 581 -11.37 3.23 39.07
C ILE C 581 -10.25 4.23 38.81
N LEU C 582 -9.34 3.87 37.92
CA LEU C 582 -8.24 4.73 37.52
C LEU C 582 -8.60 5.48 36.24
N ASP C 583 -7.62 6.18 35.68
CA ASP C 583 -7.82 6.95 34.45
C ASP C 583 -6.55 6.85 33.62
N ILE C 584 -6.64 6.17 32.48
CA ILE C 584 -5.50 6.04 31.58
C ILE C 584 -5.44 7.28 30.70
N THR C 585 -4.34 8.02 30.78
CA THR C 585 -4.13 9.22 29.99
C THR C 585 -2.67 9.30 29.60
N PRO C 586 -2.34 9.50 28.32
CA PRO C 586 -0.93 9.62 27.93
C PRO C 586 -0.31 10.87 28.54
N CYS C 587 1.01 10.82 28.72
CA CYS C 587 1.73 11.97 29.25
C CYS C 587 1.82 13.07 28.20
N SER C 588 2.52 14.15 28.56
CA SER C 588 2.60 15.31 27.68
C SER C 588 3.35 14.97 26.40
N PHE C 589 2.88 15.53 25.29
CA PHE C 589 3.50 15.33 23.99
C PHE C 589 3.12 16.49 23.09
N GLY C 590 3.86 16.62 21.98
CA GLY C 590 3.57 17.69 21.03
C GLY C 590 4.63 17.76 19.96
N GLY C 591 4.68 18.89 19.28
CA GLY C 591 5.65 19.12 18.22
C GLY C 591 6.70 20.12 18.64
N VAL C 592 7.90 19.98 18.09
CA VAL C 592 9.01 20.87 18.40
C VAL C 592 9.19 21.86 17.26
N SER C 593 9.15 23.14 17.58
CA SER C 593 9.34 24.21 16.60
C SER C 593 10.62 24.94 16.93
N VAL C 594 11.42 25.22 15.90
CA VAL C 594 12.72 25.85 16.07
C VAL C 594 12.64 27.27 15.49
N ILE C 595 12.71 28.27 16.37
CA ILE C 595 12.75 29.66 15.99
C ILE C 595 14.21 30.04 15.78
N THR C 596 14.57 30.37 14.54
CA THR C 596 15.95 30.72 14.21
C THR C 596 15.97 31.98 13.35
N PRO C 597 16.88 32.92 13.65
CA PRO C 597 17.00 34.13 12.83
C PRO C 597 17.67 33.91 11.49
N GLY C 598 18.19 32.71 11.23
CA GLY C 598 18.91 32.42 10.00
C GLY C 598 20.38 32.17 10.31
N THR C 599 20.98 31.26 9.55
CA THR C 599 22.38 30.92 9.76
C THR C 599 23.30 32.08 9.37
N ASN C 600 22.83 32.97 8.51
CA ASN C 600 23.67 34.07 8.05
C ASN C 600 23.98 35.05 9.18
N THR C 601 22.99 35.32 10.03
CA THR C 601 23.16 36.33 11.08
C THR C 601 23.74 35.75 12.36
N SER C 602 23.30 34.55 12.77
CA SER C 602 23.75 33.94 14.01
C SER C 602 23.46 32.44 13.95
N ASN C 603 23.68 31.75 15.07
CA ASN C 603 23.42 30.32 15.16
C ASN C 603 22.54 29.96 16.36
N GLN C 604 22.11 30.95 17.13
CA GLN C 604 21.25 30.68 18.28
C GLN C 604 19.84 30.35 17.82
N VAL C 605 19.21 29.40 18.53
CA VAL C 605 17.86 28.94 18.21
C VAL C 605 17.04 28.89 19.48
N ALA C 606 15.72 28.92 19.31
CA ALA C 606 14.78 28.80 20.42
C ALA C 606 13.86 27.63 20.16
N VAL C 607 13.51 26.90 21.23
CA VAL C 607 12.70 25.70 21.13
C VAL C 607 11.30 26.03 21.62
N LEU C 608 10.29 25.51 20.93
CA LEU C 608 8.89 25.67 21.32
C LEU C 608 8.21 24.31 21.28
N TYR C 609 7.79 23.82 22.44
CA TYR C 609 7.05 22.56 22.53
C TYR C 609 5.57 22.88 22.50
N GLN C 610 4.89 22.47 21.44
CA GLN C 610 3.48 22.80 21.27
C GLN C 610 2.61 21.95 22.19
N GLY C 611 1.82 22.61 23.03
CA GLY C 611 0.88 21.91 23.89
C GLY C 611 1.46 21.37 25.18
N VAL C 612 2.37 22.12 25.82
CA VAL C 612 2.97 21.71 27.08
C VAL C 612 2.85 22.87 28.08
N ASN C 613 3.06 22.53 29.35
CA ASN C 613 3.08 23.51 30.43
C ASN C 613 4.45 23.67 31.05
N CYS C 614 5.52 23.21 30.38
CA CYS C 614 6.89 23.18 30.90
C CYS C 614 6.94 22.74 32.35
N THR C 615 6.23 21.68 32.69
CA THR C 615 6.26 21.09 34.03
C THR C 615 6.88 19.70 34.04
N GLU C 616 7.20 19.15 32.86
CA GLU C 616 7.81 17.83 32.78
C GLU C 616 8.97 17.75 31.81
N VAL C 617 9.33 18.84 31.12
CA VAL C 617 10.45 18.82 30.19
C VAL C 617 11.77 18.72 30.94
N ASN C 638 16.12 31.22 29.25
CA ASN C 638 15.00 31.13 30.17
C ASN C 638 13.80 30.48 29.51
N VAL C 639 12.77 30.20 30.32
CA VAL C 639 11.54 29.55 29.86
C VAL C 639 10.40 30.52 30.01
N PHE C 640 9.59 30.65 28.96
CA PHE C 640 8.42 31.54 28.96
C PHE C 640 7.19 30.72 28.62
N GLN C 641 6.18 30.79 29.49
CA GLN C 641 4.92 30.08 29.28
C GLN C 641 3.99 30.92 28.41
N THR C 642 3.64 30.38 27.24
CA THR C 642 2.71 31.03 26.33
C THR C 642 1.50 30.13 26.10
N ARG C 643 0.52 30.67 25.37
CA ARG C 643 -0.70 29.91 25.08
C ARG C 643 -0.49 28.82 24.04
N ALA C 644 0.63 28.86 23.31
CA ALA C 644 0.94 27.83 22.32
C ALA C 644 1.91 26.78 22.84
N GLY C 645 2.46 26.97 24.04
CA GLY C 645 3.40 26.02 24.60
C GLY C 645 4.38 26.68 25.56
N CYS C 646 5.67 26.36 25.42
CA CYS C 646 6.70 26.98 26.24
C CYS C 646 7.89 27.31 25.36
N LEU C 647 8.32 28.56 25.39
CA LEU C 647 9.47 28.99 24.61
C LEU C 647 10.72 28.98 25.47
N ILE C 648 11.73 28.26 25.01
CA ILE C 648 13.00 28.12 25.73
C ILE C 648 14.09 28.66 24.81
N GLY C 649 14.75 29.73 25.25
CA GLY C 649 15.84 30.31 24.48
C GLY C 649 15.66 31.80 24.22
N ALA C 650 14.49 32.33 24.54
CA ALA C 650 14.20 33.73 24.32
C ALA C 650 13.64 34.34 25.60
N GLU C 651 13.92 35.63 25.79
CA GLU C 651 13.46 36.38 26.96
C GLU C 651 12.26 37.21 26.59
N TYR C 652 11.22 37.17 27.44
CA TYR C 652 9.99 37.91 27.19
C TYR C 652 10.21 39.37 27.57
N VAL C 653 10.26 40.23 26.56
CA VAL C 653 10.43 41.67 26.78
C VAL C 653 9.05 42.31 26.81
N ASN C 654 8.86 43.26 27.73
CA ASN C 654 7.58 43.93 27.88
C ASN C 654 7.30 44.93 26.76
N ASN C 655 8.25 45.18 25.88
CA ASN C 655 8.04 46.10 24.77
C ASN C 655 7.22 45.43 23.67
N SER C 656 6.83 46.22 22.68
CA SER C 656 6.03 45.74 21.57
C SER C 656 6.62 46.27 20.26
N TYR C 657 7.01 45.35 19.38
CA TYR C 657 7.58 45.69 18.09
C TYR C 657 6.75 45.07 16.97
N GLU C 658 7.17 45.31 15.74
CA GLU C 658 6.52 44.72 14.57
C GLU C 658 6.84 43.23 14.51
N CYS C 659 5.80 42.41 14.39
CA CYS C 659 5.98 40.96 14.38
C CYS C 659 6.71 40.53 13.11
N ASP C 660 7.81 39.81 13.30
CA ASP C 660 8.59 39.26 12.20
C ASP C 660 8.60 37.73 12.20
N ILE C 661 8.80 37.11 13.36
CA ILE C 661 8.72 35.66 13.48
C ILE C 661 7.44 35.32 14.24
N PRO C 662 6.34 35.00 13.55
CA PRO C 662 5.07 34.77 14.23
C PRO C 662 5.08 33.45 14.99
N ILE C 663 5.08 33.53 16.31
CA ILE C 663 5.01 32.35 17.17
C ILE C 663 3.57 31.95 17.45
N GLY C 664 2.73 32.89 17.86
CA GLY C 664 1.33 32.58 18.09
C GLY C 664 0.77 33.24 19.34
N ALA C 665 -0.56 33.30 19.43
CA ALA C 665 -1.27 33.91 20.56
C ALA C 665 -0.83 35.36 20.78
N GLY C 666 -0.53 36.07 19.69
CA GLY C 666 -0.06 37.44 19.77
C GLY C 666 1.40 37.60 20.14
N ILE C 667 2.12 36.51 20.36
CA ILE C 667 3.53 36.55 20.73
C ILE C 667 4.37 36.26 19.50
N CYS C 668 5.41 37.06 19.30
CA CYS C 668 6.36 36.88 18.21
C CYS C 668 7.77 36.99 18.77
N ALA C 669 8.76 36.68 17.93
CA ALA C 669 10.15 36.68 18.34
C ALA C 669 10.97 37.49 17.35
N SER C 670 12.11 37.99 17.84
CA SER C 670 13.01 38.79 17.01
C SER C 670 14.41 38.69 17.58
N TYR C 671 15.39 38.80 16.70
CA TYR C 671 16.81 38.75 17.07
C TYR C 671 17.34 40.17 17.11
N GLN C 672 17.30 40.78 18.30
CA GLN C 672 17.74 42.15 18.50
C GLN C 672 18.87 42.20 19.52
N THR C 673 19.46 43.38 19.67
CA THR C 673 20.56 43.58 20.61
C THR C 673 20.05 43.57 22.05
N SER C 686 25.55 42.71 22.38
CA SER C 686 24.92 41.50 22.90
C SER C 686 23.57 41.27 22.24
N GLN C 687 23.58 40.52 21.14
CA GLN C 687 22.37 40.19 20.38
C GLN C 687 21.84 38.84 20.83
N SER C 688 20.52 38.77 21.03
CA SER C 688 19.89 37.53 21.47
C SER C 688 18.44 37.52 21.03
N ILE C 689 17.88 36.32 20.93
CA ILE C 689 16.48 36.18 20.55
C ILE C 689 15.59 36.56 21.73
N ILE C 690 14.56 37.35 21.46
CA ILE C 690 13.63 37.79 22.48
C ILE C 690 12.22 37.38 22.06
N ALA C 691 11.26 37.62 22.96
CA ALA C 691 9.85 37.37 22.71
C ALA C 691 9.04 38.56 23.17
N TYR C 692 8.00 38.91 22.39
CA TYR C 692 7.25 40.11 22.69
C TYR C 692 5.85 40.00 22.09
N THR C 693 4.91 40.68 22.73
CA THR C 693 3.56 40.81 22.18
C THR C 693 3.58 41.78 21.00
N MET C 694 3.10 41.32 19.85
CA MET C 694 3.15 42.14 18.65
C MET C 694 2.25 43.36 18.77
N SER C 695 2.72 44.49 18.26
CA SER C 695 1.96 45.73 18.27
C SER C 695 1.12 45.83 17.01
N LEU C 696 -0.04 46.46 17.13
CA LEU C 696 -0.98 46.63 16.03
C LEU C 696 -0.76 47.93 15.26
N GLY C 697 0.39 48.56 15.43
CA GLY C 697 0.71 49.80 14.74
C GLY C 697 0.93 50.94 15.72
N ALA C 698 0.96 52.15 15.17
CA ALA C 698 1.15 53.34 15.97
C ALA C 698 -0.15 53.70 16.70
N GLU C 699 -0.16 54.83 17.39
CA GLU C 699 -1.32 55.28 18.14
C GLU C 699 -1.60 56.73 17.77
N ASN C 700 -2.76 56.98 17.15
CA ASN C 700 -3.18 58.30 16.74
C ASN C 700 -4.56 58.59 17.32
N SER C 701 -4.74 59.82 17.82
CA SER C 701 -6.00 60.26 18.41
C SER C 701 -6.52 61.42 17.56
N VAL C 702 -7.45 61.13 16.66
CA VAL C 702 -8.04 62.15 15.79
C VAL C 702 -9.02 62.97 16.63
N ALA C 703 -8.70 64.24 16.85
CA ALA C 703 -9.57 65.13 17.61
C ALA C 703 -10.84 65.41 16.81
N TYR C 704 -11.98 64.94 17.32
CA TYR C 704 -13.26 65.10 16.64
C TYR C 704 -14.06 66.19 17.36
N SER C 705 -14.47 67.21 16.60
CA SER C 705 -15.35 68.25 17.10
C SER C 705 -16.33 68.64 16.01
N ASN C 706 -17.42 69.24 16.46
CA ASN C 706 -18.53 69.66 15.63
C ASN C 706 -18.15 70.71 14.61
N ASN C 707 -17.05 71.42 14.88
CA ASN C 707 -16.72 72.66 14.20
C ASN C 707 -15.40 72.64 13.44
N SER C 708 -14.52 71.68 13.71
CA SER C 708 -13.20 71.66 13.10
C SER C 708 -13.15 70.65 11.96
N ILE C 709 -12.40 70.98 10.92
CA ILE C 709 -12.21 70.11 9.76
C ILE C 709 -10.74 70.20 9.33
N ALA C 710 -10.23 69.11 8.77
CA ALA C 710 -8.86 69.04 8.28
C ALA C 710 -8.88 69.09 6.77
N ILE C 711 -8.28 70.14 6.20
CA ILE C 711 -8.21 70.34 4.77
C ILE C 711 -6.76 70.14 4.34
N PRO C 712 -6.47 69.31 3.34
CA PRO C 712 -5.08 69.12 2.93
C PRO C 712 -4.59 70.29 2.09
N THR C 713 -3.34 70.69 2.33
CA THR C 713 -2.73 71.79 1.59
C THR C 713 -1.81 71.33 0.47
N ASN C 714 -1.03 70.27 0.59
CA ASN C 714 -0.19 69.87 -0.53
C ASN C 714 -0.57 68.46 -0.88
N PHE C 715 0.24 67.78 -1.68
CA PHE C 715 -0.03 66.41 -2.10
C PHE C 715 1.28 65.79 -2.60
N THR C 716 1.23 64.51 -2.91
CA THR C 716 2.39 63.82 -3.44
C THR C 716 1.94 62.66 -4.30
N ILE C 717 2.64 62.43 -5.41
CA ILE C 717 2.36 61.34 -6.32
C ILE C 717 3.04 60.08 -5.80
N SER C 718 2.27 59.06 -5.48
CA SER C 718 2.79 57.82 -4.90
C SER C 718 2.71 56.72 -5.94
N VAL C 719 3.86 56.16 -6.31
CA VAL C 719 3.93 55.04 -7.24
C VAL C 719 4.24 53.78 -6.45
N THR C 720 3.25 52.90 -6.33
CA THR C 720 3.40 51.64 -5.63
C THR C 720 3.61 50.51 -6.62
N THR C 721 3.62 49.28 -6.11
CA THR C 721 3.80 48.10 -6.95
C THR C 721 2.96 46.96 -6.39
N GLU C 722 2.53 46.07 -7.28
CA GLU C 722 1.77 44.89 -6.88
C GLU C 722 2.11 43.74 -7.81
N ILE C 723 2.49 42.61 -7.22
CA ILE C 723 2.90 41.41 -7.96
C ILE C 723 1.72 40.45 -7.99
N LEU C 724 1.44 39.91 -9.17
CA LEU C 724 0.33 38.96 -9.30
C LEU C 724 0.73 37.79 -10.18
N PRO C 725 0.70 36.56 -9.67
CA PRO C 725 0.99 35.40 -10.52
C PRO C 725 -0.08 35.20 -11.56
N VAL C 726 0.35 34.86 -12.77
CA VAL C 726 -0.54 34.67 -13.91
C VAL C 726 -0.46 33.24 -14.45
N SER C 727 0.74 32.76 -14.71
CA SER C 727 0.94 31.46 -15.36
C SER C 727 1.66 30.52 -14.40
N MET C 728 1.58 29.23 -14.73
CA MET C 728 2.26 28.16 -14.02
C MET C 728 3.00 27.29 -15.03
N THR C 729 3.90 26.46 -14.54
CA THR C 729 4.72 25.60 -15.40
C THR C 729 3.89 24.41 -15.86
N LYS C 730 3.71 24.30 -17.18
CA LYS C 730 2.94 23.20 -17.74
C LYS C 730 3.77 21.92 -17.71
N THR C 731 3.31 20.94 -16.93
CA THR C 731 4.04 19.69 -16.74
C THR C 731 3.23 18.54 -17.33
N SER C 732 3.91 17.68 -18.09
CA SER C 732 3.31 16.49 -18.67
C SER C 732 4.06 15.27 -18.17
N VAL C 733 3.33 14.27 -17.69
CA VAL C 733 3.90 13.08 -17.08
C VAL C 733 3.68 11.90 -18.02
N ASP C 734 4.74 11.14 -18.27
CA ASP C 734 4.65 9.90 -19.04
C ASP C 734 4.38 8.76 -18.07
N CYS C 735 3.26 8.05 -18.28
CA CYS C 735 2.83 7.02 -17.34
C CYS C 735 3.83 5.86 -17.30
N THR C 736 4.16 5.31 -18.46
CA THR C 736 5.00 4.11 -18.52
C THR C 736 6.40 4.40 -17.99
N MET C 737 7.01 5.49 -18.46
CA MET C 737 8.38 5.79 -18.06
C MET C 737 8.48 6.12 -16.57
N TYR C 738 7.43 6.70 -15.99
CA TYR C 738 7.46 7.02 -14.57
C TYR C 738 7.20 5.80 -13.71
N ILE C 739 6.15 5.04 -14.03
CA ILE C 739 5.78 3.89 -13.20
C ILE C 739 6.84 2.79 -13.28
N CYS C 740 7.29 2.47 -14.50
CA CYS C 740 8.38 1.52 -14.65
C CYS C 740 9.07 1.79 -15.99
N GLY C 741 10.21 2.48 -15.93
CA GLY C 741 10.96 2.77 -17.15
C GLY C 741 11.97 1.67 -17.46
N ASP C 742 12.23 1.49 -18.75
CA ASP C 742 13.15 0.46 -19.24
C ASP C 742 12.73 -0.93 -18.76
N SER C 743 11.46 -1.26 -19.02
CA SER C 743 10.92 -2.55 -18.61
C SER C 743 9.75 -2.88 -19.52
N THR C 744 9.84 -3.99 -20.25
CA THR C 744 8.79 -4.40 -21.18
C THR C 744 7.75 -5.29 -20.51
N GLU C 745 8.16 -6.11 -19.54
CA GLU C 745 7.22 -7.00 -18.87
C GLU C 745 6.28 -6.22 -17.94
N CYS C 746 6.70 -5.02 -17.51
CA CYS C 746 5.87 -4.25 -16.59
C CYS C 746 4.73 -3.52 -17.29
N SER C 747 4.91 -3.15 -18.56
CA SER C 747 3.86 -2.44 -19.27
C SER C 747 2.66 -3.34 -19.53
N ASN C 748 2.91 -4.62 -19.80
CA ASN C 748 1.82 -5.56 -20.04
C ASN C 748 0.92 -5.70 -18.81
N LEU C 749 1.49 -5.56 -17.61
CA LEU C 749 0.70 -5.60 -16.39
C LEU C 749 0.11 -4.24 -16.05
N LEU C 750 0.81 -3.16 -16.39
CA LEU C 750 0.29 -1.82 -16.16
C LEU C 750 -0.93 -1.51 -17.02
N LEU C 751 -0.99 -2.08 -18.23
CA LEU C 751 -2.16 -1.91 -19.08
C LEU C 751 -3.39 -2.63 -18.55
N GLN C 752 -3.31 -3.27 -17.38
CA GLN C 752 -4.42 -4.01 -16.79
C GLN C 752 -5.08 -3.26 -15.63
N TYR C 753 -4.45 -2.19 -15.12
CA TYR C 753 -4.96 -1.46 -13.97
C TYR C 753 -5.89 -0.31 -14.36
N GLY C 754 -6.55 -0.41 -15.51
CA GLY C 754 -7.49 0.61 -15.93
C GLY C 754 -6.81 1.76 -16.66
N SER C 755 -7.65 2.64 -17.21
CA SER C 755 -7.18 3.79 -17.97
C SER C 755 -7.02 5.04 -17.11
N PHE C 756 -6.27 4.91 -16.02
CA PHE C 756 -5.98 6.09 -15.19
C PHE C 756 -5.00 7.02 -15.87
N CYS C 757 -4.08 6.47 -16.68
CA CYS C 757 -3.11 7.31 -17.39
C CYS C 757 -3.79 8.29 -18.33
N THR C 758 -4.85 7.85 -19.01
CA THR C 758 -5.59 8.76 -19.88
C THR C 758 -6.21 9.89 -19.08
N GLN C 759 -6.76 9.58 -17.91
CA GLN C 759 -7.35 10.62 -17.07
C GLN C 759 -6.29 11.62 -16.62
N LEU C 760 -5.12 11.12 -16.22
CA LEU C 760 -4.06 12.02 -15.78
C LEU C 760 -3.56 12.90 -16.93
N LYS C 761 -3.42 12.32 -18.13
CA LYS C 761 -2.99 13.10 -19.27
C LYS C 761 -4.03 14.16 -19.65
N ARG C 762 -5.32 13.81 -19.57
CA ARG C 762 -6.37 14.79 -19.84
C ARG C 762 -6.35 15.91 -18.82
N ALA C 763 -6.12 15.58 -17.54
CA ALA C 763 -6.06 16.61 -16.52
C ALA C 763 -4.87 17.53 -16.75
N LEU C 764 -3.72 16.98 -17.13
CA LEU C 764 -2.54 17.81 -17.39
C LEU C 764 -2.74 18.70 -18.61
N THR C 765 -3.36 18.16 -19.67
CA THR C 765 -3.63 18.98 -20.84
C THR C 765 -4.64 20.08 -20.52
N GLY C 766 -5.62 19.78 -19.66
CA GLY C 766 -6.55 20.81 -19.24
C GLY C 766 -5.86 21.91 -18.45
N ILE C 767 -4.93 21.52 -17.56
CA ILE C 767 -4.17 22.53 -16.81
C ILE C 767 -3.35 23.39 -17.77
N ALA C 768 -2.74 22.77 -18.78
CA ALA C 768 -1.94 23.52 -19.74
C ALA C 768 -2.80 24.50 -20.53
N VAL C 769 -3.96 24.05 -21.01
CA VAL C 769 -4.86 24.94 -21.74
C VAL C 769 -5.37 26.05 -20.84
N GLU C 770 -5.59 25.75 -19.56
CA GLU C 770 -6.04 26.77 -18.62
C GLU C 770 -4.96 27.83 -18.40
N GLN C 771 -3.69 27.41 -18.28
CA GLN C 771 -2.61 28.37 -18.13
C GLN C 771 -2.46 29.22 -19.39
N ASP C 772 -2.59 28.61 -20.56
CA ASP C 772 -2.53 29.38 -21.80
C ASP C 772 -3.66 30.39 -21.88
N LYS C 773 -4.87 29.99 -21.48
CA LYS C 773 -6.00 30.91 -21.46
C LYS C 773 -5.80 32.05 -20.47
N ASN C 774 -5.21 31.75 -19.32
CA ASN C 774 -4.90 32.80 -18.35
C ASN C 774 -3.90 33.81 -18.93
N THR C 775 -2.85 33.30 -19.57
CA THR C 775 -1.87 34.18 -20.18
C THR C 775 -2.51 35.03 -21.28
N GLN C 776 -3.41 34.45 -22.07
CA GLN C 776 -4.07 35.20 -23.13
C GLN C 776 -5.06 36.22 -22.60
N GLU C 777 -5.70 35.94 -21.45
CA GLU C 777 -6.70 36.84 -20.90
C GLU C 777 -6.09 37.99 -20.11
N VAL C 778 -4.99 37.75 -19.39
CA VAL C 778 -4.41 38.79 -18.57
C VAL C 778 -3.75 39.86 -19.44
N PHE C 779 -2.93 39.45 -20.40
CA PHE C 779 -2.18 40.41 -21.20
C PHE C 779 -2.88 40.79 -22.49
N ALA C 780 -3.25 39.81 -23.32
CA ALA C 780 -3.85 40.08 -24.63
C ALA C 780 -5.29 40.53 -24.45
N GLN C 781 -5.45 41.81 -24.14
CA GLN C 781 -6.77 42.42 -23.99
C GLN C 781 -7.07 43.43 -25.08
N VAL C 782 -6.08 43.83 -25.88
CA VAL C 782 -6.27 44.76 -26.98
C VAL C 782 -6.04 44.03 -28.29
N LYS C 783 -6.59 44.59 -29.36
CA LYS C 783 -6.49 44.00 -30.69
C LYS C 783 -5.61 44.81 -31.63
N GLN C 784 -4.98 45.88 -31.14
CA GLN C 784 -4.12 46.73 -31.97
C GLN C 784 -2.86 47.04 -31.17
N ILE C 785 -1.71 46.60 -31.67
CA ILE C 785 -0.45 46.89 -31.00
C ILE C 785 -0.07 48.34 -31.28
N TYR C 786 0.00 49.14 -30.22
CA TYR C 786 0.35 50.55 -30.32
C TYR C 786 1.85 50.75 -30.19
N LYS C 787 2.32 51.86 -30.75
CA LYS C 787 3.73 52.21 -30.72
C LYS C 787 3.90 53.65 -30.23
N THR C 788 4.95 53.87 -29.44
CA THR C 788 5.21 55.20 -28.94
C THR C 788 5.77 56.10 -30.04
N PRO C 789 5.46 57.39 -30.02
CA PRO C 789 5.97 58.31 -31.04
C PRO C 789 7.46 58.51 -30.86
N PRO C 790 8.16 58.96 -31.91
CA PRO C 790 9.61 59.22 -31.77
C PRO C 790 9.94 60.21 -30.67
N ILE C 791 9.35 61.40 -30.73
CA ILE C 791 9.57 62.39 -29.67
C ILE C 791 8.89 61.91 -28.39
N LYS C 792 9.68 61.75 -27.33
CA LYS C 792 9.20 61.23 -26.06
C LYS C 792 9.01 62.34 -25.02
N TYR C 793 8.58 63.51 -25.48
CA TYR C 793 8.29 64.63 -24.58
C TYR C 793 6.79 64.62 -24.29
N PHE C 794 6.43 64.04 -23.14
CA PHE C 794 5.04 63.89 -22.74
C PHE C 794 4.61 64.96 -21.74
N GLY C 795 5.20 66.14 -21.79
CA GLY C 795 4.86 67.24 -20.90
C GLY C 795 5.83 67.44 -19.75
N GLY C 796 6.71 66.47 -19.50
CA GLY C 796 7.66 66.58 -18.41
C GLY C 796 7.83 65.27 -17.67
N PHE C 797 6.97 64.30 -17.98
CA PHE C 797 7.03 62.98 -17.36
C PHE C 797 7.99 62.10 -18.14
N ASN C 798 8.88 61.42 -17.45
CA ASN C 798 9.85 60.58 -18.07
C ASN C 798 9.39 59.20 -17.84
N PHE C 799 9.02 58.55 -18.92
CA PHE C 799 8.64 57.15 -18.91
C PHE C 799 9.75 56.23 -19.43
N SER C 800 11.00 56.68 -19.39
CA SER C 800 12.10 55.88 -19.92
C SER C 800 12.30 54.60 -19.12
N GLN C 801 11.94 54.59 -17.84
CA GLN C 801 12.11 53.42 -17.01
C GLN C 801 11.06 52.35 -17.25
N ILE C 802 9.94 52.69 -17.89
CA ILE C 802 8.90 51.72 -18.18
C ILE C 802 8.72 51.45 -19.67
N LEU C 803 9.16 52.37 -20.54
CA LEU C 803 9.06 52.10 -21.96
C LEU C 803 10.18 51.16 -22.42
N PRO C 804 9.93 50.35 -23.44
CA PRO C 804 10.97 49.42 -23.90
C PRO C 804 12.16 50.15 -24.51
N ASP C 805 13.36 49.69 -24.17
CA ASP C 805 14.58 50.28 -24.67
C ASP C 805 15.07 49.48 -25.87
N PRO C 806 15.15 50.05 -27.06
CA PRO C 806 15.59 49.29 -28.24
C PRO C 806 17.08 48.94 -28.23
N SER C 807 17.84 49.38 -27.22
CA SER C 807 19.26 49.07 -27.18
C SER C 807 19.50 47.58 -26.90
N LYS C 808 18.81 47.03 -25.90
CA LYS C 808 18.98 45.63 -25.58
C LYS C 808 18.23 44.77 -26.60
N PRO C 809 18.73 43.57 -26.92
CA PRO C 809 18.03 42.71 -27.88
C PRO C 809 16.75 42.11 -27.34
N SER C 810 16.52 42.15 -26.01
CA SER C 810 15.31 41.60 -25.43
C SER C 810 14.10 42.52 -25.58
N LYS C 811 14.33 43.81 -25.87
CA LYS C 811 13.26 44.78 -26.07
C LYS C 811 12.35 44.86 -24.84
N ARG C 812 12.97 45.00 -23.67
CA ARG C 812 12.24 45.12 -22.42
C ARG C 812 12.62 46.43 -21.73
N SER C 813 11.79 46.83 -20.78
CA SER C 813 12.03 48.05 -20.03
C SER C 813 13.11 47.81 -18.97
N PRO C 814 13.73 48.89 -18.47
CA PRO C 814 14.72 48.71 -17.39
C PRO C 814 14.16 48.04 -16.15
N ILE C 815 12.86 48.18 -15.88
CA ILE C 815 12.27 47.53 -14.72
C ILE C 815 12.06 46.04 -14.99
N GLU C 816 11.67 45.69 -16.21
CA GLU C 816 11.49 44.29 -16.56
C GLU C 816 12.80 43.50 -16.50
N ASP C 817 13.93 44.16 -16.76
CA ASP C 817 15.22 43.49 -16.62
C ASP C 817 15.44 43.03 -15.19
N LEU C 818 15.19 43.91 -14.21
CA LEU C 818 15.32 43.53 -12.82
C LEU C 818 14.26 42.52 -12.41
N LEU C 819 13.06 42.63 -12.98
CA LEU C 819 12.00 41.66 -12.68
C LEU C 819 12.36 40.26 -13.16
N PHE C 820 13.03 40.15 -14.30
CA PHE C 820 13.44 38.86 -14.83
C PHE C 820 14.76 38.36 -14.25
N ASN C 821 15.60 39.25 -13.74
CA ASN C 821 16.87 38.84 -13.16
C ASN C 821 16.78 38.50 -11.68
N LYS C 822 15.59 38.58 -11.08
CA LYS C 822 15.39 38.23 -9.68
C LYS C 822 14.58 36.97 -9.47
N VAL C 823 13.96 36.42 -10.51
CA VAL C 823 13.17 35.21 -10.43
C VAL C 823 13.93 34.10 -11.13
N THR C 824 14.49 33.19 -10.35
CA THR C 824 15.26 32.07 -10.90
C THR C 824 14.48 30.77 -10.81
N ARG C 844 24.18 15.94 -13.66
CA ARG C 844 23.22 16.67 -14.48
C ARG C 844 22.39 17.62 -13.63
N ASP C 845 21.75 18.60 -14.27
CA ASP C 845 20.91 19.54 -13.56
C ASP C 845 19.58 18.89 -13.17
N LEU C 846 18.77 19.65 -12.44
CA LEU C 846 17.50 19.12 -11.95
C LEU C 846 16.53 18.84 -13.09
N ILE C 847 16.49 19.73 -14.09
CA ILE C 847 15.56 19.57 -15.20
C ILE C 847 15.92 18.32 -16.00
N CYS C 848 17.20 18.16 -16.32
CA CYS C 848 17.67 17.01 -17.08
C CYS C 848 17.58 15.71 -16.29
N ALA C 849 17.63 15.78 -14.95
CA ALA C 849 17.48 14.60 -14.11
C ALA C 849 16.02 14.23 -13.89
N GLN C 850 15.10 15.17 -13.99
CA GLN C 850 13.68 14.89 -13.87
C GLN C 850 13.02 14.55 -15.20
N LYS C 851 13.59 14.99 -16.33
CA LYS C 851 13.00 14.67 -17.62
C LYS C 851 13.20 13.19 -17.96
N PHE C 852 14.14 12.52 -17.31
CA PHE C 852 14.41 11.11 -17.59
C PHE C 852 13.46 10.20 -16.83
N LYS C 853 12.36 10.77 -16.31
CA LYS C 853 11.36 9.98 -15.59
C LYS C 853 9.94 10.32 -16.02
N GLY C 854 9.77 10.91 -17.21
CA GLY C 854 8.46 11.22 -17.75
C GLY C 854 8.06 12.68 -17.58
N LEU C 855 8.59 13.35 -16.56
CA LEU C 855 8.21 14.73 -16.28
C LEU C 855 8.85 15.67 -17.31
N THR C 856 8.02 16.27 -18.15
CA THR C 856 8.48 17.20 -19.17
C THR C 856 7.78 18.54 -19.00
N VAL C 857 8.50 19.61 -19.29
CA VAL C 857 8.00 20.97 -19.16
C VAL C 857 7.66 21.47 -20.55
N LEU C 858 6.37 21.70 -20.81
CA LEU C 858 5.94 22.20 -22.11
C LEU C 858 6.15 23.71 -22.18
N PRO C 859 6.65 24.23 -23.30
CA PRO C 859 6.86 25.67 -23.39
C PRO C 859 5.54 26.41 -23.53
N PRO C 860 5.42 27.60 -22.95
CA PRO C 860 4.18 28.36 -23.08
C PRO C 860 3.96 28.82 -24.50
N LEU C 861 2.69 29.15 -24.79
CA LEU C 861 2.34 29.62 -26.13
C LEU C 861 2.92 31.01 -26.38
N LEU C 862 2.53 31.99 -25.56
CA LEU C 862 3.04 33.35 -25.68
C LEU C 862 4.43 33.43 -25.05
N THR C 863 5.44 33.69 -25.87
CA THR C 863 6.80 33.81 -25.36
C THR C 863 6.97 35.11 -24.59
N ASP C 864 8.14 35.29 -24.00
CA ASP C 864 8.42 36.51 -23.24
C ASP C 864 8.44 37.73 -24.13
N GLU C 865 8.88 37.58 -25.39
CA GLU C 865 8.91 38.71 -26.31
C GLU C 865 7.50 39.17 -26.65
N MET C 866 6.57 38.23 -26.82
CA MET C 866 5.20 38.61 -27.12
C MET C 866 4.53 39.30 -25.93
N ILE C 867 4.81 38.82 -24.71
CA ILE C 867 4.27 39.48 -23.53
C ILE C 867 4.87 40.88 -23.38
N ALA C 868 6.15 41.02 -23.72
CA ALA C 868 6.77 42.34 -23.68
C ALA C 868 6.14 43.28 -24.69
N GLN C 869 5.85 42.78 -25.90
CA GLN C 869 5.19 43.60 -26.91
C GLN C 869 3.77 43.98 -26.47
N TYR C 870 3.06 43.05 -25.83
CA TYR C 870 1.73 43.36 -25.31
C TYR C 870 1.79 44.45 -24.24
N THR C 871 2.75 44.34 -23.31
CA THR C 871 2.90 45.36 -22.29
C THR C 871 3.27 46.71 -22.89
N SER C 872 4.14 46.70 -23.91
CA SER C 872 4.51 47.95 -24.57
C SER C 872 3.32 48.58 -25.27
N ALA C 873 2.48 47.76 -25.92
CA ALA C 873 1.29 48.29 -26.57
C ALA C 873 0.32 48.86 -25.55
N LEU C 874 0.15 48.18 -24.41
CA LEU C 874 -0.71 48.70 -23.36
C LEU C 874 -0.19 50.03 -22.82
N LEU C 875 1.12 50.13 -22.61
CA LEU C 875 1.70 51.37 -22.11
C LEU C 875 1.53 52.50 -23.13
N ALA C 876 1.75 52.20 -24.41
CA ALA C 876 1.56 53.22 -25.44
C ALA C 876 0.13 53.68 -25.52
N GLY C 877 -0.82 52.76 -25.41
CA GLY C 877 -2.23 53.14 -25.44
C GLY C 877 -2.63 53.96 -24.22
N THR C 878 -2.05 53.63 -23.06
CA THR C 878 -2.37 54.36 -21.84
C THR C 878 -1.77 55.76 -21.88
N ILE C 879 -0.58 55.91 -22.45
CA ILE C 879 0.09 57.21 -22.47
C ILE C 879 -0.51 58.11 -23.55
N THR C 880 -0.66 57.59 -24.76
CA THR C 880 -1.10 58.42 -25.87
C THR C 880 -2.59 58.70 -25.83
N SER C 881 -3.40 57.70 -25.47
CA SER C 881 -4.85 57.81 -25.50
C SER C 881 -5.49 57.89 -24.13
N GLY C 882 -5.00 57.13 -23.15
CA GLY C 882 -5.58 57.15 -21.83
C GLY C 882 -6.49 55.95 -21.57
N TRP C 883 -7.80 56.20 -21.54
CA TRP C 883 -8.78 55.14 -21.39
C TRP C 883 -9.65 54.95 -22.62
N THR C 884 -9.38 55.66 -23.71
CA THR C 884 -10.21 55.55 -24.90
C THR C 884 -9.86 54.32 -25.73
N PHE C 885 -8.64 53.80 -25.61
CA PHE C 885 -8.24 52.62 -26.36
C PHE C 885 -8.76 51.33 -25.75
N GLY C 886 -9.32 51.38 -24.54
CA GLY C 886 -9.90 50.21 -23.91
C GLY C 886 -11.41 50.23 -23.97
N ALA C 887 -11.97 51.23 -24.65
CA ALA C 887 -13.41 51.35 -24.80
C ALA C 887 -13.84 51.58 -26.24
N GLY C 888 -12.90 51.73 -27.17
CA GLY C 888 -13.22 51.95 -28.57
C GLY C 888 -12.01 52.37 -29.36
N PRO C 889 -12.16 53.41 -30.19
CA PRO C 889 -11.03 53.89 -30.97
C PRO C 889 -10.03 54.63 -30.09
N ALA C 890 -8.76 54.58 -30.50
CA ALA C 890 -7.68 55.23 -29.76
C ALA C 890 -7.71 56.73 -30.07
N LEU C 891 -8.26 57.50 -29.15
CA LEU C 891 -8.36 58.94 -29.32
C LEU C 891 -7.10 59.61 -28.78
N GLN C 892 -6.41 60.35 -29.64
CA GLN C 892 -5.18 61.03 -29.24
C GLN C 892 -5.50 62.19 -28.30
N ILE C 893 -4.62 62.41 -27.33
CA ILE C 893 -4.80 63.45 -26.32
C ILE C 893 -3.46 63.72 -25.64
N PRO C 894 -3.09 64.99 -25.43
CA PRO C 894 -1.86 65.27 -24.69
C PRO C 894 -1.92 64.73 -23.27
N PHE C 895 -0.76 64.36 -22.74
CA PHE C 895 -0.69 63.80 -21.40
C PHE C 895 -1.09 64.79 -20.29
N PRO C 896 -0.78 66.09 -20.37
CA PRO C 896 -1.31 67.00 -19.33
C PRO C 896 -2.83 67.01 -19.26
N MET C 897 -3.52 66.99 -20.39
CA MET C 897 -4.99 66.95 -20.34
C MET C 897 -5.48 65.61 -19.79
N GLN C 898 -4.76 64.53 -20.08
CA GLN C 898 -5.10 63.24 -19.48
C GLN C 898 -4.96 63.28 -17.96
N MET C 899 -3.89 63.88 -17.46
CA MET C 899 -3.73 64.03 -16.01
C MET C 899 -4.79 64.94 -15.42
N ALA C 900 -5.20 65.98 -16.16
CA ALA C 900 -6.29 66.83 -15.68
C ALA C 900 -7.59 66.05 -15.59
N TYR C 901 -7.84 65.15 -16.56
CA TYR C 901 -9.02 64.30 -16.50
C TYR C 901 -8.95 63.36 -15.30
N ARG C 902 -7.75 62.82 -15.03
CA ARG C 902 -7.59 61.97 -13.85
C ARG C 902 -7.87 62.74 -12.56
N PHE C 903 -7.35 63.96 -12.45
CA PHE C 903 -7.59 64.77 -11.27
C PHE C 903 -9.08 65.11 -11.11
N ASN C 904 -9.75 65.42 -12.23
CA ASN C 904 -11.20 65.64 -12.15
C ASN C 904 -11.93 64.38 -11.75
N GLY C 905 -11.39 63.22 -12.12
CA GLY C 905 -12.00 61.96 -11.70
C GLY C 905 -11.83 61.70 -10.22
N ILE C 906 -10.69 62.11 -9.64
CA ILE C 906 -10.47 61.95 -8.21
C ILE C 906 -11.03 63.11 -7.40
N GLY C 907 -11.48 64.18 -8.06
CA GLY C 907 -12.10 65.27 -7.35
C GLY C 907 -11.40 66.61 -7.50
N VAL C 908 -10.08 66.59 -7.67
CA VAL C 908 -9.31 67.82 -7.75
C VAL C 908 -9.59 68.51 -9.08
N THR C 909 -9.56 69.84 -9.08
CA THR C 909 -9.81 70.60 -10.30
C THR C 909 -8.58 70.59 -11.20
N GLN C 910 -8.76 71.12 -12.42
CA GLN C 910 -7.69 71.14 -13.40
C GLN C 910 -6.66 72.21 -13.15
N ASN C 911 -7.03 73.29 -12.46
CA ASN C 911 -6.08 74.38 -12.22
C ASN C 911 -4.92 73.95 -11.34
N VAL C 912 -5.17 73.04 -10.39
CA VAL C 912 -4.10 72.54 -9.54
C VAL C 912 -3.01 71.89 -10.38
N LEU C 913 -3.41 71.01 -11.30
CA LEU C 913 -2.44 70.37 -12.18
C LEU C 913 -1.80 71.37 -13.13
N TYR C 914 -2.60 72.24 -13.74
CA TYR C 914 -2.04 73.19 -14.70
C TYR C 914 -1.12 74.20 -14.04
N GLU C 915 -1.15 74.32 -12.71
CA GLU C 915 -0.22 75.20 -12.01
C GLU C 915 0.95 74.46 -11.37
N ASN C 916 0.80 73.18 -11.04
CA ASN C 916 1.87 72.41 -10.40
C ASN C 916 2.32 71.23 -11.24
N GLN C 917 2.20 71.35 -12.57
CA GLN C 917 2.65 70.30 -13.47
C GLN C 917 4.13 69.98 -13.27
N LYS C 918 4.96 71.00 -13.05
CA LYS C 918 6.39 70.76 -12.88
C LYS C 918 6.65 69.94 -11.62
N LEU C 919 6.04 70.33 -10.50
CA LEU C 919 6.23 69.60 -9.26
C LEU C 919 5.68 68.18 -9.36
N ILE C 920 4.54 68.01 -10.05
CA ILE C 920 3.95 66.68 -10.19
C ILE C 920 4.84 65.79 -11.04
N ALA C 921 5.41 66.34 -12.12
CA ALA C 921 6.32 65.57 -12.95
C ALA C 921 7.58 65.20 -12.20
N ASN C 922 8.10 66.13 -11.38
CA ASN C 922 9.29 65.83 -10.59
C ASN C 922 9.00 64.72 -9.58
N GLN C 923 7.85 64.78 -8.91
CA GLN C 923 7.49 63.74 -7.95
C GLN C 923 7.28 62.39 -8.64
N PHE C 924 6.67 62.41 -9.83
CA PHE C 924 6.47 61.17 -10.57
C PHE C 924 7.80 60.55 -10.97
N ASN C 925 8.73 61.37 -11.48
CA ASN C 925 10.04 60.87 -11.86
C ASN C 925 10.79 60.33 -10.65
N SER C 926 10.71 61.03 -9.52
CA SER C 926 11.38 60.56 -8.31
C SER C 926 10.81 59.23 -7.83
N ALA C 927 9.49 59.09 -7.87
CA ALA C 927 8.87 57.84 -7.44
C ALA C 927 9.20 56.69 -8.38
N ILE C 928 9.21 56.95 -9.69
CA ILE C 928 9.58 55.92 -10.65
C ILE C 928 11.03 55.50 -10.45
N GLY C 929 11.91 56.45 -10.14
CA GLY C 929 13.30 56.12 -9.87
C GLY C 929 13.47 55.33 -8.59
N LYS C 930 12.68 55.66 -7.56
CA LYS C 930 12.78 54.94 -6.30
C LYS C 930 12.16 53.54 -6.39
N ILE C 931 11.23 53.33 -7.32
CA ILE C 931 10.62 52.01 -7.47
C ILE C 931 11.67 50.98 -7.87
N GLN C 932 12.56 51.33 -8.79
CA GLN C 932 13.60 50.40 -9.22
C GLN C 932 14.55 50.07 -8.08
N ASP C 933 14.94 51.09 -7.30
CA ASP C 933 15.82 50.85 -6.17
C ASP C 933 15.15 50.00 -5.10
N SER C 934 13.84 50.19 -4.88
CA SER C 934 13.13 49.38 -3.89
C SER C 934 13.00 47.94 -4.37
N LEU C 935 12.76 47.73 -5.67
CA LEU C 935 12.68 46.37 -6.18
C LEU C 935 14.04 45.69 -6.17
N SER C 936 15.13 46.44 -6.33
CA SER C 936 16.45 45.84 -6.33
C SER C 936 16.94 45.56 -4.91
N SER C 937 16.60 46.43 -3.95
CA SER C 937 17.12 46.27 -2.59
C SER C 937 16.34 45.22 -1.81
N THR C 938 15.01 45.26 -1.87
CA THR C 938 14.18 44.34 -1.11
C THR C 938 14.33 42.92 -1.63
N PRO C 939 14.81 41.98 -0.82
CA PRO C 939 14.95 40.60 -1.32
C PRO C 939 13.62 39.89 -1.51
N SER C 940 12.61 40.26 -0.73
CA SER C 940 11.29 39.61 -0.80
C SER C 940 10.30 40.43 -1.62
N ALA C 941 10.80 41.12 -2.65
CA ALA C 941 9.93 41.90 -3.52
C ALA C 941 9.17 40.99 -4.49
N LEU C 942 9.90 40.17 -5.25
CA LEU C 942 9.28 39.21 -6.16
C LEU C 942 9.12 37.86 -5.47
N GLY C 943 8.38 37.88 -4.37
CA GLY C 943 8.21 36.68 -3.56
C GLY C 943 7.02 35.83 -3.96
N LYS C 944 5.98 36.45 -4.50
CA LYS C 944 4.78 35.70 -4.87
C LYS C 944 5.03 34.77 -6.05
N LEU C 945 5.94 35.14 -6.96
CA LEU C 945 6.27 34.27 -8.08
C LEU C 945 7.26 33.18 -7.66
N GLN C 946 8.28 33.55 -6.90
CA GLN C 946 9.23 32.58 -6.40
C GLN C 946 8.55 31.55 -5.51
N ASP C 947 7.47 31.94 -4.83
CA ASP C 947 6.73 31.01 -3.99
C ASP C 947 6.16 29.86 -4.82
N VAL C 948 5.43 30.19 -5.89
CA VAL C 948 4.83 29.15 -6.71
C VAL C 948 5.91 28.39 -7.49
N VAL C 949 7.00 29.06 -7.85
CA VAL C 949 8.10 28.36 -8.52
C VAL C 949 8.69 27.29 -7.60
N ASN C 950 8.95 27.66 -6.34
CA ASN C 950 9.48 26.70 -5.38
C ASN C 950 8.46 25.61 -5.07
N HIS C 951 7.18 25.96 -5.05
CA HIS C 951 6.15 24.95 -4.83
C HIS C 951 6.13 23.90 -5.93
N ASN C 952 6.18 24.35 -7.19
CA ASN C 952 6.21 23.40 -8.30
C ASN C 952 7.49 22.58 -8.29
N ALA C 953 8.63 23.21 -7.98
CA ALA C 953 9.89 22.48 -7.92
C ALA C 953 9.86 21.41 -6.83
N GLN C 954 9.30 21.75 -5.66
CA GLN C 954 9.25 20.78 -4.58
C GLN C 954 8.25 19.67 -4.86
N ALA C 955 7.15 20.00 -5.56
CA ALA C 955 6.22 18.95 -5.98
C ALA C 955 6.87 17.97 -6.93
N LEU C 956 7.61 18.48 -7.91
CA LEU C 956 8.33 17.60 -8.83
C LEU C 956 9.38 16.78 -8.09
N ASN C 957 10.09 17.40 -7.15
CA ASN C 957 11.11 16.68 -6.39
C ASN C 957 10.49 15.56 -5.56
N THR C 958 9.33 15.82 -4.95
CA THR C 958 8.66 14.78 -4.18
C THR C 958 8.16 13.66 -5.09
N LEU C 959 7.61 14.02 -6.26
CA LEU C 959 7.14 13.00 -7.19
C LEU C 959 8.29 12.13 -7.68
N VAL C 960 9.48 12.71 -7.83
CA VAL C 960 10.64 11.92 -8.23
C VAL C 960 11.14 11.06 -7.08
N LYS C 961 11.15 11.62 -5.86
CA LYS C 961 11.64 10.87 -4.70
C LYS C 961 10.72 9.70 -4.36
N GLN C 962 9.44 9.81 -4.67
CA GLN C 962 8.51 8.71 -4.40
C GLN C 962 8.83 7.45 -5.22
N LEU C 963 9.75 7.49 -6.18
CA LEU C 963 10.12 6.30 -6.94
C LEU C 963 11.18 5.46 -6.26
N SER C 964 11.95 6.04 -5.33
CA SER C 964 12.97 5.31 -4.58
C SER C 964 12.41 4.65 -3.33
N SER C 965 11.10 4.50 -3.24
CA SER C 965 10.45 3.88 -2.10
C SER C 965 10.14 2.41 -2.39
N LYS C 966 9.88 1.66 -1.33
CA LYS C 966 9.62 0.23 -1.45
C LYS C 966 8.13 -0.11 -1.49
N PHE C 967 7.30 0.66 -0.78
CA PHE C 967 5.86 0.44 -0.73
C PHE C 967 5.53 -0.98 -0.26
N GLY C 968 6.35 -1.50 0.64
CA GLY C 968 6.15 -2.83 1.17
C GLY C 968 6.74 -3.96 0.34
N ALA C 969 7.40 -3.65 -0.77
CA ALA C 969 8.00 -4.66 -1.62
C ALA C 969 9.41 -4.99 -1.12
N ILE C 970 10.14 -5.77 -1.93
CA ILE C 970 11.48 -6.16 -1.55
C ILE C 970 12.54 -5.15 -1.96
N SER C 971 12.28 -4.33 -2.97
CA SER C 971 13.22 -3.31 -3.43
C SER C 971 12.44 -2.26 -4.20
N SER C 972 13.17 -1.37 -4.87
CA SER C 972 12.56 -0.30 -5.66
C SER C 972 12.95 -0.35 -7.13
N VAL C 973 13.76 -1.31 -7.55
CA VAL C 973 14.18 -1.46 -8.93
C VAL C 973 13.58 -2.74 -9.47
N LEU C 974 12.91 -2.65 -10.63
CA LEU C 974 12.25 -3.81 -11.22
C LEU C 974 13.23 -4.80 -11.82
N ASN C 975 14.45 -4.38 -12.13
CA ASN C 975 15.42 -5.28 -12.76
C ASN C 975 15.76 -6.45 -11.83
N ASP C 976 16.12 -6.15 -10.59
CA ASP C 976 16.45 -7.22 -9.65
C ASP C 976 15.24 -8.06 -9.30
N ILE C 977 14.06 -7.45 -9.22
CA ILE C 977 12.84 -8.20 -8.90
C ILE C 977 12.54 -9.20 -10.01
N PHE C 978 12.67 -8.77 -11.27
CA PHE C 978 12.40 -9.66 -12.39
C PHE C 978 13.52 -10.66 -12.63
N SER C 979 14.75 -10.36 -12.19
CA SER C 979 15.85 -11.31 -12.40
C SER C 979 15.90 -12.37 -11.31
N ARG C 980 15.63 -12.00 -10.06
CA ARG C 980 15.74 -12.97 -8.96
C ARG C 980 14.51 -13.89 -8.92
N LEU C 981 13.32 -13.31 -8.87
CA LEU C 981 12.09 -14.06 -8.68
C LEU C 981 11.42 -14.35 -10.03
N ASP C 982 10.51 -15.32 -10.00
CA ASP C 982 9.74 -15.72 -11.17
C ASP C 982 8.47 -14.89 -11.29
N PRO C 983 7.92 -14.77 -12.49
CA PRO C 983 6.72 -13.94 -12.70
C PRO C 983 5.57 -14.28 -11.76
N PRO C 984 5.30 -15.59 -11.46
CA PRO C 984 4.21 -15.91 -10.52
C PRO C 984 4.23 -15.09 -9.23
N GLU C 985 5.41 -14.87 -8.66
CA GLU C 985 5.54 -14.03 -7.48
C GLU C 985 6.03 -12.63 -7.79
N ALA C 986 6.69 -12.43 -8.94
CA ALA C 986 7.12 -11.09 -9.32
C ALA C 986 5.91 -10.18 -9.55
N GLU C 987 4.81 -10.74 -10.06
CA GLU C 987 3.61 -9.94 -10.24
C GLU C 987 3.08 -9.43 -8.90
N VAL C 988 3.04 -10.31 -7.89
CA VAL C 988 2.57 -9.89 -6.58
C VAL C 988 3.53 -8.91 -5.94
N GLN C 989 4.84 -9.09 -6.15
CA GLN C 989 5.82 -8.18 -5.58
C GLN C 989 5.85 -6.82 -6.27
N ILE C 990 5.40 -6.75 -7.53
CA ILE C 990 5.42 -5.49 -8.26
C ILE C 990 4.07 -4.77 -8.24
N ASP C 991 2.97 -5.48 -7.91
CA ASP C 991 1.69 -4.79 -7.79
C ASP C 991 1.71 -3.71 -6.72
N ARG C 992 2.41 -3.96 -5.61
CA ARG C 992 2.50 -2.95 -4.56
C ARG C 992 3.19 -1.69 -5.05
N LEU C 993 4.33 -1.85 -5.74
CA LEU C 993 5.05 -0.70 -6.29
C LEU C 993 4.21 0.04 -7.32
N ILE C 994 3.53 -0.72 -8.20
CA ILE C 994 2.71 -0.08 -9.23
C ILE C 994 1.59 0.74 -8.60
N THR C 995 0.89 0.16 -7.61
CA THR C 995 -0.20 0.87 -6.96
C THR C 995 0.31 2.09 -6.19
N GLY C 996 1.45 1.96 -5.51
CA GLY C 996 2.00 3.09 -4.79
C GLY C 996 2.38 4.23 -5.71
N ARG C 997 3.06 3.92 -6.82
CA ARG C 997 3.45 4.96 -7.76
C ARG C 997 2.24 5.59 -8.43
N LEU C 998 1.22 4.78 -8.73
CA LEU C 998 0.00 5.34 -9.32
C LEU C 998 -0.72 6.26 -8.35
N GLN C 999 -0.78 5.88 -7.07
CA GLN C 999 -1.40 6.74 -6.08
C GLN C 999 -0.61 8.02 -5.88
N SER C 1000 0.72 7.93 -5.89
CA SER C 1000 1.55 9.14 -5.79
C SER C 1000 1.31 10.06 -6.98
N LEU C 1001 1.19 9.49 -8.18
CA LEU C 1001 0.94 10.31 -9.36
C LEU C 1001 -0.44 10.94 -9.31
N GLN C 1002 -1.44 10.20 -8.80
CA GLN C 1002 -2.78 10.77 -8.64
C GLN C 1002 -2.78 11.91 -7.63
N THR C 1003 -2.04 11.76 -6.54
CA THR C 1003 -1.92 12.84 -5.55
C THR C 1003 -1.25 14.06 -6.18
N TYR C 1004 -0.18 13.84 -6.95
CA TYR C 1004 0.48 14.94 -7.64
C TYR C 1004 -0.50 15.64 -8.59
N VAL C 1005 -1.32 14.86 -9.29
CA VAL C 1005 -2.24 15.45 -10.27
C VAL C 1005 -3.31 16.28 -9.57
N THR C 1006 -3.87 15.78 -8.47
CA THR C 1006 -4.91 16.54 -7.79
C THR C 1006 -4.34 17.78 -7.10
N GLN C 1007 -3.12 17.69 -6.56
CA GLN C 1007 -2.51 18.88 -5.99
C GLN C 1007 -2.19 19.91 -7.08
N GLN C 1008 -1.76 19.43 -8.26
CA GLN C 1008 -1.55 20.35 -9.38
C GLN C 1008 -2.85 20.97 -9.84
N LEU C 1009 -3.96 20.24 -9.78
CA LEU C 1009 -5.25 20.80 -10.11
C LEU C 1009 -5.65 21.91 -9.14
N ILE C 1010 -5.45 21.67 -7.84
CA ILE C 1010 -5.77 22.71 -6.85
C ILE C 1010 -4.88 23.93 -7.06
N ARG C 1011 -3.59 23.71 -7.30
CA ARG C 1011 -2.68 24.83 -7.53
C ARG C 1011 -3.03 25.59 -8.80
N ALA C 1012 -3.47 24.88 -9.84
CA ALA C 1012 -3.88 25.54 -11.07
C ALA C 1012 -5.16 26.33 -10.87
N ALA C 1013 -6.07 25.84 -10.03
CA ALA C 1013 -7.26 26.62 -9.70
C ALA C 1013 -6.89 27.90 -8.97
N GLU C 1014 -5.94 27.81 -8.02
CA GLU C 1014 -5.47 29.01 -7.33
C GLU C 1014 -4.82 29.99 -8.31
N ILE C 1015 -3.99 29.48 -9.21
CA ILE C 1015 -3.31 30.34 -10.19
C ILE C 1015 -4.34 30.98 -11.13
N ARG C 1016 -5.40 30.25 -11.45
CA ARG C 1016 -6.45 30.79 -12.32
C ARG C 1016 -7.23 31.89 -11.61
N ALA C 1017 -7.50 31.71 -10.31
CA ALA C 1017 -8.14 32.78 -9.56
C ALA C 1017 -7.24 34.02 -9.51
N SER C 1018 -5.95 33.82 -9.26
CA SER C 1018 -5.02 34.95 -9.25
C SER C 1018 -4.95 35.63 -10.61
N ALA C 1019 -5.00 34.85 -11.69
CA ALA C 1019 -4.96 35.44 -13.03
C ALA C 1019 -6.24 36.18 -13.35
N ASN C 1020 -7.39 35.70 -12.87
CA ASN C 1020 -8.63 36.44 -13.05
C ASN C 1020 -8.58 37.76 -12.30
N LEU C 1021 -8.05 37.75 -11.07
CA LEU C 1021 -7.87 39.00 -10.33
C LEU C 1021 -6.93 39.95 -11.08
N ALA C 1022 -5.85 39.41 -11.64
CA ALA C 1022 -4.90 40.23 -12.38
C ALA C 1022 -5.54 40.83 -13.63
N ALA C 1023 -6.36 40.05 -14.33
CA ALA C 1023 -7.04 40.56 -15.51
C ALA C 1023 -8.06 41.63 -15.14
N THR C 1024 -8.77 41.44 -14.03
CA THR C 1024 -9.69 42.47 -13.56
C THR C 1024 -8.96 43.76 -13.22
N LYS C 1025 -7.81 43.65 -12.55
CA LYS C 1025 -7.02 44.84 -12.24
C LYS C 1025 -6.47 45.50 -13.50
N MET C 1026 -6.08 44.69 -14.49
CA MET C 1026 -5.60 45.25 -15.75
C MET C 1026 -6.72 46.00 -16.48
N SER C 1027 -7.94 45.47 -16.43
CA SER C 1027 -9.05 46.10 -17.13
C SER C 1027 -9.58 47.33 -16.40
N GLU C 1028 -9.50 47.36 -15.07
CA GLU C 1028 -10.07 48.47 -14.30
C GLU C 1028 -9.08 49.55 -13.94
N CYS C 1029 -7.80 49.23 -13.79
CA CYS C 1029 -6.78 50.21 -13.40
C CYS C 1029 -6.01 50.78 -14.57
N VAL C 1030 -5.69 49.97 -15.58
CA VAL C 1030 -4.91 50.43 -16.72
C VAL C 1030 -5.80 50.96 -17.84
N LEU C 1031 -6.84 50.20 -18.19
CA LEU C 1031 -7.75 50.61 -19.25
C LEU C 1031 -8.71 51.72 -18.83
N GLY C 1032 -8.66 52.15 -17.56
CA GLY C 1032 -9.53 53.21 -17.10
C GLY C 1032 -9.10 53.78 -15.77
N GLN C 1033 -10.04 54.35 -15.02
CA GLN C 1033 -9.77 54.95 -13.71
C GLN C 1033 -10.84 54.47 -12.74
N SER C 1034 -10.53 53.40 -12.01
CA SER C 1034 -11.49 52.81 -11.09
C SER C 1034 -11.57 53.61 -9.80
N LYS C 1035 -12.78 53.74 -9.27
CA LYS C 1035 -13.02 54.42 -8.00
C LYS C 1035 -13.00 53.47 -6.81
N ARG C 1036 -12.72 52.19 -7.03
CA ARG C 1036 -12.68 51.23 -5.93
C ARG C 1036 -11.48 51.51 -5.04
N VAL C 1037 -11.74 51.65 -3.74
CA VAL C 1037 -10.68 52.00 -2.80
C VAL C 1037 -9.82 50.78 -2.52
N ASP C 1038 -8.50 50.99 -2.49
CA ASP C 1038 -7.52 49.93 -2.20
C ASP C 1038 -7.63 48.78 -3.20
N PHE C 1039 -7.92 49.12 -4.46
CA PHE C 1039 -7.94 48.14 -5.54
C PHE C 1039 -6.87 48.41 -6.59
N CYS C 1040 -6.62 49.68 -6.91
CA CYS C 1040 -5.56 50.07 -7.83
C CYS C 1040 -4.47 50.86 -7.11
N GLY C 1041 -4.14 50.45 -5.90
CA GLY C 1041 -3.14 51.11 -5.10
C GLY C 1041 -3.75 51.82 -3.90
N LYS C 1042 -2.89 52.09 -2.91
CA LYS C 1042 -3.32 52.77 -1.69
C LYS C 1042 -3.42 54.26 -1.96
N GLY C 1043 -4.63 54.80 -1.92
CA GLY C 1043 -4.85 56.21 -2.16
C GLY C 1043 -5.83 56.48 -3.28
N TYR C 1044 -5.87 57.71 -3.76
CA TYR C 1044 -6.75 58.09 -4.87
C TYR C 1044 -6.11 57.63 -6.16
N HIS C 1045 -6.75 56.64 -6.81
CA HIS C 1045 -6.19 56.04 -8.00
C HIS C 1045 -6.15 57.03 -9.16
N LEU C 1046 -4.97 57.21 -9.74
CA LEU C 1046 -4.79 58.03 -10.94
C LEU C 1046 -4.58 57.17 -12.18
N MET C 1047 -3.58 56.30 -12.17
CA MET C 1047 -3.33 55.44 -13.32
C MET C 1047 -2.51 54.23 -12.88
N SER C 1048 -2.28 53.32 -13.82
CA SER C 1048 -1.51 52.12 -13.56
C SER C 1048 -0.72 51.73 -14.81
N PHE C 1049 0.44 51.12 -14.59
CA PHE C 1049 1.31 50.70 -15.66
C PHE C 1049 1.64 49.22 -15.47
N PRO C 1050 1.37 48.37 -16.47
CA PRO C 1050 1.71 46.95 -16.33
C PRO C 1050 3.11 46.65 -16.83
N GLN C 1051 3.73 45.65 -16.20
CA GLN C 1051 5.04 45.15 -16.59
C GLN C 1051 5.03 43.63 -16.49
N SER C 1052 5.81 42.99 -17.36
CA SER C 1052 5.87 41.53 -17.36
C SER C 1052 6.88 41.05 -16.32
N ALA C 1053 6.75 39.78 -15.95
CA ALA C 1053 7.67 39.11 -15.04
C ALA C 1053 7.51 37.61 -15.25
N PRO C 1054 8.52 36.81 -14.90
CA PRO C 1054 8.42 35.36 -15.09
C PRO C 1054 7.17 34.81 -14.40
N HIS C 1055 6.22 34.36 -15.21
CA HIS C 1055 4.93 33.84 -14.72
C HIS C 1055 4.23 34.84 -13.80
N GLY C 1056 4.26 36.11 -14.17
CA GLY C 1056 3.63 37.10 -13.32
C GLY C 1056 3.54 38.47 -13.97
N VAL C 1057 2.73 39.31 -13.36
CA VAL C 1057 2.53 40.69 -13.82
C VAL C 1057 2.78 41.62 -12.65
N VAL C 1058 3.38 42.77 -12.94
CA VAL C 1058 3.71 43.79 -11.94
C VAL C 1058 2.98 45.07 -12.30
N PHE C 1059 2.09 45.51 -11.42
CA PHE C 1059 1.34 46.74 -11.62
C PHE C 1059 1.96 47.87 -10.81
N LEU C 1060 2.38 48.92 -11.51
CA LEU C 1060 2.87 50.15 -10.89
C LEU C 1060 1.69 51.11 -10.81
N HIS C 1061 1.23 51.35 -9.59
CA HIS C 1061 0.02 52.16 -9.38
C HIS C 1061 0.42 53.59 -9.04
N VAL C 1062 0.15 54.52 -9.95
CA VAL C 1062 0.37 55.95 -9.72
C VAL C 1062 -0.91 56.49 -9.08
N THR C 1063 -0.82 56.91 -7.83
CA THR C 1063 -1.96 57.39 -7.06
C THR C 1063 -1.66 58.76 -6.46
N TYR C 1064 -2.73 59.39 -5.99
CA TYR C 1064 -2.71 60.75 -5.44
C TYR C 1064 -3.00 60.67 -3.95
N VAL C 1065 -2.03 61.04 -3.13
CA VAL C 1065 -2.17 61.03 -1.67
C VAL C 1065 -1.86 62.43 -1.15
N PRO C 1066 -2.76 63.05 -0.41
CA PRO C 1066 -2.49 64.39 0.12
C PRO C 1066 -1.54 64.37 1.32
N ALA C 1067 -1.19 65.55 1.77
CA ALA C 1067 -0.26 65.73 2.89
C ALA C 1067 -0.28 67.18 3.31
N GLN C 1068 0.31 67.44 4.48
CA GLN C 1068 0.39 68.77 5.07
C GLN C 1068 -1.00 69.37 5.27
N GLU C 1069 -1.83 68.64 6.00
CA GLU C 1069 -3.18 69.09 6.29
C GLU C 1069 -3.16 70.24 7.30
N LYS C 1070 -4.27 70.97 7.35
CA LYS C 1070 -4.39 72.10 8.26
C LYS C 1070 -5.83 72.18 8.76
N ASN C 1071 -6.03 72.66 9.98
CA ASN C 1071 -7.30 72.66 10.64
C ASN C 1071 -8.02 73.97 10.46
N PHE C 1072 -9.30 73.93 10.11
CA PHE C 1072 -10.13 75.10 9.85
C PHE C 1072 -11.46 74.92 10.56
N THR C 1073 -12.22 76.00 10.67
CA THR C 1073 -13.54 75.99 11.28
C THR C 1073 -14.58 75.87 10.18
N THR C 1074 -15.32 74.77 10.18
CA THR C 1074 -16.32 74.48 9.16
C THR C 1074 -17.72 74.77 9.68
N ALA C 1075 -18.66 74.85 8.74
CA ALA C 1075 -20.06 75.10 9.05
C ALA C 1075 -20.92 74.42 8.01
N PRO C 1076 -22.09 73.90 8.38
CA PRO C 1076 -22.94 73.25 7.38
C PRO C 1076 -23.42 74.18 6.28
N ALA C 1077 -23.85 75.39 6.63
CA ALA C 1077 -24.33 76.34 5.65
C ALA C 1077 -24.30 77.73 6.25
N ILE C 1078 -24.59 78.72 5.42
CA ILE C 1078 -24.68 80.12 5.83
C ILE C 1078 -25.95 80.71 5.22
N CYS C 1079 -26.46 81.77 5.85
CA CYS C 1079 -27.61 82.50 5.33
C CYS C 1079 -27.38 83.98 5.48
N HIS C 1080 -27.67 84.73 4.41
CA HIS C 1080 -27.47 86.17 4.37
C HIS C 1080 -28.77 86.95 4.59
N ASP C 1081 -29.85 86.55 3.94
CA ASP C 1081 -31.12 87.25 4.07
C ASP C 1081 -32.23 86.30 4.47
N GLY C 1082 -31.97 85.46 5.47
CA GLY C 1082 -32.96 84.52 5.95
C GLY C 1082 -33.11 83.25 5.15
N LYS C 1083 -32.27 83.03 4.14
CA LYS C 1083 -32.30 81.84 3.31
C LYS C 1083 -30.93 81.17 3.33
N ALA C 1084 -30.91 79.89 3.71
CA ALA C 1084 -29.65 79.18 3.84
C ALA C 1084 -28.98 78.97 2.50
N HIS C 1085 -27.65 78.99 2.51
CA HIS C 1085 -26.83 78.76 1.31
C HIS C 1085 -25.94 77.55 1.56
N PHE C 1086 -26.23 76.46 0.86
CA PHE C 1086 -25.44 75.24 0.98
C PHE C 1086 -24.40 75.16 -0.14
N PRO C 1087 -23.21 74.64 0.16
CA PRO C 1087 -22.15 74.58 -0.85
C PRO C 1087 -22.56 73.70 -2.03
N ARG C 1088 -22.40 74.24 -3.24
CA ARG C 1088 -22.74 73.48 -4.43
C ARG C 1088 -21.77 72.33 -4.65
N GLU C 1089 -20.47 72.62 -4.63
CA GLU C 1089 -19.46 71.58 -4.77
C GLU C 1089 -18.22 72.04 -3.99
N GLY C 1090 -18.08 71.56 -2.76
CA GLY C 1090 -16.99 71.94 -1.92
C GLY C 1090 -17.39 71.92 -0.46
N VAL C 1091 -16.69 72.74 0.32
CA VAL C 1091 -16.87 72.81 1.77
C VAL C 1091 -16.55 74.23 2.22
N PHE C 1092 -17.34 74.73 3.18
CA PHE C 1092 -17.09 76.05 3.76
C PHE C 1092 -16.08 75.93 4.90
N VAL C 1093 -14.99 76.67 4.79
CA VAL C 1093 -13.95 76.69 5.82
C VAL C 1093 -13.78 78.13 6.29
N SER C 1094 -13.04 78.28 7.38
CA SER C 1094 -12.76 79.59 7.96
C SER C 1094 -11.36 79.61 8.55
N ASN C 1095 -10.75 80.77 8.45
CA ASN C 1095 -9.42 81.04 8.94
C ASN C 1095 -9.42 81.82 10.24
N GLY C 1096 -10.56 81.91 10.90
CA GLY C 1096 -10.67 82.64 12.14
C GLY C 1096 -11.53 83.89 12.04
N THR C 1097 -11.42 84.59 10.92
CA THR C 1097 -12.17 85.83 10.72
C THR C 1097 -13.08 85.80 9.50
N HIS C 1098 -12.63 85.21 8.40
CA HIS C 1098 -13.39 85.18 7.16
C HIS C 1098 -13.78 83.76 6.81
N TRP C 1099 -14.79 83.63 5.95
CA TRP C 1099 -15.28 82.34 5.48
C TRP C 1099 -15.02 82.22 3.99
N PHE C 1100 -14.54 81.05 3.58
CA PHE C 1100 -14.26 80.75 2.17
C PHE C 1100 -14.84 79.39 1.83
N VAL C 1101 -14.83 79.07 0.54
CA VAL C 1101 -15.29 77.78 0.03
C VAL C 1101 -14.15 77.14 -0.73
N THR C 1102 -13.82 75.89 -0.37
CA THR C 1102 -12.70 75.20 -0.99
C THR C 1102 -13.13 73.77 -1.31
N GLN C 1103 -12.40 73.14 -2.23
CA GLN C 1103 -12.69 71.77 -2.59
C GLN C 1103 -12.26 70.82 -1.47
N ARG C 1104 -12.74 69.59 -1.55
CA ARG C 1104 -12.58 68.60 -0.48
C ARG C 1104 -11.24 67.87 -0.54
N ASN C 1105 -10.35 68.24 -1.46
CA ASN C 1105 -9.07 67.55 -1.58
C ASN C 1105 -7.87 68.47 -1.73
N PHE C 1106 -8.07 69.79 -1.76
CA PHE C 1106 -6.96 70.73 -1.91
C PHE C 1106 -7.41 72.09 -1.40
N TYR C 1107 -6.62 72.66 -0.49
CA TYR C 1107 -6.99 73.95 0.10
C TYR C 1107 -6.84 75.05 -0.94
N GLU C 1108 -7.96 75.52 -1.48
CA GLU C 1108 -8.00 76.62 -2.43
C GLU C 1108 -9.12 77.56 -1.99
N PRO C 1109 -8.82 78.52 -1.12
CA PRO C 1109 -9.86 79.40 -0.59
C PRO C 1109 -10.38 80.34 -1.66
N GLN C 1110 -11.71 80.37 -1.81
CA GLN C 1110 -12.38 81.25 -2.75
C GLN C 1110 -13.51 81.98 -2.04
N ILE C 1111 -13.84 83.17 -2.54
CA ILE C 1111 -14.91 83.96 -1.95
C ILE C 1111 -16.25 83.25 -2.19
N ILE C 1112 -17.16 83.40 -1.22
CA ILE C 1112 -18.47 82.78 -1.27
C ILE C 1112 -19.36 83.67 -2.13
N THR C 1113 -19.69 83.21 -3.33
CA THR C 1113 -20.50 83.96 -4.27
C THR C 1113 -21.80 83.20 -4.55
N THR C 1114 -22.59 83.73 -5.49
CA THR C 1114 -23.88 83.10 -5.81
C THR C 1114 -23.67 81.82 -6.62
N ASP C 1115 -22.69 81.80 -7.51
CA ASP C 1115 -22.43 80.63 -8.34
C ASP C 1115 -21.68 79.53 -7.59
N ASN C 1116 -21.31 79.75 -6.33
CA ASN C 1116 -20.62 78.74 -5.54
C ASN C 1116 -21.53 78.02 -4.55
N THR C 1117 -22.75 78.51 -4.35
CA THR C 1117 -23.67 77.90 -3.39
C THR C 1117 -25.08 77.97 -3.95
N PHE C 1118 -25.96 77.16 -3.35
CA PHE C 1118 -27.36 77.12 -3.75
C PHE C 1118 -28.26 77.33 -2.54
N VAL C 1119 -29.39 77.99 -2.77
CA VAL C 1119 -30.35 78.33 -1.72
C VAL C 1119 -31.37 77.21 -1.60
N SER C 1120 -31.64 76.78 -0.36
CA SER C 1120 -32.63 75.74 -0.11
C SER C 1120 -33.23 75.99 1.27
N GLY C 1121 -34.40 76.63 1.28
CA GLY C 1121 -35.11 76.88 2.53
C GLY C 1121 -34.43 77.91 3.41
N ASN C 1122 -35.03 78.12 4.57
CA ASN C 1122 -34.51 79.05 5.55
C ASN C 1122 -33.56 78.35 6.53
N CYS C 1123 -32.77 79.15 7.22
CA CYS C 1123 -31.79 78.63 8.18
C CYS C 1123 -32.35 78.60 9.60
N ASP C 1124 -33.44 77.86 9.80
CA ASP C 1124 -34.04 77.73 11.12
C ASP C 1124 -34.02 76.27 11.58
N VAL C 1125 -33.92 75.34 10.64
CA VAL C 1125 -33.92 73.92 10.96
C VAL C 1125 -32.53 73.28 10.88
N VAL C 1126 -31.56 73.96 10.26
CA VAL C 1126 -30.22 73.41 10.13
C VAL C 1126 -29.45 73.64 11.43
N ILE C 1127 -28.81 72.59 11.94
CA ILE C 1127 -28.05 72.67 13.17
C ILE C 1127 -26.62 73.07 12.82
N GLY C 1128 -26.12 74.10 13.49
CA GLY C 1128 -24.80 74.63 13.22
C GLY C 1128 -24.74 75.79 12.26
N ILE C 1129 -25.87 76.46 12.02
CA ILE C 1129 -25.91 77.55 11.06
C ILE C 1129 -25.13 78.75 11.60
N VAL C 1130 -24.32 79.36 10.74
CA VAL C 1130 -23.57 80.55 11.10
C VAL C 1130 -23.95 81.67 10.14
N ASN C 1131 -23.98 82.92 10.56
CA ASN C 1131 -24.37 84.02 9.72
C ASN C 1131 -23.15 84.53 9.07
N ASN C 1132 -23.27 84.78 7.79
CA ASN C 1132 -22.20 85.29 6.95
C ASN C 1132 -22.83 85.85 5.68
N THR C 1133 -22.17 86.85 5.10
CA THR C 1133 -22.65 87.52 3.90
C THR C 1133 -22.16 86.79 2.65
N VAL C 1134 -23.02 86.71 1.65
CA VAL C 1134 -22.67 86.10 0.38
C VAL C 1134 -22.47 87.20 -0.65
N TYR C 1135 -21.70 86.90 -1.69
CA TYR C 1135 -21.40 87.85 -2.75
C TYR C 1135 -22.29 87.58 -3.95
N ASP C 1136 -22.69 88.65 -4.63
CA ASP C 1136 -23.52 88.58 -5.82
C ASP C 1136 -22.85 89.32 -6.95
N PRO C 1137 -22.30 88.63 -7.96
CA PRO C 1137 -21.65 89.34 -9.07
C PRO C 1137 -22.64 89.94 -10.05
N LEU C 1138 -23.64 90.63 -9.55
CA LEU C 1138 -24.64 91.31 -10.37
C LEU C 1138 -24.86 92.76 -9.95
N GLN C 1139 -24.83 93.04 -8.64
CA GLN C 1139 -25.08 94.41 -8.18
C GLN C 1139 -23.91 95.34 -8.49
N PRO C 1140 -22.64 94.97 -8.22
CA PRO C 1140 -21.54 95.88 -8.60
C PRO C 1140 -21.42 96.10 -10.10
N GLU C 1141 -21.94 95.19 -10.92
CA GLU C 1141 -21.89 95.34 -12.37
C GLU C 1141 -23.08 96.10 -12.92
N LEU C 1142 -24.21 96.10 -12.23
CA LEU C 1142 -25.40 96.81 -12.67
C LEU C 1142 -25.46 98.24 -12.17
N ASP C 1143 -24.33 98.79 -11.71
CA ASP C 1143 -24.27 100.16 -11.19
C ASP C 1143 -23.86 101.15 -12.27
N SER C 1144 -23.99 100.79 -13.54
CA SER C 1144 -23.62 101.67 -14.63
C SER C 1144 -24.86 102.36 -15.23
N GLU D 1 24.56 -48.77 25.39
CA GLU D 1 24.76 -49.48 26.65
C GLU D 1 23.43 -49.89 27.27
N VAL D 2 22.37 -49.17 26.92
CA VAL D 2 21.02 -49.42 27.41
C VAL D 2 20.10 -49.62 26.22
N GLN D 3 19.34 -50.71 26.25
CA GLN D 3 18.42 -51.05 25.16
C GLN D 3 17.03 -51.33 25.72
N LEU D 4 16.07 -51.51 24.80
CA LEU D 4 14.69 -51.79 25.14
C LEU D 4 14.17 -52.94 24.30
N VAL D 5 13.31 -53.76 24.90
CA VAL D 5 12.69 -54.90 24.23
C VAL D 5 11.19 -54.74 24.27
N GLU D 6 10.54 -54.88 23.13
CA GLU D 6 9.09 -54.78 23.00
C GLU D 6 8.54 -56.06 22.40
N SER D 7 7.22 -56.19 22.46
CA SER D 7 6.52 -57.36 21.93
C SER D 7 5.08 -56.93 21.65
N GLY D 8 4.27 -57.89 21.17
CA GLY D 8 2.89 -57.62 20.86
C GLY D 8 2.34 -58.49 19.75
N GLY D 9 1.36 -57.97 19.01
CA GLY D 9 0.74 -58.69 17.92
C GLY D 9 1.03 -58.06 16.57
N GLY D 10 0.35 -58.59 15.55
CA GLY D 10 0.51 -58.10 14.20
C GLY D 10 -0.79 -57.84 13.48
N LEU D 11 -1.90 -58.29 14.07
CA LEU D 11 -3.22 -58.12 13.47
C LEU D 11 -4.27 -58.20 14.56
N VAL D 12 -5.14 -57.20 14.62
CA VAL D 12 -6.18 -57.12 15.64
C VAL D 12 -7.53 -56.92 14.95
N GLN D 13 -8.54 -57.65 15.40
CA GLN D 13 -9.88 -57.48 14.87
C GLN D 13 -10.44 -56.12 15.31
N PRO D 14 -11.14 -55.41 14.42
CA PRO D 14 -11.70 -54.10 14.80
C PRO D 14 -12.87 -54.24 15.76
N GLY D 15 -12.56 -54.42 17.04
CA GLY D 15 -13.57 -54.63 18.05
C GLY D 15 -13.13 -55.63 19.11
N GLY D 16 -11.94 -56.19 18.93
CA GLY D 16 -11.38 -57.14 19.88
C GLY D 16 -10.40 -56.50 20.83
N SER D 17 -9.32 -57.22 21.12
CA SER D 17 -8.29 -56.74 22.03
C SER D 17 -6.96 -57.38 21.65
N LEU D 18 -5.90 -56.90 22.29
CA LEU D 18 -4.56 -57.42 22.06
C LEU D 18 -3.74 -57.26 23.33
N ARG D 19 -2.83 -58.20 23.56
CA ARG D 19 -1.96 -58.18 24.72
C ARG D 19 -0.63 -57.55 24.32
N LEU D 20 -0.35 -56.37 24.87
CA LEU D 20 0.90 -55.67 24.64
C LEU D 20 1.73 -55.70 25.91
N SER D 21 2.97 -56.18 25.81
CA SER D 21 3.84 -56.35 26.98
C SER D 21 5.23 -55.80 26.62
N CYS D 22 5.54 -54.63 27.15
CA CYS D 22 6.88 -54.06 27.00
C CYS D 22 7.78 -54.57 28.12
N ALA D 23 8.86 -55.26 27.74
CA ALA D 23 9.75 -55.91 28.68
C ALA D 23 11.07 -55.14 28.75
N ALA D 24 11.21 -54.31 29.77
CA ALA D 24 12.45 -53.58 29.99
C ALA D 24 13.43 -54.43 30.78
N SER D 25 14.69 -54.01 30.78
CA SER D 25 15.75 -54.73 31.47
C SER D 25 16.83 -53.76 31.91
N ASP D 26 17.22 -53.86 33.18
CA ASP D 26 18.27 -53.03 33.77
C ASP D 26 17.92 -51.54 33.66
N PHE D 27 16.83 -51.18 34.34
CA PHE D 27 16.36 -49.80 34.38
C PHE D 27 16.11 -49.39 35.83
N TYR D 28 16.08 -48.08 36.05
CA TYR D 28 15.71 -47.50 37.33
C TYR D 28 14.22 -47.15 37.30
N PHE D 29 13.42 -48.19 37.06
CA PHE D 29 11.99 -48.04 36.82
C PHE D 29 11.21 -47.64 38.07
N ASP D 30 11.88 -47.38 39.19
CA ASP D 30 11.18 -46.98 40.41
C ASP D 30 10.81 -45.50 40.38
N TYR D 31 11.71 -44.66 39.83
CA TYR D 31 11.45 -43.23 39.73
C TYR D 31 11.51 -42.73 38.29
N TYR D 32 11.57 -43.63 37.32
CA TYR D 32 11.57 -43.26 35.91
C TYR D 32 10.13 -43.21 35.39
N GLU D 33 9.99 -42.78 34.14
CA GLU D 33 8.69 -42.63 33.50
C GLU D 33 8.65 -43.44 32.22
N MET D 34 7.68 -44.35 32.12
CA MET D 34 7.52 -45.20 30.94
C MET D 34 6.10 -45.10 30.45
N SER D 35 5.93 -45.03 29.14
CA SER D 35 4.62 -44.86 28.51
C SER D 35 4.73 -45.34 27.07
N TRP D 36 3.68 -45.07 26.28
CA TRP D 36 3.62 -45.47 24.88
C TRP D 36 3.42 -44.24 24.00
N VAL D 37 4.09 -44.25 22.86
CA VAL D 37 3.98 -43.19 21.87
C VAL D 37 3.60 -43.81 20.54
N ARG D 38 2.44 -43.42 20.00
CA ARG D 38 1.92 -44.01 18.78
C ARG D 38 2.47 -43.30 17.55
N GLN D 39 2.59 -44.04 16.46
CA GLN D 39 3.11 -43.53 15.18
C GLN D 39 2.16 -43.97 14.08
N ALA D 40 1.20 -43.12 13.75
CA ALA D 40 0.25 -43.45 12.70
C ALA D 40 0.90 -43.25 11.33
N PRO D 41 0.67 -44.17 10.39
CA PRO D 41 1.24 -44.00 9.04
C PRO D 41 0.66 -42.79 8.33
N GLY D 42 1.54 -41.92 7.86
CA GLY D 42 1.16 -40.73 7.15
C GLY D 42 1.39 -39.43 7.90
N GLN D 43 1.57 -39.49 9.22
CA GLN D 43 1.80 -38.31 10.03
C GLN D 43 2.87 -38.61 11.07
N GLY D 44 3.12 -37.63 11.93
CA GLY D 44 4.16 -37.77 12.94
C GLY D 44 3.79 -38.67 14.10
N LEU D 45 4.36 -38.39 15.27
CA LEU D 45 4.09 -39.18 16.46
C LEU D 45 3.05 -38.50 17.34
N GLU D 46 2.37 -39.30 18.16
CA GLU D 46 1.35 -38.79 19.06
C GLU D 46 1.49 -39.44 20.43
N TRP D 47 1.16 -38.67 21.46
CA TRP D 47 1.22 -39.16 22.83
C TRP D 47 -0.04 -39.93 23.18
N VAL D 48 0.13 -41.04 23.90
CA VAL D 48 -1.00 -41.92 24.22
C VAL D 48 -1.39 -41.76 25.69
N SER D 49 -0.47 -42.08 26.60
CA SER D 49 -0.74 -42.03 28.02
C SER D 49 0.55 -41.76 28.78
N THR D 50 0.46 -41.78 30.11
CA THR D 50 1.60 -41.57 30.98
C THR D 50 1.40 -42.38 32.25
N ILE D 51 2.44 -43.08 32.68
CA ILE D 51 2.41 -43.93 33.86
C ILE D 51 3.51 -43.50 34.82
N SER D 52 3.11 -42.83 35.89
CA SER D 52 4.05 -42.35 36.90
C SER D 52 4.49 -43.51 37.79
N GLY D 53 5.79 -43.52 38.09
CA GLY D 53 6.36 -44.58 38.92
C GLY D 53 6.55 -44.15 40.35
N LEU D 54 6.32 -42.87 40.64
CA LEU D 54 6.45 -42.34 41.98
C LEU D 54 5.33 -42.81 42.91
N GLY D 55 4.08 -42.49 42.55
CA GLY D 55 2.95 -42.90 43.35
C GLY D 55 2.12 -43.98 42.69
N GLY D 56 2.07 -43.96 41.35
CA GLY D 56 1.32 -44.94 40.60
C GLY D 56 0.13 -44.41 39.83
N ALA D 57 0.00 -43.09 39.68
CA ALA D 57 -1.12 -42.52 38.94
C ALA D 57 -0.89 -42.63 37.45
N THR D 58 -1.95 -42.96 36.72
CA THR D 58 -1.90 -43.11 35.27
C THR D 58 -2.82 -42.09 34.61
N TYR D 59 -2.26 -41.33 33.68
CA TYR D 59 -3.00 -40.31 32.95
C TYR D 59 -3.19 -40.75 31.50
N TYR D 60 -4.33 -40.42 30.93
CA TYR D 60 -4.67 -40.75 29.55
C TYR D 60 -4.76 -39.48 28.71
N ALA D 61 -5.01 -39.67 27.41
CA ALA D 61 -5.17 -38.55 26.50
C ALA D 61 -6.65 -38.17 26.42
N ASP D 62 -7.00 -37.31 25.46
CA ASP D 62 -8.37 -36.82 25.37
C ASP D 62 -9.32 -37.88 24.80
N SER D 63 -8.86 -38.65 23.81
CA SER D 63 -9.72 -39.59 23.12
C SER D 63 -9.54 -41.04 23.59
N VAL D 64 -8.70 -41.28 24.61
CA VAL D 64 -8.45 -42.64 25.07
C VAL D 64 -8.74 -42.73 26.57
N LYS D 65 -9.65 -41.89 27.06
CA LYS D 65 -9.95 -41.88 28.49
C LYS D 65 -10.56 -43.20 28.94
N GLY D 66 -11.61 -43.65 28.27
CA GLY D 66 -12.32 -44.84 28.69
C GLY D 66 -12.20 -46.03 27.75
N ARG D 67 -11.02 -46.20 27.15
CA ARG D 67 -10.79 -47.34 26.26
C ARG D 67 -9.45 -48.01 26.46
N PHE D 68 -8.59 -47.49 27.32
CA PHE D 68 -7.27 -48.06 27.58
C PHE D 68 -7.07 -48.28 29.07
N THR D 69 -6.13 -49.19 29.38
CA THR D 69 -5.76 -49.46 30.76
C THR D 69 -4.34 -50.00 30.77
N ILE D 70 -3.59 -49.66 31.83
CA ILE D 70 -2.19 -50.02 31.95
C ILE D 70 -1.97 -50.68 33.31
N SER D 71 -1.23 -51.78 33.31
CA SER D 71 -0.87 -52.48 34.55
C SER D 71 0.64 -52.55 34.64
N ARG D 72 1.20 -51.91 35.67
CA ARG D 72 2.64 -51.89 35.88
C ARG D 72 3.03 -52.91 36.94
N ASP D 73 4.00 -53.76 36.60
CA ASP D 73 4.51 -54.78 37.49
C ASP D 73 5.99 -54.51 37.77
N ASN D 74 6.38 -54.66 39.03
CA ASN D 74 7.76 -54.41 39.47
C ASN D 74 8.47 -55.69 39.90
N SER D 75 7.83 -56.85 39.74
CA SER D 75 8.48 -58.11 40.12
C SER D 75 9.42 -58.58 39.03
N LYS D 76 9.02 -58.47 37.76
CA LYS D 76 9.87 -58.86 36.65
C LYS D 76 10.05 -57.74 35.64
N ASN D 77 9.70 -56.50 35.98
CA ASN D 77 9.91 -55.32 35.12
C ASN D 77 9.20 -55.49 33.78
N THR D 78 7.88 -55.57 33.84
CA THR D 78 7.04 -55.70 32.65
C THR D 78 5.80 -54.86 32.81
N LEU D 79 5.29 -54.34 31.68
CA LEU D 79 4.08 -53.55 31.65
C LEU D 79 3.06 -54.20 30.73
N TYR D 80 1.79 -54.15 31.11
CA TYR D 80 0.70 -54.74 30.34
C TYR D 80 -0.22 -53.62 29.86
N LEU D 81 -0.55 -53.65 28.57
CA LEU D 81 -1.43 -52.66 27.96
C LEU D 81 -2.61 -53.40 27.33
N GLN D 82 -3.72 -53.48 28.05
CA GLN D 82 -4.93 -54.16 27.58
C GLN D 82 -5.77 -53.16 26.80
N MET D 83 -5.60 -53.14 25.49
CA MET D 83 -6.33 -52.21 24.64
C MET D 83 -7.72 -52.77 24.32
N ASN D 84 -8.75 -52.00 24.69
CA ASN D 84 -10.13 -52.39 24.47
C ASN D 84 -10.84 -51.34 23.62
N SER D 85 -11.99 -51.72 23.08
CA SER D 85 -12.81 -50.84 22.24
C SER D 85 -12.00 -50.30 21.06
N LEU D 86 -11.52 -51.22 20.24
CA LEU D 86 -10.67 -50.89 19.11
C LEU D 86 -11.49 -50.82 17.82
N ARG D 87 -11.11 -49.90 16.95
CA ARG D 87 -11.76 -49.69 15.66
C ARG D 87 -10.71 -49.46 14.58
N ALA D 88 -11.18 -49.11 13.38
CA ALA D 88 -10.29 -48.98 12.22
C ALA D 88 -9.44 -47.72 12.25
N GLU D 89 -9.67 -46.81 13.21
CA GLU D 89 -8.93 -45.56 13.29
C GLU D 89 -7.78 -45.62 14.30
N ASP D 90 -7.36 -46.82 14.69
CA ASP D 90 -6.28 -47.01 15.65
C ASP D 90 -5.01 -47.55 15.00
N THR D 91 -4.86 -47.38 13.68
CA THR D 91 -3.68 -47.86 12.98
C THR D 91 -2.49 -46.97 13.31
N ALA D 92 -1.55 -47.48 14.10
CA ALA D 92 -0.37 -46.72 14.48
C ALA D 92 0.71 -47.68 14.94
N LEU D 93 1.95 -47.20 14.92
CA LEU D 93 3.12 -47.96 15.36
C LEU D 93 3.42 -47.53 16.79
N TYR D 94 3.33 -48.48 17.73
CA TYR D 94 3.53 -48.16 19.13
C TYR D 94 5.00 -48.27 19.52
N TYR D 95 5.46 -47.31 20.31
CA TYR D 95 6.82 -47.27 20.81
C TYR D 95 6.82 -47.18 22.32
N CYS D 96 7.58 -48.06 22.96
CA CYS D 96 7.72 -48.11 24.41
C CYS D 96 8.98 -47.33 24.79
N ALA D 97 8.78 -46.15 25.37
CA ALA D 97 9.87 -45.26 25.71
C ALA D 97 10.09 -45.21 27.22
N THR D 98 11.22 -44.63 27.62
CA THR D 98 11.57 -44.49 29.03
C THR D 98 12.39 -43.23 29.20
N ARG D 99 12.00 -42.41 30.17
CA ARG D 99 12.67 -41.13 30.44
C ARG D 99 12.79 -40.93 31.95
N SER D 100 13.45 -39.84 32.33
CA SER D 100 13.59 -39.46 33.72
C SER D 100 12.73 -38.23 34.00
N PRO D 101 11.76 -38.31 34.90
CA PRO D 101 10.95 -37.11 35.21
C PRO D 101 11.77 -35.95 35.73
N PHE D 102 12.89 -36.22 36.39
CA PHE D 102 13.77 -35.17 36.89
C PHE D 102 14.84 -34.80 35.86
N GLY D 103 14.40 -34.47 34.65
CA GLY D 103 15.30 -34.12 33.56
C GLY D 103 14.66 -33.13 32.62
N ASP D 104 14.86 -33.34 31.32
CA ASP D 104 14.31 -32.46 30.31
C ASP D 104 12.88 -32.89 29.98
N TYR D 105 12.29 -32.30 28.93
CA TYR D 105 10.94 -32.61 28.54
C TYR D 105 10.84 -33.80 27.58
N ALA D 106 11.87 -34.01 26.77
CA ALA D 106 11.88 -35.10 25.80
C ALA D 106 12.38 -36.38 26.45
N PHE D 107 11.99 -37.52 25.87
CA PHE D 107 12.42 -38.81 26.39
C PHE D 107 13.91 -38.99 26.17
N SER D 108 14.52 -39.89 26.96
CA SER D 108 15.94 -40.17 26.83
C SER D 108 16.22 -41.02 25.60
N TYR D 109 15.57 -42.18 25.52
CA TYR D 109 15.75 -43.08 24.39
C TYR D 109 14.51 -43.96 24.26
N TRP D 110 14.21 -44.37 23.03
CA TRP D 110 13.03 -45.16 22.72
C TRP D 110 13.45 -46.61 22.43
N GLY D 111 12.47 -47.43 22.04
CA GLY D 111 12.71 -48.81 21.69
C GLY D 111 12.71 -49.04 20.18
N GLN D 112 12.39 -50.27 19.81
CA GLN D 112 12.36 -50.65 18.39
C GLN D 112 10.97 -50.50 17.77
N GLY D 113 9.91 -50.69 18.54
CA GLY D 113 8.56 -50.46 18.03
C GLY D 113 7.78 -51.71 17.71
N THR D 114 6.46 -51.59 17.68
CA THR D 114 5.58 -52.71 17.33
C THR D 114 4.47 -52.21 16.43
N LEU D 115 4.10 -53.03 15.45
CA LEU D 115 3.10 -52.67 14.45
C LEU D 115 1.84 -53.49 14.66
N VAL D 116 0.70 -52.81 14.64
CA VAL D 116 -0.61 -53.44 14.78
C VAL D 116 -1.49 -53.00 13.64
N THR D 117 -2.43 -53.86 13.24
CA THR D 117 -3.33 -53.59 12.13
C THR D 117 -4.77 -53.75 12.60
N VAL D 118 -5.58 -52.73 12.34
CA VAL D 118 -7.00 -52.74 12.69
C VAL D 118 -7.77 -52.18 11.50
N SER D 119 -8.52 -53.04 10.82
CA SER D 119 -9.31 -52.63 9.66
C SER D 119 -10.51 -53.53 9.46
N GLU E 1 -14.92 -58.37 -34.92
CA GLU E 1 -13.81 -58.25 -35.86
C GLU E 1 -12.51 -58.74 -35.23
N VAL E 2 -12.40 -58.57 -33.91
CA VAL E 2 -11.22 -58.99 -33.17
C VAL E 2 -11.53 -60.37 -32.58
N GLN E 3 -10.92 -61.40 -33.16
CA GLN E 3 -11.11 -62.79 -32.75
C GLN E 3 -9.78 -63.49 -32.56
N LEU E 4 -8.90 -62.87 -31.79
CA LEU E 4 -7.59 -63.44 -31.49
C LEU E 4 -7.71 -64.84 -30.91
N VAL E 5 -7.21 -65.83 -31.64
CA VAL E 5 -7.32 -67.23 -31.24
C VAL E 5 -5.96 -67.70 -30.74
N GLU E 6 -5.94 -68.24 -29.52
CA GLU E 6 -4.72 -68.71 -28.88
C GLU E 6 -4.52 -70.19 -29.16
N SER E 7 -3.27 -70.59 -29.33
CA SER E 7 -2.92 -71.98 -29.58
C SER E 7 -1.59 -72.29 -28.91
N GLY E 8 -1.39 -73.58 -28.61
CA GLY E 8 -0.20 -74.07 -27.96
C GLY E 8 -0.44 -74.65 -26.58
N GLY E 9 -1.54 -74.27 -25.93
CA GLY E 9 -1.84 -74.73 -24.59
C GLY E 9 -2.04 -76.22 -24.48
N GLY E 10 -1.38 -76.84 -23.50
CA GLY E 10 -1.50 -78.27 -23.28
C GLY E 10 -0.88 -78.72 -21.97
N LEU E 11 -0.41 -79.97 -21.92
CA LEU E 11 0.21 -80.54 -20.74
C LEU E 11 1.69 -80.72 -21.01
N VAL E 12 2.53 -80.01 -20.25
CA VAL E 12 3.97 -80.07 -20.39
C VAL E 12 4.58 -80.37 -19.03
N GLN E 13 5.52 -81.31 -19.00
CA GLN E 13 6.21 -81.68 -17.77
C GLN E 13 7.11 -80.53 -17.30
N PRO E 14 7.39 -80.45 -16.00
CA PRO E 14 8.28 -79.39 -15.50
C PRO E 14 9.65 -79.47 -16.13
N GLY E 15 10.04 -78.39 -16.80
CA GLY E 15 11.32 -78.30 -17.48
C GLY E 15 11.21 -78.05 -18.98
N GLY E 16 10.06 -78.31 -19.59
CA GLY E 16 9.90 -78.12 -21.00
C GLY E 16 9.74 -76.66 -21.40
N SER E 17 9.71 -76.45 -22.71
CA SER E 17 9.56 -75.12 -23.30
C SER E 17 8.24 -75.06 -24.05
N LEU E 18 7.29 -74.27 -23.54
CA LEU E 18 5.97 -74.15 -24.13
C LEU E 18 5.96 -72.93 -25.05
N ARG E 19 5.43 -73.11 -26.26
CA ARG E 19 5.42 -72.05 -27.27
C ARG E 19 3.97 -71.70 -27.61
N LEU E 20 3.46 -70.64 -26.99
CA LEU E 20 2.10 -70.18 -27.25
C LEU E 20 2.10 -69.17 -28.40
N SER E 21 0.96 -69.07 -29.07
CA SER E 21 0.83 -68.12 -30.19
C SER E 21 -0.62 -67.70 -30.31
N CYS E 22 -0.86 -66.39 -30.36
CA CYS E 22 -2.21 -65.85 -30.56
C CYS E 22 -2.30 -65.32 -31.99
N ALA E 23 -2.97 -66.08 -32.85
CA ALA E 23 -3.23 -65.65 -34.22
C ALA E 23 -4.29 -64.55 -34.20
N ALA E 24 -3.98 -63.41 -34.82
CA ALA E 24 -4.86 -62.26 -34.83
C ALA E 24 -5.70 -62.24 -36.11
N SER E 25 -6.60 -61.26 -36.18
CA SER E 25 -7.40 -61.07 -37.37
C SER E 25 -6.61 -60.32 -38.44
N ASP E 26 -7.00 -60.53 -39.69
CA ASP E 26 -6.34 -59.89 -40.83
C ASP E 26 -6.74 -58.41 -40.86
N SER E 27 -6.02 -57.59 -40.11
CA SER E 27 -6.30 -56.16 -40.02
C SER E 27 -5.02 -55.46 -39.59
N SER E 28 -5.14 -54.17 -39.28
CA SER E 28 -4.00 -53.35 -38.86
C SER E 28 -3.79 -53.40 -37.35
N PHE E 29 -3.66 -54.61 -36.80
CA PHE E 29 -3.40 -54.74 -35.37
C PHE E 29 -1.97 -54.38 -35.00
N TYR E 30 -1.09 -54.21 -35.98
CA TYR E 30 0.28 -53.80 -35.72
C TYR E 30 0.30 -52.31 -35.37
N ASP E 31 1.49 -51.77 -35.17
CA ASP E 31 1.72 -50.38 -34.75
C ASP E 31 1.08 -50.06 -33.41
N TYR E 32 0.66 -51.07 -32.65
CA TYR E 32 0.06 -50.89 -31.35
C TYR E 32 0.70 -51.85 -30.35
N GLU E 33 0.27 -51.75 -29.10
CA GLU E 33 0.80 -52.61 -28.05
C GLU E 33 0.22 -54.02 -28.18
N MET E 34 0.98 -54.98 -27.66
CA MET E 34 0.55 -56.37 -27.59
C MET E 34 1.14 -56.98 -26.33
N SER E 35 0.28 -57.56 -25.50
CA SER E 35 0.68 -57.98 -24.17
C SER E 35 0.12 -59.37 -23.86
N TRP E 36 0.82 -60.08 -22.97
CA TRP E 36 0.39 -61.37 -22.47
C TRP E 36 0.08 -61.25 -20.98
N VAL E 37 -0.83 -62.09 -20.50
CA VAL E 37 -1.27 -62.01 -19.11
C VAL E 37 -1.78 -63.38 -18.68
N ARG E 38 -1.37 -63.81 -17.50
CA ARG E 38 -1.82 -65.07 -16.93
C ARG E 38 -3.01 -64.82 -16.00
N GLN E 39 -3.84 -65.85 -15.85
CA GLN E 39 -5.11 -65.75 -15.12
C GLN E 39 -5.26 -66.93 -14.16
N VAL E 40 -4.26 -67.15 -13.31
CA VAL E 40 -4.30 -68.16 -12.27
C VAL E 40 -5.62 -68.04 -11.51
N PRO E 41 -6.37 -69.13 -11.36
CA PRO E 41 -7.70 -69.03 -10.73
C PRO E 41 -7.60 -68.62 -9.27
N GLY E 42 -8.31 -67.56 -8.92
CA GLY E 42 -8.33 -67.05 -7.57
C GLY E 42 -7.37 -65.90 -7.29
N LYS E 43 -6.99 -65.12 -8.29
CA LYS E 43 -6.07 -64.02 -8.08
C LYS E 43 -6.23 -63.01 -9.21
N THR E 44 -5.66 -61.83 -8.99
CA THR E 44 -5.72 -60.77 -9.98
C THR E 44 -4.83 -61.10 -11.17
N PRO E 45 -5.19 -60.62 -12.37
CA PRO E 45 -4.35 -60.87 -13.55
C PRO E 45 -2.93 -60.34 -13.36
N GLU E 46 -1.97 -61.04 -13.96
CA GLU E 46 -0.56 -60.72 -13.84
C GLU E 46 0.05 -60.55 -15.22
N TRP E 47 0.73 -59.42 -15.43
CA TRP E 47 1.35 -59.13 -16.71
C TRP E 47 2.54 -60.06 -16.95
N ILE E 48 2.67 -60.52 -18.19
CA ILE E 48 3.75 -61.43 -18.58
C ILE E 48 4.79 -60.73 -19.45
N GLY E 49 4.38 -60.20 -20.60
CA GLY E 49 5.31 -59.55 -21.50
C GLY E 49 4.63 -58.65 -22.50
N SER E 50 5.39 -57.68 -23.04
CA SER E 50 4.87 -56.73 -24.00
C SER E 50 5.53 -56.91 -25.37
N MET E 51 4.88 -56.36 -26.39
CA MET E 51 5.30 -56.46 -27.78
C MET E 51 5.20 -55.11 -28.46
N TYR E 52 5.80 -54.09 -27.84
CA TYR E 52 5.83 -52.70 -28.31
C TYR E 52 6.11 -52.62 -29.81
N PRO E 53 5.47 -51.68 -30.52
CA PRO E 53 5.61 -51.65 -31.98
C PRO E 53 7.03 -51.41 -32.47
N SER E 54 7.86 -50.72 -31.69
CA SER E 54 9.22 -50.46 -32.13
C SER E 54 10.03 -51.75 -32.24
N GLY E 55 9.71 -52.74 -31.39
CA GLY E 55 10.42 -54.00 -31.42
C GLY E 55 10.98 -54.38 -30.08
N ARG E 56 11.20 -53.39 -29.22
CA ARG E 56 11.74 -53.64 -27.88
C ARG E 56 10.67 -54.30 -27.02
N THR E 57 10.94 -55.53 -26.58
CA THR E 57 10.02 -56.29 -25.75
C THR E 57 10.48 -56.22 -24.31
N TYR E 58 9.60 -55.75 -23.42
CA TYR E 58 9.89 -55.68 -22.00
C TYR E 58 9.25 -56.86 -21.28
N ILE E 59 10.01 -57.49 -20.40
CA ILE E 59 9.55 -58.69 -19.69
C ILE E 59 9.35 -58.32 -18.23
N ASN E 60 8.43 -59.03 -17.59
CA ASN E 60 8.16 -58.83 -16.17
C ASN E 60 9.43 -59.10 -15.37
N PRO E 61 9.82 -58.21 -14.45
CA PRO E 61 11.05 -58.44 -13.67
C PRO E 61 11.00 -59.71 -12.84
N SER E 62 9.83 -60.15 -12.39
CA SER E 62 9.73 -61.37 -11.61
C SER E 62 10.04 -62.59 -12.47
N LEU E 63 9.45 -62.66 -13.66
CA LEU E 63 9.69 -63.76 -14.59
C LEU E 63 10.82 -63.44 -15.56
N LYS E 64 11.97 -63.07 -15.02
CA LYS E 64 13.14 -62.73 -15.81
C LYS E 64 13.96 -63.98 -16.12
N SER E 65 14.52 -64.02 -17.33
CA SER E 65 15.31 -65.14 -17.83
C SER E 65 14.53 -66.45 -17.85
N LEU E 66 13.20 -66.37 -17.87
CA LEU E 66 12.35 -67.55 -17.93
C LEU E 66 11.42 -67.58 -19.13
N VAL E 67 10.89 -66.43 -19.55
CA VAL E 67 10.00 -66.35 -20.69
C VAL E 67 10.55 -65.31 -21.67
N THR E 68 10.12 -65.43 -22.92
CA THR E 68 10.54 -64.50 -23.96
C THR E 68 9.40 -64.34 -24.97
N ILE E 69 9.39 -63.18 -25.62
CA ILE E 69 8.38 -62.84 -26.62
C ILE E 69 9.09 -62.58 -27.94
N SER E 70 8.67 -63.28 -28.99
CA SER E 70 9.30 -63.17 -30.29
C SER E 70 8.23 -62.91 -31.35
N ARG E 71 8.58 -62.06 -32.31
CA ARG E 71 7.69 -61.73 -33.42
C ARG E 71 8.40 -61.69 -34.76
N ASP E 72 9.43 -62.52 -34.99
CA ASP E 72 10.22 -62.47 -36.21
C ASP E 72 9.51 -63.26 -37.30
N ASN E 73 8.24 -62.89 -37.53
CA ASN E 73 7.47 -63.40 -38.65
C ASN E 73 6.81 -62.31 -39.47
N SER E 74 6.38 -61.21 -38.84
CA SER E 74 5.95 -59.96 -39.48
C SER E 74 4.65 -60.09 -40.27
N GLU E 75 4.05 -61.27 -40.35
CA GLU E 75 2.82 -61.42 -41.16
C GLU E 75 1.58 -61.26 -40.30
N ASN E 76 1.33 -62.20 -39.39
CA ASN E 76 0.20 -62.07 -38.49
C ASN E 76 0.42 -62.65 -37.10
N MET E 77 1.59 -63.17 -36.78
CA MET E 77 1.76 -64.02 -35.62
C MET E 77 2.56 -63.35 -34.52
N LEU E 78 2.36 -63.84 -33.29
CA LEU E 78 3.13 -63.43 -32.12
C LEU E 78 3.38 -64.67 -31.28
N TYR E 79 4.63 -64.89 -30.87
CA TYR E 79 5.02 -66.10 -30.19
C TYR E 79 5.54 -65.78 -28.79
N LEU E 80 5.18 -66.64 -27.84
CA LEU E 80 5.62 -66.54 -26.45
C LEU E 80 6.25 -67.87 -26.06
N GLN E 81 7.55 -67.87 -25.82
CA GLN E 81 8.29 -69.08 -25.48
C GLN E 81 8.64 -69.03 -23.99
N MET E 82 8.08 -69.96 -23.23
CA MET E 82 8.33 -70.03 -21.80
C MET E 82 9.14 -71.30 -21.49
N ASN E 83 10.30 -71.11 -20.86
CA ASN E 83 11.20 -72.20 -20.53
C ASN E 83 11.26 -72.42 -19.02
N SER E 84 11.67 -73.63 -18.65
CA SER E 84 11.79 -74.04 -17.24
C SER E 84 10.48 -73.82 -16.50
N LEU E 85 9.45 -74.57 -16.93
CA LEU E 85 8.14 -74.45 -16.33
C LEU E 85 8.15 -74.95 -14.89
N ARG E 86 7.38 -74.28 -14.03
CA ARG E 86 7.30 -74.61 -12.62
C ARG E 86 5.86 -75.00 -12.27
N ALA E 87 5.63 -75.20 -10.97
CA ALA E 87 4.30 -75.66 -10.53
C ALA E 87 3.26 -74.55 -10.62
N GLU E 88 3.66 -73.31 -10.36
CA GLU E 88 2.73 -72.18 -10.35
C GLU E 88 2.37 -71.69 -11.75
N ASP E 89 2.79 -72.40 -12.80
CA ASP E 89 2.49 -72.00 -14.17
C ASP E 89 1.15 -72.51 -14.66
N THR E 90 0.38 -73.20 -13.83
CA THR E 90 -0.93 -73.71 -14.20
C THR E 90 -1.92 -72.55 -14.13
N ALA E 91 -2.22 -71.95 -15.29
CA ALA E 91 -3.07 -70.77 -15.33
C ALA E 91 -3.68 -70.64 -16.72
N MET E 92 -4.65 -69.73 -16.82
CA MET E 92 -5.28 -69.39 -18.10
C MET E 92 -4.52 -68.22 -18.70
N TYR E 93 -3.96 -68.42 -19.89
CA TYR E 93 -3.15 -67.41 -20.55
C TYR E 93 -3.97 -66.66 -21.59
N TYR E 94 -3.80 -65.34 -21.63
CA TYR E 94 -4.50 -64.47 -22.55
C TYR E 94 -3.52 -63.54 -23.23
N CYS E 95 -3.85 -63.16 -24.47
CA CYS E 95 -3.03 -62.30 -25.30
C CYS E 95 -3.90 -61.14 -25.76
N VAL E 96 -3.72 -59.98 -25.13
CA VAL E 96 -4.55 -58.81 -25.37
C VAL E 96 -3.76 -57.79 -26.16
N SER E 97 -4.48 -56.88 -26.82
CA SER E 97 -3.84 -55.84 -27.63
C SER E 97 -3.66 -54.54 -26.83
N ASN E 98 -4.77 -53.97 -26.35
CA ASN E 98 -4.74 -52.66 -25.70
C ASN E 98 -4.59 -52.86 -24.19
N TRP E 99 -3.34 -53.05 -23.77
CA TRP E 99 -3.03 -53.17 -22.35
C TRP E 99 -2.27 -51.92 -21.90
N ALA E 100 -2.21 -51.73 -20.58
CA ALA E 100 -1.57 -50.61 -19.89
C ALA E 100 -2.29 -49.30 -20.11
N SER E 101 -3.34 -49.27 -20.93
CA SER E 101 -4.14 -48.06 -21.13
C SER E 101 -5.63 -48.40 -21.31
N GLY E 102 -6.07 -49.53 -20.78
CA GLY E 102 -7.40 -50.02 -21.04
C GLY E 102 -8.41 -49.60 -19.99
N SER E 103 -9.18 -50.60 -19.53
CA SER E 103 -10.30 -50.47 -18.59
C SER E 103 -11.50 -49.81 -19.26
N THR E 104 -11.31 -49.27 -20.46
CA THR E 104 -12.43 -48.87 -21.30
C THR E 104 -12.16 -49.13 -22.78
N GLY E 105 -11.01 -49.67 -23.16
CA GLY E 105 -10.71 -49.94 -24.55
C GLY E 105 -9.88 -51.19 -24.75
N ASP E 106 -9.80 -52.03 -23.73
CA ASP E 106 -9.03 -53.27 -23.77
C ASP E 106 -9.90 -54.39 -24.32
N TYR E 107 -9.32 -55.17 -25.23
CA TYR E 107 -10.03 -56.26 -25.90
C TYR E 107 -9.39 -57.58 -25.48
N TRP E 108 -9.92 -58.17 -24.42
CA TRP E 108 -9.48 -59.49 -23.98
C TRP E 108 -10.01 -60.56 -24.93
N GLY E 109 -9.11 -61.22 -25.65
CA GLY E 109 -9.51 -62.24 -26.59
C GLY E 109 -9.82 -63.58 -25.95
N GLN E 110 -9.36 -64.66 -26.58
CA GLN E 110 -9.59 -66.00 -26.06
C GLN E 110 -8.48 -66.37 -25.08
N GLY E 111 -8.60 -67.53 -24.45
CA GLY E 111 -7.62 -67.97 -23.47
C GLY E 111 -7.60 -69.47 -23.27
N THR E 112 -6.42 -70.05 -23.13
CA THR E 112 -6.25 -71.48 -22.96
C THR E 112 -5.56 -71.78 -21.63
N LEU E 113 -5.77 -73.00 -21.16
CA LEU E 113 -5.18 -73.48 -19.91
C LEU E 113 -3.75 -73.97 -20.14
N VAL E 114 -2.91 -73.79 -19.13
CA VAL E 114 -1.54 -74.29 -19.13
C VAL E 114 -1.32 -74.98 -17.79
N THR E 115 -1.13 -76.29 -17.82
CA THR E 115 -0.89 -77.09 -16.63
C THR E 115 0.48 -77.73 -16.72
N VAL E 116 1.22 -77.69 -15.61
CA VAL E 116 2.58 -78.22 -15.54
C VAL E 116 2.59 -79.23 -14.40
N SER E 117 2.50 -80.51 -14.74
CA SER E 117 2.52 -81.57 -13.74
C SER E 117 3.10 -82.85 -14.32
N GLU F 1 -16.33 -50.95 56.93
CA GLU F 1 -15.69 -49.67 57.20
C GLU F 1 -14.86 -49.74 58.48
N VAL F 2 -13.87 -48.86 58.59
CA VAL F 2 -13.01 -48.80 59.77
C VAL F 2 -13.76 -48.03 60.87
N GLN F 3 -14.28 -48.76 61.85
CA GLN F 3 -15.04 -48.16 62.95
C GLN F 3 -14.61 -48.80 64.27
N LEU F 4 -13.30 -48.93 64.45
CA LEU F 4 -12.74 -49.50 65.68
C LEU F 4 -13.20 -48.70 66.90
N VAL F 5 -13.62 -49.41 67.94
CA VAL F 5 -14.20 -48.80 69.13
C VAL F 5 -13.37 -49.21 70.35
N GLU F 6 -13.20 -48.26 71.27
CA GLU F 6 -12.46 -48.50 72.51
C GLU F 6 -13.41 -48.82 73.65
N SER F 7 -12.94 -49.66 74.56
CA SER F 7 -13.72 -50.06 75.71
C SER F 7 -12.79 -50.57 76.80
N GLY F 8 -13.30 -50.59 78.03
CA GLY F 8 -12.55 -51.05 79.18
C GLY F 8 -12.16 -49.97 80.16
N GLY F 9 -12.38 -48.70 79.83
CA GLY F 9 -12.02 -47.62 80.73
C GLY F 9 -12.95 -47.52 81.92
N GLY F 10 -12.47 -46.83 82.94
CA GLY F 10 -13.28 -46.64 84.15
C GLY F 10 -12.44 -46.12 85.29
N LEU F 11 -12.86 -46.46 86.50
CA LEU F 11 -12.17 -46.06 87.72
C LEU F 11 -11.63 -47.29 88.44
N VAL F 12 -10.52 -47.09 89.14
CA VAL F 12 -9.86 -48.18 89.87
C VAL F 12 -8.92 -47.57 90.89
N GLN F 13 -8.78 -48.24 92.03
CA GLN F 13 -7.82 -47.82 93.03
C GLN F 13 -6.40 -48.02 92.48
N PRO F 14 -5.48 -47.08 92.72
CA PRO F 14 -4.14 -47.19 92.12
C PRO F 14 -3.30 -48.32 92.73
N GLY F 15 -3.84 -49.54 92.74
CA GLY F 15 -3.11 -50.69 93.21
C GLY F 15 -3.45 -51.95 92.44
N GLY F 16 -4.23 -51.81 91.37
CA GLY F 16 -4.69 -52.94 90.59
C GLY F 16 -4.20 -52.90 89.16
N SER F 17 -5.10 -53.28 88.25
CA SER F 17 -4.77 -53.35 86.83
C SER F 17 -6.04 -53.13 86.01
N LEU F 18 -5.87 -52.67 84.78
CA LEU F 18 -6.98 -52.41 83.86
C LEU F 18 -6.71 -53.11 82.54
N ARG F 19 -7.67 -53.92 82.09
CA ARG F 19 -7.56 -54.62 80.81
C ARG F 19 -8.32 -53.81 79.76
N LEU F 20 -7.59 -53.04 78.97
CA LEU F 20 -8.20 -52.22 77.94
C LEU F 20 -8.56 -53.07 76.73
N SER F 21 -9.30 -52.47 75.80
CA SER F 21 -9.74 -53.18 74.61
C SER F 21 -9.97 -52.18 73.48
N CYS F 22 -9.48 -52.52 72.29
CA CYS F 22 -9.65 -51.71 71.08
C CYS F 22 -10.15 -52.63 69.99
N ALA F 23 -11.47 -52.79 69.90
CA ALA F 23 -12.08 -53.71 68.94
C ALA F 23 -12.02 -53.09 67.55
N ALA F 24 -11.22 -53.69 66.67
CA ALA F 24 -11.12 -53.21 65.31
C ALA F 24 -12.09 -53.98 64.41
N SER F 25 -12.57 -53.31 63.36
CA SER F 25 -13.49 -53.94 62.42
C SER F 25 -12.78 -55.02 61.62
N ASP F 26 -13.57 -55.88 60.98
CA ASP F 26 -13.05 -56.98 60.18
C ASP F 26 -12.44 -56.42 58.90
N SER F 27 -11.12 -56.28 58.88
CA SER F 27 -10.39 -55.76 57.73
C SER F 27 -8.94 -56.21 57.87
N SER F 28 -8.08 -55.69 57.00
CA SER F 28 -6.65 -56.04 57.03
C SER F 28 -5.88 -55.03 57.89
N PHE F 29 -6.23 -55.00 59.17
CA PHE F 29 -5.59 -54.08 60.11
C PHE F 29 -4.36 -54.70 60.77
N TYR F 30 -4.38 -56.01 61.04
CA TYR F 30 -3.23 -56.66 61.65
C TYR F 30 -2.04 -56.77 60.70
N ASP F 31 -2.25 -56.59 59.40
CA ASP F 31 -1.13 -56.61 58.46
C ASP F 31 -0.30 -55.33 58.53
N TYR F 32 -0.79 -54.30 59.20
CA TYR F 32 -0.08 -53.05 59.36
C TYR F 32 0.27 -52.85 60.83
N GLU F 33 0.83 -51.68 61.15
CA GLU F 33 1.20 -51.37 62.53
C GLU F 33 -0.05 -51.14 63.38
N MET F 34 0.17 -50.96 64.68
CA MET F 34 -0.90 -50.65 65.63
C MET F 34 -0.30 -50.08 66.90
N SER F 35 -0.71 -48.88 67.30
CA SER F 35 -0.06 -48.20 68.42
C SER F 35 -1.13 -47.55 69.29
N TRP F 36 -0.71 -47.09 70.47
CA TRP F 36 -1.59 -46.40 71.40
C TRP F 36 -1.06 -44.99 71.64
N VAL F 37 -1.88 -44.17 72.30
CA VAL F 37 -1.50 -42.80 72.62
C VAL F 37 -2.35 -42.33 73.78
N ARG F 38 -1.74 -41.54 74.66
CA ARG F 38 -2.43 -40.92 75.78
C ARG F 38 -2.74 -39.46 75.47
N GLN F 39 -3.84 -38.97 76.04
CA GLN F 39 -4.37 -37.64 75.74
C GLN F 39 -4.70 -36.90 77.02
N VAL F 40 -3.74 -36.85 77.95
CA VAL F 40 -3.85 -36.08 79.19
C VAL F 40 -4.31 -34.65 78.87
N PRO F 41 -5.17 -34.06 79.69
CA PRO F 41 -5.71 -32.73 79.36
C PRO F 41 -4.65 -31.64 79.46
N GLY F 42 -4.35 -31.04 78.31
CA GLY F 42 -3.40 -29.95 78.24
C GLY F 42 -1.96 -30.35 78.06
N LYS F 43 -1.66 -31.32 77.21
CA LYS F 43 -0.29 -31.75 76.99
C LYS F 43 -0.20 -32.49 75.66
N THR F 44 0.97 -32.44 75.05
CA THR F 44 1.18 -33.06 73.74
C THR F 44 1.07 -34.58 73.84
N PRO F 45 0.59 -35.23 72.77
CA PRO F 45 0.48 -36.69 72.78
C PRO F 45 1.80 -37.41 73.00
N GLU F 46 1.75 -38.67 73.41
CA GLU F 46 2.94 -39.44 73.72
C GLU F 46 2.71 -40.89 73.34
N TRP F 47 3.78 -41.56 72.89
CA TRP F 47 3.71 -42.95 72.48
C TRP F 47 3.98 -43.87 73.67
N ILE F 48 3.26 -45.00 73.69
CA ILE F 48 3.39 -45.97 74.78
C ILE F 48 3.81 -47.32 74.22
N GLY F 49 2.99 -47.89 73.34
CA GLY F 49 3.28 -49.19 72.77
C GLY F 49 2.91 -49.22 71.30
N SER F 50 3.60 -50.09 70.56
CA SER F 50 3.39 -50.23 69.12
C SER F 50 3.49 -51.70 68.74
N MET F 51 2.39 -52.26 68.26
CA MET F 51 2.38 -53.64 67.77
C MET F 51 2.90 -53.68 66.34
N TYR F 52 3.59 -54.76 66.00
CA TYR F 52 4.10 -54.98 64.65
C TYR F 52 3.42 -56.18 64.02
N PRO F 53 3.29 -56.18 62.69
CA PRO F 53 2.66 -57.32 62.01
C PRO F 53 3.41 -58.64 62.20
N SER F 54 4.67 -58.59 62.63
CA SER F 54 5.43 -59.82 62.85
C SER F 54 4.86 -60.62 64.02
N GLY F 55 4.53 -59.95 65.12
CA GLY F 55 3.98 -60.61 66.27
C GLY F 55 4.49 -60.06 67.59
N ARG F 56 5.59 -59.31 67.53
CA ARG F 56 6.19 -58.70 68.70
C ARG F 56 5.70 -57.26 68.87
N THR F 57 5.81 -56.76 70.09
CA THR F 57 5.37 -55.42 70.43
C THR F 57 6.45 -54.69 71.20
N TYR F 58 6.67 -53.43 70.84
CA TYR F 58 7.66 -52.58 71.50
C TYR F 58 6.95 -51.58 72.40
N ILE F 59 7.38 -51.52 73.66
CA ILE F 59 6.80 -50.64 74.66
C ILE F 59 7.71 -49.44 74.83
N ASN F 60 7.15 -48.38 75.40
CA ASN F 60 7.91 -47.16 75.61
C ASN F 60 9.05 -47.42 76.59
N PRO F 61 10.30 -47.09 76.24
CA PRO F 61 11.40 -47.31 77.18
C PRO F 61 11.28 -46.48 78.45
N SER F 62 10.56 -45.36 78.42
CA SER F 62 10.37 -44.56 79.62
C SER F 62 9.52 -45.30 80.64
N LEU F 63 8.33 -45.74 80.24
CA LEU F 63 7.44 -46.50 81.10
C LEU F 63 7.65 -48.01 80.90
N LYS F 64 8.89 -48.44 81.13
CA LYS F 64 9.28 -49.83 80.94
C LYS F 64 8.95 -50.63 82.20
N SER F 65 8.75 -51.93 82.01
CA SER F 65 8.42 -52.90 83.06
C SER F 65 7.11 -52.61 83.75
N LEU F 66 6.30 -51.69 83.25
CA LEU F 66 5.02 -51.34 83.84
C LEU F 66 3.84 -51.57 82.90
N VAL F 67 4.06 -51.57 81.60
CA VAL F 67 2.99 -51.73 80.61
C VAL F 67 3.33 -52.93 79.74
N THR F 68 2.54 -53.99 79.85
CA THR F 68 2.65 -55.16 79.00
C THR F 68 1.45 -55.21 78.07
N ILE F 69 1.68 -55.65 76.84
CA ILE F 69 0.63 -55.66 75.82
C ILE F 69 0.81 -56.88 74.93
N SER F 70 -0.26 -57.66 74.79
CA SER F 70 -0.28 -58.82 73.89
C SER F 70 -1.67 -58.92 73.27
N ARG F 71 -1.78 -59.77 72.26
CA ARG F 71 -3.03 -59.97 71.55
C ARG F 71 -3.59 -61.39 71.76
N ASP F 72 -2.78 -62.41 71.51
CA ASP F 72 -3.10 -63.82 71.74
C ASP F 72 -4.51 -64.20 71.30
N ASN F 73 -4.99 -63.62 70.20
CA ASN F 73 -6.29 -63.98 69.66
C ASN F 73 -6.22 -64.14 68.15
N SER F 74 -5.36 -63.34 67.52
CA SER F 74 -4.99 -63.35 66.11
C SER F 74 -6.08 -62.77 65.19
N GLU F 75 -7.26 -62.43 65.70
CA GLU F 75 -8.24 -61.78 64.85
C GLU F 75 -8.20 -60.26 65.02
N ASN F 76 -8.56 -59.78 66.21
CA ASN F 76 -8.47 -58.36 66.55
C ASN F 76 -8.51 -58.16 68.06
N MET F 77 -7.36 -57.94 68.69
CA MET F 77 -7.32 -57.65 70.12
C MET F 77 -6.15 -56.74 70.43
N LEU F 78 -6.41 -55.79 71.34
CA LEU F 78 -5.43 -54.78 71.73
C LEU F 78 -5.44 -54.60 73.25
N TYR F 79 -5.25 -55.71 73.98
CA TYR F 79 -5.37 -55.74 75.44
C TYR F 79 -4.71 -54.53 76.12
N LEU F 80 -3.39 -54.38 75.94
CA LEU F 80 -2.62 -53.30 76.54
C LEU F 80 -2.81 -53.25 78.06
N GLN F 81 -2.35 -54.32 78.70
CA GLN F 81 -2.45 -54.41 80.15
C GLN F 81 -1.66 -53.27 80.82
N MET F 82 -2.21 -52.77 81.92
CA MET F 82 -1.72 -51.57 82.59
C MET F 82 -1.44 -51.85 84.07
N ASN F 83 -0.71 -52.94 84.34
CA ASN F 83 -0.38 -53.29 85.71
C ASN F 83 0.36 -52.14 86.39
N SER F 84 0.08 -51.97 87.69
CA SER F 84 0.75 -50.98 88.55
C SER F 84 0.56 -49.56 88.00
N LEU F 85 -0.70 -49.14 88.00
CA LEU F 85 -1.04 -47.80 87.56
C LEU F 85 -0.51 -46.76 88.55
N ARG F 86 -0.66 -45.50 88.18
CA ARG F 86 -0.22 -44.39 89.02
C ARG F 86 -1.23 -43.25 88.90
N ALA F 87 -1.07 -42.22 89.72
CA ALA F 87 -2.01 -41.11 89.71
C ALA F 87 -1.95 -40.35 88.38
N GLU F 88 -0.79 -40.35 87.73
CA GLU F 88 -0.64 -39.66 86.45
C GLU F 88 -1.20 -40.44 85.27
N ASP F 89 -1.82 -41.60 85.51
CA ASP F 89 -2.38 -42.41 84.44
C ASP F 89 -3.83 -42.05 84.12
N THR F 90 -4.40 -41.08 84.82
CA THR F 90 -5.75 -40.60 84.53
C THR F 90 -5.69 -39.80 83.24
N ALA F 91 -6.10 -40.43 82.14
CA ALA F 91 -5.98 -39.85 80.82
C ALA F 91 -7.09 -40.37 79.93
N MET F 92 -6.95 -40.16 78.62
CA MET F 92 -7.87 -40.68 77.63
C MET F 92 -7.06 -41.40 76.55
N TYR F 93 -7.14 -42.72 76.53
CA TYR F 93 -6.34 -43.54 75.64
C TYR F 93 -7.02 -43.70 74.30
N TYR F 94 -6.22 -43.59 73.22
CA TYR F 94 -6.67 -43.82 71.86
C TYR F 94 -5.78 -44.85 71.20
N CYS F 95 -6.37 -45.71 70.37
CA CYS F 95 -5.61 -46.69 69.59
C CYS F 95 -5.57 -46.23 68.15
N VAL F 96 -4.39 -45.86 67.68
CA VAL F 96 -4.17 -45.38 66.31
C VAL F 96 -3.61 -46.53 65.47
N SER F 97 -4.09 -46.64 64.23
CA SER F 97 -3.65 -47.72 63.37
C SER F 97 -2.19 -47.57 62.97
N ASN F 98 -1.86 -46.47 62.29
CA ASN F 98 -0.50 -46.24 61.79
C ASN F 98 0.04 -44.99 62.47
N TRP F 99 0.75 -45.16 63.58
CA TRP F 99 1.40 -44.05 64.27
C TRP F 99 2.84 -43.86 63.76
N ALA F 100 2.97 -43.83 62.44
CA ALA F 100 4.25 -43.57 61.78
C ALA F 100 4.15 -42.61 60.61
N SER F 101 2.97 -42.42 60.03
CA SER F 101 2.75 -41.54 58.90
C SER F 101 1.64 -40.54 59.23
N GLY F 102 1.78 -39.91 60.39
CA GLY F 102 0.77 -38.98 60.87
C GLY F 102 0.45 -37.80 59.98
N SER F 103 -0.72 -37.18 60.20
CA SER F 103 -1.16 -36.05 59.39
C SER F 103 -1.39 -36.40 57.92
N THR F 104 -1.35 -37.69 57.59
CA THR F 104 -1.55 -38.13 56.22
C THR F 104 -2.19 -39.51 56.20
N GLY F 105 -1.85 -40.35 57.16
CA GLY F 105 -2.38 -41.70 57.18
C GLY F 105 -2.77 -42.20 58.55
N ASP F 106 -3.08 -41.29 59.47
CA ASP F 106 -3.45 -41.64 60.83
C ASP F 106 -4.96 -41.57 61.00
N TYR F 107 -5.50 -42.54 61.75
CA TYR F 107 -6.93 -42.65 62.00
C TYR F 107 -7.15 -42.73 63.51
N TRP F 108 -7.57 -41.63 64.10
CA TRP F 108 -7.82 -41.57 65.54
C TRP F 108 -9.19 -42.17 65.88
N GLY F 109 -9.24 -42.89 66.99
CA GLY F 109 -10.48 -43.51 67.43
C GLY F 109 -11.25 -42.63 68.40
N GLN F 110 -12.17 -43.28 69.13
CA GLN F 110 -12.99 -42.58 70.10
C GLN F 110 -12.25 -42.38 71.42
N GLY F 111 -11.48 -43.39 71.84
CA GLY F 111 -10.70 -43.29 73.05
C GLY F 111 -11.52 -43.49 74.31
N THR F 112 -10.92 -44.10 75.34
CA THR F 112 -11.58 -44.33 76.62
C THR F 112 -10.89 -43.52 77.71
N LEU F 113 -11.71 -42.97 78.59
CA LEU F 113 -11.24 -42.14 79.71
C LEU F 113 -11.00 -43.02 80.92
N VAL F 114 -9.73 -43.13 81.33
CA VAL F 114 -9.33 -43.92 82.49
C VAL F 114 -8.98 -42.96 83.61
N THR F 115 -9.60 -43.17 84.77
CA THR F 115 -9.35 -42.37 85.96
C THR F 115 -8.73 -43.23 87.05
N VAL F 116 -7.57 -42.82 87.54
CA VAL F 116 -6.87 -43.59 88.55
C VAL F 116 -6.82 -42.81 89.86
N GLU G 1 59.91 -32.61 9.74
CA GLU G 1 60.83 -31.89 8.88
C GLU G 1 61.79 -32.86 8.21
N VAL G 2 61.46 -33.26 6.98
CA VAL G 2 62.30 -34.19 6.21
C VAL G 2 63.50 -33.40 5.69
N GLN G 3 64.68 -33.73 6.18
CA GLN G 3 65.91 -33.05 5.81
C GLN G 3 67.00 -34.08 5.51
N LEU G 4 66.66 -35.08 4.71
CA LEU G 4 67.61 -36.14 4.35
C LEU G 4 68.85 -35.56 3.70
N VAL G 5 70.01 -36.00 4.18
CA VAL G 5 71.29 -35.49 3.70
C VAL G 5 71.97 -36.57 2.86
N GLU G 6 73.02 -36.18 2.15
CA GLU G 6 73.78 -37.09 1.30
C GLU G 6 75.26 -37.00 1.64
N SER G 7 75.96 -38.12 1.46
CA SER G 7 77.39 -38.18 1.73
C SER G 7 77.99 -39.30 0.91
N GLY G 8 79.30 -39.19 0.68
CA GLY G 8 80.06 -40.18 -0.07
C GLY G 8 80.82 -39.62 -1.26
N GLY G 9 80.77 -38.32 -1.52
CA GLY G 9 81.48 -37.77 -2.66
C GLY G 9 82.96 -37.61 -2.40
N GLY G 10 83.71 -37.50 -3.50
CA GLY G 10 85.14 -37.32 -3.39
C GLY G 10 85.84 -37.60 -4.72
N LEU G 11 87.15 -37.78 -4.64
CA LEU G 11 87.98 -38.07 -5.81
C LEU G 11 88.48 -39.50 -5.74
N VAL G 12 88.50 -40.16 -6.90
CA VAL G 12 88.93 -41.55 -6.98
C VAL G 12 89.42 -41.81 -8.40
N GLN G 13 90.31 -42.80 -8.54
CA GLN G 13 90.75 -43.22 -9.85
C GLN G 13 89.66 -44.03 -10.55
N PRO G 14 89.67 -44.09 -11.88
CA PRO G 14 88.64 -44.86 -12.59
C PRO G 14 88.85 -46.36 -12.52
N GLY G 15 89.17 -46.87 -11.33
CA GLY G 15 89.33 -48.30 -11.14
C GLY G 15 88.86 -48.77 -9.78
N GLY G 16 88.22 -47.88 -9.02
CA GLY G 16 87.78 -48.17 -7.68
C GLY G 16 86.27 -48.27 -7.57
N SER G 17 85.77 -48.06 -6.36
CA SER G 17 84.35 -48.15 -6.07
C SER G 17 83.99 -47.12 -5.01
N LEU G 18 82.79 -46.58 -5.11
CA LEU G 18 82.29 -45.55 -4.19
C LEU G 18 81.04 -46.08 -3.48
N ARG G 19 80.97 -45.88 -2.17
CA ARG G 19 79.81 -46.28 -1.37
C ARG G 19 79.08 -45.02 -0.93
N LEU G 20 77.99 -44.70 -1.64
CA LEU G 20 77.22 -43.51 -1.33
C LEU G 20 76.36 -43.74 -0.08
N SER G 21 75.73 -42.66 0.38
CA SER G 21 74.91 -42.72 1.58
C SER G 21 73.87 -41.61 1.50
N CYS G 22 72.60 -41.96 1.67
CA CYS G 22 71.48 -41.02 1.66
C CYS G 22 70.77 -41.17 3.01
N ALA G 23 71.21 -40.37 3.99
CA ALA G 23 70.66 -40.47 5.34
C ALA G 23 69.32 -39.77 5.44
N ALA G 24 68.25 -40.53 5.59
CA ALA G 24 66.92 -39.94 5.70
C ALA G 24 66.52 -39.76 7.16
N SER G 25 65.70 -38.75 7.40
CA SER G 25 65.22 -38.49 8.76
C SER G 25 64.25 -39.57 9.21
N ASP G 26 64.10 -39.70 10.52
CA ASP G 26 63.21 -40.70 11.09
C ASP G 26 61.76 -40.27 10.86
N SER G 27 61.13 -40.84 9.85
CA SER G 27 59.75 -40.53 9.48
C SER G 27 59.24 -41.66 8.58
N SER G 28 58.03 -41.50 8.05
CA SER G 28 57.43 -42.50 7.19
C SER G 28 57.66 -42.13 5.72
N PHE G 29 58.93 -42.23 5.32
CA PHE G 29 59.34 -41.96 3.96
C PHE G 29 59.90 -43.18 3.25
N TYR G 30 60.11 -44.29 3.96
CA TYR G 30 60.61 -45.52 3.37
C TYR G 30 59.49 -46.47 2.97
N ASP G 31 58.26 -46.20 3.40
CA ASP G 31 57.11 -46.95 2.92
C ASP G 31 56.67 -46.51 1.53
N TYR G 32 57.14 -45.36 1.06
CA TYR G 32 56.89 -44.90 -0.30
C TYR G 32 58.09 -45.27 -1.18
N GLU G 33 58.10 -44.75 -2.40
CA GLU G 33 59.17 -45.03 -3.35
C GLU G 33 60.45 -44.30 -2.94
N MET G 34 61.57 -44.81 -3.44
CA MET G 34 62.88 -44.19 -3.26
C MET G 34 63.71 -44.44 -4.51
N SER G 35 64.41 -43.41 -4.98
CA SER G 35 65.17 -43.51 -6.22
C SER G 35 66.32 -42.52 -6.19
N TRP G 36 67.24 -42.68 -7.15
CA TRP G 36 68.38 -41.81 -7.31
C TRP G 36 68.35 -41.17 -8.69
N VAL G 37 69.22 -40.17 -8.89
CA VAL G 37 69.26 -39.44 -10.15
C VAL G 37 70.62 -38.76 -10.25
N ARG G 38 71.06 -38.53 -11.50
CA ARG G 38 72.28 -37.80 -11.77
C ARG G 38 71.93 -36.45 -12.41
N GLN G 39 72.81 -35.47 -12.20
CA GLN G 39 72.59 -34.11 -12.65
C GLN G 39 73.84 -33.56 -13.34
N VAL G 40 74.36 -34.32 -14.29
CA VAL G 40 75.54 -33.95 -15.07
C VAL G 40 75.43 -32.50 -15.54
N PRO G 41 76.52 -31.73 -15.46
CA PRO G 41 76.44 -30.30 -15.81
C PRO G 41 76.26 -30.11 -17.31
N GLY G 42 75.13 -29.52 -17.70
CA GLY G 42 74.84 -29.23 -19.08
C GLY G 42 73.80 -30.12 -19.73
N LYS G 43 73.06 -30.91 -18.96
CA LYS G 43 72.04 -31.78 -19.52
C LYS G 43 70.97 -32.03 -18.46
N THR G 44 69.83 -32.54 -18.92
CA THR G 44 68.72 -32.85 -18.04
C THR G 44 69.03 -34.07 -17.18
N PRO G 45 68.38 -34.20 -16.03
CA PRO G 45 68.64 -35.35 -15.15
C PRO G 45 68.32 -36.68 -15.83
N GLU G 46 68.92 -37.74 -15.30
CA GLU G 46 68.78 -39.09 -15.84
C GLU G 46 68.62 -40.08 -14.69
N TRP G 47 67.64 -40.97 -14.81
CA TRP G 47 67.36 -41.93 -13.76
C TRP G 47 68.44 -43.01 -13.72
N ILE G 48 68.72 -43.49 -12.51
CA ILE G 48 69.74 -44.51 -12.28
C ILE G 48 69.11 -45.79 -11.74
N GLY G 49 68.45 -45.73 -10.58
CA GLY G 49 67.84 -46.90 -9.99
C GLY G 49 66.72 -46.50 -9.05
N SER G 50 65.79 -47.44 -8.87
CA SER G 50 64.61 -47.18 -8.05
C SER G 50 64.48 -48.26 -6.99
N MET G 51 64.35 -47.82 -5.73
CA MET G 51 64.15 -48.73 -4.61
C MET G 51 62.66 -48.79 -4.29
N TYR G 52 62.06 -49.96 -4.48
CA TYR G 52 60.63 -50.12 -4.26
C TYR G 52 60.32 -50.41 -2.79
N PRO G 53 59.14 -50.03 -2.32
CA PRO G 53 58.80 -50.27 -0.91
C PRO G 53 58.70 -51.74 -0.55
N SER G 54 58.39 -52.60 -1.50
CA SER G 54 58.24 -54.03 -1.19
C SER G 54 59.56 -54.64 -0.75
N GLY G 55 60.67 -54.17 -1.30
CA GLY G 55 61.98 -54.69 -0.94
C GLY G 55 62.85 -54.97 -2.15
N ARG G 56 62.27 -54.85 -3.34
CA ARG G 56 62.98 -55.08 -4.58
C ARG G 56 63.42 -53.73 -5.19
N THR G 57 64.20 -53.83 -6.26
CA THR G 57 64.70 -52.64 -6.93
C THR G 57 64.82 -52.89 -8.41
N TYR G 58 64.90 -51.81 -9.19
CA TYR G 58 65.09 -51.89 -10.63
C TYR G 58 66.16 -50.90 -11.05
N ILE G 59 66.89 -51.27 -12.10
CA ILE G 59 68.01 -50.47 -12.61
C ILE G 59 67.75 -50.16 -14.08
N ASN G 60 68.24 -49.00 -14.51
CA ASN G 60 68.06 -48.61 -15.90
C ASN G 60 68.87 -49.53 -16.80
N PRO G 61 68.40 -49.80 -18.03
CA PRO G 61 69.16 -50.67 -18.94
C PRO G 61 70.52 -50.12 -19.32
N SER G 62 70.74 -48.82 -19.12
CA SER G 62 72.04 -48.23 -19.46
C SER G 62 73.13 -48.73 -18.53
N LEU G 63 72.95 -48.51 -17.22
CA LEU G 63 73.93 -48.92 -16.22
C LEU G 63 73.59 -50.30 -15.66
N LYS G 64 73.58 -51.28 -16.55
CA LYS G 64 73.33 -52.67 -16.17
C LYS G 64 74.64 -53.33 -15.76
N SER G 65 74.57 -54.12 -14.69
CA SER G 65 75.70 -54.84 -14.10
C SER G 65 76.83 -53.90 -13.68
N LEU G 66 76.54 -52.63 -13.45
CA LEU G 66 77.55 -51.66 -13.05
C LEU G 66 77.17 -50.89 -11.79
N VAL G 67 75.95 -51.04 -11.30
CA VAL G 67 75.50 -50.34 -10.10
C VAL G 67 74.45 -51.21 -9.40
N THR G 68 74.61 -51.37 -8.08
CA THR G 68 73.69 -52.16 -7.27
C THR G 68 73.21 -51.30 -6.11
N ILE G 69 71.93 -51.42 -5.77
CA ILE G 69 71.32 -50.66 -4.70
C ILE G 69 70.55 -51.61 -3.79
N SER G 70 70.80 -51.48 -2.48
CA SER G 70 70.09 -52.25 -1.47
C SER G 70 70.06 -51.43 -0.19
N ARG G 71 69.35 -51.94 0.81
CA ARG G 71 69.23 -51.27 2.10
C ARG G 71 69.93 -52.06 3.21
N ASP G 72 69.58 -53.33 3.36
CA ASP G 72 70.26 -54.30 4.23
C ASP G 72 70.73 -53.74 5.56
N ASN G 73 70.00 -52.77 6.13
CA ASN G 73 70.33 -52.25 7.45
C ASN G 73 69.08 -52.15 8.31
N SER G 74 67.93 -52.02 7.67
CA SER G 74 66.57 -52.02 8.21
C SER G 74 66.18 -50.69 8.86
N GLU G 75 67.10 -49.74 9.06
CA GLU G 75 66.67 -48.45 9.62
C GLU G 75 66.61 -47.37 8.55
N ASN G 76 67.75 -47.02 7.97
CA ASN G 76 67.82 -45.98 6.96
C ASN G 76 69.11 -46.10 6.15
N MET G 77 69.01 -46.39 4.86
CA MET G 77 70.18 -46.46 3.99
C MET G 77 69.73 -46.60 2.55
N LEU G 78 70.47 -45.93 1.67
CA LEU G 78 70.24 -45.99 0.21
C LEU G 78 71.59 -46.19 -0.48
N TYR G 79 72.36 -47.17 0.01
CA TYR G 79 73.76 -47.40 -0.37
C TYR G 79 74.08 -47.03 -1.81
N LEU G 80 73.41 -47.70 -2.76
CA LEU G 80 73.63 -47.49 -4.19
C LEU G 80 75.11 -47.68 -4.54
N GLN G 81 75.56 -48.92 -4.37
CA GLN G 81 76.93 -49.28 -4.74
C GLN G 81 77.11 -49.11 -6.24
N MET G 82 78.12 -48.34 -6.63
CA MET G 82 78.35 -48.01 -8.02
C MET G 82 79.77 -48.35 -8.45
N ASN G 83 80.21 -49.56 -8.13
CA ASN G 83 81.58 -49.99 -8.45
C ASN G 83 81.83 -49.92 -9.95
N SER G 84 83.12 -49.92 -10.31
CA SER G 84 83.57 -49.80 -11.70
C SER G 84 83.05 -48.52 -12.34
N LEU G 85 83.48 -47.40 -11.77
CA LEU G 85 83.10 -46.09 -12.29
C LEU G 85 83.84 -45.79 -13.59
N ARG G 86 83.23 -44.95 -14.42
CA ARG G 86 83.80 -44.57 -15.70
C ARG G 86 84.12 -43.07 -15.69
N ALA G 87 84.58 -42.57 -16.84
CA ALA G 87 84.97 -41.17 -16.94
C ALA G 87 83.76 -40.25 -16.88
N GLU G 88 82.63 -40.69 -17.42
CA GLU G 88 81.42 -39.88 -17.47
C GLU G 88 80.58 -39.98 -16.20
N ASP G 89 81.16 -40.44 -15.10
CA ASP G 89 80.43 -40.59 -13.85
C ASP G 89 80.67 -39.44 -12.86
N THR G 90 81.54 -38.50 -13.20
CA THR G 90 81.83 -37.36 -12.33
C THR G 90 80.71 -36.33 -12.48
N ALA G 91 79.83 -36.26 -11.48
CA ALA G 91 78.68 -35.37 -11.54
C ALA G 91 78.08 -35.23 -10.14
N MET G 92 76.96 -34.52 -10.07
CA MET G 92 76.25 -34.28 -8.82
C MET G 92 75.05 -35.22 -8.74
N TYR G 93 75.12 -36.19 -7.83
CA TYR G 93 74.07 -37.19 -7.67
C TYR G 93 73.11 -36.76 -6.57
N TYR G 94 71.84 -37.13 -6.73
CA TYR G 94 70.79 -36.82 -5.77
C TYR G 94 69.98 -38.09 -5.48
N CYS G 95 69.43 -38.15 -4.29
CA CYS G 95 68.50 -39.21 -3.91
C CYS G 95 67.13 -38.59 -3.63
N VAL G 96 66.17 -38.86 -4.52
CA VAL G 96 64.83 -38.31 -4.40
C VAL G 96 63.88 -39.44 -4.05
N SER G 97 62.94 -39.15 -3.16
CA SER G 97 62.02 -40.18 -2.69
C SER G 97 60.98 -40.52 -3.74
N ASN G 98 60.15 -39.55 -4.12
CA ASN G 98 59.01 -39.78 -5.01
C ASN G 98 59.42 -39.38 -6.43
N TRP G 99 60.12 -40.27 -7.12
CA TRP G 99 60.40 -40.08 -8.54
C TRP G 99 59.33 -40.75 -9.41
N ALA G 100 58.08 -40.45 -9.11
CA ALA G 100 56.95 -40.95 -9.88
C ALA G 100 55.89 -39.89 -10.17
N SER G 101 55.91 -38.75 -9.48
CA SER G 101 54.98 -37.65 -9.69
C SER G 101 55.76 -36.34 -9.76
N GLY G 102 56.80 -36.32 -10.59
CA GLY G 102 57.69 -35.18 -10.65
C GLY G 102 56.96 -33.88 -10.96
N SER G 103 57.57 -32.79 -10.47
CA SER G 103 57.06 -31.42 -10.62
C SER G 103 55.78 -31.21 -9.81
N THR G 104 55.29 -32.26 -9.16
CA THR G 104 54.09 -32.13 -8.31
C THR G 104 54.26 -32.71 -6.92
N GLY G 105 55.03 -33.77 -6.73
CA GLY G 105 55.17 -34.37 -5.41
C GLY G 105 56.57 -34.86 -5.10
N ASP G 106 57.58 -34.28 -5.75
CA ASP G 106 58.96 -34.69 -5.58
C ASP G 106 59.67 -33.77 -4.59
N TYR G 107 60.65 -34.33 -3.89
CA TYR G 107 61.45 -33.59 -2.91
C TYR G 107 62.92 -33.90 -3.19
N TRP G 108 63.60 -32.98 -3.86
CA TRP G 108 64.99 -33.19 -4.22
C TRP G 108 65.89 -32.97 -3.00
N GLY G 109 67.01 -33.70 -2.95
CA GLY G 109 67.95 -33.57 -1.86
C GLY G 109 69.03 -32.55 -2.12
N GLN G 110 70.07 -32.60 -1.30
CA GLN G 110 71.19 -31.67 -1.44
C GLN G 110 72.08 -32.06 -2.61
N GLY G 111 72.47 -33.33 -2.68
CA GLY G 111 73.29 -33.80 -3.77
C GLY G 111 74.78 -33.78 -3.47
N THR G 112 75.48 -34.85 -3.83
CA THR G 112 76.92 -34.94 -3.63
C THR G 112 77.64 -34.96 -4.97
N LEU G 113 78.74 -34.23 -5.05
CA LEU G 113 79.55 -34.12 -6.26
C LEU G 113 80.67 -35.14 -6.21
N VAL G 114 80.64 -36.09 -7.14
CA VAL G 114 81.68 -37.12 -7.25
C VAL G 114 82.53 -36.83 -8.48
N THR G 115 83.84 -36.99 -8.33
CA THR G 115 84.79 -36.74 -9.40
C THR G 115 85.64 -37.99 -9.62
N VAL G 116 85.83 -38.35 -10.89
CA VAL G 116 86.59 -39.53 -11.23
C VAL G 116 87.93 -39.14 -11.84
N GLU H 1 18.63 -56.18 -14.03
CA GLU H 1 19.90 -56.88 -14.04
C GLU H 1 20.84 -56.33 -12.96
N VAL H 2 20.60 -55.09 -12.56
CA VAL H 2 21.41 -54.41 -11.55
C VAL H 2 20.47 -53.92 -10.45
N GLN H 3 20.80 -54.25 -9.20
CA GLN H 3 20.00 -53.87 -8.05
C GLN H 3 20.88 -53.24 -6.98
N LEU H 4 20.23 -52.72 -5.95
CA LEU H 4 20.91 -52.06 -4.83
C LEU H 4 20.36 -52.58 -3.52
N VAL H 5 21.23 -52.69 -2.52
CA VAL H 5 20.87 -53.14 -1.19
C VAL H 5 21.27 -52.07 -0.19
N GLU H 6 20.34 -51.67 0.67
CA GLU H 6 20.57 -50.67 1.69
C GLU H 6 20.29 -51.28 3.06
N SER H 7 20.71 -50.57 4.10
CA SER H 7 20.54 -51.00 5.48
C SER H 7 20.62 -49.77 6.37
N GLY H 8 20.43 -49.97 7.68
CA GLY H 8 20.49 -48.87 8.62
C GLY H 8 19.53 -49.05 9.78
N GLY H 9 19.04 -47.93 10.33
CA GLY H 9 18.11 -47.94 11.42
C GLY H 9 16.72 -47.48 11.02
N GLY H 10 15.86 -47.40 12.03
CA GLY H 10 14.49 -46.97 11.82
C GLY H 10 14.02 -45.91 12.79
N LEU H 11 14.81 -45.66 13.82
CA LEU H 11 14.47 -44.68 14.85
C LEU H 11 15.73 -44.20 15.54
N VAL H 12 15.93 -42.88 15.58
CA VAL H 12 17.12 -42.28 16.15
C VAL H 12 16.69 -41.23 17.16
N GLN H 13 17.41 -41.14 18.28
CA GLN H 13 17.15 -40.11 19.26
C GLN H 13 17.54 -38.74 18.69
N PRO H 14 16.75 -37.71 18.97
CA PRO H 14 17.09 -36.37 18.46
C PRO H 14 18.30 -35.78 19.16
N GLY H 15 19.49 -36.19 18.75
CA GLY H 15 20.72 -35.75 19.38
C GLY H 15 21.76 -36.86 19.46
N GLY H 16 21.39 -38.04 18.96
CA GLY H 16 22.28 -39.18 18.94
C GLY H 16 22.94 -39.39 17.60
N SER H 17 23.04 -40.66 17.21
CA SER H 17 23.67 -41.01 15.94
C SER H 17 23.07 -42.32 15.44
N LEU H 18 23.40 -42.66 14.20
CA LEU H 18 22.92 -43.89 13.59
C LEU H 18 23.95 -44.38 12.58
N ARG H 19 24.04 -45.70 12.44
CA ARG H 19 24.96 -46.33 11.51
C ARG H 19 24.20 -46.69 10.24
N LEU H 20 24.49 -45.96 9.15
CA LEU H 20 23.91 -46.23 7.85
C LEU H 20 24.97 -46.88 6.96
N SER H 21 24.65 -48.07 6.43
CA SER H 21 25.61 -48.85 5.64
C SER H 21 24.92 -49.27 4.35
N CYS H 22 25.26 -48.59 3.26
CA CYS H 22 24.78 -48.98 1.94
C CYS H 22 25.71 -50.03 1.35
N ALA H 23 25.17 -51.21 1.05
CA ALA H 23 25.95 -52.36 0.60
C ALA H 23 25.64 -52.61 -0.87
N ALA H 24 26.51 -52.12 -1.74
CA ALA H 24 26.37 -52.38 -3.17
C ALA H 24 26.99 -53.72 -3.53
N SER H 25 26.63 -54.22 -4.71
CA SER H 25 27.12 -55.51 -5.17
C SER H 25 27.20 -55.51 -6.69
N ASP H 26 28.35 -55.90 -7.22
CA ASP H 26 28.61 -55.97 -8.66
C ASP H 26 28.41 -54.60 -9.31
N PHE H 27 29.26 -53.67 -8.89
CA PHE H 27 29.25 -52.31 -9.41
C PHE H 27 30.65 -51.90 -9.83
N TYR H 28 30.73 -50.92 -10.74
CA TYR H 28 31.99 -50.31 -11.13
C TYR H 28 32.21 -49.06 -10.28
N PHE H 29 32.29 -49.29 -8.97
CA PHE H 29 32.38 -48.22 -7.99
C PHE H 29 33.73 -47.50 -8.00
N ASP H 30 34.61 -47.81 -8.94
CA ASP H 30 35.91 -47.15 -8.99
C ASP H 30 35.81 -45.77 -9.64
N TYR H 31 35.02 -45.65 -10.71
CA TYR H 31 34.84 -44.39 -11.42
C TYR H 31 33.38 -43.92 -11.40
N TYR H 32 32.53 -44.54 -10.59
CA TYR H 32 31.14 -44.14 -10.45
C TYR H 32 31.01 -43.15 -9.29
N GLU H 33 29.82 -42.56 -9.18
CA GLU H 33 29.51 -41.56 -8.16
C GLU H 33 28.34 -42.05 -7.32
N MET H 34 28.60 -42.30 -6.04
CA MET H 34 27.58 -42.78 -5.11
C MET H 34 27.34 -41.74 -4.05
N SER H 35 26.08 -41.49 -3.73
CA SER H 35 25.69 -40.43 -2.81
C SER H 35 24.36 -40.82 -2.16
N TRP H 36 23.82 -39.91 -1.36
CA TRP H 36 22.55 -40.12 -0.67
C TRP H 36 21.58 -39.02 -1.03
N VAL H 37 20.32 -39.40 -1.21
CA VAL H 37 19.24 -38.47 -1.53
C VAL H 37 18.13 -38.64 -0.50
N ARG H 38 17.82 -37.57 0.21
CA ARG H 38 16.81 -37.62 1.26
C ARG H 38 15.42 -37.35 0.69
N GLN H 39 14.41 -37.94 1.34
CA GLN H 39 13.01 -37.80 0.92
C GLN H 39 12.20 -37.48 2.17
N ALA H 40 12.04 -36.19 2.45
CA ALA H 40 11.26 -35.77 3.61
C ALA H 40 9.77 -35.94 3.34
N PRO H 41 9.00 -36.42 4.32
CA PRO H 41 7.55 -36.58 4.12
C PRO H 41 6.88 -35.22 3.92
N GLY H 42 6.17 -35.10 2.80
CA GLY H 42 5.48 -33.88 2.46
C GLY H 42 6.10 -33.11 1.31
N GLN H 43 7.36 -33.38 0.98
CA GLN H 43 8.05 -32.71 -0.11
C GLN H 43 8.81 -33.73 -0.93
N GLY H 44 9.44 -33.25 -2.01
CA GLY H 44 10.14 -34.12 -2.94
C GLY H 44 11.49 -34.62 -2.45
N LEU H 45 12.41 -34.84 -3.38
CA LEU H 45 13.74 -35.32 -3.06
C LEU H 45 14.70 -34.15 -2.89
N GLU H 46 15.71 -34.36 -2.05
CA GLU H 46 16.73 -33.35 -1.80
C GLU H 46 18.10 -34.01 -1.76
N TRP H 47 19.09 -33.27 -2.27
CA TRP H 47 20.46 -33.76 -2.30
C TRP H 47 21.14 -33.53 -0.95
N VAL H 48 21.87 -34.54 -0.49
CA VAL H 48 22.49 -34.49 0.83
C VAL H 48 23.99 -34.28 0.70
N SER H 49 24.67 -35.23 0.06
CA SER H 49 26.12 -35.18 -0.10
C SER H 49 26.50 -35.86 -1.40
N THR H 50 27.81 -35.94 -1.65
CA THR H 50 28.34 -36.57 -2.86
C THR H 50 29.75 -37.05 -2.56
N ILE H 51 30.12 -38.21 -3.09
CA ILE H 51 31.42 -38.81 -2.87
C ILE H 51 32.04 -39.15 -4.22
N SER H 52 33.09 -38.42 -4.59
CA SER H 52 33.79 -38.63 -5.84
C SER H 52 34.62 -39.90 -5.78
N GLY H 53 34.66 -40.62 -6.90
CA GLY H 53 35.41 -41.86 -6.97
C GLY H 53 36.71 -41.73 -7.74
N LEU H 54 36.87 -40.60 -8.43
CA LEU H 54 38.08 -40.35 -9.20
C LEU H 54 39.23 -39.86 -8.31
N GLY H 55 38.97 -38.85 -7.50
CA GLY H 55 39.99 -38.32 -6.61
C GLY H 55 39.73 -38.64 -5.15
N GLY H 56 38.46 -38.73 -4.78
CA GLY H 56 38.07 -39.05 -3.42
C GLY H 56 37.53 -37.89 -2.61
N ALA H 57 37.24 -36.74 -3.23
CA ALA H 57 36.73 -35.59 -2.52
C ALA H 57 35.26 -35.78 -2.17
N THR H 58 34.89 -35.38 -0.96
CA THR H 58 33.51 -35.49 -0.49
C THR H 58 32.91 -34.10 -0.35
N TYR H 59 31.78 -33.89 -1.01
CA TYR H 59 31.07 -32.62 -0.99
C TYR H 59 29.79 -32.76 -0.18
N TYR H 60 29.42 -31.71 0.53
CA TYR H 60 28.23 -31.68 1.36
C TYR H 60 27.28 -30.58 0.87
N ALA H 61 26.08 -30.55 1.44
CA ALA H 61 25.10 -29.54 1.10
C ALA H 61 25.33 -28.29 1.94
N ASP H 62 24.37 -27.35 1.91
CA ASP H 62 24.56 -26.08 2.61
C ASP H 62 24.34 -26.24 4.12
N SER H 63 23.33 -26.99 4.52
CA SER H 63 22.97 -27.10 5.93
C SER H 63 23.54 -28.33 6.62
N VAL H 64 24.35 -29.13 5.93
CA VAL H 64 24.90 -30.35 6.52
C VAL H 64 26.42 -30.33 6.41
N LYS H 65 27.02 -29.14 6.39
CA LYS H 65 28.46 -29.02 6.23
C LYS H 65 29.20 -29.63 7.41
N GLY H 66 28.82 -29.26 8.63
CA GLY H 66 29.55 -29.72 9.80
C GLY H 66 28.78 -30.68 10.69
N ARG H 67 27.96 -31.54 10.08
CA ARG H 67 27.22 -32.53 10.85
C ARG H 67 27.18 -33.91 10.19
N PHE H 68 27.73 -34.07 8.99
CA PHE H 68 27.73 -35.34 8.29
C PHE H 68 29.15 -35.72 7.88
N THR H 69 29.36 -37.02 7.72
CA THR H 69 30.64 -37.55 7.28
C THR H 69 30.40 -38.90 6.61
N ILE H 70 31.21 -39.20 5.60
CA ILE H 70 31.05 -40.41 4.81
C ILE H 70 32.40 -41.12 4.74
N SER H 71 32.37 -42.45 4.90
CA SER H 71 33.56 -43.28 4.78
C SER H 71 33.30 -44.32 3.70
N ARG H 72 34.09 -44.27 2.63
CA ARG H 72 33.96 -45.19 1.51
C ARG H 72 35.01 -46.28 1.60
N ASP H 73 34.57 -47.53 1.50
CA ASP H 73 35.43 -48.70 1.54
C ASP H 73 35.36 -49.43 0.20
N ASN H 74 36.53 -49.85 -0.29
CA ASN H 74 36.62 -50.55 -1.57
C ASN H 74 37.02 -52.01 -1.41
N SER H 75 37.14 -52.51 -0.17
CA SER H 75 37.49 -53.90 0.04
C SER H 75 36.27 -54.81 -0.09
N LYS H 76 35.14 -54.41 0.47
CA LYS H 76 33.91 -55.20 0.37
C LYS H 76 32.77 -54.40 -0.26
N ASN H 77 33.04 -53.24 -0.86
CA ASN H 77 32.04 -52.44 -1.57
C ASN H 77 30.90 -52.04 -0.63
N THR H 78 31.25 -51.23 0.38
CA THR H 78 30.28 -50.73 1.34
C THR H 78 30.62 -49.29 1.71
N LEU H 79 29.59 -48.52 2.04
CA LEU H 79 29.75 -47.13 2.45
C LEU H 79 29.15 -46.92 3.84
N TYR H 80 29.77 -46.06 4.63
CA TYR H 80 29.32 -45.76 5.98
C TYR H 80 28.97 -44.29 6.07
N LEU H 81 27.78 -43.99 6.63
CA LEU H 81 27.30 -42.63 6.81
C LEU H 81 27.07 -42.40 8.30
N GLN H 82 28.03 -41.76 8.96
CA GLN H 82 27.95 -41.47 10.38
C GLN H 82 27.26 -40.12 10.57
N MET H 83 25.95 -40.17 10.83
CA MET H 83 25.18 -38.96 11.01
C MET H 83 25.24 -38.50 12.46
N ASN H 84 25.72 -37.28 12.67
CA ASN H 84 25.88 -36.71 14.00
C ASN H 84 25.11 -35.39 14.09
N SER H 85 24.82 -34.99 15.33
CA SER H 85 24.12 -33.74 15.62
C SER H 85 22.76 -33.70 14.92
N LEU H 86 21.90 -34.65 15.30
CA LEU H 86 20.59 -34.78 14.69
C LEU H 86 19.53 -34.07 15.55
N ARG H 87 18.54 -33.50 14.87
CA ARG H 87 17.44 -32.80 15.52
C ARG H 87 16.12 -33.19 14.87
N ALA H 88 15.05 -32.50 15.26
CA ALA H 88 13.71 -32.86 14.82
C ALA H 88 13.41 -32.46 13.38
N GLU H 89 14.33 -31.78 12.71
CA GLU H 89 14.10 -31.31 11.34
C GLU H 89 14.83 -32.17 10.30
N ASP H 90 15.25 -33.37 10.67
CA ASP H 90 15.96 -34.27 9.77
C ASP H 90 15.13 -35.50 9.38
N THR H 91 13.81 -35.44 9.55
CA THR H 91 12.95 -36.56 9.20
C THR H 91 12.87 -36.68 7.69
N ALA H 92 13.48 -37.73 7.14
CA ALA H 92 13.48 -37.94 5.70
C ALA H 92 13.77 -39.41 5.42
N LEU H 93 13.41 -39.84 4.20
CA LEU H 93 13.65 -41.20 3.74
C LEU H 93 14.92 -41.17 2.89
N TYR H 94 15.96 -41.86 3.35
CA TYR H 94 17.24 -41.82 2.67
C TYR H 94 17.31 -42.87 1.58
N TYR H 95 17.89 -42.49 0.44
CA TYR H 95 18.09 -43.37 -0.70
C TYR H 95 19.55 -43.37 -1.10
N CYS H 96 20.10 -44.56 -1.31
CA CYS H 96 21.49 -44.75 -1.73
C CYS H 96 21.51 -44.86 -3.25
N ALA H 97 21.98 -43.81 -3.91
CA ALA H 97 21.98 -43.73 -5.36
C ALA H 97 23.40 -43.93 -5.90
N THR H 98 23.47 -44.20 -7.20
CA THR H 98 24.73 -44.39 -7.90
C THR H 98 24.56 -44.03 -9.36
N ARG H 99 25.45 -43.19 -9.87
CA ARG H 99 25.40 -42.72 -11.25
C ARG H 99 26.79 -42.70 -11.85
N SER H 100 26.89 -42.27 -13.10
CA SER H 100 28.15 -42.15 -13.80
C SER H 100 28.49 -40.67 -13.98
N PRO H 101 29.64 -40.21 -13.50
CA PRO H 101 29.98 -38.78 -13.67
C PRO H 101 30.08 -38.36 -15.11
N PHE H 102 30.50 -39.25 -16.01
CA PHE H 102 30.61 -38.93 -17.43
C PHE H 102 29.34 -39.26 -18.19
N GLY H 103 28.21 -38.76 -17.71
CA GLY H 103 26.92 -39.02 -18.32
C GLY H 103 25.99 -37.85 -18.17
N ASP H 104 24.71 -38.13 -17.92
CA ASP H 104 23.70 -37.10 -17.77
C ASP H 104 23.77 -36.52 -16.35
N TYR H 105 22.82 -35.65 -16.03
CA TYR H 105 22.78 -35.02 -14.71
C TYR H 105 21.99 -35.84 -13.70
N ALA H 106 21.02 -36.62 -14.15
CA ALA H 106 20.17 -37.41 -13.25
C ALA H 106 20.84 -38.74 -12.94
N PHE H 107 20.50 -39.31 -11.79
CA PHE H 107 21.05 -40.59 -11.39
C PHE H 107 20.52 -41.71 -12.29
N SER H 108 21.26 -42.81 -12.36
CA SER H 108 20.84 -43.94 -13.19
C SER H 108 19.70 -44.70 -12.53
N TYR H 109 19.94 -45.24 -11.33
CA TYR H 109 18.93 -46.01 -10.61
C TYR H 109 19.18 -45.90 -9.12
N TRP H 110 18.11 -45.94 -8.34
CA TRP H 110 18.16 -45.84 -6.89
C TRP H 110 17.96 -47.21 -6.26
N GLY H 111 17.90 -47.24 -4.93
CA GLY H 111 17.67 -48.45 -4.18
C GLY H 111 16.24 -48.55 -3.68
N GLN H 112 16.08 -49.29 -2.59
CA GLN H 112 14.77 -49.48 -1.97
C GLN H 112 14.46 -48.43 -0.90
N GLY H 113 15.48 -47.85 -0.28
CA GLY H 113 15.27 -46.77 0.67
C GLY H 113 15.25 -47.19 2.12
N THR H 114 15.55 -46.26 3.02
CA THR H 114 15.52 -46.53 4.45
C THR H 114 14.85 -45.37 5.16
N LEU H 115 13.99 -45.69 6.12
CA LEU H 115 13.22 -44.71 6.86
C LEU H 115 13.81 -44.51 8.24
N VAL H 116 13.99 -43.25 8.64
CA VAL H 116 14.51 -42.88 9.95
C VAL H 116 13.58 -41.84 10.55
N THR H 117 13.49 -41.83 11.88
CA THR H 117 12.65 -40.90 12.62
C THR H 117 13.50 -40.18 13.67
N VAL H 118 13.43 -38.85 13.67
CA VAL H 118 14.15 -38.02 14.62
C VAL H 118 13.20 -36.92 15.09
N SER H 119 12.75 -37.02 16.34
CA SER H 119 11.84 -36.04 16.92
C SER H 119 11.87 -36.10 18.43
C1 NAG I . -0.13 -44.40 -39.00
C2 NAG I . 1.03 -44.80 -38.09
C3 NAG I . 2.23 -45.24 -38.92
C4 NAG I . 1.79 -46.41 -39.77
C5 NAG I . 0.62 -45.99 -40.64
C6 NAG I . 0.14 -47.16 -41.48
C7 NAG I . 1.19 -43.78 -35.91
C8 NAG I . 2.39 -43.60 -35.04
N2 NAG I . 1.42 -43.71 -37.22
O3 NAG I . 3.27 -45.65 -38.02
O4 NAG I . 2.88 -46.83 -40.61
O5 NAG I . -0.45 -45.54 -39.81
O6 NAG I . -0.39 -48.17 -40.61
O7 NAG I . 0.08 -43.97 -35.45
C1 NAG J . -31.91 -3.47 -38.63
C2 NAG J . -31.75 -2.94 -40.05
C3 NAG J . -33.09 -2.46 -40.58
C4 NAG J . -34.08 -3.61 -40.49
C5 NAG J . -34.17 -4.10 -39.05
C6 NAG J . -35.12 -5.29 -38.96
C7 NAG J . -29.54 -1.97 -40.40
C8 NAG J . -28.82 -0.69 -40.72
N2 NAG J . -30.81 -1.83 -40.06
O3 NAG J . -32.94 -2.07 -41.93
O4 NAG J . -35.37 -3.15 -40.91
O5 NAG J . -32.88 -4.50 -38.59
O6 NAG J . -34.58 -6.39 -39.69
O7 NAG J . -28.98 -3.05 -40.44
C1 NAG K . 42.61 -5.90 -18.44
C2 NAG K . 43.62 -4.95 -17.81
C3 NAG K . 44.06 -3.94 -18.83
C4 NAG K . 44.67 -4.69 -20.00
C5 NAG K . 43.62 -5.64 -20.57
C6 NAG K . 44.17 -6.45 -21.72
C7 NAG K . 43.26 -4.62 -15.42
C8 NAG K . 42.21 -4.22 -14.45
N2 NAG K . 43.06 -4.25 -16.68
O3 NAG K . 45.04 -3.08 -18.26
O4 NAG K . 45.07 -3.72 -20.97
O5 NAG K . 43.21 -6.55 -19.54
O6 NAG K . 44.68 -5.60 -22.75
O7 NAG K . 44.24 -5.26 -15.09
C1 NAG L . 4.97 69.33 -27.95
C2 NAG L . 6.46 69.65 -27.84
C3 NAG L . 7.05 70.05 -29.19
C4 NAG L . 6.73 68.98 -30.21
C5 NAG L . 5.24 68.69 -30.27
C6 NAG L . 4.96 67.52 -31.19
C7 NAG L . 7.77 71.21 -26.45
C8 NAG L . 7.76 72.69 -26.22
N2 NAG L . 6.62 70.67 -26.83
O3 NAG L . 8.46 70.11 -29.11
O4 NAG L . 7.15 69.44 -31.51
O5 NAG L . 4.74 68.36 -28.97
O6 NAG L . 5.51 66.33 -30.62
O7 NAG L . 8.78 70.55 -26.28
C1 NAG M . -23.91 58.76 -37.52
C2 NAG M . -24.04 59.58 -38.80
C3 NAG M . -25.29 59.17 -39.55
C4 NAG M . -25.23 57.68 -39.85
C5 NAG M . -25.06 56.92 -38.55
C6 NAG M . -24.91 55.43 -38.79
C7 NAG M . -23.12 61.79 -38.53
C8 NAG M . -23.08 62.88 -37.50
N2 NAG M . -24.17 60.98 -38.48
O3 NAG M . -25.36 59.90 -40.77
O4 NAG M . -26.46 57.28 -40.47
O5 NAG M . -23.91 57.39 -37.89
O6 NAG M . -23.58 55.21 -39.24
O7 NAG M . -22.25 61.66 -39.37
C1 NAG N . -5.66 62.60 -37.09
C2 NAG N . -6.50 61.71 -38.00
C3 NAG N . -5.83 60.36 -38.10
C4 NAG N . -4.42 60.53 -38.62
C5 NAG N . -3.65 61.46 -37.70
C6 NAG N . -2.24 61.74 -38.22
C7 NAG N . -8.90 62.08 -38.10
C8 NAG N . -9.81 61.11 -38.80
N2 NAG N . -7.85 61.54 -37.48
O3 NAG N . -6.57 59.52 -39.01
O4 NAG N . -3.78 59.24 -38.68
O5 NAG N . -4.34 62.70 -37.60
O6 NAG N . -1.44 60.56 -38.18
O7 NAG N . -9.13 63.28 -38.10
C1 NAG O . -14.54 77.67 -37.73
C2 NAG O . -14.74 77.71 -39.24
C3 NAG O . -15.39 79.02 -39.65
C4 NAG O . -16.72 79.15 -38.93
C5 NAG O . -16.46 79.07 -37.44
C6 NAG O . -17.77 79.14 -36.69
C7 NAG O . -13.13 76.45 -40.49
C8 NAG O . -11.75 76.42 -41.09
N2 NAG O . -13.49 77.59 -39.94
O3 NAG O . -15.62 79.00 -41.06
O4 NAG O . -17.36 80.39 -39.27
O5 NAG O . -15.81 77.85 -37.12
O6 NAG O . -18.52 77.96 -36.97
O7 NAG O . -13.87 75.49 -40.51
C1 NAG P . -1.60 87.48 -25.04
C2 NAG P . -0.24 87.44 -25.72
C3 NAG P . 0.75 88.27 -24.94
C4 NAG P . 0.23 89.70 -24.81
C5 NAG P . -1.13 89.67 -24.15
C6 NAG P . -1.75 91.06 -24.10
C7 NAG P . 0.08 85.35 -26.85
C8 NAG P . -0.05 83.87 -26.60
N2 NAG P . 0.27 86.10 -25.78
O3 NAG P . 2.00 88.28 -25.63
O4 NAG P . 1.14 90.49 -24.03
O5 NAG P . -2.00 88.84 -24.91
O6 NAG P . -2.15 91.44 -25.42
O7 NAG P . 0.01 85.83 -27.96
C1 NAG Q . -40.16 43.88 -33.37
C2 NAG Q . -41.11 44.54 -34.36
C3 NAG Q . -42.20 43.56 -34.75
C4 NAG Q . -41.57 42.30 -35.32
C5 NAG Q . -40.61 41.72 -34.29
C6 NAG Q . -39.94 40.45 -34.80
C7 NAG Q . -41.28 46.94 -33.99
C8 NAG Q . -41.54 47.94 -32.90
N2 NAG Q . -41.73 45.71 -33.77
O3 NAG Q . -43.05 44.16 -35.74
O4 NAG Q . -42.59 41.35 -35.61
O5 NAG Q . -39.61 42.69 -33.93
O6 NAG Q . -39.41 39.74 -33.67
O7 NAG Q . -40.68 47.23 -35.01
C1 NAG R . -19.69 -36.36 -51.18
C2 NAG R . -19.40 -37.30 -50.02
C3 NAG R . -19.91 -38.69 -50.29
C4 NAG R . -21.38 -38.65 -50.66
C5 NAG R . -21.61 -37.68 -51.81
C6 NAG R . -23.10 -37.56 -52.07
C7 NAG R . -17.23 -36.81 -49.00
C8 NAG R . -15.86 -36.44 -49.49
N2 NAG R . -17.97 -37.47 -49.87
O3 NAG R . -19.75 -39.47 -49.11
O4 NAG R . -21.80 -39.96 -51.05
O5 NAG R . -21.07 -36.40 -51.51
O6 NAG R . -23.75 -37.29 -50.82
O7 NAG R . -17.64 -36.52 -47.89
C1 NAG S . -50.25 -9.63 17.40
C2 NAG S . -51.10 -8.41 17.08
C3 NAG S . -52.55 -8.78 17.32
C4 NAG S . -52.90 -9.98 16.48
C5 NAG S . -51.97 -11.14 16.82
C6 NAG S . -52.27 -12.35 15.95
C7 NAG S . -49.89 -6.36 17.42
C8 NAG S . -49.42 -5.34 18.42
N2 NAG S . -50.75 -7.26 17.87
O3 NAG S . -53.39 -7.67 16.97
O4 NAG S . -54.26 -10.38 16.72
O5 NAG S . -50.63 -10.74 16.60
O6 NAG S . -51.34 -13.39 16.26
O7 NAG S . -49.50 -6.35 16.26
C1 NAG T . -32.44 -24.93 47.50
C2 NAG T . -32.33 -25.19 49.00
C3 NAG T . -30.91 -25.51 49.38
C4 NAG T . -30.40 -26.67 48.56
C5 NAG T . -30.56 -26.36 47.08
C6 NAG T . -30.19 -27.59 46.25
C7 NAG T . -33.93 -23.98 50.37
C8 NAG T . -33.89 -23.43 51.76
N2 NAG T . -32.75 -24.02 49.76
O3 NAG T . -30.88 -25.87 50.77
O4 NAG T . -29.01 -26.86 48.84
O5 NAG T . -31.91 -26.04 46.78
O6 NAG T . -31.20 -28.58 46.43
O7 NAG T . -34.96 -24.36 49.85
C1 NAG U . -26.45 10.33 38.45
C2 NAG U . -27.62 11.22 38.07
C3 NAG U . -27.57 12.47 38.92
C4 NAG U . -27.53 12.08 40.39
C5 NAG U . -26.36 11.16 40.66
C6 NAG U . -26.34 10.73 42.11
C7 NAG U . -28.25 11.06 35.72
C8 NAG U . -28.54 11.94 34.54
N2 NAG U . -27.55 11.63 36.69
O3 NAG U . -28.72 13.28 38.66
O4 NAG U . -27.40 13.27 41.19
O5 NAG U . -26.43 10.00 39.83
O6 NAG U . -27.46 9.87 42.37
O7 NAG U . -28.63 9.90 35.78
C1 NAG V . -47.30 55.87 -25.80
C2 NAG V . -48.81 55.68 -25.64
C3 NAG V . -49.31 54.68 -26.66
C4 NAG V . -48.94 55.15 -28.04
C5 NAG V . -47.45 55.35 -28.14
C6 NAG V . -47.07 55.91 -29.49
C7 NAG V . -49.39 55.97 -23.29
C8 NAG V . -50.42 57.02 -23.52
N2 NAG V . -49.13 55.17 -24.33
O3 NAG V . -50.73 54.58 -26.54
O4 NAG V . -49.34 54.16 -29.01
O5 NAG V . -47.02 56.27 -27.14
O6 NAG V . -47.56 57.25 -29.59
O7 NAG V . -48.81 55.83 -22.23
C1 NAG W . -40.93 60.55 6.34
C2 NAG W . -42.07 61.50 6.66
C3 NAG W . -42.05 61.83 8.12
C4 NAG W . -42.16 60.55 8.92
C5 NAG W . -41.02 59.63 8.54
C6 NAG W . -41.12 58.30 9.25
C7 NAG W . -42.64 62.95 4.82
C8 NAG W . -42.08 63.97 3.88
N2 NAG W . -41.94 62.74 5.92
O3 NAG W . -43.17 62.68 8.43
O4 NAG W . -42.11 60.83 10.32
O5 NAG W . -41.07 59.40 7.14
O6 NAG W . -42.27 57.61 8.79
O7 NAG W . -43.68 62.36 4.59
C1 NAG X . -27.40 54.81 23.11
C2 NAG X . -27.82 55.83 24.15
C3 NAG X . -27.95 55.19 25.51
C4 NAG X . -28.90 54.01 25.45
C5 NAG X . -28.45 53.04 24.36
C6 NAG X . -29.48 51.93 24.19
C7 NAG X . -27.12 58.14 24.10
C8 NAG X . -26.07 59.09 24.57
N2 NAG X . -26.82 56.86 24.26
O3 NAG X . -28.47 56.14 26.45
O4 NAG X . -28.93 53.33 26.70
O5 NAG X . -28.32 53.72 23.13
O6 NAG X . -29.64 51.67 22.80
O7 NAG X . -28.17 58.51 23.61
C1 NAG Y . -49.31 72.74 -8.48
C2 NAG Y . -50.60 72.85 -7.67
C3 NAG Y . -51.00 74.31 -7.56
C4 NAG Y . -49.88 75.10 -6.93
C5 NAG Y . -48.62 74.91 -7.75
C6 NAG Y . -47.46 75.65 -7.10
C7 NAG Y . -52.06 70.95 -7.96
C8 NAG Y . -53.21 70.38 -8.73
N2 NAG Y . -51.67 72.16 -8.33
O3 NAG Y . -52.16 74.40 -6.73
O4 NAG Y . -50.22 76.49 -6.87
O5 NAG Y . -48.31 73.53 -7.86
O6 NAG Y . -47.09 74.93 -5.91
O7 NAG Y . -51.53 70.36 -7.04
C1 NAG Z . -46.10 75.07 -28.64
C2 NAG Z . -47.28 74.24 -29.12
C3 NAG Z . -47.27 74.22 -30.63
C4 NAG Z . -47.33 75.63 -31.16
C5 NAG Z . -46.14 76.41 -30.62
C6 NAG Z . -46.19 77.88 -31.03
C7 NAG Z . -47.80 72.46 -27.56
C8 NAG Z . -47.21 71.26 -26.89
N2 NAG Z . -47.17 72.88 -28.64
O3 NAG Z . -48.42 73.49 -31.08
O4 NAG Z . -47.27 75.62 -32.59
O5 NAG Z . -46.18 76.38 -29.20
O6 NAG Z . -47.18 78.54 -30.24
O7 NAG Z . -48.80 73.02 -27.13
C1 NAG AA . 33.59 14.04 28.99
C2 NAG AA . 32.42 14.83 29.56
C3 NAG AA . 32.94 15.92 30.48
C4 NAG AA . 33.80 15.29 31.56
C5 NAG AA . 34.92 14.49 30.92
C6 NAG AA . 35.77 13.80 31.97
C7 NAG AA . 30.56 14.83 27.98
C8 NAG AA . 30.26 15.18 26.55
N2 NAG AA . 31.63 15.43 28.50
O3 NAG AA . 31.83 16.60 31.08
O4 NAG AA . 34.35 16.32 32.39
O5 NAG AA . 34.38 13.50 30.04
O6 NAG AA . 35.02 12.72 32.54
O7 NAG AA . 29.88 14.06 28.62
C1 NAG BA . 57.45 -8.73 6.82
C2 NAG BA . 56.62 -9.87 7.42
C3 NAG BA . 57.29 -11.21 7.17
C4 NAG BA . 57.52 -11.40 5.69
C5 NAG BA . 58.32 -10.23 5.14
C6 NAG BA . 58.42 -10.34 3.63
C7 NAG BA . 55.38 -9.08 9.37
C8 NAG BA . 55.54 -8.58 10.77
N2 NAG BA . 56.45 -9.69 8.85
O3 NAG BA . 56.43 -12.25 7.65
O4 NAG BA . 58.24 -12.61 5.47
O5 NAG BA . 57.67 -9.01 5.44
O6 NAG BA . 57.12 -10.12 3.08
O7 NAG BA . 54.34 -8.93 8.74
C1 NAG CA . 40.62 -24.76 12.74
C2 NAG CA . 39.49 -25.29 11.85
C3 NAG CA . 38.21 -24.51 11.97
C4 NAG CA . 37.79 -24.37 13.41
C5 NAG CA . 38.93 -23.85 14.25
C6 NAG CA . 38.48 -23.86 15.70
C7 NAG CA . 39.86 -24.31 9.57
C8 NAG CA . 39.19 -24.59 8.26
N2 NAG CA . 39.87 -25.34 10.44
O3 NAG CA . 37.15 -25.20 11.29
O4 NAG CA . 36.70 -23.44 13.49
O5 NAG CA . 40.13 -24.61 14.07
O6 NAG CA . 38.18 -22.51 16.10
O7 NAG CA . 40.37 -23.23 9.80
C1 NAG DA . 38.12 19.61 -8.85
C2 NAG DA . 38.73 20.78 -8.11
C3 NAG DA . 39.17 21.81 -9.13
C4 NAG DA . 40.13 21.17 -10.11
C5 NAG DA . 39.45 19.99 -10.78
C6 NAG DA . 40.40 19.30 -11.75
C7 NAG DA . 37.77 21.16 -5.92
C8 NAG DA . 37.91 22.37 -5.06
N2 NAG DA . 37.77 21.38 -7.23
O3 NAG DA . 39.80 22.90 -8.46
O4 NAG DA . 40.50 22.13 -11.11
O5 NAG DA . 39.05 19.06 -9.78
O6 NAG DA . 41.49 18.74 -11.01
O7 NAG DA . 37.67 20.04 -5.46
C1 NAG EA . -7.51 -9.38 46.71
C2 NAG EA . -8.74 -9.19 47.58
C3 NAG EA . -8.63 -7.81 48.21
C4 NAG EA . -7.36 -7.79 49.02
C5 NAG EA . -6.19 -8.04 48.08
C6 NAG EA . -4.87 -7.97 48.82
C7 NAG EA . -10.51 -9.00 45.81
C8 NAG EA . -11.66 -8.04 45.94
N2 NAG EA . -10.02 -9.46 46.95
O3 NAG EA . -9.75 -7.56 49.06
O4 NAG EA . -7.22 -6.53 49.66
O5 NAG EA . -6.34 -9.33 47.49
O6 NAG EA . -4.79 -9.05 49.75
O7 NAG EA . -10.09 -9.34 44.72
C1 NAG FA . 4.55 70.55 -1.77
C2 NAG FA . 5.14 71.93 -1.53
C3 NAG FA . 6.40 72.11 -2.33
C4 NAG FA . 7.39 71.00 -2.03
C5 NAG FA . 6.73 69.65 -2.25
C6 NAG FA . 7.64 68.50 -1.84
C7 NAG FA . 3.34 73.51 -1.14
C8 NAG FA . 2.11 74.07 -1.79
N2 NAG FA . 4.21 72.94 -1.96
O3 NAG FA . 7.00 73.35 -1.99
O4 NAG FA . 8.52 71.12 -2.88
O5 NAG FA . 5.53 69.56 -1.49
O6 NAG FA . 6.98 67.26 -2.12
O7 NAG FA . 3.54 73.56 0.06
C1 NAG GA . -8.13 85.35 6.90
C2 NAG GA . -7.05 86.12 7.62
C3 NAG GA . -7.19 87.59 7.29
C4 NAG GA . -7.07 87.77 5.80
C5 NAG GA . -8.15 86.94 5.13
C6 NAG GA . -8.04 87.04 3.63
C7 NAG GA . -6.35 85.17 9.72
C8 NAG GA . -6.56 85.15 11.20
N2 NAG GA . -7.19 85.94 9.04
O3 NAG GA . -6.14 88.31 7.94
O4 NAG GA . -7.22 89.16 5.47
O5 NAG GA . -7.99 85.58 5.50
O6 NAG GA . -6.83 86.40 3.21
O7 NAG GA . -5.48 84.53 9.17
C1 NAG HA . -27.89 85.54 12.83
C2 NAG HA . -27.68 85.24 14.30
C3 NAG HA . -29.02 85.22 15.01
C4 NAG HA . -29.71 86.55 14.80
C5 NAG HA . -29.86 86.82 13.31
C6 NAG HA . -30.42 88.20 13.08
C7 NAG HA . -25.76 83.84 14.71
C8 NAG HA . -25.13 82.54 14.33
N2 NAG HA . -27.06 83.95 14.47
O3 NAG HA . -28.81 85.00 16.40
O4 NAG HA . -31.01 86.51 15.41
O5 NAG HA . -28.58 86.77 12.71
O6 NAG HA . -30.26 88.51 11.68
O7 NAG HA . -25.12 84.76 15.19
C1 NAG IA . 14.78 60.48 -18.37
C2 NAG IA . 15.57 61.75 -18.67
C3 NAG IA . 16.93 61.36 -19.19
C4 NAG IA . 17.63 60.51 -18.17
C5 NAG IA . 16.77 59.29 -17.88
C6 NAG IA . 17.35 58.47 -16.76
C7 NAG IA . 14.29 63.65 -19.37
C8 NAG IA . 12.96 63.88 -20.03
N2 NAG IA . 14.90 62.52 -19.69
O3 NAG IA . 17.68 62.56 -19.41
O4 NAG IA . 18.90 60.08 -18.67
O5 NAG IA . 15.51 59.71 -17.44
O6 NAG IA . 16.26 57.76 -16.19
O7 NAG IA . 14.78 64.45 -18.60
C1 NAG JA . -20.62 69.30 20.05
C2 NAG JA . -19.48 69.09 21.05
C3 NAG JA . -19.99 68.23 22.21
C4 NAG JA . -21.19 68.91 22.84
C5 NAG JA . -22.25 69.12 21.77
C6 NAG JA . -23.48 69.81 22.36
C7 NAG JA . -17.22 69.14 20.28
C8 NAG JA . -16.00 68.57 20.97
N2 NAG JA . -18.33 68.45 20.45
O3 NAG JA . -18.95 68.08 23.18
O4 NAG JA . -21.71 68.08 23.87
O5 NAG JA . -21.73 69.91 20.71
O6 NAG JA . -24.53 69.82 21.39
O7 NAG JA . -17.16 70.16 19.62
#